data_6LQI
#
_entry.id   6LQI
#
_cell.length_a   1.00
_cell.length_b   1.00
_cell.length_c   1.00
_cell.angle_alpha   90.00
_cell.angle_beta   90.00
_cell.angle_gamma   90.00
#
_symmetry.space_group_name_H-M   'P 1'
#
_entity_poly.entity_id   1
_entity_poly.type   'polypeptide(L)'
_entity_poly.pdbx_seq_one_letter_code
;MEPHVLGAGLYWLLLPCTLLAASLLRFNALSLVYLLFLLLLPWLPGPSRHSIPGHTGRLLRALLCLSLLFLVAHLAFQIC
LHTVPHLDQFLGQNGSLWVKVSQHIGVTRLDLKDIFNTTRLVAPDLGVLLASSLCLGLCGRLTRKAGQSRRTQELQDDDD
DDDDDDEDIDAAPAVGLKGAPALATKRRLWLASRFRVTAHWLLMTSGRTLVIVLLALAGIAHPSAFSSIYLVVFLAICTW
WSCHFPLSPLGFNTLCVMVSCFGAGHLICLYCYQTPFIQDMLPPGNIWARLFGLKNFVDLPNYSSPNALVLNTKHAWPIY
VSPGILLLLYYTATSLLKLHKSCPSELRKETPREDEEHELELDHLEPEPQARDATQGEMPMTTEPDLDNCTVHVLTSQSP
VRQRPVRPRLAELKEMSPLHGLGHLIMDQSYVCALIAMMVWSIMYHSWLTFVLLLWACLIWTVRSRHQLAMLCSPCILLY
GLTLCCLRYVWAMELPELPTTLGPVSLHQLGLEHTRYPCLDLGAMLLYLLTFWLLLRQFVKEKLLKKQKVPAALLEVTVA
DTEPTQTQTLLRSLGELVTGIYVKYWIYVCAGMFIVVSFAGRLVVYKIVYMFLFLLCLTLFQVYYTLWRKLLRVFWWLVV
AYTMLVLIAVYTFQFQDFPTYWRNLTGFTDEQLGDLGLEQFSVSELFSSILIPGFFLLACILQLHYFHRPFMQLTDLEHV
PPPGTRHPRWAHRQDAVSEAPLLEHQEEEEVFREDGQSMDGPHQATQVPEGTASKWGLVADRLLDLAASFSAVLTRIQVF
VRRLLELHVFKLVALYTVWVALKEVSVMNLLLVVLWAFALPYPRFRPMASCLSTVWTCIIIVCKMLYQLKIVNPHEYSSN
CTEPFPNNTNLQPLEINQSLLYRGPVDPANWFGVRKGYPNLGYIQNHLQILLLLVFEAVVYRRQEHYRRQHQQAPLPAQA
VCADGTRQRLDQDLLSCLKYFINFFFYKFGLEICFLMAVNVIGQRMNFMVILHGCWLVAILTRRRREAIARLWPNYCLFL
TLFLLYQYLLCLGMPPALCIDYPWRWSKAIPMNSALIKWLYLPDFFRAPNSTNLISDFLLLLCASQQWQVFSAERTEEWQ
RMAGINTDHLEPLRGEPNPIPNFIHCRSYLDMLKVAVFRYLFWLVLVVVFVAGATRISIFGLGYLLACFYLLLFGTTLLQ
KDTRAQLVLWDCLILYNVTVIISKNMLSLLSCVFVEQMQSNFCWVIQLFSLVCTVKGYYDPKEMMTRDRDCLLPVEEAGI
IWDSICFFFLLLQRRIFLSHYFLHVSADLKATALQASRGFALYNAANLKSINFHRQIEEKSLAQLKRQMKRIRAKQEKYR
QSQASRGQLQSKDPQDPSQEPVIHSGDYFLFESDSEEEEEALPEDPRPAAQSAFQMAYQAWVTNAQTVLRQRRERARQER
AEQLASGGDLNPDVEPVDVPEDEMAGRSHMMQRVLSTMQFLWVLGQATVDGLTRWLRAFTKHHRTMSDVLCAERYLLTQE
LLRVGEVRRGVLDQLYVGEDEATLSGPVETRDGPSTASSGLGAEEPLSSMTDDTSSPLSTGYNTRSGSEEIVTDAGDLQA
GTSLHGSQELLANARTRMRTASELLLDRRLHIPELEEAERFEAQQGRTLRLLRAGYQCVAAHSELLCYFIIILNHMVTAS
AASLVLPVLVFLWAMLTIPRPSKRFWMTAIVFTEVMVVTKYLFQFGFFPWNSYVVLRRYENKPYFPPRILGLEKTDSYIK
YDLVQLMALFFHRSQLLCYGLWDHEEDRYPKDHCRSSVKDREAKEEPEAKLESQSETGTGHPKEPVLAGTPRDHIQGKGS
IRSKDVIQDPPEDLKPRHTRHISIRFRRRKETPGPKGTAVMETEHEEGEGKETTERKRPRHTQEKSKFRERMKAAGRRLQ
SFCVSLAQSFYQPLQRFFHDILHTKYRAATDVYALMFLADIVDIIIIIFGFWAFGKHSAATDIASSLSDDQVPQAFLFML
LVQFGTMVIDRALYLRKTVLGKLAFQVVLVVAIHIWMFFILPAVTERMFSQNAVAQLWYFVKCIYFALSAYQIRCGYPTR
ILGNFLTKKYNHLNLFLFQGFRLVPFLVELRAVMDWVWTDTTLSLSNWMCVEDIYANIFIIKCSRETEKKYPQPKGQKKK
KIVKYGMGGLIILFLIAIIWFPLLFMSLIRSVVGVVNQPIDVTVTLKLGGYEPLFTMSAQQPSIVPFTPQAYEELSQQFD
PYPLAMQFISQYSPEDIVTAQIEGSSGALWRISPPSRAQMKQELYNGTADITLRFTWNFQRDLAKGGTVEYTNEKHTLEL
APNSTARRQLAQLLEGRPDQSVVIPHLFPKYIRAPNGPEANPVKQLQPDEEEDYLGVRIQLRREQVGTGASGEQAGTKAS
DFLEWWVIELQDCKADCNLLPMVIFSDKVSPPSLGFLAGYGIVGLYVSIVLVVGKFVRGFFSEISHSIMFEELPCVDRIL
KLCQDIFLVRETRELELEEELYAKLIFLYRSPETMIKWTRERE
;
_entity_poly.pdbx_strand_id   A,B,C
#
# COMPACT_ATOMS: atom_id res chain seq x y z
N GLU A 576 12.07 33.21 91.31
CA GLU A 576 11.60 32.18 90.39
C GLU A 576 11.06 32.79 89.11
N LEU A 577 10.49 31.95 88.24
CA LEU A 577 9.94 32.38 86.95
C LEU A 577 8.44 32.15 86.86
N VAL A 578 7.99 30.92 87.11
CA VAL A 578 6.60 30.56 86.83
C VAL A 578 5.66 31.04 87.94
N THR A 579 6.15 31.10 89.19
CA THR A 579 5.26 31.41 90.30
C THR A 579 4.63 32.79 90.19
N GLY A 580 5.32 33.76 89.58
CA GLY A 580 4.70 35.06 89.39
C GLY A 580 3.61 35.05 88.35
N ILE A 581 3.81 34.30 87.26
CA ILE A 581 2.81 34.23 86.20
C ILE A 581 1.60 33.44 86.67
N TYR A 582 1.81 32.49 87.59
CA TYR A 582 0.69 31.74 88.16
C TYR A 582 0.05 32.45 89.34
N VAL A 583 0.72 33.44 89.92
CA VAL A 583 0.18 34.19 91.05
C VAL A 583 -0.47 35.50 90.61
N LYS A 584 -0.29 35.92 89.36
CA LYS A 584 -0.88 37.18 88.94
C LYS A 584 -2.16 36.99 88.13
N TYR A 585 -2.21 35.99 87.27
CA TYR A 585 -3.38 35.75 86.41
C TYR A 585 -4.38 34.81 87.07
N TRP A 586 -4.77 35.08 88.31
CA TRP A 586 -5.57 34.15 89.09
C TRP A 586 -7.05 34.51 89.16
N ILE A 587 -7.38 35.72 89.58
CA ILE A 587 -8.74 36.02 90.02
C ILE A 587 -9.71 36.17 88.86
N TYR A 588 -9.29 36.83 87.78
CA TYR A 588 -10.21 37.08 86.67
C TYR A 588 -10.52 35.79 85.92
N VAL A 589 -9.51 34.96 85.67
CA VAL A 589 -9.76 33.72 84.95
C VAL A 589 -10.53 32.73 85.82
N CYS A 590 -10.30 32.75 87.14
CA CYS A 590 -11.04 31.86 88.02
C CYS A 590 -12.49 32.28 88.13
N ALA A 591 -12.75 33.60 88.21
CA ALA A 591 -14.13 34.07 88.24
C ALA A 591 -14.85 33.81 86.92
N GLY A 592 -14.12 33.92 85.81
CA GLY A 592 -14.73 33.62 84.52
C GLY A 592 -15.05 32.14 84.34
N MET A 593 -14.14 31.27 84.80
CA MET A 593 -14.43 29.84 84.76
C MET A 593 -15.58 29.47 85.69
N PHE A 594 -15.62 30.06 86.88
CA PHE A 594 -16.65 29.72 87.86
C PHE A 594 -18.01 30.33 87.54
N ILE A 595 -18.06 31.39 86.75
CA ILE A 595 -19.35 32.02 86.46
C ILE A 595 -20.02 31.44 85.22
N VAL A 596 -19.24 30.98 84.24
CA VAL A 596 -19.81 30.35 83.05
C VAL A 596 -19.96 28.84 83.20
N VAL A 597 -19.64 28.27 84.35
CA VAL A 597 -19.75 26.82 84.55
C VAL A 597 -21.09 26.48 85.16
N SER A 598 -22.01 27.45 85.16
CA SER A 598 -23.36 27.22 85.66
C SER A 598 -24.23 26.55 84.59
N PHE A 599 -25.40 26.09 85.03
CA PHE A 599 -26.43 25.60 84.11
C PHE A 599 -25.97 24.37 83.34
N ALA A 600 -25.20 23.51 84.00
CA ALA A 600 -24.88 22.18 83.46
C ALA A 600 -25.87 21.15 84.00
N GLY A 601 -27.13 21.35 83.65
CA GLY A 601 -28.21 20.57 84.23
C GLY A 601 -29.54 20.99 83.63
N ARG A 602 -30.60 20.41 84.18
CA ARG A 602 -31.94 20.66 83.66
C ARG A 602 -32.45 22.00 84.21
N LEU A 603 -33.75 22.25 84.04
CA LEU A 603 -34.35 23.51 84.44
C LEU A 603 -34.42 23.57 85.96
N VAL A 604 -33.44 24.24 86.58
CA VAL A 604 -33.35 24.34 88.02
C VAL A 604 -32.84 25.72 88.38
N VAL A 605 -33.56 26.42 89.27
CA VAL A 605 -33.14 27.74 89.74
C VAL A 605 -32.09 27.66 90.82
N TYR A 606 -31.70 26.46 91.25
CA TYR A 606 -30.83 26.32 92.42
C TYR A 606 -29.41 26.76 92.10
N LYS A 607 -28.87 26.33 90.96
CA LYS A 607 -27.45 26.47 90.67
C LYS A 607 -27.13 27.59 89.70
N ILE A 608 -28.14 28.16 89.03
CA ILE A 608 -27.88 29.17 88.01
C ILE A 608 -27.92 30.56 88.61
N VAL A 609 -28.80 30.78 89.58
CA VAL A 609 -28.95 32.12 90.16
C VAL A 609 -27.72 32.51 90.96
N TYR A 610 -26.97 31.53 91.46
CA TYR A 610 -25.70 31.84 92.12
C TYR A 610 -24.73 32.51 91.16
N MET A 611 -24.52 31.91 89.98
CA MET A 611 -23.62 32.50 89.01
C MET A 611 -24.19 33.78 88.42
N PHE A 612 -25.51 33.90 88.34
CA PHE A 612 -26.11 35.15 87.85
C PHE A 612 -25.84 36.28 88.83
N LEU A 613 -26.06 36.04 90.12
CA LEU A 613 -25.76 37.05 91.13
C LEU A 613 -24.27 37.33 91.22
N PHE A 614 -23.43 36.33 90.91
CA PHE A 614 -21.99 36.56 90.91
C PHE A 614 -21.58 37.48 89.77
N LEU A 615 -22.12 37.26 88.58
CA LEU A 615 -21.82 38.15 87.46
C LEU A 615 -22.39 39.55 87.70
N LEU A 616 -23.55 39.64 88.33
CA LEU A 616 -24.10 40.95 88.65
C LEU A 616 -23.26 41.67 89.69
N CYS A 617 -22.73 40.94 90.67
CA CYS A 617 -21.86 41.54 91.67
C CYS A 617 -20.55 42.00 91.05
N LEU A 618 -20.01 41.21 90.11
CA LEU A 618 -18.79 41.65 89.42
C LEU A 618 -19.05 42.90 88.58
N THR A 619 -20.22 42.98 87.95
CA THR A 619 -20.55 44.16 87.16
C THR A 619 -20.72 45.38 88.06
N LEU A 620 -21.38 45.22 89.20
CA LEU A 620 -21.53 46.34 90.12
C LEU A 620 -20.20 46.74 90.74
N PHE A 621 -19.30 45.78 90.95
CA PHE A 621 -17.98 46.11 91.48
C PHE A 621 -17.17 46.89 90.46
N GLN A 622 -17.27 46.51 89.18
CA GLN A 622 -16.53 47.24 88.15
C GLN A 622 -17.12 48.63 87.93
N VAL A 623 -18.45 48.75 87.93
CA VAL A 623 -19.09 50.02 87.60
C VAL A 623 -19.18 50.97 88.78
N TYR A 624 -19.04 50.48 90.02
CA TYR A 624 -19.07 51.39 91.16
C TYR A 624 -17.75 52.12 91.38
N TYR A 625 -16.65 51.67 90.77
CA TYR A 625 -15.42 52.42 90.61
C TYR A 625 -14.71 52.68 91.95
N THR A 626 -15.16 52.07 93.04
CA THR A 626 -14.42 52.12 94.29
C THR A 626 -14.34 50.74 94.94
N LEU A 627 -15.30 49.87 94.64
CA LEU A 627 -15.30 48.51 95.15
C LEU A 627 -14.89 47.49 94.08
N TRP A 628 -13.97 47.88 93.19
CA TRP A 628 -13.51 46.96 92.14
C TRP A 628 -12.73 45.80 92.74
N ARG A 629 -11.93 46.06 93.78
CA ARG A 629 -11.27 44.99 94.51
C ARG A 629 -11.28 45.19 96.02
N LYS A 630 -12.24 45.97 96.54
CA LYS A 630 -12.27 46.30 97.95
C LYS A 630 -13.55 45.79 98.61
N LEU A 631 -14.03 44.64 98.15
CA LEU A 631 -15.14 43.91 98.79
C LEU A 631 -14.77 42.44 98.91
N LEU A 632 -13.56 42.17 99.38
CA LEU A 632 -13.10 40.79 99.53
C LEU A 632 -13.89 40.02 100.57
N ARG A 633 -14.52 40.71 101.52
CA ARG A 633 -15.49 40.05 102.40
C ARG A 633 -16.65 39.46 101.59
N VAL A 634 -17.18 40.24 100.65
CA VAL A 634 -18.29 39.74 99.85
C VAL A 634 -17.83 38.62 98.92
N PHE A 635 -16.60 38.70 98.42
CA PHE A 635 -16.08 37.66 97.55
C PHE A 635 -15.91 36.34 98.32
N TRP A 636 -15.29 36.43 99.50
CA TRP A 636 -15.12 35.23 100.32
C TRP A 636 -16.46 34.67 100.78
N TRP A 637 -17.45 35.53 101.04
CA TRP A 637 -18.75 35.02 101.45
C TRP A 637 -19.50 34.40 100.28
N LEU A 638 -19.28 34.89 99.07
CA LEU A 638 -19.86 34.25 97.89
C LEU A 638 -19.21 32.89 97.63
N VAL A 639 -17.89 32.81 97.77
CA VAL A 639 -17.21 31.52 97.68
C VAL A 639 -17.74 30.56 98.74
N VAL A 640 -18.01 31.07 99.94
CA VAL A 640 -18.48 30.22 101.02
C VAL A 640 -19.89 29.71 100.71
N ALA A 641 -20.77 30.58 100.22
CA ALA A 641 -22.11 30.15 99.87
C ALA A 641 -22.08 29.15 98.72
N TYR A 642 -21.19 29.36 97.75
CA TYR A 642 -21.04 28.42 96.64
C TYR A 642 -20.61 27.04 97.16
N THR A 643 -19.61 27.01 98.03
CA THR A 643 -19.15 25.73 98.57
C THR A 643 -20.24 25.07 99.41
N MET A 644 -21.02 25.87 100.15
CA MET A 644 -22.09 25.32 100.96
C MET A 644 -23.16 24.68 100.08
N LEU A 645 -23.55 25.37 99.01
CA LEU A 645 -24.53 24.79 98.09
C LEU A 645 -23.99 23.54 97.42
N VAL A 646 -22.70 23.56 97.05
CA VAL A 646 -22.12 22.43 96.36
C VAL A 646 -21.93 21.22 97.27
N LEU A 647 -21.86 21.44 98.59
CA LEU A 647 -21.65 20.36 99.53
C LEU A 647 -22.91 19.92 100.26
N ILE A 648 -23.99 20.70 100.19
CA ILE A 648 -25.30 20.28 100.66
C ILE A 648 -26.26 19.95 99.53
N ALA A 649 -25.84 20.11 98.27
CA ALA A 649 -26.64 19.70 97.12
C ALA A 649 -26.13 18.39 96.51
N VAL A 650 -24.86 18.38 96.11
CA VAL A 650 -24.30 17.22 95.41
C VAL A 650 -23.34 16.48 96.33
N SER A 684 -23.53 7.55 87.19
CA SER A 684 -22.99 8.39 86.12
C SER A 684 -23.53 9.81 86.21
N GLU A 685 -24.50 10.02 87.09
CA GLU A 685 -25.15 11.32 87.22
C GLU A 685 -24.76 12.07 88.48
N LEU A 686 -24.15 11.41 89.46
CA LEU A 686 -23.74 12.03 90.71
C LEU A 686 -22.24 12.17 90.80
N PHE A 687 -21.56 12.36 89.67
CA PHE A 687 -20.11 12.44 89.62
C PHE A 687 -19.56 13.69 88.97
N SER A 688 -20.42 14.51 88.34
CA SER A 688 -19.98 15.75 87.72
C SER A 688 -20.46 17.01 88.42
N SER A 689 -21.57 16.94 89.16
CA SER A 689 -22.08 18.13 89.83
C SER A 689 -21.27 18.45 91.09
N ILE A 690 -20.88 17.42 91.85
CA ILE A 690 -20.00 17.66 92.99
C ILE A 690 -18.55 17.91 92.59
N LEU A 691 -18.14 17.46 91.40
CA LEU A 691 -16.82 17.79 90.88
C LEU A 691 -16.76 19.14 90.19
N ILE A 692 -17.89 19.65 89.69
CA ILE A 692 -17.92 20.98 89.08
C ILE A 692 -17.94 22.04 90.17
N PRO A 693 -18.97 22.08 91.02
CA PRO A 693 -19.15 23.26 91.88
C PRO A 693 -18.34 23.17 93.16
N GLY A 694 -18.03 21.96 93.61
CA GLY A 694 -17.10 21.77 94.70
C GLY A 694 -15.74 22.35 94.39
N PHE A 695 -15.09 21.79 93.37
CA PHE A 695 -13.77 22.24 92.97
C PHE A 695 -13.80 23.71 92.53
N PHE A 696 -14.86 24.12 91.83
CA PHE A 696 -14.96 25.51 91.41
C PHE A 696 -15.00 26.46 92.60
N LEU A 697 -15.81 26.14 93.61
CA LEU A 697 -15.89 26.98 94.80
C LEU A 697 -14.57 27.01 95.55
N LEU A 698 -13.93 25.85 95.71
CA LEU A 698 -12.66 25.81 96.42
C LEU A 698 -11.60 26.63 95.69
N ALA A 699 -11.51 26.46 94.37
CA ALA A 699 -10.55 27.23 93.58
C ALA A 699 -10.84 28.71 93.64
N CYS A 700 -12.12 29.10 93.57
CA CYS A 700 -12.49 30.50 93.64
C CYS A 700 -12.10 31.10 94.99
N ILE A 701 -12.36 30.38 96.07
CA ILE A 701 -12.02 30.88 97.40
C ILE A 701 -10.51 31.05 97.54
N LEU A 702 -9.75 30.05 97.08
CA LEU A 702 -8.30 30.13 97.17
C LEU A 702 -7.77 31.28 96.33
N GLN A 703 -8.29 31.44 95.12
CA GLN A 703 -7.84 32.53 94.24
C GLN A 703 -8.18 33.88 94.85
N LEU A 704 -9.40 34.05 95.33
CA LEU A 704 -9.83 35.33 95.87
C LEU A 704 -9.01 35.72 97.09
N HIS A 705 -8.83 34.78 98.02
CA HIS A 705 -8.06 35.10 99.22
C HIS A 705 -6.59 35.36 98.90
N TYR A 706 -5.98 34.50 98.08
CA TYR A 706 -4.57 34.68 97.75
C TYR A 706 -4.35 35.99 97.01
N PHE A 707 -5.20 36.28 96.02
CA PHE A 707 -5.07 37.51 95.26
C PHE A 707 -5.26 38.73 96.15
N HIS A 708 -6.27 38.69 97.03
CA HIS A 708 -6.52 39.83 97.91
C HIS A 708 -5.33 40.10 98.81
N ARG A 709 -4.79 39.05 99.40
CA ARG A 709 -3.65 39.25 100.31
C ARG A 709 -2.42 39.81 99.60
N PRO A 710 -2.02 39.32 98.43
CA PRO A 710 -0.81 39.85 97.78
C PRO A 710 -1.02 40.39 96.36
N PHE A 711 -1.66 39.58 95.51
CA PHE A 711 -1.84 39.97 94.11
C PHE A 711 -2.68 41.22 93.94
N MET A 712 -3.78 41.35 94.70
CA MET A 712 -4.64 42.52 94.55
C MET A 712 -3.90 43.80 94.91
N GLN A 713 -3.15 43.78 96.02
CA GLN A 713 -2.43 44.98 96.42
C GLN A 713 -1.35 45.35 95.40
N LEU A 714 -0.60 44.35 94.93
CA LEU A 714 0.48 44.63 93.98
C LEU A 714 -0.08 45.15 92.65
N THR A 715 -1.14 44.53 92.15
CA THR A 715 -1.70 44.94 90.87
C THR A 715 -2.28 46.35 90.96
N ASP A 716 -3.00 46.65 92.05
CA ASP A 716 -3.62 47.95 92.20
C ASP A 716 -2.58 49.01 92.55
N LEU A 717 -2.89 50.25 92.18
CA LEU A 717 -2.04 51.40 92.51
C LEU A 717 -2.68 52.28 93.57
N GLU A 718 -3.45 51.67 94.48
CA GLU A 718 -4.08 52.38 95.59
C GLU A 718 -4.96 53.53 95.10
N LEU A 784 16.25 35.15 71.06
CA LEU A 784 14.84 35.10 71.42
C LEU A 784 14.42 36.36 72.17
N ASP A 785 14.12 37.42 71.41
CA ASP A 785 13.78 38.72 71.96
C ASP A 785 12.55 39.30 71.26
N LEU A 786 11.55 38.46 71.03
CA LEU A 786 10.27 38.91 70.50
C LEU A 786 9.34 39.43 71.60
N ALA A 787 9.75 39.35 72.86
CA ALA A 787 8.90 39.81 73.95
C ALA A 787 8.85 41.33 74.02
N ALA A 788 9.95 41.99 73.70
CA ALA A 788 9.94 43.46 73.67
C ALA A 788 9.01 43.97 72.57
N SER A 789 9.10 43.38 71.38
CA SER A 789 8.19 43.76 70.31
C SER A 789 6.74 43.41 70.67
N PHE A 790 6.55 42.29 71.37
CA PHE A 790 5.21 41.90 71.81
C PHE A 790 4.63 42.94 72.75
N SER A 791 5.41 43.36 73.74
CA SER A 791 4.93 44.33 74.72
C SER A 791 4.72 45.69 74.08
N ALA A 792 5.59 46.07 73.13
CA ALA A 792 5.39 47.34 72.43
C ALA A 792 4.11 47.33 71.60
N VAL A 793 3.83 46.21 70.92
CA VAL A 793 2.59 46.12 70.16
C VAL A 793 1.39 46.10 71.10
N LEU A 794 1.54 45.50 72.29
CA LEU A 794 0.46 45.51 73.27
C LEU A 794 0.18 46.93 73.74
N THR A 795 1.24 47.67 74.07
CA THR A 795 1.08 49.05 74.53
C THR A 795 0.47 49.91 73.44
N ARG A 796 0.89 49.71 72.19
CA ARG A 796 0.33 50.52 71.11
C ARG A 796 -1.13 50.16 70.84
N ILE A 797 -1.50 48.89 71.00
CA ILE A 797 -2.91 48.53 70.83
C ILE A 797 -3.73 49.06 72.00
N GLN A 798 -3.14 49.15 73.19
CA GLN A 798 -3.82 49.77 74.32
C GLN A 798 -4.00 51.26 74.08
N VAL A 799 -3.00 51.92 73.52
CA VAL A 799 -3.09 53.35 73.24
C VAL A 799 -4.17 53.61 72.21
N PHE A 800 -4.19 52.81 71.14
CA PHE A 800 -5.22 52.97 70.12
C PHE A 800 -6.60 52.62 70.65
N VAL A 801 -6.69 51.67 71.59
CA VAL A 801 -7.96 51.38 72.24
C VAL A 801 -8.45 52.57 73.07
N ARG A 802 -7.53 53.22 73.78
CA ARG A 802 -7.91 54.41 74.55
C ARG A 802 -8.33 55.55 73.63
N ARG A 803 -7.59 55.76 72.54
CA ARG A 803 -7.95 56.79 71.59
C ARG A 803 -9.27 56.45 70.91
N LEU A 804 -9.49 55.16 70.63
CA LEU A 804 -10.68 54.68 69.95
C LEU A 804 -11.71 54.14 70.94
N LEU A 805 -11.68 54.60 72.20
CA LEU A 805 -12.62 54.10 73.18
C LEU A 805 -14.06 54.32 72.71
N GLU A 806 -14.32 55.49 72.10
CA GLU A 806 -15.63 55.72 71.52
C GLU A 806 -15.88 54.70 70.40
N LEU A 807 -14.86 54.46 69.58
CA LEU A 807 -14.96 53.46 68.52
C LEU A 807 -15.16 52.06 69.09
N HIS A 808 -14.47 51.74 70.19
CA HIS A 808 -14.66 50.43 70.83
C HIS A 808 -16.09 50.28 71.33
N VAL A 809 -16.64 51.35 71.92
CA VAL A 809 -18.04 51.32 72.36
C VAL A 809 -18.96 51.15 71.15
N PHE A 810 -18.63 51.83 70.05
CA PHE A 810 -19.43 51.65 68.84
C PHE A 810 -19.37 50.21 68.34
N LYS A 811 -18.18 49.60 68.33
CA LYS A 811 -18.06 48.18 67.99
C LYS A 811 -18.88 47.29 68.93
N LEU A 812 -19.05 47.73 70.17
CA LEU A 812 -19.93 47.00 71.08
C LEU A 812 -21.39 47.16 70.70
N VAL A 813 -21.78 48.39 70.30
CA VAL A 813 -23.09 48.61 69.70
C VAL A 813 -23.25 47.76 68.45
N ALA A 814 -22.16 47.56 67.71
CA ALA A 814 -22.20 46.79 66.48
C ALA A 814 -22.53 45.33 66.76
N LEU A 815 -21.80 44.71 67.69
CA LEU A 815 -22.14 43.34 68.07
C LEU A 815 -23.51 43.27 68.74
N TYR A 816 -23.92 44.36 69.40
CA TYR A 816 -25.25 44.42 70.00
C TYR A 816 -26.32 44.31 68.93
N THR A 817 -26.24 45.15 67.90
CA THR A 817 -27.20 45.10 66.81
C THR A 817 -27.04 43.85 65.95
N VAL A 818 -25.84 43.25 65.93
CA VAL A 818 -25.62 42.05 65.16
C VAL A 818 -26.32 40.87 65.83
N TRP A 819 -26.45 40.92 67.16
CA TRP A 819 -27.32 39.96 67.81
C TRP A 819 -28.78 40.40 67.77
N VAL A 820 -29.02 41.70 67.75
CA VAL A 820 -30.38 42.24 67.79
C VAL A 820 -31.06 42.13 66.44
N ALA A 821 -30.49 42.78 65.42
CA ALA A 821 -31.14 42.90 64.12
C ALA A 821 -30.55 41.97 63.08
N LEU A 822 -29.65 41.06 63.50
CA LEU A 822 -29.10 40.05 62.60
C LEU A 822 -29.20 38.64 63.16
N LYS A 823 -29.53 38.48 64.44
CA LYS A 823 -29.86 37.18 65.01
C LYS A 823 -31.28 37.13 65.55
N GLU A 824 -31.62 37.98 66.50
CA GLU A 824 -32.97 38.03 67.05
C GLU A 824 -33.13 39.28 67.89
N VAL A 825 -34.29 39.92 67.81
CA VAL A 825 -34.54 41.15 68.56
C VAL A 825 -34.64 40.80 70.04
N SER A 826 -33.89 41.52 70.86
CA SER A 826 -33.84 41.23 72.29
C SER A 826 -35.02 41.89 73.01
N VAL A 827 -35.04 41.75 74.34
CA VAL A 827 -36.14 42.20 75.16
C VAL A 827 -36.06 43.72 75.30
N MET A 828 -36.86 44.44 74.50
CA MET A 828 -36.76 45.88 74.34
C MET A 828 -35.33 46.31 74.00
N ASN A 829 -34.80 45.71 72.94
CA ASN A 829 -33.46 46.08 72.47
C ASN A 829 -33.40 47.52 72.01
N LEU A 830 -34.55 48.10 71.63
CA LEU A 830 -34.60 49.50 71.22
C LEU A 830 -34.04 50.42 72.30
N LEU A 831 -34.20 50.07 73.57
CA LEU A 831 -33.69 50.96 74.63
C LEU A 831 -32.18 51.01 74.62
N LEU A 832 -31.53 49.87 74.39
CA LEU A 832 -30.08 49.84 74.37
C LEU A 832 -29.53 50.44 73.08
N VAL A 833 -30.16 50.15 71.94
CA VAL A 833 -29.72 50.79 70.71
C VAL A 833 -29.98 52.28 70.71
N VAL A 834 -30.93 52.76 71.51
CA VAL A 834 -31.15 54.21 71.61
C VAL A 834 -30.14 54.84 72.54
N LEU A 835 -29.79 54.14 73.63
CA LEU A 835 -28.67 54.57 74.46
C LEU A 835 -27.41 54.72 73.61
N TRP A 836 -27.14 53.73 72.75
CA TRP A 836 -26.03 53.87 71.80
C TRP A 836 -26.24 55.05 70.86
N ALA A 837 -27.48 55.29 70.45
CA ALA A 837 -27.75 56.28 69.40
C ALA A 837 -27.47 57.69 69.91
N PHE A 838 -27.94 58.02 71.11
CA PHE A 838 -27.55 59.31 71.65
C PHE A 838 -26.17 59.30 72.31
N ALA A 839 -25.54 58.14 72.49
CA ALA A 839 -24.16 58.11 72.94
C ALA A 839 -23.17 58.42 71.83
N LEU A 840 -23.53 58.10 70.59
CA LEU A 840 -22.57 58.24 69.48
C LEU A 840 -22.14 59.68 69.23
N PRO A 841 -23.05 60.64 68.97
CA PRO A 841 -22.60 61.97 68.57
C PRO A 841 -22.24 62.89 69.72
N TYR A 842 -22.56 62.53 70.96
CA TYR A 842 -22.43 63.45 72.08
C TYR A 842 -21.34 62.96 73.02
N PRO A 843 -20.34 63.76 73.33
CA PRO A 843 -19.27 63.31 74.23
C PRO A 843 -19.60 63.53 75.70
N ARG A 844 -20.56 64.41 75.98
CA ARG A 844 -21.05 64.53 77.35
C ARG A 844 -21.95 63.36 77.73
N PHE A 845 -22.68 62.80 76.77
CA PHE A 845 -23.49 61.61 77.01
C PHE A 845 -22.62 60.37 77.09
N ARG A 846 -21.70 60.21 76.15
CA ARG A 846 -21.04 58.93 75.87
C ARG A 846 -20.57 58.15 77.10
N PRO A 847 -19.86 58.74 78.07
CA PRO A 847 -19.46 57.93 79.23
C PRO A 847 -20.61 57.62 80.17
N MET A 848 -21.50 58.59 80.41
CA MET A 848 -22.61 58.34 81.33
C MET A 848 -23.60 57.37 80.72
N ALA A 849 -23.92 57.53 79.44
CA ALA A 849 -24.80 56.57 78.80
C ALA A 849 -24.10 55.25 78.52
N SER A 850 -22.77 55.24 78.51
CA SER A 850 -22.04 53.98 78.46
C SER A 850 -22.22 53.19 79.74
N CYS A 851 -22.06 53.86 80.88
CA CYS A 851 -22.26 53.17 82.15
C CYS A 851 -23.72 52.77 82.35
N LEU A 852 -24.65 53.62 81.90
CA LEU A 852 -26.06 53.25 81.98
C LEU A 852 -26.39 52.11 81.03
N SER A 853 -25.66 51.97 79.92
CA SER A 853 -25.88 50.85 79.02
C SER A 853 -25.30 49.57 79.59
N THR A 854 -24.16 49.65 80.27
CA THR A 854 -23.65 48.50 81.01
C THR A 854 -24.65 48.05 82.08
N VAL A 855 -25.27 49.02 82.77
CA VAL A 855 -26.23 48.66 83.81
C VAL A 855 -27.48 48.04 83.20
N TRP A 856 -27.96 48.59 82.08
CA TRP A 856 -29.14 48.04 81.45
C TRP A 856 -28.86 46.69 80.82
N THR A 857 -27.63 46.44 80.36
CA THR A 857 -27.29 45.12 79.84
C THR A 857 -27.18 44.10 80.98
N CYS A 858 -26.72 44.53 82.15
CA CYS A 858 -26.72 43.63 83.30
C CYS A 858 -28.14 43.28 83.73
N ILE A 859 -29.03 44.28 83.74
CA ILE A 859 -30.42 44.01 84.07
C ILE A 859 -31.08 43.14 83.01
N ILE A 860 -30.68 43.31 81.74
CA ILE A 860 -31.23 42.49 80.67
C ILE A 860 -30.76 41.04 80.82
N ILE A 861 -29.51 40.84 81.25
CA ILE A 861 -29.05 39.47 81.45
C ILE A 861 -29.72 38.85 82.67
N VAL A 862 -30.00 39.67 83.69
CA VAL A 862 -30.72 39.18 84.86
C VAL A 862 -32.12 38.72 84.47
N CYS A 863 -32.82 39.53 83.67
CA CYS A 863 -34.14 39.14 83.21
C CYS A 863 -34.11 38.01 82.19
N LYS A 864 -32.99 37.84 81.48
CA LYS A 864 -32.87 36.77 80.51
C LYS A 864 -32.68 35.42 81.19
N MET A 865 -31.77 35.35 82.15
CA MET A 865 -31.56 34.08 82.84
C MET A 865 -32.68 33.76 83.83
N LEU A 866 -33.51 34.73 84.18
CA LEU A 866 -34.68 34.49 85.01
C LEU A 866 -35.91 34.07 84.21
N TYR A 867 -35.83 34.09 82.89
CA TYR A 867 -36.99 33.79 82.04
C TYR A 867 -37.06 32.34 81.60
N GLN A 868 -36.05 31.52 81.91
CA GLN A 868 -36.00 30.14 81.47
C GLN A 868 -36.70 29.19 82.42
N LEU A 869 -37.59 29.69 83.26
CA LEU A 869 -38.22 28.87 84.29
C LEU A 869 -39.27 27.95 83.66
N LYS A 870 -39.91 27.14 84.50
CA LYS A 870 -40.83 26.11 84.04
C LYS A 870 -42.25 26.32 84.59
N ILE A 871 -42.56 27.54 85.04
CA ILE A 871 -43.88 27.84 85.58
C ILE A 871 -44.55 28.92 84.73
N VAL A 872 -44.25 28.94 83.44
CA VAL A 872 -44.71 30.04 82.59
C VAL A 872 -46.19 29.93 82.25
N ASN A 873 -46.79 28.76 82.47
CA ASN A 873 -48.23 28.52 82.24
C ASN A 873 -48.60 28.87 80.80
N PRO A 874 -47.82 28.43 79.81
CA PRO A 874 -48.08 28.73 78.40
C PRO A 874 -48.89 27.64 77.71
N ASN A 910 -47.64 44.00 70.35
CA ASN A 910 -46.41 43.25 70.20
C ASN A 910 -45.19 44.10 70.54
N TRP A 911 -45.03 44.43 71.82
CA TRP A 911 -43.99 45.34 72.28
C TRP A 911 -43.11 44.73 73.37
N PHE A 912 -43.17 43.41 73.57
CA PHE A 912 -42.36 42.74 74.57
C PHE A 912 -41.34 41.80 73.92
N GLY A 913 -41.80 40.87 73.09
CA GLY A 913 -40.94 39.91 72.45
C GLY A 913 -40.22 38.95 73.38
N VAL A 914 -40.96 38.38 74.33
CA VAL A 914 -40.39 37.38 75.25
C VAL A 914 -40.26 36.09 74.47
N ARG A 915 -39.05 35.75 74.05
CA ARG A 915 -38.83 34.66 73.11
C ARG A 915 -38.74 33.29 73.78
N LYS A 916 -38.90 33.20 75.09
CA LYS A 916 -39.08 31.94 75.81
C LYS A 916 -37.97 30.94 75.46
N GLY A 917 -36.76 31.28 75.90
CA GLY A 917 -35.58 30.51 75.56
C GLY A 917 -35.67 29.02 75.88
N TYR A 918 -35.77 28.21 74.83
CA TYR A 918 -36.00 26.77 74.95
C TYR A 918 -34.74 26.04 75.38
N PRO A 919 -33.64 26.15 74.61
CA PRO A 919 -32.49 25.28 74.87
C PRO A 919 -31.67 25.67 76.09
N ASN A 920 -31.95 26.81 76.71
CA ASN A 920 -31.27 27.27 77.92
C ASN A 920 -29.76 27.42 77.73
N LEU A 921 -29.30 27.53 76.49
CA LEU A 921 -27.92 27.90 76.19
C LEU A 921 -27.83 29.04 75.17
N GLY A 922 -28.71 29.07 74.18
CA GLY A 922 -28.67 30.09 73.16
C GLY A 922 -29.28 31.41 73.57
N TYR A 923 -30.18 31.40 74.54
CA TYR A 923 -30.85 32.60 75.01
C TYR A 923 -30.06 33.31 76.10
N ILE A 924 -28.76 33.09 76.19
CA ILE A 924 -27.90 33.85 77.10
C ILE A 924 -26.69 34.46 76.41
N GLN A 925 -26.28 33.98 75.23
CA GLN A 925 -25.05 34.46 74.61
C GLN A 925 -25.17 35.91 74.14
N ASN A 926 -26.38 36.35 73.79
CA ASN A 926 -26.57 37.73 73.38
C ASN A 926 -26.43 38.71 74.54
N HIS A 927 -26.50 38.23 75.77
CA HIS A 927 -26.19 39.05 76.93
C HIS A 927 -24.81 38.76 77.51
N LEU A 928 -24.33 37.52 77.34
CA LEU A 928 -23.01 37.16 77.82
C LEU A 928 -21.93 37.89 77.03
N GLN A 929 -22.03 37.90 75.70
CA GLN A 929 -21.08 38.66 74.91
C GLN A 929 -21.21 40.16 75.15
N ILE A 930 -22.39 40.62 75.56
CA ILE A 930 -22.58 42.05 75.84
C ILE A 930 -21.85 42.43 77.11
N LEU A 931 -22.09 41.70 78.20
CA LEU A 931 -21.37 41.94 79.44
C LEU A 931 -19.88 41.70 79.27
N LEU A 932 -19.48 40.80 78.37
CA LEU A 932 -18.06 40.57 78.14
C LEU A 932 -17.42 41.71 77.38
N LEU A 933 -18.16 42.36 76.47
CA LEU A 933 -17.62 43.52 75.78
C LEU A 933 -17.55 44.73 76.70
N LEU A 934 -18.57 44.91 77.56
CA LEU A 934 -18.51 45.98 78.54
C LEU A 934 -17.38 45.75 79.54
N VAL A 935 -17.10 44.50 79.88
CA VAL A 935 -16.02 44.23 80.82
C VAL A 935 -14.66 44.35 80.14
N PHE A 936 -14.58 44.05 78.83
CA PHE A 936 -13.33 44.29 78.12
C PHE A 936 -13.06 45.78 77.97
N GLU A 937 -14.11 46.59 77.79
CA GLU A 937 -13.91 48.04 77.74
C GLU A 937 -13.49 48.59 79.10
N ALA A 938 -14.12 48.11 80.18
CA ALA A 938 -13.71 48.55 81.51
C ALA A 938 -12.30 48.11 81.84
N VAL A 939 -11.92 46.89 81.43
CA VAL A 939 -10.56 46.42 81.68
C VAL A 939 -9.56 47.19 80.84
N VAL A 940 -9.93 47.61 79.63
CA VAL A 940 -9.00 48.38 78.82
C VAL A 940 -8.83 49.78 79.40
N TYR A 941 -9.90 50.35 79.96
CA TYR A 941 -9.77 51.65 80.60
C TYR A 941 -8.92 51.57 81.86
N ARG A 942 -9.12 50.51 82.65
CA ARG A 942 -8.32 50.35 83.87
C ARG A 942 -6.87 50.09 83.55
N ARG A 943 -6.58 49.24 82.56
CA ARG A 943 -5.19 49.00 82.18
C ARG A 943 -4.56 50.22 81.53
N GLN A 944 -5.36 51.06 80.86
CA GLN A 944 -4.82 52.32 80.34
C GLN A 944 -4.44 53.26 81.47
N GLU A 945 -5.30 53.38 82.49
CA GLU A 945 -4.97 54.21 83.64
C GLU A 945 -3.75 53.66 84.37
N HIS A 946 -3.62 52.34 84.44
CA HIS A 946 -2.50 51.73 85.14
C HIS A 946 -1.20 51.97 84.38
N TYR A 947 -1.21 51.75 83.07
CA TYR A 947 0.00 51.98 82.26
C TYR A 947 0.34 53.45 82.15
N ARG A 948 -0.64 54.35 82.32
CA ARG A 948 -0.32 55.77 82.39
C ARG A 948 0.32 56.13 83.72
N ARG A 949 -0.20 55.56 84.82
CA ARG A 949 0.35 55.88 86.14
C ARG A 949 1.73 55.26 86.33
N GLN A 950 2.02 54.17 85.64
CA GLN A 950 3.30 53.49 85.74
C GLN A 950 4.20 53.93 84.58
N HIS A 951 5.37 53.29 84.51
CA HIS A 951 6.37 53.58 83.48
C HIS A 951 6.75 55.05 83.43
N GLY A 965 5.63 60.14 63.86
CA GLY A 965 6.21 61.28 63.18
C GLY A 965 5.34 62.52 63.25
N THR A 966 5.93 63.67 62.97
CA THR A 966 5.20 64.93 63.01
C THR A 966 4.28 65.04 61.80
N ARG A 967 3.30 65.95 61.92
CA ARG A 967 2.43 66.26 60.79
C ARG A 967 3.14 67.03 59.70
N GLN A 968 4.32 67.59 59.98
CA GLN A 968 5.11 68.30 58.99
C GLN A 968 6.35 67.54 58.57
N ARG A 969 6.75 66.53 59.33
CA ARG A 969 7.90 65.69 59.02
C ARG A 969 7.50 64.39 58.35
N LEU A 970 6.22 64.23 58.02
CA LEU A 970 5.70 62.98 57.47
C LEU A 970 6.41 62.59 56.18
N ASP A 971 6.68 63.56 55.31
CA ASP A 971 7.30 63.29 54.01
C ASP A 971 8.82 63.28 54.11
N GLN A 972 9.32 62.42 55.00
CA GLN A 972 10.75 62.22 55.15
C GLN A 972 11.20 60.78 54.93
N ASP A 973 10.32 59.80 55.17
CA ASP A 973 10.61 58.38 55.04
C ASP A 973 9.30 57.64 54.80
N LEU A 974 9.42 56.41 54.28
CA LEU A 974 8.25 55.59 54.06
C LEU A 974 7.56 55.24 55.38
N LEU A 975 8.34 54.89 56.40
CA LEU A 975 7.78 54.58 57.70
C LEU A 975 7.09 55.81 58.30
N SER A 976 7.69 56.99 58.13
CA SER A 976 7.06 58.21 58.62
C SER A 976 5.74 58.46 57.92
N CYS A 977 5.68 58.24 56.61
CA CYS A 977 4.43 58.42 55.88
C CYS A 977 3.37 57.44 56.36
N LEU A 978 3.76 56.18 56.57
CA LEU A 978 2.80 55.19 57.07
C LEU A 978 2.30 55.56 58.45
N LYS A 979 3.20 56.03 59.32
CA LYS A 979 2.80 56.42 60.67
C LYS A 979 1.86 57.62 60.65
N TYR A 980 2.16 58.64 59.84
CA TYR A 980 1.28 59.79 59.72
C TYR A 980 -0.03 59.44 59.05
N PHE A 981 -0.08 58.35 58.29
CA PHE A 981 -1.35 57.85 57.78
C PHE A 981 -2.15 57.20 58.91
N ILE A 982 -1.54 56.23 59.58
CA ILE A 982 -2.25 55.43 60.57
C ILE A 982 -2.70 56.28 61.76
N ASN A 983 -1.94 57.33 62.08
CA ASN A 983 -2.35 58.24 63.14
C ASN A 983 -3.57 59.06 62.74
N PHE A 984 -3.70 59.40 61.47
CA PHE A 984 -4.73 60.33 61.00
C PHE A 984 -5.44 59.77 59.77
N PHE A 985 -5.77 58.48 59.79
CA PHE A 985 -6.37 57.84 58.62
C PHE A 985 -7.76 58.36 58.33
N PHE A 986 -8.40 59.03 59.29
CA PHE A 986 -9.73 59.59 59.09
C PHE A 986 -9.74 61.11 59.17
N TYR A 987 -8.58 61.76 59.28
CA TYR A 987 -8.55 63.14 59.72
C TYR A 987 -9.01 64.08 58.63
N LYS A 988 -8.28 64.12 57.51
CA LYS A 988 -8.74 64.80 56.30
C LYS A 988 -9.27 63.81 55.28
N PHE A 989 -9.66 62.62 55.72
CA PHE A 989 -10.36 61.63 54.91
C PHE A 989 -11.79 61.42 55.37
N GLY A 990 -12.18 61.98 56.50
CA GLY A 990 -13.38 61.57 57.22
C GLY A 990 -14.65 61.74 56.43
N LEU A 991 -14.95 62.96 55.99
CA LEU A 991 -16.18 63.20 55.25
C LEU A 991 -16.20 62.42 53.94
N GLU A 992 -15.04 62.20 53.32
CA GLU A 992 -14.96 61.30 52.18
C GLU A 992 -15.48 59.90 52.53
N ILE A 993 -14.92 59.30 53.58
CA ILE A 993 -15.35 57.95 53.95
C ILE A 993 -16.80 57.95 54.43
N CYS A 994 -17.28 59.07 54.97
CA CYS A 994 -18.69 59.20 55.31
C CYS A 994 -19.56 59.10 54.07
N PHE A 995 -19.20 59.86 53.02
CA PHE A 995 -19.94 59.78 51.77
C PHE A 995 -19.85 58.38 51.16
N LEU A 996 -18.70 57.73 51.30
CA LEU A 996 -18.54 56.40 50.72
C LEU A 996 -19.40 55.37 51.45
N MET A 997 -19.45 55.45 52.79
CA MET A 997 -20.29 54.53 53.54
C MET A 997 -21.77 54.84 53.34
N ALA A 998 -22.13 56.11 53.15
CA ALA A 998 -23.50 56.44 52.79
C ALA A 998 -23.88 55.84 51.44
N VAL A 999 -22.95 55.90 50.48
CA VAL A 999 -23.22 55.35 49.17
C VAL A 999 -23.36 53.83 49.25
N ASN A 1000 -22.49 53.17 50.02
CA ASN A 1000 -22.60 51.72 50.15
C ASN A 1000 -23.88 51.32 50.87
N VAL A 1001 -24.31 52.11 51.84
CA VAL A 1001 -25.54 51.79 52.55
C VAL A 1001 -26.74 51.98 51.63
N ILE A 1002 -26.76 53.06 50.86
CA ILE A 1002 -27.86 53.29 49.93
C ILE A 1002 -27.90 52.19 48.88
N GLY A 1003 -26.72 51.72 48.45
CA GLY A 1003 -26.67 50.61 47.52
C GLY A 1003 -27.21 49.32 48.12
N GLN A 1004 -26.92 49.08 49.40
CA GLN A 1004 -27.26 47.80 49.99
C GLN A 1004 -28.69 47.73 50.52
N ARG A 1005 -29.29 48.88 50.87
CA ARG A 1005 -30.58 48.83 51.54
C ARG A 1005 -31.72 48.62 50.55
N MET A 1006 -31.75 49.39 49.47
CA MET A 1006 -32.77 49.27 48.42
C MET A 1006 -34.18 49.43 48.99
N ASN A 1007 -34.44 50.63 49.51
CA ASN A 1007 -35.73 50.94 50.11
C ASN A 1007 -36.02 52.42 49.96
N PHE A 1008 -37.29 52.78 50.11
CA PHE A 1008 -37.67 54.19 50.04
C PHE A 1008 -37.14 54.97 51.25
N MET A 1009 -36.94 54.29 52.38
CA MET A 1009 -36.19 54.90 53.48
C MET A 1009 -34.78 55.24 53.04
N VAL A 1010 -34.15 54.34 52.27
CA VAL A 1010 -32.86 54.65 51.69
C VAL A 1010 -32.99 55.72 50.62
N ILE A 1011 -34.17 55.87 50.02
CA ILE A 1011 -34.36 56.94 49.04
C ILE A 1011 -34.33 58.30 49.74
N LEU A 1012 -34.99 58.40 50.90
CA LEU A 1012 -34.92 59.64 51.66
C LEU A 1012 -33.53 59.87 52.23
N HIS A 1013 -32.85 58.80 52.66
CA HIS A 1013 -31.48 58.93 53.14
C HIS A 1013 -30.57 59.47 52.06
N GLY A 1014 -30.70 58.96 50.83
CA GLY A 1014 -29.88 59.46 49.75
C GLY A 1014 -30.29 60.85 49.28
N CYS A 1015 -31.57 61.20 49.47
CA CYS A 1015 -31.99 62.57 49.23
C CYS A 1015 -31.25 63.53 50.15
N TRP A 1016 -31.21 63.20 51.45
CA TRP A 1016 -30.46 64.07 52.36
C TRP A 1016 -28.96 63.99 52.11
N LEU A 1017 -28.48 62.86 51.57
CA LEU A 1017 -27.07 62.75 51.27
C LEU A 1017 -26.68 63.67 50.12
N VAL A 1018 -27.49 63.68 49.06
CA VAL A 1018 -27.23 64.59 47.95
C VAL A 1018 -27.48 66.04 48.34
N ALA A 1019 -28.33 66.27 49.35
CA ALA A 1019 -28.48 67.62 49.87
C ALA A 1019 -27.24 68.05 50.64
N ILE A 1020 -26.65 67.15 51.41
CA ILE A 1020 -25.39 67.45 52.09
C ILE A 1020 -24.29 67.71 51.07
N LEU A 1021 -24.26 66.90 50.01
CA LEU A 1021 -23.27 67.07 48.95
C LEU A 1021 -23.51 68.35 48.15
N THR A 1022 -24.73 68.87 48.16
CA THR A 1022 -25.03 70.09 47.41
C THR A 1022 -24.16 71.24 47.86
N ARG A 1023 -23.88 71.34 49.17
CA ARG A 1023 -23.04 72.40 49.72
C ARG A 1023 -21.59 71.98 49.51
N ARG A 1024 -21.13 72.12 48.27
CA ARG A 1024 -19.77 71.74 47.92
C ARG A 1024 -18.75 72.61 48.65
N ARG A 1025 -19.03 73.89 48.79
CA ARG A 1025 -18.09 74.80 49.44
C ARG A 1025 -17.77 74.34 50.85
N ARG A 1026 -16.49 74.43 51.21
CA ARG A 1026 -16.02 73.98 52.50
C ARG A 1026 -16.61 74.82 53.63
N GLU A 1027 -16.89 74.17 54.75
CA GLU A 1027 -17.40 74.68 56.03
C GLU A 1027 -18.93 74.86 55.99
N ALA A 1028 -19.56 74.82 54.81
CA ALA A 1028 -21.02 74.86 54.79
C ALA A 1028 -21.61 73.56 55.34
N ILE A 1029 -21.03 72.43 54.96
CA ILE A 1029 -21.48 71.13 55.42
C ILE A 1029 -21.31 71.00 56.94
N ALA A 1030 -20.25 71.60 57.48
CA ALA A 1030 -19.99 71.50 58.91
C ALA A 1030 -21.16 71.99 59.74
N ARG A 1031 -21.81 73.08 59.31
CA ARG A 1031 -22.95 73.62 60.04
C ARG A 1031 -24.09 72.60 60.09
N LEU A 1032 -24.40 71.98 58.95
CA LEU A 1032 -25.47 71.01 58.87
C LEU A 1032 -25.11 69.64 59.44
N TRP A 1033 -23.84 69.41 59.76
CA TRP A 1033 -23.43 68.08 60.18
C TRP A 1033 -23.92 67.69 61.59
N PRO A 1034 -23.97 68.60 62.57
CA PRO A 1034 -24.68 68.25 63.81
C PRO A 1034 -26.16 67.97 63.57
N ASN A 1035 -26.79 68.72 62.67
CA ASN A 1035 -28.16 68.41 62.30
C ASN A 1035 -28.23 67.13 61.49
N TYR A 1036 -27.14 66.80 60.79
CA TYR A 1036 -27.08 65.54 60.06
C TYR A 1036 -27.10 64.36 61.02
N CYS A 1037 -26.25 64.39 62.04
CA CYS A 1037 -26.29 63.37 63.07
C CYS A 1037 -27.63 63.36 63.80
N LEU A 1038 -28.24 64.54 63.99
CA LEU A 1038 -29.50 64.59 64.73
C LEU A 1038 -30.62 63.89 63.96
N PHE A 1039 -30.76 64.19 62.66
CA PHE A 1039 -31.82 63.49 61.94
C PHE A 1039 -31.41 62.06 61.61
N LEU A 1040 -30.11 61.76 61.60
CA LEU A 1040 -29.68 60.38 61.45
C LEU A 1040 -30.19 59.53 62.60
N THR A 1041 -29.99 60.01 63.84
CA THR A 1041 -30.48 59.25 64.98
C THR A 1041 -32.00 59.29 65.06
N LEU A 1042 -32.61 60.40 64.62
CA LEU A 1042 -34.07 60.51 64.63
C LEU A 1042 -34.70 59.58 63.60
N PHE A 1043 -33.95 59.20 62.58
CA PHE A 1043 -34.43 58.27 61.57
C PHE A 1043 -34.17 56.84 62.02
N LEU A 1044 -32.97 56.58 62.53
CA LEU A 1044 -32.55 55.22 62.81
C LEU A 1044 -33.32 54.66 64.00
N LEU A 1045 -33.54 55.46 65.05
CA LEU A 1045 -34.26 54.94 66.21
C LEU A 1045 -35.70 54.60 65.85
N TYR A 1046 -36.38 55.50 65.12
CA TYR A 1046 -37.71 55.20 64.63
C TYR A 1046 -37.73 54.01 63.68
N GLN A 1047 -36.69 53.83 62.88
CA GLN A 1047 -36.64 52.70 61.97
C GLN A 1047 -36.53 51.39 62.75
N TYR A 1048 -35.66 51.36 63.76
CA TYR A 1048 -35.53 50.17 64.58
C TYR A 1048 -36.83 49.89 65.33
N LEU A 1049 -37.51 50.93 65.79
CA LEU A 1049 -38.77 50.71 66.51
C LEU A 1049 -39.87 50.24 65.58
N LEU A 1050 -39.82 50.65 64.31
CA LEU A 1050 -40.82 50.19 63.34
C LEU A 1050 -40.55 48.76 62.91
N CYS A 1051 -39.27 48.39 62.76
CA CYS A 1051 -38.92 47.00 62.52
C CYS A 1051 -39.26 46.12 63.71
N LEU A 1052 -39.20 46.66 64.92
CA LEU A 1052 -39.57 45.89 66.10
C LEU A 1052 -41.09 45.69 66.17
N GLY A 1053 -41.84 46.78 66.25
CA GLY A 1053 -43.28 46.69 66.33
C GLY A 1053 -43.92 47.90 67.01
N SER A 1091 -33.03 45.15 60.33
CA SER A 1091 -32.38 44.25 59.37
C SER A 1091 -30.88 44.49 59.27
N THR A 1092 -30.19 43.70 58.45
CA THR A 1092 -28.79 44.00 58.13
C THR A 1092 -28.64 45.34 57.44
N ASN A 1093 -29.65 45.74 56.66
CA ASN A 1093 -29.68 47.11 56.15
C ASN A 1093 -29.65 48.12 57.30
N LEU A 1094 -30.40 47.83 58.37
CA LEU A 1094 -30.35 48.71 59.53
C LEU A 1094 -29.01 48.61 60.24
N ILE A 1095 -28.34 47.47 60.15
CA ILE A 1095 -27.02 47.32 60.75
C ILE A 1095 -26.01 48.22 60.05
N SER A 1096 -25.98 48.18 58.72
CA SER A 1096 -25.07 49.05 58.00
C SER A 1096 -25.50 50.52 58.05
N ASP A 1097 -26.80 50.79 58.25
CA ASP A 1097 -27.21 52.17 58.49
C ASP A 1097 -26.72 52.67 59.84
N PHE A 1098 -26.71 51.80 60.85
CA PHE A 1098 -26.14 52.17 62.14
C PHE A 1098 -24.64 52.35 62.05
N LEU A 1099 -23.97 51.54 61.23
CA LEU A 1099 -22.54 51.74 61.00
C LEU A 1099 -22.26 53.08 60.32
N LEU A 1100 -23.09 53.44 59.35
CA LEU A 1100 -22.95 54.73 58.69
C LEU A 1100 -23.20 55.88 59.68
N LEU A 1101 -24.23 55.74 60.52
CA LEU A 1101 -24.48 56.76 61.54
C LEU A 1101 -23.34 56.83 62.54
N LEU A 1102 -22.67 55.71 62.80
CA LEU A 1102 -21.53 55.73 63.71
C LEU A 1102 -20.35 56.46 63.09
N CYS A 1103 -20.09 56.24 61.81
CA CYS A 1103 -19.03 56.97 61.13
C CYS A 1103 -19.36 58.46 61.07
N ALA A 1104 -20.63 58.79 60.81
CA ALA A 1104 -21.03 60.20 60.79
C ALA A 1104 -20.93 60.85 62.16
N SER A 1105 -21.19 60.09 63.24
CA SER A 1105 -21.00 60.61 64.58
C SER A 1105 -19.52 60.85 64.86
N GLN A 1106 -18.66 59.93 64.44
CA GLN A 1106 -17.23 60.12 64.61
C GLN A 1106 -16.77 61.37 63.87
N GLN A 1107 -17.29 61.59 62.66
CA GLN A 1107 -16.97 62.80 61.92
C GLN A 1107 -17.49 64.05 62.64
N TRP A 1108 -18.71 63.99 63.16
CA TRP A 1108 -19.28 65.13 63.88
C TRP A 1108 -18.48 65.43 65.14
N GLN A 1109 -17.85 64.41 65.73
CA GLN A 1109 -16.90 64.63 66.79
C GLN A 1109 -15.66 65.36 66.26
N VAL A 1110 -14.94 64.75 65.33
CA VAL A 1110 -13.58 65.18 65.02
C VAL A 1110 -13.52 66.25 63.94
N PHE A 1111 -14.68 66.83 63.57
CA PHE A 1111 -14.65 67.91 62.58
C PHE A 1111 -13.83 69.09 63.07
N SER A 1112 -14.05 69.52 64.31
CA SER A 1112 -13.54 70.79 64.82
C SER A 1112 -12.19 70.67 65.50
N ALA A 1113 -11.33 69.75 65.03
CA ALA A 1113 -10.02 69.52 65.64
C ALA A 1113 -9.13 70.71 65.30
N GLU A 1114 -9.25 71.76 66.12
CA GLU A 1114 -8.51 73.01 65.94
C GLU A 1114 -7.23 73.03 66.79
N ARG A 1115 -6.59 71.89 66.95
CA ARG A 1115 -5.31 71.79 67.64
C ARG A 1115 -4.13 71.63 66.68
N THR A 1116 -4.23 70.69 65.75
CA THR A 1116 -3.23 70.49 64.70
C THR A 1116 -1.82 70.31 65.25
N ASN A 1138 6.34 73.92 51.45
CA ASN A 1138 5.94 73.59 50.09
C ASN A 1138 6.99 72.79 49.31
N PRO A 1139 7.37 71.59 49.79
CA PRO A 1139 8.31 70.76 49.01
C PRO A 1139 7.64 70.10 47.80
N ILE A 1140 6.77 70.83 47.13
CA ILE A 1140 6.02 70.31 45.98
C ILE A 1140 6.92 70.09 44.77
N PRO A 1141 7.81 71.02 44.40
CA PRO A 1141 8.68 70.75 43.24
C PRO A 1141 9.63 69.59 43.47
N ASN A 1142 9.91 69.25 44.72
CA ASN A 1142 10.52 67.95 44.97
C ASN A 1142 9.64 66.86 44.41
N PHE A 1143 8.33 66.99 44.54
CA PHE A 1143 7.46 65.95 44.00
C PHE A 1143 7.16 66.16 42.50
N ILE A 1144 8.18 66.49 41.69
CA ILE A 1144 7.99 66.51 40.23
C ILE A 1144 8.97 65.59 39.54
N HIS A 1145 9.85 64.94 40.31
CA HIS A 1145 10.90 64.04 39.87
C HIS A 1145 11.04 63.01 40.99
N CYS A 1146 11.75 61.93 40.70
CA CYS A 1146 11.93 60.85 41.66
C CYS A 1146 13.30 60.97 42.29
N ARG A 1147 13.32 61.42 43.55
CA ARG A 1147 14.50 61.55 44.37
C ARG A 1147 14.44 60.67 45.61
N SER A 1148 13.32 60.00 45.84
CA SER A 1148 13.14 59.08 46.96
C SER A 1148 11.93 58.21 46.65
N TYR A 1149 11.77 57.15 47.45
CA TYR A 1149 10.62 56.27 47.25
C TYR A 1149 9.33 57.03 47.45
N LEU A 1150 9.33 57.92 48.45
CA LEU A 1150 8.12 58.67 48.79
C LEU A 1150 7.66 59.50 47.61
N ASP A 1151 8.59 60.13 46.92
CA ASP A 1151 8.20 60.96 45.78
C ASP A 1151 8.05 60.16 44.50
N MET A 1152 8.72 59.01 44.39
CA MET A 1152 8.43 58.10 43.29
C MET A 1152 6.98 57.63 43.31
N LEU A 1153 6.40 57.47 44.50
CA LEU A 1153 4.96 57.20 44.57
C LEU A 1153 4.12 58.47 44.58
N LYS A 1154 4.68 59.57 45.10
CA LYS A 1154 3.94 60.83 45.20
C LYS A 1154 3.59 61.35 43.81
N VAL A 1155 4.53 61.29 42.88
CA VAL A 1155 4.27 61.80 41.53
C VAL A 1155 3.16 60.98 40.89
N ALA A 1156 3.19 59.67 41.08
CA ALA A 1156 2.16 58.80 40.52
C ALA A 1156 0.80 59.15 41.09
N VAL A 1157 0.74 59.40 42.40
CA VAL A 1157 -0.54 59.75 43.01
C VAL A 1157 -1.05 61.07 42.46
N PHE A 1158 -0.18 62.06 42.33
CA PHE A 1158 -0.60 63.37 41.83
C PHE A 1158 -1.03 63.35 40.37
N ARG A 1159 -0.31 62.62 39.51
CA ARG A 1159 -0.58 62.68 38.08
C ARG A 1159 -1.18 61.40 37.50
N TYR A 1160 -0.59 60.24 37.78
CA TYR A 1160 -1.07 59.00 37.17
C TYR A 1160 -2.52 58.69 37.57
N LEU A 1161 -2.89 59.02 38.81
CA LEU A 1161 -4.23 58.71 39.29
C LEU A 1161 -5.31 59.39 38.44
N PHE A 1162 -5.06 60.63 38.00
CA PHE A 1162 -6.07 61.31 37.20
C PHE A 1162 -6.36 60.53 35.93
N TRP A 1163 -5.32 60.04 35.26
CA TRP A 1163 -5.52 59.23 34.06
C TRP A 1163 -6.22 57.93 34.43
N LEU A 1164 -5.84 57.34 35.56
CA LEU A 1164 -6.42 56.06 35.98
C LEU A 1164 -7.93 56.19 36.19
N VAL A 1165 -8.37 57.31 36.76
CA VAL A 1165 -9.78 57.50 37.05
C VAL A 1165 -10.61 57.44 35.78
N LEU A 1166 -10.09 57.96 34.67
CA LEU A 1166 -10.83 57.91 33.43
C LEU A 1166 -11.07 56.46 33.01
N VAL A 1167 -10.05 55.62 33.14
CA VAL A 1167 -10.16 54.21 32.77
C VAL A 1167 -11.13 53.49 33.69
N VAL A 1168 -11.05 53.74 35.00
CA VAL A 1168 -11.96 53.07 35.92
C VAL A 1168 -13.40 53.51 35.65
N VAL A 1169 -13.60 54.79 35.33
CA VAL A 1169 -14.94 55.26 35.00
C VAL A 1169 -15.46 54.56 33.76
N PHE A 1170 -14.60 54.40 32.75
CA PHE A 1170 -15.02 53.71 31.53
C PHE A 1170 -15.40 52.27 31.83
N VAL A 1171 -14.62 51.59 32.66
CA VAL A 1171 -14.92 50.20 32.98
C VAL A 1171 -16.14 50.07 33.88
N ALA A 1172 -16.46 51.10 34.66
CA ALA A 1172 -17.74 51.12 35.36
C ALA A 1172 -18.89 51.29 34.38
N GLY A 1173 -18.69 52.12 33.36
CA GLY A 1173 -19.67 52.23 32.29
C GLY A 1173 -19.80 50.99 31.43
N ALA A 1174 -18.78 50.14 31.43
CA ALA A 1174 -18.76 48.94 30.60
C ALA A 1174 -19.48 47.76 31.25
N THR A 1175 -19.01 47.32 32.42
CA THR A 1175 -19.51 46.11 33.04
C THR A 1175 -20.78 46.46 33.82
N ARG A 1176 -21.85 46.67 33.05
CA ARG A 1176 -23.26 46.53 33.39
C ARG A 1176 -24.07 46.85 32.13
N ILE A 1177 -25.39 46.74 32.21
CA ILE A 1177 -26.22 46.93 31.03
C ILE A 1177 -26.42 48.41 30.79
N SER A 1178 -26.53 48.78 29.51
CA SER A 1178 -26.67 50.18 29.10
C SER A 1178 -28.06 50.70 29.45
N ILE A 1179 -28.28 50.95 30.73
CA ILE A 1179 -29.46 51.67 31.16
C ILE A 1179 -29.17 53.15 31.40
N PHE A 1180 -27.98 53.46 31.93
CA PHE A 1180 -27.52 54.84 32.07
C PHE A 1180 -26.02 54.97 31.86
N GLY A 1181 -25.33 53.89 31.49
CA GLY A 1181 -23.88 53.95 31.38
C GLY A 1181 -23.39 54.74 30.19
N LEU A 1182 -24.28 55.05 29.25
CA LEU A 1182 -23.87 55.72 28.01
C LEU A 1182 -23.18 57.03 28.32
N GLY A 1183 -23.71 57.78 29.28
CA GLY A 1183 -23.10 59.06 29.65
C GLY A 1183 -21.61 58.97 29.88
N TYR A 1184 -21.12 57.85 30.41
CA TYR A 1184 -19.70 57.82 30.75
C TYR A 1184 -18.84 57.63 29.52
N LEU A 1185 -19.40 57.09 28.44
CA LEU A 1185 -18.70 57.13 27.17
C LEU A 1185 -18.56 58.56 26.70
N LEU A 1186 -19.60 59.37 26.88
CA LEU A 1186 -19.45 60.78 26.54
C LEU A 1186 -18.37 61.39 27.40
N ALA A 1187 -18.21 60.89 28.63
CA ALA A 1187 -17.16 61.42 29.48
C ALA A 1187 -15.81 61.10 28.88
N CYS A 1188 -15.61 59.87 28.40
CA CYS A 1188 -14.33 59.56 27.80
C CYS A 1188 -14.21 60.20 26.44
N PHE A 1189 -15.34 60.63 25.86
CA PHE A 1189 -15.26 61.51 24.72
C PHE A 1189 -14.71 62.87 25.14
N TYR A 1190 -15.34 63.50 26.13
CA TYR A 1190 -14.90 64.83 26.53
C TYR A 1190 -13.60 64.77 27.33
N LEU A 1191 -13.57 63.92 28.37
CA LEU A 1191 -12.46 63.95 29.32
C LEU A 1191 -11.14 63.65 28.62
N LEU A 1192 -11.12 62.61 27.80
CA LEU A 1192 -9.87 62.25 27.17
C LEU A 1192 -9.51 63.21 26.04
N LEU A 1193 -10.51 63.79 25.36
CA LEU A 1193 -10.21 64.76 24.32
C LEU A 1193 -9.53 66.00 24.91
N PHE A 1194 -10.08 66.55 25.98
CA PHE A 1194 -9.59 67.77 26.59
C PHE A 1194 -8.74 67.53 27.84
N GLY A 1195 -8.31 66.31 28.10
CA GLY A 1195 -7.65 66.01 29.36
C GLY A 1195 -6.46 66.92 29.64
N THR A 1196 -5.60 67.09 28.64
CA THR A 1196 -4.46 67.99 28.83
C THR A 1196 -4.94 69.41 29.07
N THR A 1197 -5.89 69.88 28.25
CA THR A 1197 -6.41 71.23 28.43
C THR A 1197 -7.16 71.35 29.77
N LEU A 1198 -7.88 70.29 30.16
CA LEU A 1198 -8.58 70.33 31.44
C LEU A 1198 -7.59 70.53 32.58
N LEU A 1199 -6.47 69.81 32.56
CA LEU A 1199 -5.45 70.05 33.56
C LEU A 1199 -4.87 71.44 33.44
N GLN A 1200 -4.79 71.97 32.21
CA GLN A 1200 -4.16 73.24 31.93
C GLN A 1200 -5.07 74.44 32.11
N LYS A 1201 -6.30 74.27 32.60
CA LYS A 1201 -7.14 75.46 32.69
C LYS A 1201 -7.04 76.21 34.01
N ASP A 1202 -8.01 76.00 34.90
CA ASP A 1202 -8.03 76.67 36.19
C ASP A 1202 -8.76 75.79 37.19
N THR A 1203 -8.48 76.04 38.47
CA THR A 1203 -9.13 75.25 39.53
C THR A 1203 -10.64 75.45 39.51
N ARG A 1204 -11.09 76.69 39.29
CA ARG A 1204 -12.52 77.00 39.31
C ARG A 1204 -13.32 76.13 38.34
N ALA A 1205 -12.82 75.98 37.11
CA ALA A 1205 -13.60 75.21 36.14
C ALA A 1205 -13.34 73.72 36.24
N GLN A 1206 -12.16 73.32 36.70
CA GLN A 1206 -11.94 71.91 36.99
C GLN A 1206 -12.92 71.44 38.04
N LEU A 1207 -13.03 72.19 39.14
CA LEU A 1207 -13.99 71.83 40.18
C LEU A 1207 -15.43 71.99 39.70
N VAL A 1208 -15.72 72.92 38.79
CA VAL A 1208 -17.07 73.02 38.25
C VAL A 1208 -17.44 71.73 37.51
N LEU A 1209 -16.58 71.27 36.61
CA LEU A 1209 -16.94 70.09 35.82
C LEU A 1209 -16.86 68.82 36.65
N TRP A 1210 -15.99 68.78 37.65
CA TRP A 1210 -15.96 67.61 38.53
C TRP A 1210 -17.21 67.56 39.41
N ASP A 1211 -17.69 68.73 39.85
CA ASP A 1211 -18.92 68.77 40.61
C ASP A 1211 -20.10 68.36 39.74
N CYS A 1212 -20.10 68.79 38.48
CA CYS A 1212 -21.12 68.33 37.54
C CYS A 1212 -21.09 66.81 37.40
N LEU A 1213 -19.90 66.23 37.31
CA LEU A 1213 -19.81 64.78 37.10
C LEU A 1213 -20.25 64.01 38.34
N ILE A 1214 -19.84 64.48 39.53
CA ILE A 1214 -20.26 63.77 40.73
C ILE A 1214 -21.75 63.99 40.97
N LEU A 1215 -22.29 65.12 40.51
CA LEU A 1215 -23.74 65.34 40.59
C LEU A 1215 -24.47 64.36 39.69
N TYR A 1216 -23.94 64.10 38.50
CA TYR A 1216 -24.57 63.12 37.61
C TYR A 1216 -24.40 61.70 38.14
N ASN A 1217 -23.34 61.45 38.91
CA ASN A 1217 -23.18 60.13 39.52
C ASN A 1217 -24.18 59.92 40.65
N VAL A 1218 -24.33 60.92 41.52
CA VAL A 1218 -25.27 60.75 42.63
C VAL A 1218 -26.71 60.92 42.16
N THR A 1219 -26.91 61.52 40.99
CA THR A 1219 -28.15 61.34 40.24
C THR A 1219 -28.39 59.87 39.92
N VAL A 1220 -27.44 59.26 39.21
CA VAL A 1220 -27.74 57.99 38.56
C VAL A 1220 -27.77 56.84 39.57
N ILE A 1221 -27.15 56.99 40.73
CA ILE A 1221 -27.28 55.95 41.75
C ILE A 1221 -28.70 55.91 42.30
N ILE A 1222 -29.26 57.08 42.64
CA ILE A 1222 -30.62 57.10 43.14
C ILE A 1222 -31.60 56.77 42.03
N SER A 1223 -31.28 57.10 40.77
CA SER A 1223 -32.12 56.67 39.67
C SER A 1223 -32.13 55.15 39.56
N LYS A 1224 -30.99 54.51 39.84
CA LYS A 1224 -30.95 53.06 39.86
C LYS A 1224 -31.47 52.49 41.17
N ASN A 1225 -31.88 53.35 42.11
CA ASN A 1225 -32.65 52.91 43.26
C ASN A 1225 -34.15 52.98 43.03
N MET A 1226 -34.61 53.61 41.94
CA MET A 1226 -36.02 53.86 41.67
C MET A 1226 -36.62 52.80 40.76
N LEU A 1227 -36.24 51.54 40.89
CA LEU A 1227 -36.73 50.51 39.99
C LEU A 1227 -38.06 49.92 40.42
N SER A 1228 -38.44 50.07 41.67
CA SER A 1228 -39.71 49.52 42.16
C SER A 1228 -40.20 50.29 43.39
N ALA A 1278 -24.19 45.75 46.65
CA ALA A 1278 -25.00 44.76 45.95
C ALA A 1278 -24.54 44.61 44.51
N GLY A 1279 -25.10 45.44 43.64
CA GLY A 1279 -24.81 45.34 42.22
C GLY A 1279 -24.53 46.71 41.61
N ILE A 1280 -23.94 47.59 42.41
CA ILE A 1280 -23.71 48.98 42.03
C ILE A 1280 -22.25 49.28 42.32
N ILE A 1281 -21.44 48.21 42.37
CA ILE A 1281 -20.11 48.31 42.96
C ILE A 1281 -19.20 49.19 42.12
N TRP A 1282 -19.35 49.14 40.79
CA TRP A 1282 -18.52 49.94 39.91
C TRP A 1282 -18.84 51.42 40.09
N ASP A 1283 -20.12 51.73 40.27
CA ASP A 1283 -20.52 53.11 40.53
C ASP A 1283 -19.92 53.60 41.85
N SER A 1284 -19.93 52.73 42.88
CA SER A 1284 -19.36 53.13 44.16
C SER A 1284 -17.87 53.38 44.06
N ILE A 1285 -17.12 52.49 43.40
CA ILE A 1285 -15.68 52.70 43.31
C ILE A 1285 -15.36 53.95 42.49
N CYS A 1286 -16.06 54.16 41.36
CA CYS A 1286 -15.78 55.38 40.61
C CYS A 1286 -16.12 56.61 41.43
N PHE A 1287 -17.20 56.54 42.22
CA PHE A 1287 -17.55 57.65 43.10
C PHE A 1287 -16.40 57.95 44.06
N PHE A 1288 -15.84 56.90 44.65
CA PHE A 1288 -14.72 57.07 45.56
C PHE A 1288 -13.54 57.72 44.84
N PHE A 1289 -13.27 57.29 43.60
CA PHE A 1289 -12.20 57.90 42.83
C PHE A 1289 -12.46 59.38 42.55
N LEU A 1290 -13.71 59.74 42.25
CA LEU A 1290 -14.03 61.15 42.02
C LEU A 1290 -13.80 62.00 43.27
N LEU A 1291 -14.22 61.51 44.44
CA LEU A 1291 -13.91 62.27 45.65
C LEU A 1291 -12.41 62.38 45.88
N LEU A 1292 -11.67 61.28 45.67
CA LEU A 1292 -10.23 61.33 45.88
C LEU A 1292 -9.55 62.33 44.94
N GLN A 1293 -9.94 62.31 43.66
CA GLN A 1293 -9.38 63.28 42.72
C GLN A 1293 -9.80 64.70 43.06
N ARG A 1294 -11.03 64.90 43.54
CA ARG A 1294 -11.45 66.23 43.95
C ARG A 1294 -10.59 66.75 45.09
N ARG A 1295 -10.29 65.87 46.05
CA ARG A 1295 -9.38 66.25 47.13
C ARG A 1295 -8.00 66.61 46.59
N ILE A 1296 -7.51 65.83 45.62
CA ILE A 1296 -6.24 66.15 44.99
C ILE A 1296 -6.29 67.53 44.35
N PHE A 1297 -7.38 67.79 43.62
CA PHE A 1297 -7.49 68.97 42.78
C PHE A 1297 -7.74 70.23 43.60
N LEU A 1298 -8.23 70.10 44.82
CA LEU A 1298 -8.22 71.23 45.74
C LEU A 1298 -6.80 71.54 46.20
N SER A 1299 -5.98 70.51 46.41
CA SER A 1299 -4.83 70.62 47.27
C SER A 1299 -3.81 71.60 46.69
N HIS A 1300 -3.15 72.36 47.57
CA HIS A 1300 -2.13 73.32 47.17
C HIS A 1300 -0.76 72.71 46.98
N TYR A 1301 -0.63 71.38 47.08
CA TYR A 1301 0.64 70.75 46.72
C TYR A 1301 0.77 70.54 45.22
N PHE A 1302 -0.35 70.23 44.55
CA PHE A 1302 -0.34 69.96 43.12
C PHE A 1302 -0.07 71.20 42.26
N LEU A 1303 -0.16 72.40 42.83
CA LEU A 1303 -0.04 73.62 42.02
C LEU A 1303 1.25 73.65 41.19
N HIS A 1304 2.35 73.17 41.74
CA HIS A 1304 3.59 73.22 40.97
C HIS A 1304 3.69 72.10 39.96
N VAL A 1305 3.00 70.99 40.20
CA VAL A 1305 2.87 70.00 39.13
C VAL A 1305 2.07 70.62 38.01
N SER A 1306 1.11 71.48 38.34
CA SER A 1306 0.38 72.17 37.29
C SER A 1306 1.29 73.16 36.58
N ALA A 1307 2.22 73.77 37.31
CA ALA A 1307 3.19 74.62 36.65
C ALA A 1307 4.12 73.79 35.79
N ASP A 1308 4.37 72.55 36.21
CA ASP A 1308 5.14 71.63 35.37
C ASP A 1308 4.43 71.48 34.04
N LEU A 1309 3.10 71.37 34.06
CA LEU A 1309 2.42 71.11 32.81
C LEU A 1309 2.31 72.37 32.00
N LYS A 1310 2.31 73.53 32.67
CA LYS A 1310 2.40 74.79 31.93
C LYS A 1310 3.72 74.83 31.17
N ALA A 1311 4.79 74.35 31.81
CA ALA A 1311 6.07 74.31 31.12
C ALA A 1311 5.99 73.40 29.90
N THR A 1312 5.35 72.24 30.05
CA THR A 1312 5.22 71.34 28.91
C THR A 1312 4.36 71.93 27.80
N ALA A 1313 3.52 72.93 28.11
CA ALA A 1313 2.82 73.64 27.05
C ALA A 1313 3.75 74.57 26.26
N LEU A 1314 4.78 75.10 26.91
CA LEU A 1314 5.65 76.06 26.23
C LEU A 1314 6.66 75.39 25.29
N GLN A 1315 7.28 74.29 25.72
CA GLN A 1315 8.53 73.82 25.14
C GLN A 1315 8.38 72.96 23.90
N ALA A 1316 7.20 72.90 23.26
CA ALA A 1316 6.98 71.87 22.25
C ALA A 1316 7.74 72.18 20.96
N SER A 1317 7.81 73.44 20.56
CA SER A 1317 8.41 73.79 19.29
C SER A 1317 9.92 73.57 19.30
N ARG A 1318 10.57 73.76 20.45
CA ARG A 1318 12.00 73.48 20.52
C ARG A 1318 12.27 72.00 20.34
N GLY A 1319 11.42 71.14 20.90
CA GLY A 1319 11.60 69.71 20.70
C GLY A 1319 11.32 69.29 19.26
N PHE A 1320 10.34 69.93 18.62
CA PHE A 1320 10.10 69.68 17.21
C PHE A 1320 11.33 70.05 16.37
N ALA A 1321 11.92 71.21 16.64
CA ALA A 1321 13.14 71.60 15.93
C ALA A 1321 14.31 70.67 16.26
N LEU A 1322 14.34 70.12 17.48
CA LEU A 1322 15.41 69.19 17.83
C LEU A 1322 15.27 67.88 17.06
N TYR A 1323 14.04 67.38 16.93
CA TYR A 1323 13.82 66.18 16.12
C TYR A 1323 14.17 66.44 14.66
N ASN A 1324 13.82 67.64 14.16
CA ASN A 1324 14.21 68.02 12.80
C ASN A 1324 15.73 68.02 12.64
N ALA A 1325 16.45 68.57 13.61
CA ALA A 1325 17.90 68.60 13.51
C ALA A 1325 18.48 67.19 13.55
N ALA A 1326 17.89 66.31 14.36
CA ALA A 1326 18.41 64.95 14.47
C ALA A 1326 18.19 64.19 13.17
N ASN A 1327 17.04 64.36 12.53
CA ASN A 1327 16.86 63.63 11.28
C ASN A 1327 17.62 64.26 10.13
N LEU A 1328 17.90 65.57 10.19
CA LEU A 1328 18.82 66.16 9.24
C LEU A 1328 20.23 65.58 9.41
N LYS A 1329 20.65 65.37 10.66
CA LYS A 1329 21.94 64.74 10.90
C LYS A 1329 21.98 63.33 10.35
N SER A 1330 20.88 62.59 10.50
CA SER A 1330 20.82 61.24 9.92
C SER A 1330 20.91 61.29 8.40
N ILE A 1331 20.16 62.20 7.78
CA ILE A 1331 20.13 62.28 6.33
C ILE A 1331 21.49 62.65 5.78
N ASN A 1332 22.21 63.56 6.45
CA ASN A 1332 23.51 63.90 5.89
C ASN A 1332 24.61 62.93 6.29
N PHE A 1333 24.35 62.06 7.28
CA PHE A 1333 25.30 60.99 7.53
C PHE A 1333 25.12 59.88 6.51
N HIS A 1334 23.91 59.71 6.01
CA HIS A 1334 23.70 58.68 5.00
C HIS A 1334 24.09 59.21 3.63
N ARG A 1335 23.95 60.51 3.41
CA ARG A 1335 24.47 61.10 2.19
C ARG A 1335 25.98 60.98 2.13
N GLN A 1336 26.66 61.16 3.27
CA GLN A 1336 28.11 61.04 3.25
C GLN A 1336 28.54 59.59 3.10
N ILE A 1337 27.79 58.65 3.69
CA ILE A 1337 28.11 57.24 3.50
C ILE A 1337 27.93 56.85 2.03
N GLU A 1338 26.89 57.36 1.38
CA GLU A 1338 26.67 57.01 -0.02
C GLU A 1338 27.73 57.63 -0.92
N GLU A 1339 28.20 58.83 -0.60
CA GLU A 1339 29.26 59.41 -1.43
C GLU A 1339 30.56 58.65 -1.26
N LYS A 1340 30.90 58.26 -0.03
CA LYS A 1340 32.11 57.47 0.18
C LYS A 1340 32.02 56.13 -0.54
N SER A 1341 30.85 55.48 -0.48
CA SER A 1341 30.72 54.17 -1.11
C SER A 1341 30.76 54.28 -2.64
N LEU A 1342 30.21 55.35 -3.20
CA LEU A 1342 30.27 55.53 -4.65
C LEU A 1342 31.69 55.81 -5.10
N ALA A 1343 32.45 56.58 -4.31
CA ALA A 1343 33.86 56.80 -4.63
C ALA A 1343 34.63 55.48 -4.57
N GLN A 1344 34.34 54.65 -3.57
CA GLN A 1344 35.03 53.36 -3.45
C GLN A 1344 34.73 52.47 -4.66
N LEU A 1345 33.46 52.41 -5.07
CA LEU A 1345 33.10 51.57 -6.21
C LEU A 1345 33.72 52.10 -7.50
N LYS A 1346 33.81 53.44 -7.64
CA LYS A 1346 34.45 54.00 -8.81
C LYS A 1346 35.94 53.66 -8.83
N ARG A 1347 36.58 53.67 -7.66
CA ARG A 1347 37.99 53.28 -7.60
C ARG A 1347 38.16 51.83 -8.03
N GLN A 1348 37.22 50.97 -7.60
CA GLN A 1348 37.31 49.55 -7.95
C GLN A 1348 37.19 49.36 -9.46
N MET A 1349 36.20 50.02 -10.07
CA MET A 1349 36.01 49.86 -11.51
C MET A 1349 37.17 50.46 -12.29
N LYS A 1350 37.72 51.59 -11.83
CA LYS A 1350 38.90 52.15 -12.46
C LYS A 1350 40.04 51.14 -12.46
N ARG A 1351 40.35 50.57 -11.29
CA ARG A 1351 41.48 49.65 -11.19
C ARG A 1351 41.26 48.40 -12.04
N ILE A 1352 40.03 47.89 -12.05
CA ILE A 1352 39.75 46.68 -12.83
C ILE A 1352 39.89 46.95 -14.32
N ARG A 1353 39.35 48.08 -14.80
CA ARG A 1353 39.48 48.39 -16.21
C ARG A 1353 40.91 48.66 -16.61
N ALA A 1354 41.70 49.26 -15.71
CA ALA A 1354 43.10 49.49 -16.05
C ALA A 1354 43.89 48.19 -16.11
N LYS A 1355 43.53 47.21 -15.28
CA LYS A 1355 44.23 45.93 -15.38
C LYS A 1355 43.80 45.16 -16.62
N GLN A 1356 42.51 45.22 -16.97
CA GLN A 1356 42.08 44.48 -18.14
C GLN A 1356 42.58 45.13 -19.42
N GLU A 1357 42.78 46.46 -19.40
CA GLU A 1357 43.42 47.10 -20.53
C GLU A 1357 44.90 46.74 -20.61
N LYS A 1358 45.56 46.61 -19.47
CA LYS A 1358 46.96 46.16 -19.47
C LYS A 1358 47.07 44.76 -20.06
N TYR A 1359 46.16 43.86 -19.67
CA TYR A 1359 46.26 42.49 -20.15
C TYR A 1359 45.86 42.37 -21.61
N ARG A 1360 44.93 43.19 -22.12
CA ARG A 1360 44.73 43.11 -23.56
C ARG A 1360 45.84 43.83 -24.32
N GLN A 1361 46.57 44.71 -23.65
CA GLN A 1361 47.71 45.38 -24.28
C GLN A 1361 48.83 44.37 -24.49
N SER A 1362 49.25 43.70 -23.42
CA SER A 1362 50.29 42.70 -23.61
C SER A 1362 49.75 41.39 -24.14
N GLN A 1363 48.43 41.28 -24.37
CA GLN A 1363 47.88 40.22 -25.19
C GLN A 1363 48.14 40.48 -26.67
N ALA A 1364 47.82 41.69 -27.14
CA ALA A 1364 47.93 41.98 -28.56
C ALA A 1364 49.37 42.03 -29.03
N SER A 1365 50.33 42.22 -28.13
CA SER A 1365 51.73 42.25 -28.50
C SER A 1365 52.29 40.85 -28.69
N VAL A 1382 35.01 34.43 -27.53
CA VAL A 1382 35.66 35.55 -26.88
C VAL A 1382 35.77 35.30 -25.38
N ILE A 1383 34.87 34.46 -24.87
CA ILE A 1383 34.97 34.00 -23.48
C ILE A 1383 36.09 32.97 -23.34
N HIS A 1384 36.17 32.03 -24.27
CA HIS A 1384 37.15 30.94 -24.19
C HIS A 1384 38.50 31.38 -24.72
N SER A 1385 39.02 32.51 -24.22
CA SER A 1385 40.36 33.00 -24.58
C SER A 1385 41.08 33.41 -23.30
N GLY A 1386 41.73 32.45 -22.66
CA GLY A 1386 42.63 32.72 -21.56
C GLY A 1386 44.00 32.10 -21.80
N ASP A 1387 45.02 32.69 -21.19
CA ASP A 1387 46.37 32.18 -21.33
C ASP A 1387 47.14 32.44 -20.04
N TYR A 1388 48.24 31.69 -19.87
CA TYR A 1388 48.97 31.70 -18.60
C TYR A 1388 49.48 33.08 -18.23
N PHE A 1389 49.78 33.93 -19.21
CA PHE A 1389 50.32 35.25 -18.92
C PHE A 1389 49.33 36.15 -18.21
N LEU A 1390 48.09 35.70 -18.03
CA LEU A 1390 47.10 36.42 -17.24
C LEU A 1390 47.29 36.25 -15.74
N PHE A 1391 48.33 35.52 -15.31
CA PHE A 1391 48.43 35.04 -13.94
C PHE A 1391 49.75 35.46 -13.30
N GLU A 1392 50.08 36.74 -13.44
CA GLU A 1392 51.30 37.26 -12.83
C GLU A 1392 51.03 37.59 -11.37
N SER A 1393 52.04 37.39 -10.53
CA SER A 1393 51.86 37.66 -9.11
C SER A 1393 51.75 39.16 -8.88
N ASP A 1394 50.54 39.69 -9.01
CA ASP A 1394 50.29 41.12 -8.87
C ASP A 1394 49.72 41.44 -7.49
N SER A 1395 50.54 41.20 -6.46
CA SER A 1395 50.31 41.85 -5.17
C SER A 1395 50.81 43.29 -5.16
N GLU A 1396 51.57 43.69 -6.18
CA GLU A 1396 51.93 45.07 -6.49
C GLU A 1396 50.85 46.09 -6.14
N GLU A 1397 49.60 45.85 -6.56
CA GLU A 1397 48.56 46.84 -6.37
C GLU A 1397 47.81 46.70 -5.04
N GLU A 1398 47.25 45.51 -4.76
CA GLU A 1398 46.49 45.34 -3.53
C GLU A 1398 47.42 45.33 -2.32
N GLU A 1399 46.82 45.16 -1.14
CA GLU A 1399 47.54 45.14 0.12
C GLU A 1399 48.63 44.06 0.13
N PHE A 1480 25.00 31.11 43.99
CA PHE A 1480 25.75 30.81 42.77
C PHE A 1480 24.89 31.09 41.54
N LEU A 1481 23.61 30.74 41.60
CA LEU A 1481 22.71 31.04 40.49
C LEU A 1481 22.24 32.48 40.48
N TRP A 1482 22.31 33.17 41.63
CA TRP A 1482 21.77 34.52 41.70
C TRP A 1482 22.68 35.53 41.03
N VAL A 1483 23.99 35.27 40.98
CA VAL A 1483 24.87 36.13 40.19
C VAL A 1483 24.56 35.95 38.71
N LEU A 1484 24.22 34.73 38.29
CA LEU A 1484 23.83 34.51 36.91
C LEU A 1484 22.54 35.25 36.59
N GLY A 1485 21.56 35.19 37.50
CA GLY A 1485 20.32 35.90 37.29
C GLY A 1485 20.53 37.40 37.20
N GLN A 1486 21.31 37.95 38.13
CA GLN A 1486 21.57 39.39 38.12
C GLN A 1486 22.31 39.80 36.85
N ALA A 1487 23.25 38.96 36.39
CA ALA A 1487 23.97 39.28 35.17
C ALA A 1487 23.06 39.25 33.95
N THR A 1488 22.17 38.26 33.89
CA THR A 1488 21.28 38.17 32.74
C THR A 1488 20.27 39.33 32.72
N VAL A 1489 19.77 39.72 33.89
CA VAL A 1489 18.82 40.83 33.89
C VAL A 1489 19.53 42.17 33.68
N ASP A 1490 20.80 42.27 34.05
CA ASP A 1490 21.55 43.48 33.75
C ASP A 1490 21.91 43.55 32.27
N GLY A 1491 22.16 42.40 31.63
CA GLY A 1491 22.34 42.41 30.20
C GLY A 1491 21.07 42.75 29.45
N LEU A 1492 19.93 42.29 29.96
CA LEU A 1492 18.66 42.60 29.30
C LEU A 1492 18.30 44.07 29.47
N THR A 1493 18.57 44.65 30.65
CA THR A 1493 18.31 46.07 30.80
C THR A 1493 19.36 46.93 30.11
N ARG A 1494 20.56 46.40 29.87
CA ARG A 1494 21.51 47.10 29.01
C ARG A 1494 21.06 47.10 27.56
N TRP A 1495 20.53 45.98 27.09
CA TRP A 1495 19.96 45.94 25.73
C TRP A 1495 18.80 46.91 25.61
N LEU A 1496 17.96 47.01 26.64
CA LEU A 1496 16.85 47.94 26.59
C LEU A 1496 17.32 49.39 26.67
N ARG A 1497 18.38 49.66 27.44
CA ARG A 1497 18.98 50.99 27.41
C ARG A 1497 19.51 51.32 26.02
N ALA A 1498 20.18 50.36 25.38
CA ALA A 1498 20.70 50.59 24.04
C ALA A 1498 19.57 50.88 23.05
N PHE A 1499 18.40 50.25 23.24
CA PHE A 1499 17.28 50.59 22.37
C PHE A 1499 16.69 51.95 22.70
N THR A 1500 16.70 52.34 23.97
CA THR A 1500 16.04 53.58 24.38
C THR A 1500 16.91 54.82 24.24
N LYS A 1501 18.21 54.64 23.99
CA LYS A 1501 19.18 55.70 24.27
C LYS A 1501 18.80 57.06 23.70
N HIS A 1502 18.24 57.09 22.49
CA HIS A 1502 18.04 58.39 21.85
C HIS A 1502 16.82 59.12 22.41
N HIS A 1503 15.73 58.39 22.62
CA HIS A 1503 14.59 59.01 23.30
C HIS A 1503 14.92 59.32 24.75
N ARG A 1504 15.81 58.54 25.37
CA ARG A 1504 16.25 58.83 26.72
C ARG A 1504 17.01 60.16 26.77
N THR A 1505 17.91 60.37 25.81
CA THR A 1505 18.64 61.63 25.76
C THR A 1505 17.71 62.81 25.49
N MET A 1506 16.77 62.63 24.56
CA MET A 1506 15.84 63.70 24.26
C MET A 1506 14.98 64.04 25.48
N SER A 1507 14.47 63.00 26.16
CA SER A 1507 13.69 63.22 27.37
C SER A 1507 14.53 63.90 28.44
N ASP A 1508 15.80 63.54 28.54
CA ASP A 1508 16.65 64.12 29.58
C ASP A 1508 16.90 65.60 29.32
N VAL A 1509 17.27 65.94 28.09
CA VAL A 1509 17.54 67.36 27.79
C VAL A 1509 16.27 68.19 27.95
N LEU A 1510 15.13 67.71 27.45
CA LEU A 1510 13.90 68.45 27.64
C LEU A 1510 13.53 68.56 29.11
N CYS A 1511 13.72 67.49 29.89
CA CYS A 1511 13.41 67.52 31.31
C CYS A 1511 14.28 68.55 32.02
N ALA A 1512 15.57 68.59 31.70
CA ALA A 1512 16.46 69.56 32.33
C ALA A 1512 16.05 70.99 31.98
N GLU A 1513 15.71 71.22 30.70
CA GLU A 1513 15.27 72.56 30.31
C GLU A 1513 14.00 72.94 31.04
N ARG A 1514 13.07 71.99 31.16
CA ARG A 1514 11.82 72.24 31.87
C ARG A 1514 12.08 72.56 33.34
N TYR A 1515 12.98 71.81 33.96
CA TYR A 1515 13.30 72.05 35.36
C TYR A 1515 13.89 73.44 35.54
N LEU A 1516 14.80 73.83 34.66
CA LEU A 1516 15.39 75.16 34.75
C LEU A 1516 14.33 76.25 34.57
N LEU A 1517 13.45 76.06 33.58
CA LEU A 1517 12.41 77.06 33.35
C LEU A 1517 11.47 77.17 34.54
N THR A 1518 11.07 76.03 35.11
CA THR A 1518 10.18 76.04 36.26
C THR A 1518 10.84 76.70 37.47
N GLN A 1519 12.12 76.39 37.72
CA GLN A 1519 12.81 77.03 38.82
C GLN A 1519 12.89 78.54 38.61
N GLU A 1520 13.16 78.96 37.37
CA GLU A 1520 13.11 80.39 37.05
C GLU A 1520 11.70 80.92 37.22
N LEU A 1521 10.69 80.10 36.89
CA LEU A 1521 9.29 80.52 36.92
C LEU A 1521 8.74 80.46 38.35
N LEU A 1522 9.39 81.23 39.23
CA LEU A 1522 8.84 81.43 40.56
C LEU A 1522 7.89 82.63 40.59
N ARG A 1523 8.21 83.66 39.81
CA ARG A 1523 7.40 84.87 39.72
C ARG A 1523 6.78 85.03 38.34
N VAL A 1524 7.59 85.02 37.28
CA VAL A 1524 7.14 85.33 35.93
C VAL A 1524 7.89 84.45 34.94
N GLY A 1525 7.34 84.33 33.73
CA GLY A 1525 8.07 83.81 32.59
C GLY A 1525 7.70 84.50 31.30
N GLU A 1526 8.68 85.11 30.62
CA GLU A 1526 8.40 85.89 29.42
C GLU A 1526 9.33 85.66 28.24
N VAL A 1527 10.49 85.01 28.40
CA VAL A 1527 11.43 84.88 27.30
C VAL A 1527 11.73 83.41 27.03
N ARG A 1528 11.97 83.12 25.75
CA ARG A 1528 12.34 81.78 25.28
C ARG A 1528 13.79 81.72 24.82
N ARG A 1529 14.22 82.66 23.97
CA ARG A 1529 15.63 82.75 23.62
C ARG A 1529 16.48 83.19 24.80
N GLY A 1530 15.90 83.89 25.78
CA GLY A 1530 16.63 84.19 26.99
C GLY A 1530 16.91 82.97 27.84
N VAL A 1531 16.11 81.91 27.67
CA VAL A 1531 16.44 80.61 28.25
C VAL A 1531 17.30 79.78 27.31
N LEU A 1532 17.29 80.10 26.00
CA LEU A 1532 18.14 79.41 25.05
C LEU A 1532 19.62 79.74 25.22
N ASP A 1533 19.95 80.72 26.08
CA ASP A 1533 21.33 81.13 26.30
C ASP A 1533 21.70 81.14 27.77
N GLN A 1534 20.88 80.56 28.64
CA GLN A 1534 21.20 80.45 30.06
C GLN A 1534 22.01 79.19 30.34
N LEU A 1535 23.07 79.00 29.58
CA LEU A 1535 23.82 77.75 29.56
C LEU A 1535 24.48 77.48 30.91
N ALA A 1621 24.60 78.34 18.33
CA ALA A 1621 23.79 78.36 19.54
C ALA A 1621 22.34 78.03 19.22
N SER A 1622 21.97 78.15 17.94
CA SER A 1622 20.58 78.04 17.54
C SER A 1622 20.15 76.57 17.38
N GLU A 1623 20.74 75.88 16.40
CA GLU A 1623 20.26 74.56 15.97
C GLU A 1623 21.38 73.53 16.06
N LEU A 1624 21.48 72.86 17.20
CA LEU A 1624 22.52 71.84 17.41
C LEU A 1624 21.90 70.70 18.21
N LEU A 1625 22.76 69.77 18.66
CA LEU A 1625 22.43 68.87 19.77
C LEU A 1625 23.65 68.82 20.68
N LEU A 1626 23.73 69.75 21.63
CA LEU A 1626 24.86 69.84 22.52
C LEU A 1626 24.38 69.93 23.97
N ASP A 1627 25.31 69.66 24.88
CA ASP A 1627 25.03 69.64 26.32
C ASP A 1627 26.32 70.09 27.03
N ARG A 1628 26.41 71.39 27.28
CA ARG A 1628 27.63 72.02 27.78
C ARG A 1628 27.29 73.07 28.82
N ARG A 1629 26.39 72.75 29.75
CA ARG A 1629 25.72 73.78 30.53
C ARG A 1629 25.92 73.55 32.03
N LEU A 1630 25.15 74.29 32.83
CA LEU A 1630 25.18 74.19 34.28
C LEU A 1630 24.74 72.83 34.81
N HIS A 1631 24.75 72.68 36.13
CA HIS A 1631 24.41 71.43 36.80
C HIS A 1631 23.53 71.76 38.00
N ILE A 1632 22.25 71.44 37.90
CA ILE A 1632 21.32 71.67 39.01
C ILE A 1632 21.48 70.54 40.03
N PRO A 1633 21.72 70.84 41.30
CA PRO A 1633 21.92 69.77 42.28
C PRO A 1633 20.69 68.92 42.51
N GLU A 1634 19.49 69.43 42.25
CA GLU A 1634 18.29 68.61 42.39
C GLU A 1634 18.25 67.51 41.34
N LEU A 1635 18.67 67.83 40.11
CA LEU A 1635 18.70 66.82 39.07
C LEU A 1635 19.79 65.80 39.32
N GLU A 1636 20.97 66.25 39.76
CA GLU A 1636 22.03 65.31 40.13
C GLU A 1636 21.59 64.42 41.28
N GLU A 1637 20.81 64.95 42.22
CA GLU A 1637 20.32 64.15 43.33
C GLU A 1637 19.32 63.11 42.84
N ALA A 1638 18.46 63.48 41.89
CA ALA A 1638 17.52 62.52 41.33
C ALA A 1638 18.26 61.44 40.54
N GLU A 1639 19.32 61.83 39.85
CA GLU A 1639 20.10 60.86 39.08
C GLU A 1639 20.83 59.91 40.02
N ARG A 1640 21.31 60.41 41.16
CA ARG A 1640 21.94 59.53 42.13
C ARG A 1640 20.93 58.58 42.74
N PHE A 1641 19.71 59.08 43.03
CA PHE A 1641 18.69 58.20 43.59
C PHE A 1641 18.33 57.09 42.62
N GLU A 1642 18.10 57.42 41.36
CA GLU A 1642 17.80 56.36 40.40
C GLU A 1642 19.01 55.45 40.20
N ALA A 1643 20.22 56.01 40.31
CA ALA A 1643 21.43 55.21 40.16
C ALA A 1643 21.54 54.16 41.26
N GLN A 1644 21.07 54.49 42.46
CA GLN A 1644 21.15 53.54 43.57
C GLN A 1644 20.46 52.23 43.24
N GLN A 1645 19.27 52.29 42.63
CA GLN A 1645 18.58 51.08 42.23
C GLN A 1645 19.38 50.33 41.18
N GLY A 1646 19.51 49.02 41.36
CA GLY A 1646 20.23 48.19 40.42
C GLY A 1646 19.59 46.85 40.10
N ARG A 1647 18.48 46.54 40.76
CA ARG A 1647 17.79 45.27 40.57
C ARG A 1647 16.75 45.41 39.46
N THR A 1648 15.81 44.46 39.40
CA THR A 1648 14.84 44.40 38.30
C THR A 1648 14.01 45.68 38.18
N LEU A 1649 13.89 46.46 39.25
CA LEU A 1649 13.11 47.69 39.18
C LEU A 1649 13.62 48.56 38.03
N ARG A 1650 14.94 48.58 37.83
CA ARG A 1650 15.48 49.32 36.69
C ARG A 1650 15.12 48.64 35.38
N LEU A 1651 14.94 47.32 35.39
CA LEU A 1651 14.58 46.62 34.18
C LEU A 1651 13.19 47.04 33.72
N LEU A 1652 12.20 46.98 34.63
CA LEU A 1652 10.86 47.41 34.26
C LEU A 1652 10.79 48.92 34.04
N ARG A 1653 11.64 49.70 34.72
CA ARG A 1653 11.70 51.13 34.42
C ARG A 1653 12.14 51.38 32.98
N ALA A 1654 13.17 50.67 32.53
CA ALA A 1654 13.62 50.82 31.15
C ALA A 1654 12.62 50.23 30.17
N GLY A 1655 11.88 49.19 30.59
CA GLY A 1655 10.82 48.68 29.75
C GLY A 1655 9.71 49.70 29.53
N TYR A 1656 9.32 50.40 30.60
CA TYR A 1656 8.33 51.46 30.46
C TYR A 1656 8.88 52.61 29.63
N GLN A 1657 10.16 52.93 29.79
CA GLN A 1657 10.74 53.97 28.96
C GLN A 1657 10.80 53.55 27.49
N CYS A 1658 10.96 52.26 27.22
CA CYS A 1658 10.94 51.77 25.85
C CYS A 1658 9.55 51.87 25.26
N VAL A 1659 8.54 51.41 25.99
CA VAL A 1659 7.18 51.43 25.46
C VAL A 1659 6.62 52.84 25.43
N ALA A 1660 7.24 53.77 26.15
CA ALA A 1660 6.97 55.19 25.97
C ALA A 1660 7.78 55.83 24.86
N ALA A 1661 8.87 55.19 24.43
CA ALA A 1661 9.69 55.77 23.37
C ALA A 1661 9.12 55.46 21.99
N HIS A 1662 8.97 54.18 21.66
CA HIS A 1662 8.41 53.84 20.36
C HIS A 1662 6.96 54.27 20.25
N SER A 1663 6.14 53.85 21.22
CA SER A 1663 4.75 54.26 21.39
C SER A 1663 3.86 53.86 20.21
N GLU A 1664 4.32 54.15 18.99
CA GLU A 1664 3.50 53.85 17.82
C GLU A 1664 3.42 52.35 17.58
N LEU A 1665 4.52 51.63 17.81
CA LEU A 1665 4.56 50.21 17.48
C LEU A 1665 3.50 49.44 18.24
N LEU A 1666 3.35 49.70 19.55
CA LEU A 1666 2.33 48.99 20.30
C LEU A 1666 0.93 49.44 19.91
N CYS A 1667 0.79 50.67 19.41
CA CYS A 1667 -0.49 51.06 18.80
C CYS A 1667 -0.83 50.17 17.62
N TYR A 1668 0.11 49.98 16.70
CA TYR A 1668 -0.17 49.10 15.57
C TYR A 1668 -0.39 47.66 16.03
N PHE A 1669 0.36 47.24 17.07
CA PHE A 1669 0.24 45.89 17.59
C PHE A 1669 -1.17 45.64 18.12
N ILE A 1670 -1.71 46.59 18.87
CA ILE A 1670 -3.04 46.39 19.43
C ILE A 1670 -4.11 46.61 18.37
N ILE A 1671 -3.85 47.47 17.39
CA ILE A 1671 -4.80 47.65 16.29
C ILE A 1671 -4.93 46.35 15.51
N ILE A 1672 -3.84 45.59 15.40
CA ILE A 1672 -3.95 44.29 14.77
C ILE A 1672 -4.54 43.26 15.71
N LEU A 1673 -4.22 43.35 17.00
CA LEU A 1673 -4.60 42.31 17.94
C LEU A 1673 -6.09 42.36 18.27
N ASN A 1674 -6.73 43.51 18.08
CA ASN A 1674 -8.18 43.57 18.23
C ASN A 1674 -8.86 42.82 17.09
N HIS A 1675 -8.36 42.99 15.87
CA HIS A 1675 -8.91 42.25 14.74
C HIS A 1675 -8.61 40.75 14.87
N MET A 1676 -7.44 40.42 15.41
CA MET A 1676 -7.00 39.03 15.47
C MET A 1676 -7.98 38.18 16.27
N VAL A 1677 -8.54 38.70 17.35
CA VAL A 1677 -9.44 37.94 18.19
C VAL A 1677 -10.86 38.48 18.06
N THR A 1678 -11.78 37.61 17.62
CA THR A 1678 -13.22 37.87 17.65
C THR A 1678 -13.63 39.19 16.99
N ALA A 1679 -13.04 39.48 15.83
CA ALA A 1679 -13.46 40.64 15.05
C ALA A 1679 -13.65 40.22 13.60
N SER A 1680 -14.92 40.16 13.17
CA SER A 1680 -15.22 39.61 11.84
C SER A 1680 -15.06 40.66 10.76
N ALA A 1681 -15.94 41.66 10.76
CA ALA A 1681 -15.94 42.72 9.76
C ALA A 1681 -15.89 44.12 10.35
N ALA A 1682 -15.93 44.24 11.68
CA ALA A 1682 -16.00 45.55 12.31
C ALA A 1682 -14.69 46.31 12.16
N SER A 1683 -13.60 45.71 12.67
CA SER A 1683 -12.27 46.30 12.61
C SER A 1683 -11.49 45.83 11.40
N LEU A 1684 -12.16 45.56 10.28
CA LEU A 1684 -11.48 45.32 9.01
C LEU A 1684 -11.23 46.59 8.21
N VAL A 1685 -12.09 47.59 8.31
CA VAL A 1685 -11.93 48.80 7.49
C VAL A 1685 -10.93 49.77 8.09
N LEU A 1686 -10.57 49.60 9.36
CA LEU A 1686 -9.58 50.46 10.00
C LEU A 1686 -8.15 50.08 9.60
N PRO A 1687 -7.73 48.81 9.75
CA PRO A 1687 -6.31 48.49 9.57
C PRO A 1687 -5.81 48.67 8.15
N VAL A 1688 -6.66 48.59 7.13
CA VAL A 1688 -6.14 48.78 5.78
C VAL A 1688 -5.49 50.16 5.67
N LEU A 1689 -6.22 51.20 6.07
CA LEU A 1689 -5.63 52.52 6.00
C LEU A 1689 -4.55 52.78 7.03
N VAL A 1690 -4.43 52.00 8.12
CA VAL A 1690 -3.24 52.19 8.94
C VAL A 1690 -2.02 51.99 8.07
N PHE A 1691 -1.97 50.87 7.35
CA PHE A 1691 -0.89 50.70 6.40
C PHE A 1691 -0.89 51.87 5.42
N LEU A 1692 -2.01 52.11 4.76
CA LEU A 1692 -2.05 53.09 3.67
C LEU A 1692 -1.58 54.48 4.11
N TRP A 1693 -2.28 55.09 5.07
CA TRP A 1693 -1.91 56.43 5.49
C TRP A 1693 -0.61 56.46 6.27
N ALA A 1694 -0.52 55.69 7.35
CA ALA A 1694 0.54 55.87 8.34
C ALA A 1694 1.93 55.61 7.75
N MET A 1695 2.11 54.46 7.11
CA MET A 1695 3.45 53.99 6.77
C MET A 1695 3.93 54.47 5.41
N LEU A 1696 3.16 55.27 4.69
CA LEU A 1696 3.52 55.65 3.33
C LEU A 1696 4.00 57.08 3.20
N THR A 1697 3.30 58.05 3.80
CA THR A 1697 3.55 59.45 3.49
C THR A 1697 4.99 59.86 3.81
N ILE A 1698 5.39 59.72 5.07
CA ILE A 1698 6.70 60.12 5.57
C ILE A 1698 6.95 59.27 6.81
N PRO A 1699 8.15 59.28 7.42
CA PRO A 1699 8.34 58.46 8.62
C PRO A 1699 7.37 58.81 9.74
N ARG A 1700 7.11 60.10 9.95
CA ARG A 1700 6.09 60.48 10.91
C ARG A 1700 4.71 60.07 10.41
N PRO A 1701 3.84 59.57 11.29
CA PRO A 1701 2.48 59.24 10.86
C PRO A 1701 1.70 60.49 10.47
N SER A 1702 0.74 60.30 9.57
CA SER A 1702 -0.04 61.42 9.04
C SER A 1702 -0.75 62.19 10.14
N LYS A 1703 -0.65 63.52 10.06
CA LYS A 1703 -1.24 64.48 10.99
C LYS A 1703 -2.62 64.10 11.49
N ARG A 1704 -3.48 63.59 10.60
CA ARG A 1704 -4.89 63.42 10.89
C ARG A 1704 -5.32 61.97 10.96
N PHE A 1705 -4.41 61.03 10.75
CA PHE A 1705 -4.77 59.61 10.84
C PHE A 1705 -5.19 59.25 12.26
N TRP A 1706 -4.47 59.76 13.26
CA TRP A 1706 -4.77 59.43 14.65
C TRP A 1706 -6.17 59.90 15.05
N MET A 1707 -6.54 61.12 14.68
CA MET A 1707 -7.84 61.62 15.07
C MET A 1707 -8.95 60.77 14.46
N THR A 1708 -8.82 60.43 13.18
CA THR A 1708 -9.82 59.59 12.54
C THR A 1708 -9.87 58.22 13.19
N ALA A 1709 -8.71 57.66 13.53
CA ALA A 1709 -8.69 56.34 14.15
C ALA A 1709 -9.40 56.36 15.50
N ILE A 1710 -9.11 57.36 16.34
CA ILE A 1710 -9.75 57.42 17.65
C ILE A 1710 -11.25 57.64 17.52
N VAL A 1711 -11.68 58.54 16.62
CA VAL A 1711 -13.12 58.76 16.48
C VAL A 1711 -13.80 57.49 15.98
N PHE A 1712 -13.16 56.78 15.04
CA PHE A 1712 -13.74 55.54 14.55
C PHE A 1712 -13.85 54.50 15.66
N THR A 1713 -12.82 54.39 16.50
CA THR A 1713 -12.88 53.42 17.59
C THR A 1713 -14.01 53.75 18.57
N GLU A 1714 -14.16 55.04 18.90
CA GLU A 1714 -15.25 55.41 19.80
C GLU A 1714 -16.60 55.14 19.15
N VAL A 1715 -16.74 55.45 17.86
CA VAL A 1715 -18.00 55.21 17.17
C VAL A 1715 -18.32 53.72 17.21
N MET A 1716 -17.30 52.89 16.97
CA MET A 1716 -17.51 51.45 17.00
C MET A 1716 -17.92 50.97 18.39
N VAL A 1717 -17.29 51.49 19.44
CA VAL A 1717 -17.67 51.02 20.77
C VAL A 1717 -19.11 51.44 21.09
N VAL A 1718 -19.50 52.67 20.74
CA VAL A 1718 -20.88 53.09 21.01
C VAL A 1718 -21.90 52.32 20.15
N THR A 1719 -21.54 51.99 18.90
CA THR A 1719 -22.48 51.26 18.04
C THR A 1719 -22.79 49.88 18.61
N LYS A 1720 -21.84 49.25 19.28
CA LYS A 1720 -22.06 47.94 19.88
C LYS A 1720 -22.85 48.13 21.18
N TYR A 1721 -24.09 48.56 20.98
CA TYR A 1721 -25.04 48.84 22.06
C TYR A 1721 -26.46 48.64 21.55
N LEU A 1722 -26.68 47.57 20.79
CA LEU A 1722 -28.00 47.20 20.31
C LEU A 1722 -28.78 46.38 21.34
N PHE A 1723 -28.86 46.90 22.56
CA PHE A 1723 -29.38 46.13 23.69
C PHE A 1723 -30.26 47.00 24.58
N THR A 1755 -18.99 43.06 23.91
CA THR A 1755 -19.69 42.88 25.19
C THR A 1755 -18.70 42.74 26.33
N ASP A 1756 -18.31 41.50 26.63
CA ASP A 1756 -17.45 41.25 27.78
C ASP A 1756 -15.98 41.50 27.45
N SER A 1757 -15.42 40.69 26.55
CA SER A 1757 -14.04 40.89 26.10
C SER A 1757 -13.94 41.87 24.94
N TYR A 1758 -15.00 41.97 24.13
CA TYR A 1758 -14.96 42.81 22.95
C TYR A 1758 -14.77 44.27 23.35
N ILE A 1759 -15.62 44.74 24.27
CA ILE A 1759 -15.50 46.10 24.77
C ILE A 1759 -14.18 46.30 25.48
N LYS A 1760 -13.70 45.27 26.20
CA LYS A 1760 -12.41 45.41 26.86
C LYS A 1760 -11.27 45.61 25.88
N TYR A 1761 -11.39 45.04 24.67
CA TYR A 1761 -10.31 45.23 23.73
C TYR A 1761 -10.48 46.51 22.93
N ASP A 1762 -11.71 46.99 22.80
CA ASP A 1762 -11.88 48.26 22.13
C ASP A 1762 -11.52 49.42 23.03
N LEU A 1763 -11.77 49.29 24.34
CA LEU A 1763 -11.30 50.30 25.28
C LEU A 1763 -9.77 50.28 25.44
N VAL A 1764 -9.15 49.11 25.46
CA VAL A 1764 -7.69 49.14 25.55
C VAL A 1764 -7.10 49.73 24.28
N GLN A 1765 -7.68 49.44 23.12
CA GLN A 1765 -7.22 50.06 21.88
C GLN A 1765 -7.40 51.57 21.92
N LEU A 1766 -8.56 52.04 22.39
CA LEU A 1766 -8.81 53.48 22.50
C LEU A 1766 -7.80 54.14 23.43
N MET A 1767 -7.60 53.56 24.61
CA MET A 1767 -6.71 54.18 25.58
C MET A 1767 -5.27 54.15 25.12
N ALA A 1768 -4.89 53.15 24.31
CA ALA A 1768 -3.56 53.18 23.70
C ALA A 1768 -3.46 54.29 22.66
N LEU A 1769 -4.51 54.47 21.87
CA LEU A 1769 -4.50 55.55 20.89
C LEU A 1769 -4.36 56.90 21.56
N PHE A 1770 -5.06 57.10 22.67
CA PHE A 1770 -4.99 58.39 23.35
C PHE A 1770 -3.67 58.54 24.11
N PHE A 1771 -3.09 57.43 24.58
CA PHE A 1771 -1.75 57.47 25.14
C PHE A 1771 -0.75 57.98 24.11
N HIS A 1772 -0.81 57.41 22.91
CA HIS A 1772 0.11 57.84 21.86
C HIS A 1772 -0.17 59.27 21.41
N ARG A 1773 -1.44 59.69 21.44
CA ARG A 1773 -1.75 61.06 21.01
C ARG A 1773 -1.25 62.07 22.03
N SER A 1774 -1.32 61.73 23.31
CA SER A 1774 -0.83 62.64 24.33
C SER A 1774 0.69 62.66 24.35
N GLN A 1775 1.33 61.49 24.23
CA GLN A 1775 2.79 61.45 24.21
C GLN A 1775 3.36 62.06 22.94
N LEU A 1776 2.55 62.17 21.89
CA LEU A 1776 2.99 62.84 20.67
C LEU A 1776 3.25 64.32 20.93
N LEU A 1777 2.23 65.03 21.44
CA LEU A 1777 2.33 66.42 21.88
C LEU A 1777 2.92 67.35 20.82
N CYS A 1778 2.90 66.95 19.55
CA CYS A 1778 3.44 67.76 18.49
C CYS A 1778 2.62 67.56 17.22
N TYR A 1779 2.44 68.65 16.47
CA TYR A 1779 1.62 68.62 15.27
C TYR A 1779 2.18 69.56 14.21
N GLN A 1932 -8.40 62.33 -5.13
CA GLN A 1932 -8.15 62.35 -6.57
C GLN A 1932 -7.26 63.51 -7.04
N PRO A 1933 -7.36 64.69 -6.42
CA PRO A 1933 -6.32 65.71 -6.60
C PRO A 1933 -5.22 65.70 -5.56
N LEU A 1934 -5.20 64.71 -4.66
CA LEU A 1934 -4.22 64.66 -3.58
C LEU A 1934 -3.58 63.29 -3.40
N GLN A 1935 -4.11 62.26 -4.03
CA GLN A 1935 -3.40 60.98 -4.08
C GLN A 1935 -2.08 61.11 -4.83
N ARG A 1936 -2.10 61.81 -5.97
CA ARG A 1936 -0.89 61.94 -6.76
C ARG A 1936 0.16 62.75 -6.02
N PHE A 1937 -0.26 63.63 -5.11
CA PHE A 1937 0.70 64.45 -4.37
C PHE A 1937 1.61 63.59 -3.51
N PHE A 1938 1.01 62.78 -2.63
CA PHE A 1938 1.86 61.93 -1.79
C PHE A 1938 2.45 60.77 -2.58
N HIS A 1939 1.82 60.38 -3.68
CA HIS A 1939 2.47 59.38 -4.54
C HIS A 1939 3.75 59.94 -5.15
N ASP A 1940 3.74 61.23 -5.51
CA ASP A 1940 4.96 61.87 -6.00
C ASP A 1940 5.98 62.08 -4.89
N ILE A 1941 5.51 62.37 -3.66
CA ILE A 1941 6.47 62.61 -2.60
C ILE A 1941 7.13 61.30 -2.17
N LEU A 1942 6.46 60.17 -2.40
CA LEU A 1942 7.14 58.87 -2.33
C LEU A 1942 8.24 58.71 -3.36
N HIS A 1943 8.32 59.57 -4.37
CA HIS A 1943 9.36 59.50 -5.38
C HIS A 1943 10.14 60.79 -5.46
N THR A 1944 10.49 61.35 -4.31
CA THR A 1944 11.39 62.50 -4.24
C THR A 1944 12.78 62.16 -3.71
N LYS A 1945 13.01 60.93 -3.27
CA LYS A 1945 14.34 60.42 -2.95
C LYS A 1945 15.01 61.26 -1.85
N TYR A 1946 14.40 61.22 -0.66
CA TYR A 1946 15.02 61.77 0.53
C TYR A 1946 15.36 60.68 1.56
N ARG A 1947 15.23 59.41 1.18
CA ARG A 1947 15.26 58.31 2.13
C ARG A 1947 16.70 57.91 2.47
N ALA A 1948 16.85 57.23 3.61
CA ALA A 1948 18.16 56.78 4.07
C ALA A 1948 18.65 55.53 3.34
N ALA A 1949 17.83 54.97 2.45
CA ALA A 1949 18.23 53.83 1.60
C ALA A 1949 18.67 52.60 2.40
N THR A 1950 17.98 52.30 3.50
CA THR A 1950 18.27 51.07 4.23
C THR A 1950 17.37 49.96 3.69
N ASP A 1951 17.98 48.82 3.35
CA ASP A 1951 17.24 47.70 2.77
C ASP A 1951 17.29 46.51 3.71
N VAL A 1952 16.11 45.96 4.01
CA VAL A 1952 16.04 44.75 4.83
C VAL A 1952 15.11 43.72 4.19
N TYR A 1953 15.62 43.04 3.16
CA TYR A 1953 14.86 42.00 2.50
C TYR A 1953 14.89 40.70 3.30
N ALA A 1954 16.07 40.36 3.84
CA ALA A 1954 16.24 39.11 4.57
C ALA A 1954 15.19 38.91 5.65
N LEU A 1955 14.55 39.98 6.12
CA LEU A 1955 13.56 39.80 7.17
C LEU A 1955 12.18 39.60 6.59
N MET A 1956 11.88 40.18 5.43
CA MET A 1956 10.69 39.78 4.70
C MET A 1956 10.75 38.30 4.39
N PHE A 1957 11.86 37.85 3.80
CA PHE A 1957 11.92 36.47 3.34
C PHE A 1957 11.99 35.51 4.52
N LEU A 1958 12.61 35.91 5.65
CA LEU A 1958 12.58 35.08 6.84
C LEU A 1958 11.18 34.99 7.43
N ALA A 1959 10.44 36.10 7.44
CA ALA A 1959 9.09 36.07 7.97
C ALA A 1959 8.17 35.24 7.08
N ASP A 1960 8.38 35.28 5.77
CA ASP A 1960 7.55 34.46 4.89
C ASP A 1960 7.93 32.99 4.96
N ILE A 1961 9.20 32.68 5.24
CA ILE A 1961 9.55 31.27 5.44
C ILE A 1961 8.97 30.75 6.73
N VAL A 1962 9.02 31.54 7.81
CA VAL A 1962 8.35 31.13 9.04
C VAL A 1962 6.85 31.01 8.81
N ASP A 1963 6.28 31.89 7.99
CA ASP A 1963 4.88 31.80 7.61
C ASP A 1963 4.56 30.45 6.98
N ILE A 1964 5.38 30.03 6.01
CA ILE A 1964 5.10 28.78 5.31
C ILE A 1964 5.35 27.59 6.20
N ILE A 1965 6.33 27.68 7.11
CA ILE A 1965 6.51 26.60 8.08
C ILE A 1965 5.28 26.48 8.97
N ILE A 1966 4.71 27.61 9.40
CA ILE A 1966 3.54 27.55 10.26
C ILE A 1966 2.36 26.97 9.50
N ILE A 1967 2.15 27.39 8.25
CA ILE A 1967 1.01 26.89 7.50
C ILE A 1967 1.16 25.38 7.24
N ILE A 1968 2.36 24.92 6.91
CA ILE A 1968 2.53 23.51 6.60
C ILE A 1968 2.47 22.65 7.86
N PHE A 1969 2.95 23.15 8.99
CA PHE A 1969 2.78 22.43 10.25
C PHE A 1969 1.34 22.49 10.75
N GLY A 1970 0.54 23.44 10.27
CA GLY A 1970 -0.83 23.50 10.73
C GLY A 1970 -1.71 22.35 10.26
N PHE A 1971 -1.16 21.44 9.45
CA PHE A 1971 -1.86 20.21 9.08
C PHE A 1971 -1.76 19.15 10.15
N TRP A 1972 -0.87 19.32 11.13
CA TRP A 1972 -0.87 18.51 12.34
C TRP A 1972 -2.18 18.65 13.10
N ASP A 1989 -14.34 21.91 10.56
CA ASP A 1989 -14.36 20.52 10.14
C ASP A 1989 -13.26 20.22 9.11
N ASP A 1990 -13.63 20.17 7.83
CA ASP A 1990 -12.73 19.70 6.77
C ASP A 1990 -12.79 20.65 5.57
N GLN A 1991 -12.70 21.95 5.84
CA GLN A 1991 -12.80 22.97 4.81
C GLN A 1991 -11.59 23.88 4.75
N VAL A 1992 -11.01 24.22 5.90
CA VAL A 1992 -9.89 25.16 5.97
C VAL A 1992 -8.59 24.64 5.36
N PRO A 1993 -8.33 23.33 5.26
CA PRO A 1993 -7.11 22.92 4.55
C PRO A 1993 -7.09 23.25 3.07
N GLN A 1994 -8.23 23.18 2.37
CA GLN A 1994 -8.21 23.55 0.96
C GLN A 1994 -7.89 25.03 0.78
N ALA A 1995 -8.31 25.86 1.73
CA ALA A 1995 -8.03 27.28 1.58
C ALA A 1995 -6.63 27.58 2.07
N PHE A 1996 -6.11 26.77 3.00
CA PHE A 1996 -4.71 26.88 3.37
C PHE A 1996 -3.82 26.51 2.20
N LEU A 1997 -4.25 25.58 1.33
CA LEU A 1997 -3.34 25.14 0.29
C LEU A 1997 -3.43 26.03 -0.95
N PHE A 1998 -4.60 26.60 -1.24
CA PHE A 1998 -4.63 27.64 -2.25
C PHE A 1998 -3.89 28.88 -1.75
N MET A 1999 -4.01 29.19 -0.45
CA MET A 1999 -3.21 30.25 0.14
C MET A 1999 -1.72 29.93 0.02
N LEU A 2000 -1.36 28.67 0.18
CA LEU A 2000 0.04 28.26 0.04
C LEU A 2000 0.55 28.58 -1.36
N LEU A 2001 -0.25 28.28 -2.39
CA LEU A 2001 0.19 28.56 -3.75
C LEU A 2001 0.29 30.06 -4.01
N VAL A 2002 -0.70 30.84 -3.56
CA VAL A 2002 -0.61 32.28 -3.77
C VAL A 2002 0.62 32.82 -3.03
N GLN A 2003 0.89 32.30 -1.83
CA GLN A 2003 2.04 32.75 -1.07
C GLN A 2003 3.33 32.47 -1.83
N PHE A 2004 3.46 31.29 -2.43
CA PHE A 2004 4.68 30.99 -3.18
C PHE A 2004 4.82 31.97 -4.34
N GLY A 2005 3.71 32.22 -5.05
CA GLY A 2005 3.77 33.15 -6.17
C GLY A 2005 4.16 34.54 -5.72
N THR A 2006 3.60 34.99 -4.60
CA THR A 2006 3.91 36.31 -4.07
C THR A 2006 5.39 36.40 -3.68
N MET A 2007 5.92 35.36 -3.05
CA MET A 2007 7.32 35.39 -2.67
C MET A 2007 8.20 35.51 -3.90
N VAL A 2008 7.90 34.73 -4.94
CA VAL A 2008 8.71 34.78 -6.16
C VAL A 2008 8.62 36.17 -6.79
N ILE A 2009 7.41 36.72 -6.87
CA ILE A 2009 7.23 38.04 -7.48
C ILE A 2009 7.96 39.11 -6.67
N ASP A 2010 7.91 39.01 -5.34
CA ASP A 2010 8.59 40.00 -4.51
C ASP A 2010 10.09 39.93 -4.75
N ARG A 2011 10.64 38.71 -4.86
CA ARG A 2011 12.07 38.59 -5.11
C ARG A 2011 12.43 39.22 -6.45
N ALA A 2012 11.62 38.96 -7.46
CA ALA A 2012 11.88 39.53 -8.78
C ALA A 2012 11.82 41.04 -8.71
N LEU A 2013 10.83 41.57 -7.99
CA LEU A 2013 10.70 43.00 -7.84
C LEU A 2013 11.91 43.58 -7.12
N TYR A 2014 12.37 42.90 -6.07
CA TYR A 2014 13.55 43.36 -5.34
C TYR A 2014 14.78 43.42 -6.23
N LEU A 2015 14.81 42.65 -7.32
CA LEU A 2015 16.07 42.54 -8.05
C LEU A 2015 16.19 43.52 -9.21
N ARG A 2016 15.08 43.93 -9.82
CA ARG A 2016 15.12 45.02 -10.79
C ARG A 2016 15.12 46.40 -10.16
N LYS A 2017 15.21 46.52 -8.84
CA LYS A 2017 15.32 47.81 -8.15
C LYS A 2017 14.11 48.72 -8.38
N THR A 2018 12.94 48.17 -8.71
CA THR A 2018 11.78 49.01 -8.91
C THR A 2018 11.01 49.17 -7.60
N VAL A 2019 10.47 50.36 -7.38
CA VAL A 2019 9.77 50.69 -6.15
C VAL A 2019 8.27 50.78 -6.35
N LEU A 2020 7.82 51.32 -7.49
CA LEU A 2020 6.38 51.51 -7.70
C LEU A 2020 5.67 50.17 -7.78
N GLY A 2021 6.31 49.17 -8.38
CA GLY A 2021 5.73 47.84 -8.41
C GLY A 2021 5.59 47.25 -7.02
N LYS A 2022 6.55 47.54 -6.14
CA LYS A 2022 6.44 47.06 -4.77
C LYS A 2022 5.28 47.73 -4.04
N LEU A 2023 5.01 49.00 -4.35
CA LEU A 2023 3.86 49.68 -3.76
C LEU A 2023 2.55 49.09 -4.27
N ALA A 2024 2.48 48.82 -5.58
CA ALA A 2024 1.29 48.19 -6.12
C ALA A 2024 1.08 46.81 -5.52
N PHE A 2025 2.17 46.06 -5.33
CA PHE A 2025 2.07 44.75 -4.71
C PHE A 2025 1.58 44.86 -3.27
N GLN A 2026 2.05 45.90 -2.57
CA GLN A 2026 1.57 46.17 -1.22
C GLN A 2026 0.06 46.38 -1.21
N VAL A 2027 -0.40 47.34 -2.02
CA VAL A 2027 -1.80 47.73 -1.97
C VAL A 2027 -2.72 46.65 -2.51
N VAL A 2028 -2.23 45.76 -3.37
CA VAL A 2028 -3.07 44.64 -3.78
C VAL A 2028 -3.08 43.57 -2.69
N LEU A 2029 -1.91 43.21 -2.15
CA LEU A 2029 -1.84 42.06 -1.26
C LEU A 2029 -2.55 42.34 0.06
N VAL A 2030 -2.50 43.58 0.54
CA VAL A 2030 -3.14 43.86 1.84
C VAL A 2030 -4.64 43.67 1.73
N VAL A 2031 -5.26 44.18 0.66
CA VAL A 2031 -6.70 44.03 0.54
C VAL A 2031 -7.05 42.61 0.13
N ALA A 2032 -6.13 41.91 -0.53
CA ALA A 2032 -6.40 40.52 -0.86
C ALA A 2032 -6.44 39.66 0.39
N ILE A 2033 -5.50 39.86 1.31
CA ILE A 2033 -5.49 39.03 2.52
C ILE A 2033 -6.59 39.48 3.47
N HIS A 2034 -6.97 40.74 3.45
CA HIS A 2034 -8.08 41.14 4.30
C HIS A 2034 -9.42 40.68 3.76
N ILE A 2035 -9.56 40.55 2.44
CA ILE A 2035 -10.76 39.93 1.88
C ILE A 2035 -10.74 38.43 2.14
N TRP A 2036 -9.56 37.82 2.10
CA TRP A 2036 -9.45 36.42 2.50
C TRP A 2036 -9.76 36.21 3.97
N MET A 2037 -9.68 37.26 4.77
CA MET A 2037 -10.07 37.17 6.17
C MET A 2037 -11.60 37.13 6.36
N PHE A 2038 -12.36 36.89 5.29
CA PHE A 2038 -13.76 36.48 5.41
C PHE A 2038 -13.92 34.97 5.46
N PHE A 2039 -13.23 34.24 4.60
CA PHE A 2039 -13.58 32.86 4.30
C PHE A 2039 -12.79 31.85 5.13
N ILE A 2040 -12.23 32.29 6.26
CA ILE A 2040 -11.82 31.34 7.28
C ILE A 2040 -13.04 30.63 7.86
N LEU A 2041 -14.10 31.37 8.14
CA LEU A 2041 -15.34 30.82 8.70
C LEU A 2041 -16.49 31.35 7.86
N PRO A 2042 -17.23 30.50 7.15
CA PRO A 2042 -18.28 30.96 6.24
C PRO A 2042 -19.54 31.40 6.96
N MET A 2048 -11.80 23.45 15.67
CA MET A 2048 -12.63 24.63 15.83
C MET A 2048 -11.84 25.74 16.50
N PHE A 2049 -10.89 25.37 17.36
CA PHE A 2049 -10.03 26.31 18.05
C PHE A 2049 -8.62 26.33 17.48
N SER A 2050 -8.02 25.16 17.26
CA SER A 2050 -6.67 25.08 16.72
C SER A 2050 -6.57 25.80 15.37
N GLN A 2051 -7.41 25.40 14.42
CA GLN A 2051 -7.42 26.02 13.10
C GLN A 2051 -7.47 27.54 13.19
N ASN A 2052 -8.37 28.07 14.02
CA ASN A 2052 -8.50 29.52 14.15
C ASN A 2052 -7.22 30.13 14.69
N ALA A 2053 -6.58 29.47 15.66
CA ALA A 2053 -5.38 30.04 16.27
C ALA A 2053 -4.21 30.04 15.29
N VAL A 2054 -4.03 28.96 14.53
CA VAL A 2054 -2.93 28.94 13.58
C VAL A 2054 -3.20 29.89 12.42
N ALA A 2055 -4.48 30.07 12.06
CA ALA A 2055 -4.78 30.99 10.97
C ALA A 2055 -4.56 32.43 11.40
N GLN A 2056 -4.86 32.74 12.67
CA GLN A 2056 -4.64 34.09 13.12
C GLN A 2056 -3.16 34.38 13.37
N LEU A 2057 -2.39 33.37 13.81
CA LEU A 2057 -0.95 33.55 13.86
C LEU A 2057 -0.39 33.81 12.47
N TRP A 2058 -0.90 33.08 11.46
CA TRP A 2058 -0.53 33.32 10.08
C TRP A 2058 -0.83 34.75 9.66
N TYR A 2059 -2.03 35.23 9.97
CA TYR A 2059 -2.41 36.60 9.67
C TYR A 2059 -1.46 37.59 10.33
N PHE A 2060 -1.15 37.37 11.61
CA PHE A 2060 -0.27 38.28 12.33
C PHE A 2060 1.12 38.32 11.72
N VAL A 2061 1.63 37.18 11.28
CA VAL A 2061 2.99 37.17 10.75
C VAL A 2061 3.03 37.78 9.36
N LYS A 2062 1.93 37.72 8.62
CA LYS A 2062 1.97 38.45 7.36
C LYS A 2062 1.60 39.92 7.54
N CYS A 2063 0.99 40.29 8.65
CA CYS A 2063 0.95 41.71 9.01
C CYS A 2063 2.35 42.24 9.28
N ILE A 2064 3.18 41.44 9.95
CA ILE A 2064 4.59 41.80 10.09
C ILE A 2064 5.23 41.95 8.71
N TYR A 2065 4.88 41.04 7.79
CA TYR A 2065 5.47 41.12 6.45
C TYR A 2065 5.04 42.41 5.75
N PHE A 2066 3.77 42.81 5.91
CA PHE A 2066 3.31 44.03 5.27
C PHE A 2066 3.98 45.26 5.89
N ALA A 2067 4.21 45.22 7.20
CA ALA A 2067 4.85 46.36 7.85
C ALA A 2067 6.29 46.52 7.38
N LEU A 2068 7.02 45.40 7.29
CA LEU A 2068 8.39 45.50 6.77
C LEU A 2068 8.39 45.90 5.30
N SER A 2069 7.38 45.48 4.54
CA SER A 2069 7.28 45.91 3.15
C SER A 2069 7.10 47.42 3.06
N ALA A 2070 6.30 48.00 3.96
CA ALA A 2070 6.12 49.45 3.94
C ALA A 2070 7.38 50.16 4.40
N TYR A 2071 8.11 49.56 5.34
CA TYR A 2071 9.43 50.09 5.70
C TYR A 2071 10.33 50.17 4.48
N GLN A 2072 10.35 49.11 3.67
CA GLN A 2072 11.16 49.11 2.47
C GLN A 2072 10.66 50.13 1.46
N ILE A 2073 9.35 50.33 1.37
CA ILE A 2073 8.80 51.36 0.50
C ILE A 2073 9.32 52.73 0.94
N ARG A 2074 9.46 52.92 2.24
CA ARG A 2074 9.91 54.22 2.75
C ARG A 2074 11.37 54.45 2.42
N CYS A 2075 12.22 53.47 2.72
CA CYS A 2075 13.66 53.68 2.59
C CYS A 2075 14.17 53.56 1.15
N GLY A 2076 13.61 52.66 0.35
CA GLY A 2076 13.80 52.74 -1.08
C GLY A 2076 15.13 52.35 -1.71
N TYR A 2077 15.52 51.09 -1.59
CA TYR A 2077 16.47 50.43 -2.49
C TYR A 2077 17.82 51.14 -2.70
N PRO A 2078 18.75 51.01 -1.75
CA PRO A 2078 20.11 51.48 -1.98
C PRO A 2078 20.72 50.80 -3.20
N THR A 2079 21.55 51.55 -3.93
CA THR A 2079 22.03 51.12 -5.23
C THR A 2079 23.11 50.03 -5.18
N ARG A 2080 23.28 49.32 -4.06
CA ARG A 2080 24.08 48.08 -4.04
C ARG A 2080 23.30 46.99 -3.30
N ILE A 2081 22.42 46.29 -4.03
CA ILE A 2081 21.58 45.25 -3.47
C ILE A 2081 22.04 43.85 -3.85
N LEU A 2082 23.05 43.71 -4.69
CA LEU A 2082 23.43 42.39 -5.19
C LEU A 2082 24.64 41.90 -4.38
N GLY A 2083 24.34 41.11 -3.37
CA GLY A 2083 25.35 40.46 -2.54
C GLY A 2083 24.68 39.32 -1.82
N ASN A 2084 25.49 38.38 -1.34
CA ASN A 2084 24.92 37.28 -0.57
C ASN A 2084 24.29 37.84 0.70
N PHE A 2085 23.05 37.42 0.97
CA PHE A 2085 22.34 37.94 2.14
C PHE A 2085 23.03 37.55 3.44
N LEU A 2086 23.51 36.31 3.53
CA LEU A 2086 24.13 35.83 4.76
C LEU A 2086 25.63 35.98 4.78
N THR A 2087 26.27 36.51 3.74
CA THR A 2087 27.72 36.63 3.74
C THR A 2087 28.10 38.11 3.81
N LYS A 2088 28.81 38.48 4.86
CA LYS A 2088 29.34 39.83 5.03
C LYS A 2088 30.62 39.80 5.88
N LYS A 2089 30.69 38.84 6.79
CA LYS A 2089 31.87 38.66 7.63
C LYS A 2089 32.08 37.19 7.90
N TYR A 2090 33.35 36.78 7.94
CA TYR A 2090 33.71 35.36 7.93
C TYR A 2090 33.86 34.85 9.36
N ASN A 2091 32.71 34.72 10.04
CA ASN A 2091 32.67 34.13 11.37
C ASN A 2091 32.18 32.69 11.31
N HIS A 2092 32.58 31.90 12.31
CA HIS A 2092 32.19 30.49 12.33
C HIS A 2092 30.68 30.35 12.46
N LEU A 2093 30.03 31.27 13.18
CA LEU A 2093 28.57 31.32 13.18
C LEU A 2093 28.06 31.51 11.76
N ASN A 2094 28.67 32.43 11.02
CA ASN A 2094 28.24 32.67 9.65
C ASN A 2094 28.42 31.42 8.81
N LEU A 2095 29.51 30.69 9.01
CA LEU A 2095 29.72 29.46 8.26
C LEU A 2095 28.65 28.43 8.57
N PHE A 2096 28.29 28.29 9.85
CA PHE A 2096 27.25 27.34 10.21
C PHE A 2096 25.92 27.75 9.61
N LEU A 2097 25.64 29.06 9.57
CA LEU A 2097 24.36 29.50 9.03
C LEU A 2097 24.32 29.33 7.52
N PHE A 2098 25.45 29.51 6.85
CA PHE A 2098 25.48 29.31 5.40
C PHE A 2098 25.32 27.83 5.07
N GLN A 2099 26.02 26.96 5.80
CA GLN A 2099 25.86 25.53 5.54
C GLN A 2099 24.46 25.06 5.91
N GLY A 2100 23.81 25.76 6.84
CA GLY A 2100 22.38 25.53 7.06
C GLY A 2100 21.56 25.94 5.87
N PHE A 2101 21.86 27.09 5.27
CA PHE A 2101 21.00 27.62 4.22
C PHE A 2101 21.05 26.75 2.97
N ARG A 2102 22.17 26.11 2.70
CA ARG A 2102 22.26 25.18 1.59
C ARG A 2102 21.77 23.78 1.96
N LEU A 2103 21.22 23.61 3.16
CA LEU A 2103 20.69 22.31 3.56
C LEU A 2103 19.20 22.21 3.33
N VAL A 2104 18.49 23.32 3.40
CA VAL A 2104 17.03 23.29 3.18
C VAL A 2104 16.77 22.97 1.72
N PRO A 2105 15.83 22.06 1.42
CA PRO A 2105 15.64 21.64 0.02
C PRO A 2105 15.14 22.77 -0.87
N PHE A 2106 15.61 22.73 -2.11
CA PHE A 2106 15.09 23.57 -3.19
C PHE A 2106 15.24 25.07 -2.92
N LEU A 2107 16.27 25.46 -2.18
CA LEU A 2107 16.45 26.88 -1.88
C LEU A 2107 17.74 27.47 -2.44
N VAL A 2108 18.74 26.67 -2.75
CA VAL A 2108 19.91 27.17 -3.47
C VAL A 2108 19.59 27.39 -4.94
N GLU A 2109 19.12 26.34 -5.61
CA GLU A 2109 18.90 26.41 -7.05
C GLU A 2109 17.80 27.39 -7.41
N LEU A 2110 16.83 27.58 -6.52
CA LEU A 2110 15.81 28.59 -6.78
C LEU A 2110 16.41 29.98 -6.72
N ARG A 2111 17.31 30.22 -5.76
CA ARG A 2111 17.99 31.50 -5.69
C ARG A 2111 18.81 31.77 -6.93
N ALA A 2112 19.59 30.77 -7.36
CA ALA A 2112 20.47 31.05 -8.49
C ALA A 2112 19.73 31.06 -9.81
N VAL A 2113 18.53 30.49 -9.87
CA VAL A 2113 17.77 30.54 -11.10
C VAL A 2113 17.01 31.86 -11.20
N MET A 2114 16.42 32.32 -10.10
CA MET A 2114 15.76 33.63 -10.14
C MET A 2114 16.78 34.74 -10.30
N ASP A 2115 18.02 34.51 -9.85
CA ASP A 2115 19.07 35.49 -10.10
C ASP A 2115 19.53 35.47 -11.55
N TRP A 2116 19.61 34.29 -12.16
CA TRP A 2116 20.08 34.29 -13.54
C TRP A 2116 19.01 34.79 -14.50
N VAL A 2117 17.73 34.58 -14.16
CA VAL A 2117 16.67 35.06 -15.03
C VAL A 2117 16.50 36.58 -14.92
N TRP A 2118 16.42 37.11 -13.68
CA TRP A 2118 16.07 38.53 -13.63
C TRP A 2118 17.25 39.49 -13.55
N THR A 2119 18.45 39.03 -13.19
CA THR A 2119 19.56 39.96 -13.20
C THR A 2119 20.09 40.12 -14.62
N ASP A 2120 20.65 41.30 -14.90
CA ASP A 2120 21.16 41.61 -16.22
C ASP A 2120 22.54 40.97 -16.37
N THR A 2121 22.60 39.85 -17.10
CA THR A 2121 23.85 39.16 -17.33
C THR A 2121 23.89 38.60 -18.74
N THR A 2122 25.09 38.25 -19.19
CA THR A 2122 25.31 37.79 -20.56
C THR A 2122 25.92 36.39 -20.58
N LEU A 2123 25.81 35.65 -19.49
CA LEU A 2123 26.30 34.27 -19.45
C LEU A 2123 25.15 33.32 -19.77
N SER A 2124 25.41 32.02 -19.64
CA SER A 2124 24.35 31.02 -19.74
C SER A 2124 23.79 30.73 -18.36
N LEU A 2125 22.83 29.78 -18.30
CA LEU A 2125 22.36 29.31 -17.01
C LEU A 2125 23.43 28.47 -16.33
N SER A 2126 24.09 27.60 -17.10
CA SER A 2126 25.14 26.77 -16.52
C SER A 2126 26.28 27.65 -16.03
N ASN A 2127 26.60 28.71 -16.78
CA ASN A 2127 27.66 29.61 -16.37
C ASN A 2127 27.33 30.26 -15.02
N TRP A 2128 26.07 30.66 -14.85
CA TRP A 2128 25.63 31.24 -13.58
C TRP A 2128 25.76 30.23 -12.46
N MET A 2129 25.34 28.99 -12.71
CA MET A 2129 25.42 27.94 -11.70
C MET A 2129 26.85 27.69 -11.29
N CYS A 2130 27.75 27.63 -12.28
CA CYS A 2130 29.17 27.41 -12.01
C CYS A 2130 29.74 28.54 -11.18
N VAL A 2131 29.39 29.78 -11.51
CA VAL A 2131 29.90 30.92 -10.76
C VAL A 2131 29.40 30.89 -9.33
N GLU A 2132 28.12 30.60 -9.11
CA GLU A 2132 27.63 30.65 -7.75
C GLU A 2132 27.99 29.42 -6.92
N ASP A 2133 28.49 28.36 -7.57
CA ASP A 2133 28.97 27.25 -6.76
C ASP A 2133 30.44 27.39 -6.47
N ILE A 2134 31.20 27.93 -7.41
CA ILE A 2134 32.58 28.29 -7.11
C ILE A 2134 32.59 29.30 -5.99
N TYR A 2135 31.64 30.25 -6.02
CA TYR A 2135 31.55 31.25 -4.96
C TYR A 2135 31.25 30.60 -3.62
N ALA A 2136 30.23 29.74 -3.55
CA ALA A 2136 29.92 29.26 -2.21
C ALA A 2136 30.91 28.23 -1.70
N ASN A 2137 31.74 27.65 -2.58
CA ASN A 2137 32.74 26.74 -2.05
C ASN A 2137 34.02 27.47 -1.65
N ILE A 2138 34.40 28.51 -2.39
CA ILE A 2138 35.51 29.30 -1.92
C ILE A 2138 35.12 30.03 -0.63
N PHE A 2139 33.84 30.38 -0.48
CA PHE A 2139 33.44 31.03 0.76
C PHE A 2139 33.51 30.08 1.93
N ILE A 2140 33.11 28.81 1.74
CA ILE A 2140 33.23 27.87 2.85
C ILE A 2140 34.71 27.67 3.21
N ILE A 2141 35.57 27.58 2.20
CA ILE A 2141 36.99 27.38 2.49
C ILE A 2141 37.59 28.59 3.19
N LYS A 2142 37.22 29.80 2.74
CA LYS A 2142 37.79 30.99 3.33
C LYS A 2142 37.32 31.18 4.76
N CYS A 2143 36.05 30.83 5.04
CA CYS A 2143 35.58 30.93 6.40
C CYS A 2143 36.27 29.90 7.29
N SER A 2144 36.53 28.70 6.76
CA SER A 2144 37.23 27.71 7.57
C SER A 2144 38.72 28.02 7.67
N ARG A 2145 39.22 28.97 6.91
CA ARG A 2145 40.57 29.48 7.10
C ARG A 2145 40.59 30.59 8.15
N GLU A 2146 39.60 31.47 8.10
CA GLU A 2146 39.56 32.58 9.05
C GLU A 2146 39.23 32.11 10.45
N THR A 2147 38.45 31.04 10.58
CA THR A 2147 38.26 30.47 11.92
C THR A 2147 39.47 29.64 12.35
N GLU A 2148 40.42 29.39 11.46
CA GLU A 2148 41.74 28.95 11.87
C GLU A 2148 42.56 30.11 12.43
N LYS A 2149 42.62 31.22 11.68
CA LYS A 2149 43.62 32.25 11.98
C LYS A 2149 43.40 32.88 13.36
N LYS A 2150 42.16 32.92 13.84
CA LYS A 2150 41.90 33.46 15.17
C LYS A 2150 42.28 32.50 16.28
N TYR A 2151 42.52 31.23 15.97
CA TYR A 2151 42.87 30.23 16.99
C TYR A 2151 43.88 29.26 16.39
N PRO A 2152 45.12 29.69 16.24
CA PRO A 2152 46.13 28.81 15.64
C PRO A 2152 46.42 27.60 16.53
N GLN A 2153 46.69 26.48 15.89
CA GLN A 2153 46.84 25.22 16.61
C GLN A 2153 48.30 24.77 16.58
N PRO A 2154 48.78 24.18 17.67
CA PRO A 2154 50.19 23.77 17.72
C PRO A 2154 50.46 22.61 16.79
N LYS A 2155 51.66 22.61 16.21
CA LYS A 2155 52.01 21.62 15.20
C LYS A 2155 52.07 20.23 15.79
N GLY A 2156 51.47 19.26 15.10
CA GLY A 2156 51.71 17.87 15.40
C GLY A 2156 51.01 17.31 16.63
N GLN A 2157 50.17 18.09 17.28
CA GLN A 2157 49.60 17.67 18.56
C GLN A 2157 48.12 18.02 18.54
N LYS A 2158 47.48 18.03 19.72
CA LYS A 2158 46.10 18.45 19.89
C LYS A 2158 45.16 17.52 19.11
N LYS A 2159 45.16 16.25 19.53
CA LYS A 2159 44.58 15.18 18.74
C LYS A 2159 43.09 14.99 18.98
N LYS A 2160 42.40 16.03 19.47
CA LYS A 2160 40.94 16.15 19.37
C LYS A 2160 40.24 14.99 20.08
N LYS A 2161 40.43 14.98 21.41
CA LYS A 2161 40.06 13.79 22.18
C LYS A 2161 38.55 13.63 22.34
N ILE A 2162 37.86 14.70 22.75
CA ILE A 2162 36.43 14.57 23.04
C ILE A 2162 35.61 14.54 21.75
N VAL A 2163 35.96 15.38 20.78
CA VAL A 2163 35.15 15.52 19.58
C VAL A 2163 35.13 14.21 18.79
N LYS A 2164 36.20 13.41 18.88
CA LYS A 2164 36.18 12.10 18.24
C LYS A 2164 35.04 11.27 18.78
N TYR A 2165 34.97 11.11 20.11
CA TYR A 2165 33.88 10.34 20.70
C TYR A 2165 32.53 10.95 20.34
N GLY A 2166 32.41 12.27 20.42
CA GLY A 2166 31.17 12.93 20.04
C GLY A 2166 30.66 12.56 18.66
N MET A 2167 31.44 12.92 17.65
CA MET A 2167 30.99 12.73 16.28
C MET A 2167 30.95 11.26 15.89
N GLY A 2168 31.71 10.41 16.58
CA GLY A 2168 31.83 9.05 16.11
C GLY A 2168 30.69 8.28 16.72
N GLY A 2169 30.31 8.63 17.95
CA GLY A 2169 29.12 8.05 18.54
C GLY A 2169 27.88 8.49 17.81
N LEU A 2170 27.84 9.76 17.40
CA LEU A 2170 26.69 10.21 16.62
C LEU A 2170 26.57 9.44 15.31
N ILE A 2171 27.70 9.22 14.64
CA ILE A 2171 27.65 8.51 13.36
C ILE A 2171 27.27 7.05 13.55
N ILE A 2172 27.89 6.38 14.53
CA ILE A 2172 27.66 4.95 14.67
C ILE A 2172 26.22 4.70 15.13
N LEU A 2173 25.69 5.51 16.05
CA LEU A 2173 24.30 5.30 16.44
C LEU A 2173 23.34 5.68 15.33
N PHE A 2174 23.71 6.63 14.46
CA PHE A 2174 22.82 6.97 13.35
C PHE A 2174 22.76 5.80 12.37
N LEU A 2175 23.92 5.21 12.06
CA LEU A 2175 23.97 4.10 11.13
C LEU A 2175 23.33 2.85 11.72
N ILE A 2176 23.56 2.59 13.01
CA ILE A 2176 22.94 1.43 13.63
C ILE A 2176 21.43 1.58 13.68
N ALA A 2177 20.93 2.81 13.90
CA ALA A 2177 19.49 3.00 13.89
C ALA A 2177 18.92 2.79 12.50
N ILE A 2178 19.66 3.24 11.47
CA ILE A 2178 19.18 3.03 10.11
C ILE A 2178 19.17 1.54 9.76
N ILE A 2179 20.14 0.79 10.27
CA ILE A 2179 20.14 -0.65 10.07
C ILE A 2179 18.94 -1.29 10.77
N TRP A 2180 18.68 -0.89 12.02
CA TRP A 2180 17.89 -1.73 12.92
C TRP A 2180 16.42 -1.34 12.97
N PHE A 2181 16.10 -0.05 13.06
CA PHE A 2181 14.71 0.42 13.17
C PHE A 2181 13.80 -0.04 12.04
N PRO A 2182 14.32 -0.38 10.84
CA PRO A 2182 13.44 -1.00 9.85
C PRO A 2182 12.80 -2.28 10.32
N LEU A 2183 13.42 -3.04 11.22
CA LEU A 2183 12.75 -4.23 11.73
C LEU A 2183 11.97 -3.95 12.99
N LEU A 2184 11.91 -2.67 13.40
CA LEU A 2184 10.98 -2.28 14.44
C LEU A 2184 9.67 -1.80 13.83
N PHE A 2185 9.74 -0.88 12.87
CA PHE A 2185 8.45 -0.59 12.23
C PHE A 2185 8.08 -1.65 11.20
N MET A 2186 8.95 -2.64 10.95
CA MET A 2186 8.50 -3.92 10.42
C MET A 2186 7.83 -4.78 11.49
N SER A 2187 8.40 -4.83 12.70
CA SER A 2187 7.90 -5.77 13.68
C SER A 2187 6.70 -5.24 14.46
N LEU A 2188 6.73 -3.97 14.87
CA LEU A 2188 5.71 -3.46 15.76
C LEU A 2188 4.35 -3.25 15.05
N ILE A 2189 4.27 -3.67 13.79
CA ILE A 2189 3.00 -3.79 13.08
C ILE A 2189 2.48 -5.23 13.10
N ARG A 2190 3.31 -6.19 13.50
CA ARG A 2190 2.93 -7.60 13.54
C ARG A 2190 2.43 -8.05 14.90
N SER A 2191 2.19 -7.13 15.83
CA SER A 2191 1.74 -7.47 17.18
C SER A 2191 0.22 -7.46 17.25
N VAL A 2192 -0.39 -8.33 16.44
CA VAL A 2192 -1.82 -8.37 16.20
C VAL A 2192 -2.33 -9.78 16.51
N VAL A 2193 -1.75 -10.41 17.53
CA VAL A 2193 -1.97 -11.81 17.89
C VAL A 2193 -3.43 -12.24 17.73
N GLY A 2194 -4.34 -11.51 18.34
CA GLY A 2194 -5.75 -11.82 18.20
C GLY A 2194 -6.47 -11.67 19.52
N VAL A 2195 -7.75 -12.04 19.50
CA VAL A 2195 -8.58 -12.12 20.69
C VAL A 2195 -9.65 -13.19 20.46
N VAL A 2196 -10.33 -13.58 21.54
CA VAL A 2196 -11.23 -14.72 21.49
C VAL A 2196 -12.59 -14.28 20.95
N ASN A 2197 -13.30 -15.22 20.34
CA ASN A 2197 -14.59 -14.98 19.70
C ASN A 2197 -15.63 -15.89 20.34
N GLN A 2198 -16.17 -15.47 21.47
CA GLN A 2198 -17.22 -16.22 22.14
C GLN A 2198 -18.55 -16.01 21.42
N PRO A 2199 -19.15 -17.05 20.85
CA PRO A 2199 -20.36 -16.85 20.03
C PRO A 2199 -21.55 -16.45 20.88
N ILE A 2200 -22.08 -15.25 20.62
CA ILE A 2200 -23.22 -14.75 21.39
C ILE A 2200 -24.55 -15.35 20.96
N ASP A 2201 -24.58 -16.03 19.81
CA ASP A 2201 -25.81 -16.57 19.25
C ASP A 2201 -25.57 -18.01 18.84
N VAL A 2202 -26.45 -18.92 19.24
CA VAL A 2202 -26.44 -20.28 18.72
C VAL A 2202 -27.82 -20.60 18.18
N THR A 2203 -27.88 -21.11 16.95
CA THR A 2203 -29.13 -21.51 16.33
C THR A 2203 -29.00 -22.92 15.77
N VAL A 2204 -30.03 -23.74 15.97
CA VAL A 2204 -30.03 -25.11 15.49
C VAL A 2204 -31.41 -25.42 14.93
N THR A 2205 -31.46 -26.00 13.74
CA THR A 2205 -32.74 -26.40 13.17
C THR A 2205 -32.65 -27.77 12.51
N LEU A 2206 -33.68 -28.59 12.76
CA LEU A 2206 -33.95 -29.80 12.01
C LEU A 2206 -34.99 -29.50 10.93
N LYS A 2207 -34.60 -29.62 9.67
CA LYS A 2207 -35.49 -29.38 8.54
C LYS A 2207 -35.59 -30.69 7.75
N LEU A 2208 -36.61 -31.48 8.04
CA LEU A 2208 -36.93 -32.66 7.25
C LEU A 2208 -37.91 -32.29 6.14
N GLY A 2209 -37.53 -32.60 4.90
CA GLY A 2209 -38.40 -32.35 3.77
C GLY A 2209 -38.53 -30.89 3.38
N GLY A 2210 -39.07 -30.64 2.19
CA GLY A 2210 -39.31 -29.30 1.70
C GLY A 2210 -40.61 -28.68 2.13
N TYR A 2211 -41.45 -29.41 2.87
CA TYR A 2211 -42.78 -28.89 3.20
C TYR A 2211 -42.71 -27.82 4.28
N GLU A 2212 -41.91 -28.04 5.32
CA GLU A 2212 -41.82 -27.10 6.44
C GLU A 2212 -40.63 -27.45 7.32
N PRO A 2213 -39.91 -26.45 7.82
CA PRO A 2213 -38.91 -26.72 8.87
C PRO A 2213 -39.56 -27.21 10.15
N LEU A 2214 -39.31 -28.48 10.51
CA LEU A 2214 -39.98 -29.06 11.66
C LEU A 2214 -39.47 -28.47 12.97
N PHE A 2215 -38.19 -28.69 13.29
CA PHE A 2215 -37.62 -28.20 14.52
C PHE A 2215 -36.75 -26.97 14.25
N THR A 2216 -36.88 -25.95 15.11
CA THR A 2216 -35.90 -24.88 15.17
C THR A 2216 -35.76 -24.42 16.61
N MET A 2217 -34.63 -23.79 16.90
CA MET A 2217 -34.42 -23.12 18.18
C MET A 2217 -33.19 -22.24 18.07
N SER A 2218 -33.13 -21.23 18.96
CA SER A 2218 -31.89 -20.53 19.23
C SER A 2218 -31.68 -20.40 20.73
N ALA A 2219 -30.47 -19.96 21.09
CA ALA A 2219 -30.09 -19.71 22.47
C ALA A 2219 -29.01 -18.64 22.48
N GLN A 2220 -28.80 -18.06 23.66
CA GLN A 2220 -27.80 -17.03 23.89
C GLN A 2220 -26.92 -17.44 25.06
N GLN A 2221 -26.02 -16.54 25.45
CA GLN A 2221 -25.01 -16.79 26.47
C GLN A 2221 -25.64 -17.19 27.81
N PRO A 2222 -26.90 -16.84 28.04
CA PRO A 2222 -27.60 -17.43 29.20
C PRO A 2222 -27.71 -18.94 29.13
N SER A 2223 -27.94 -19.51 27.95
CA SER A 2223 -28.00 -20.95 27.77
C SER A 2223 -26.72 -21.52 27.18
N ILE A 2224 -25.64 -20.74 27.15
CA ILE A 2224 -24.33 -21.22 26.76
C ILE A 2224 -23.40 -21.20 27.96
N VAL A 2225 -22.61 -22.25 28.11
CA VAL A 2225 -21.60 -22.35 29.17
C VAL A 2225 -20.23 -22.19 28.54
N PRO A 2226 -19.57 -21.04 28.69
CA PRO A 2226 -18.13 -20.98 28.41
C PRO A 2226 -17.38 -21.96 29.30
N PHE A 2227 -16.49 -22.73 28.69
CA PHE A 2227 -15.83 -23.82 29.40
C PHE A 2227 -14.92 -23.29 30.50
N THR A 2228 -14.90 -24.02 31.63
CA THR A 2228 -14.09 -24.06 32.83
C THR A 2228 -12.94 -25.04 32.67
N PRO A 2229 -11.84 -24.83 33.41
CA PRO A 2229 -10.71 -25.76 33.29
C PRO A 2229 -11.06 -27.19 33.66
N GLN A 2230 -12.15 -27.41 34.40
CA GLN A 2230 -12.65 -28.76 34.58
C GLN A 2230 -12.96 -29.41 33.24
N ALA A 2231 -13.58 -28.67 32.32
CA ALA A 2231 -13.83 -29.20 30.99
C ALA A 2231 -12.55 -29.34 30.17
N TYR A 2232 -11.51 -28.55 30.51
CA TYR A 2232 -10.21 -28.79 29.88
C TYR A 2232 -9.62 -30.12 30.32
N GLU A 2233 -9.71 -30.43 31.61
CA GLU A 2233 -9.26 -31.74 32.07
C GLU A 2233 -10.12 -32.86 31.51
N GLU A 2234 -11.42 -32.59 31.31
CA GLU A 2234 -12.30 -33.59 30.70
C GLU A 2234 -11.89 -33.86 29.25
N LEU A 2235 -11.62 -32.80 28.48
CA LEU A 2235 -11.16 -32.99 27.11
C LEU A 2235 -9.78 -33.63 27.04
N SER A 2236 -8.97 -33.44 28.09
CA SER A 2236 -7.74 -34.22 28.22
C SER A 2236 -8.06 -35.70 28.46
N GLN A 2237 -9.12 -35.98 29.22
CA GLN A 2237 -9.47 -37.35 29.56
C GLN A 2237 -10.22 -38.02 28.42
N GLN A 2238 -11.25 -37.35 27.89
CA GLN A 2238 -12.28 -38.01 27.11
C GLN A 2238 -11.81 -38.45 25.72
N PHE A 2239 -10.58 -38.12 25.34
CA PHE A 2239 -10.08 -38.38 23.99
C PHE A 2239 -8.69 -38.99 24.06
N ASP A 2240 -8.57 -40.03 24.89
CA ASP A 2240 -7.24 -40.54 25.28
C ASP A 2240 -6.47 -41.08 24.09
N PRO A 2241 -6.91 -42.13 23.41
CA PRO A 2241 -6.02 -42.88 22.51
C PRO A 2241 -5.90 -42.32 21.10
N TYR A 2242 -6.40 -41.13 20.84
CA TYR A 2242 -6.33 -40.52 19.52
C TYR A 2242 -5.30 -39.39 19.55
N PRO A 2243 -4.15 -39.54 18.89
CA PRO A 2243 -3.12 -38.49 19.03
C PRO A 2243 -3.45 -37.23 18.26
N LEU A 2244 -4.13 -37.34 17.12
CA LEU A 2244 -4.60 -36.14 16.42
C LEU A 2244 -5.64 -35.41 17.27
N ALA A 2245 -6.51 -36.16 17.94
CA ALA A 2245 -7.48 -35.53 18.84
C ALA A 2245 -6.77 -34.92 20.05
N MET A 2246 -5.74 -35.60 20.55
CA MET A 2246 -4.96 -35.05 21.65
C MET A 2246 -4.37 -33.69 21.28
N GLN A 2247 -3.71 -33.61 20.12
CA GLN A 2247 -3.12 -32.35 19.68
C GLN A 2247 -4.19 -31.31 19.35
N PHE A 2248 -5.35 -31.73 18.84
CA PHE A 2248 -6.42 -30.78 18.57
C PHE A 2248 -6.97 -30.18 19.86
N ILE A 2249 -7.16 -31.01 20.88
CA ILE A 2249 -7.70 -30.52 22.15
C ILE A 2249 -6.67 -29.65 22.87
N SER A 2250 -5.39 -30.06 22.84
CA SER A 2250 -4.35 -29.26 23.47
C SER A 2250 -3.98 -28.02 22.66
N GLN A 2251 -4.45 -27.91 21.42
CA GLN A 2251 -4.14 -26.75 20.60
C GLN A 2251 -4.72 -25.48 21.18
N TYR A 2252 -6.05 -25.44 21.33
CA TYR A 2252 -6.71 -24.17 21.62
C TYR A 2252 -6.45 -23.74 23.06
N SER A 2253 -6.89 -22.52 23.36
CA SER A 2253 -6.91 -22.03 24.73
C SER A 2253 -8.00 -22.74 25.54
N PRO A 2254 -7.93 -22.65 26.87
CA PRO A 2254 -9.11 -23.02 27.68
C PRO A 2254 -10.37 -22.28 27.26
N GLU A 2255 -10.30 -20.96 27.10
CA GLU A 2255 -11.47 -20.18 26.73
C GLU A 2255 -11.52 -19.98 25.21
N ASP A 2256 -11.64 -21.09 24.51
CA ASP A 2256 -11.97 -21.11 23.09
C ASP A 2256 -13.04 -22.13 22.75
N ILE A 2257 -13.50 -22.91 23.71
CA ILE A 2257 -14.55 -23.91 23.53
C ILE A 2257 -15.69 -23.57 24.49
N VAL A 2258 -16.91 -23.68 23.99
CA VAL A 2258 -18.10 -23.51 24.81
C VAL A 2258 -19.05 -24.68 24.59
N THR A 2259 -20.04 -24.76 25.48
CA THR A 2259 -21.05 -25.82 25.45
C THR A 2259 -22.42 -25.16 25.44
N ALA A 2260 -23.09 -25.20 24.30
CA ALA A 2260 -24.46 -24.71 24.22
C ALA A 2260 -25.41 -25.76 24.75
N GLN A 2261 -26.42 -25.31 25.49
CA GLN A 2261 -27.55 -26.14 25.87
C GLN A 2261 -28.75 -25.79 25.00
N ILE A 2262 -29.60 -26.78 24.77
CA ILE A 2262 -30.80 -26.61 23.96
C ILE A 2262 -31.96 -27.26 24.68
N GLU A 2263 -33.10 -26.55 24.72
CA GLU A 2263 -34.29 -27.08 25.37
C GLU A 2263 -34.83 -28.26 24.57
N GLY A 2264 -35.17 -29.34 25.27
CA GLY A 2264 -35.66 -30.52 24.57
C GLY A 2264 -36.96 -30.26 23.85
N SER A 2265 -37.91 -29.61 24.53
CA SER A 2265 -39.18 -29.29 23.91
C SER A 2265 -39.01 -28.14 22.92
N SER A 2266 -40.04 -27.95 22.10
CA SER A 2266 -40.11 -26.80 21.21
C SER A 2266 -40.47 -25.54 21.98
N GLY A 2267 -40.03 -24.40 21.46
CA GLY A 2267 -40.54 -23.13 21.91
C GLY A 2267 -41.75 -22.63 21.16
N ALA A 2268 -42.35 -23.46 20.32
CA ALA A 2268 -43.46 -23.05 19.47
C ALA A 2268 -44.21 -24.31 19.04
N LEU A 2269 -45.06 -24.18 18.01
CA LEU A 2269 -45.73 -25.32 17.40
C LEU A 2269 -45.14 -25.58 16.02
N TRP A 2270 -45.48 -26.73 15.45
CA TRP A 2270 -45.21 -27.03 14.04
C TRP A 2270 -46.30 -26.41 13.16
N ARG A 2271 -46.22 -25.09 13.03
CA ARG A 2271 -47.20 -24.35 12.25
C ARG A 2271 -46.95 -24.59 10.76
N ILE A 2272 -47.89 -25.28 10.10
CA ILE A 2272 -47.68 -25.78 8.75
C ILE A 2272 -49.04 -25.88 8.06
N SER A 2273 -49.02 -25.71 6.75
CA SER A 2273 -50.25 -25.80 5.97
C SER A 2273 -50.75 -27.24 5.98
N PRO A 2274 -52.04 -27.47 6.20
CA PRO A 2274 -52.55 -28.83 6.27
C PRO A 2274 -52.44 -29.53 4.93
N PRO A 2275 -52.49 -28.79 3.82
CA PRO A 2275 -52.01 -29.37 2.56
C PRO A 2275 -50.59 -29.89 2.63
N SER A 2276 -49.66 -29.08 3.15
CA SER A 2276 -48.28 -29.52 3.26
C SER A 2276 -48.11 -30.62 4.29
N ARG A 2277 -48.88 -30.57 5.38
CA ARG A 2277 -48.86 -31.66 6.34
C ARG A 2277 -49.34 -32.97 5.71
N ALA A 2278 -50.37 -32.88 4.86
CA ALA A 2278 -50.86 -34.08 4.19
C ALA A 2278 -49.84 -34.59 3.17
N GLN A 2279 -49.14 -33.69 2.51
CA GLN A 2279 -48.17 -34.11 1.50
C GLN A 2279 -46.95 -34.77 2.16
N MET A 2280 -46.47 -34.20 3.26
CA MET A 2280 -45.38 -34.84 3.98
C MET A 2280 -45.83 -36.15 4.61
N LYS A 2281 -47.07 -36.21 5.09
CA LYS A 2281 -47.60 -37.47 5.62
C LYS A 2281 -47.63 -38.55 4.54
N GLN A 2282 -48.07 -38.20 3.33
CA GLN A 2282 -48.17 -39.21 2.28
C GLN A 2282 -46.81 -39.57 1.70
N GLU A 2283 -45.86 -38.64 1.76
CA GLU A 2283 -44.48 -38.98 1.39
C GLU A 2283 -43.87 -39.95 2.39
N LEU A 2284 -44.02 -39.67 3.69
CA LEU A 2284 -43.45 -40.56 4.70
C LEU A 2284 -44.18 -41.91 4.76
N TYR A 2285 -45.47 -41.94 4.42
CA TYR A 2285 -46.18 -43.21 4.32
C TYR A 2285 -45.75 -44.00 3.10
N ASN A 2286 -45.99 -43.45 1.90
CA ASN A 2286 -45.94 -44.26 0.69
C ASN A 2286 -45.26 -43.55 -0.47
N GLY A 2287 -44.57 -42.43 -0.24
CA GLY A 2287 -43.75 -41.84 -1.27
C GLY A 2287 -42.51 -42.66 -1.55
N THR A 2288 -42.49 -43.35 -2.69
CA THR A 2288 -41.49 -44.37 -2.96
C THR A 2288 -40.21 -43.74 -3.53
N ALA A 2289 -39.59 -42.93 -2.69
CA ALA A 2289 -38.34 -42.26 -3.03
C ALA A 2289 -37.63 -41.89 -1.74
N ASP A 2290 -36.49 -41.21 -1.87
CA ASP A 2290 -35.69 -40.85 -0.72
C ASP A 2290 -36.16 -39.51 -0.15
N ILE A 2291 -35.69 -39.19 1.05
CA ILE A 2291 -36.05 -37.93 1.69
C ILE A 2291 -34.87 -37.45 2.53
N THR A 2292 -34.55 -36.17 2.41
CA THR A 2292 -33.41 -35.60 3.12
C THR A 2292 -33.87 -34.88 4.39
N LEU A 2293 -33.02 -34.93 5.41
CA LEU A 2293 -33.14 -34.09 6.60
C LEU A 2293 -31.86 -33.29 6.72
N ARG A 2294 -32.00 -31.97 6.78
CA ARG A 2294 -30.90 -31.07 7.08
C ARG A 2294 -30.89 -30.74 8.57
N PHE A 2295 -29.87 -31.23 9.27
CA PHE A 2295 -29.48 -30.65 10.55
C PHE A 2295 -28.59 -29.46 10.31
N THR A 2296 -28.99 -28.29 10.81
CA THR A 2296 -28.27 -27.04 10.55
C THR A 2296 -27.93 -26.40 11.89
N TRP A 2297 -26.69 -26.61 12.34
CA TRP A 2297 -26.09 -25.78 13.37
C TRP A 2297 -25.64 -24.45 12.78
N ASN A 2298 -25.54 -23.45 13.65
CA ASN A 2298 -25.15 -22.11 13.24
C ASN A 2298 -24.77 -21.32 14.48
N PHE A 2299 -23.78 -20.44 14.35
CA PHE A 2299 -23.36 -19.57 15.42
C PHE A 2299 -23.17 -18.16 14.89
N GLN A 2300 -23.20 -17.20 15.82
CA GLN A 2300 -22.83 -15.83 15.53
C GLN A 2300 -22.06 -15.26 16.69
N ARG A 2301 -20.86 -14.75 16.39
CA ARG A 2301 -19.98 -14.13 17.38
C ARG A 2301 -20.38 -12.67 17.57
N ASP A 2302 -19.51 -11.91 18.22
CA ASP A 2302 -19.66 -10.46 18.27
C ASP A 2302 -18.80 -9.82 17.18
N LEU A 2303 -18.94 -8.51 17.05
CA LEU A 2303 -18.36 -7.79 15.92
C LEU A 2303 -17.28 -6.81 16.30
N ALA A 2304 -17.38 -6.14 17.45
CA ALA A 2304 -16.32 -5.25 17.89
C ALA A 2304 -15.07 -6.02 18.32
N LYS A 2305 -15.18 -7.33 18.54
CA LYS A 2305 -14.01 -8.18 18.68
C LYS A 2305 -13.24 -8.33 17.37
N GLY A 2306 -13.82 -7.91 16.25
CA GLY A 2306 -13.27 -8.19 14.94
C GLY A 2306 -14.00 -9.32 14.25
N GLY A 2307 -13.40 -9.80 13.17
CA GLY A 2307 -14.02 -10.85 12.39
C GLY A 2307 -14.90 -10.32 11.29
N THR A 2308 -14.56 -10.63 10.04
CA THR A 2308 -15.25 -10.06 8.89
C THR A 2308 -16.36 -10.97 8.37
N VAL A 2309 -16.72 -12.01 9.12
CA VAL A 2309 -17.91 -12.79 8.87
C VAL A 2309 -18.56 -13.10 10.21
N GLU A 2310 -19.88 -13.17 10.22
CA GLU A 2310 -20.60 -13.14 11.48
C GLU A 2310 -21.54 -14.32 11.67
N TYR A 2311 -22.24 -14.74 10.62
CA TYR A 2311 -23.23 -15.81 10.72
C TYR A 2311 -22.61 -17.07 10.14
N THR A 2312 -21.84 -17.77 10.96
CA THR A 2312 -21.14 -18.97 10.52
C THR A 2312 -22.04 -20.18 10.71
N ASN A 2313 -21.95 -21.14 9.80
CA ASN A 2313 -22.82 -22.30 9.85
C ASN A 2313 -22.28 -23.36 8.89
N GLU A 2314 -23.01 -24.47 8.82
CA GLU A 2314 -22.96 -25.46 7.76
C GLU A 2314 -24.10 -26.45 7.99
N LYS A 2315 -24.65 -26.97 6.89
CA LYS A 2315 -25.69 -27.98 6.99
C LYS A 2315 -25.09 -29.36 7.21
N HIS A 2316 -25.98 -30.35 7.36
CA HIS A 2316 -25.59 -31.75 7.39
C HIS A 2316 -26.79 -32.56 6.95
N THR A 2317 -26.57 -33.51 6.05
CA THR A 2317 -27.65 -34.23 5.39
C THR A 2317 -27.75 -35.65 5.92
N LEU A 2318 -28.98 -36.09 6.15
CA LEU A 2318 -29.28 -37.51 6.33
C LEU A 2318 -30.33 -37.94 5.32
N GLU A 2319 -30.19 -39.15 4.80
CA GLU A 2319 -31.04 -39.67 3.74
C GLU A 2319 -31.87 -40.83 4.27
N LEU A 2320 -33.17 -40.81 3.99
CA LEU A 2320 -34.08 -41.86 4.41
C LEU A 2320 -34.70 -42.50 3.17
N ALA A 2321 -34.77 -43.83 3.19
CA ALA A 2321 -35.20 -44.61 2.04
C ALA A 2321 -36.71 -44.52 1.87
N PRO A 2322 -37.22 -45.00 0.73
CA PRO A 2322 -38.65 -45.24 0.61
C PRO A 2322 -39.12 -46.36 1.54
N ASN A 2323 -39.94 -46.01 2.53
CA ASN A 2323 -40.49 -46.97 3.49
C ASN A 2323 -39.39 -47.75 4.21
N SER A 2324 -38.56 -47.00 4.94
CA SER A 2324 -37.51 -47.57 5.75
C SER A 2324 -37.97 -47.63 7.21
N THR A 2325 -37.05 -47.99 8.11
CA THR A 2325 -37.43 -48.14 9.51
C THR A 2325 -37.69 -46.79 10.16
N ALA A 2326 -36.76 -45.85 9.99
CA ALA A 2326 -37.00 -44.49 10.44
C ALA A 2326 -38.17 -43.84 9.71
N ARG A 2327 -38.38 -44.19 8.44
CA ARG A 2327 -39.58 -43.76 7.74
C ARG A 2327 -40.84 -44.30 8.42
N ARG A 2328 -40.79 -45.52 8.93
CA ARG A 2328 -41.94 -46.06 9.65
C ARG A 2328 -42.11 -45.40 11.01
N GLN A 2329 -41.00 -45.01 11.66
CA GLN A 2329 -41.11 -44.26 12.90
C GLN A 2329 -41.73 -42.90 12.66
N LEU A 2330 -41.35 -42.23 11.57
CA LEU A 2330 -42.01 -40.98 11.20
C LEU A 2330 -43.47 -41.18 10.83
N ALA A 2331 -43.80 -42.32 10.21
CA ALA A 2331 -45.19 -42.60 9.88
C ALA A 2331 -46.03 -42.80 11.13
N GLN A 2332 -45.47 -43.47 12.14
CA GLN A 2332 -46.17 -43.60 13.41
C GLN A 2332 -46.22 -42.27 14.15
N LEU A 2333 -45.21 -41.42 13.97
CA LEU A 2333 -45.26 -40.08 14.51
C LEU A 2333 -46.36 -39.25 13.84
N LEU A 2334 -46.39 -39.26 12.51
CA LEU A 2334 -47.29 -38.43 11.74
C LEU A 2334 -48.72 -38.98 11.70
N GLU A 2335 -48.99 -40.09 12.40
CA GLU A 2335 -50.35 -40.59 12.49
C GLU A 2335 -51.21 -39.79 13.46
N GLY A 2336 -50.59 -39.01 14.33
CA GLY A 2336 -51.32 -38.18 15.27
C GLY A 2336 -51.57 -38.87 16.59
N ARG A 2337 -50.58 -39.61 17.08
CA ARG A 2337 -50.73 -40.39 18.30
C ARG A 2337 -49.56 -40.08 19.24
N PRO A 2338 -49.82 -39.85 20.53
CA PRO A 2338 -48.75 -39.43 21.46
C PRO A 2338 -48.10 -40.62 22.16
N ASP A 2339 -47.54 -41.53 21.38
CA ASP A 2339 -46.84 -42.68 21.95
C ASP A 2339 -45.45 -42.90 21.35
N GLN A 2340 -45.29 -42.67 20.05
CA GLN A 2340 -44.21 -43.30 19.30
C GLN A 2340 -42.95 -42.43 19.39
N SER A 2341 -41.94 -42.77 18.60
CA SER A 2341 -40.65 -42.10 18.64
C SER A 2341 -39.97 -42.28 17.29
N VAL A 2342 -38.67 -41.99 17.24
CA VAL A 2342 -37.90 -42.08 16.00
C VAL A 2342 -36.54 -42.68 16.30
N VAL A 2343 -35.90 -43.19 15.25
CA VAL A 2343 -34.51 -43.61 15.29
C VAL A 2343 -33.72 -42.80 14.27
N ILE A 2344 -32.55 -42.34 14.67
CA ILE A 2344 -31.67 -41.53 13.83
C ILE A 2344 -30.35 -42.27 13.65
N PRO A 2345 -29.98 -42.66 12.44
CA PRO A 2345 -28.66 -43.29 12.24
C PRO A 2345 -27.53 -42.29 12.32
N HIS A 2346 -27.36 -41.68 13.50
CA HIS A 2346 -26.13 -40.95 13.86
C HIS A 2346 -25.89 -39.77 12.92
N LEU A 2347 -26.84 -38.83 12.94
CA LEU A 2347 -26.71 -37.58 12.20
C LEU A 2347 -26.03 -36.48 13.02
N PHE A 2348 -26.27 -36.44 14.33
CA PHE A 2348 -26.00 -35.24 15.12
C PHE A 2348 -24.60 -35.32 15.71
N PRO A 2349 -23.66 -34.48 15.29
CA PRO A 2349 -22.35 -34.44 15.93
C PRO A 2349 -22.40 -33.70 17.26
N LYS A 2350 -21.30 -33.81 18.01
CA LYS A 2350 -21.21 -33.30 19.37
C LYS A 2350 -20.10 -32.27 19.57
N TYR A 2351 -19.09 -32.24 18.69
CA TYR A 2351 -17.95 -31.34 18.83
C TYR A 2351 -17.70 -30.71 17.46
N ILE A 2352 -17.95 -29.40 17.37
CA ILE A 2352 -17.95 -28.68 16.10
C ILE A 2352 -16.95 -27.54 16.16
N ARG A 2353 -15.99 -27.55 15.25
CA ARG A 2353 -15.06 -26.42 15.10
C ARG A 2353 -15.79 -25.27 14.41
N ALA A 2354 -15.95 -24.16 15.13
CA ALA A 2354 -16.47 -22.92 14.57
C ALA A 2354 -15.27 -22.04 14.24
N PRO A 2355 -14.89 -21.93 12.97
CA PRO A 2355 -13.58 -21.34 12.66
C PRO A 2355 -13.57 -19.82 12.79
N ASN A 2356 -12.46 -19.21 12.41
CA ASN A 2356 -12.41 -17.78 12.13
C ASN A 2356 -12.67 -17.48 10.66
N GLY A 2357 -13.46 -18.32 10.00
CA GLY A 2357 -13.76 -18.18 8.60
C GLY A 2357 -15.26 -18.21 8.36
N PRO A 2358 -15.67 -18.45 7.12
CA PRO A 2358 -17.09 -18.37 6.78
C PRO A 2358 -17.87 -19.67 6.90
N GLU A 2359 -17.22 -20.78 7.27
CA GLU A 2359 -17.88 -22.08 7.26
C GLU A 2359 -17.44 -22.88 8.48
N ALA A 2360 -18.38 -23.16 9.38
CA ALA A 2360 -18.11 -24.01 10.52
C ALA A 2360 -18.08 -25.46 10.08
N ASN A 2361 -17.25 -26.26 10.73
CA ASN A 2361 -17.13 -27.66 10.38
C ASN A 2361 -17.02 -28.53 11.62
N PRO A 2362 -17.54 -29.75 11.57
CA PRO A 2362 -17.40 -30.66 12.71
C PRO A 2362 -15.97 -31.14 12.84
N VAL A 2363 -15.52 -31.32 14.08
CA VAL A 2363 -14.16 -31.77 14.32
C VAL A 2363 -13.98 -33.18 13.78
N LYS A 2364 -12.88 -33.40 13.06
CA LYS A 2364 -12.56 -34.69 12.48
C LYS A 2364 -11.50 -35.44 13.27
N GLN A 2365 -11.16 -34.97 14.47
CA GLN A 2365 -10.09 -35.56 15.26
C GLN A 2365 -10.62 -36.17 16.55
N LEU A 2366 -11.34 -35.39 17.36
CA LEU A 2366 -12.05 -35.99 18.49
C LEU A 2366 -13.17 -36.91 18.02
N GLN A 2367 -13.74 -36.62 16.85
CA GLN A 2367 -14.72 -37.49 16.21
C GLN A 2367 -14.13 -37.95 14.89
N PRO A 2368 -13.54 -39.15 14.84
CA PRO A 2368 -12.73 -39.55 13.67
C PRO A 2368 -13.47 -40.36 12.62
N ASP A 2369 -14.78 -40.55 12.74
CA ASP A 2369 -15.47 -41.57 11.95
C ASP A 2369 -16.38 -41.00 10.87
N GLU A 2370 -16.71 -39.71 10.95
CA GLU A 2370 -17.25 -38.94 9.83
C GLU A 2370 -18.64 -39.39 9.42
N GLU A 2371 -19.13 -40.51 9.98
CA GLU A 2371 -20.55 -40.79 10.00
C GLU A 2371 -21.06 -41.40 11.30
N GLU A 2372 -20.19 -41.94 12.14
CA GLU A 2372 -20.61 -42.72 13.31
C GLU A 2372 -20.19 -42.09 14.63
N ASP A 2373 -19.01 -41.45 14.68
CA ASP A 2373 -18.64 -40.66 15.85
C ASP A 2373 -19.70 -39.61 16.16
N TYR A 2374 -20.34 -39.06 15.14
CA TYR A 2374 -21.45 -38.14 15.37
C TYR A 2374 -22.64 -38.90 15.95
N LEU A 2375 -23.20 -38.38 17.05
CA LEU A 2375 -24.11 -39.16 17.85
C LEU A 2375 -25.49 -39.22 17.19
N GLY A 2376 -26.44 -39.84 17.87
CA GLY A 2376 -27.78 -40.06 17.35
C GLY A 2376 -28.81 -39.20 18.05
N VAL A 2377 -29.88 -38.89 17.33
CA VAL A 2377 -30.97 -38.06 17.84
C VAL A 2377 -32.25 -38.88 17.86
N ARG A 2378 -33.26 -38.34 18.53
CA ARG A 2378 -34.62 -38.84 18.44
C ARG A 2378 -35.59 -37.70 18.71
N ILE A 2379 -36.81 -37.87 18.23
CA ILE A 2379 -37.82 -36.82 18.28
C ILE A 2379 -39.12 -37.38 18.81
N GLN A 2380 -39.92 -36.50 19.40
CA GLN A 2380 -41.25 -36.82 19.90
C GLN A 2380 -42.22 -35.77 19.41
N LEU A 2381 -43.31 -36.20 18.78
CA LEU A 2381 -44.35 -35.28 18.33
C LEU A 2381 -45.50 -35.35 19.32
N ARG A 2382 -45.83 -34.22 19.94
CA ARG A 2382 -46.87 -34.17 20.95
C ARG A 2382 -48.03 -33.32 20.44
N ARG A 2383 -49.23 -33.92 20.49
CA ARG A 2383 -50.47 -33.28 20.09
C ARG A 2383 -51.35 -33.02 21.31
N GLU A 2384 -51.77 -31.78 21.48
CA GLU A 2384 -52.59 -31.35 22.61
C GLU A 2384 -53.96 -30.94 22.07
N GLN A 2385 -55.00 -31.67 22.48
CA GLN A 2385 -56.33 -31.45 21.94
C GLN A 2385 -56.88 -30.11 22.42
N VAL A 2386 -57.40 -29.32 21.49
CA VAL A 2386 -57.97 -28.02 21.83
C VAL A 2386 -59.48 -28.02 21.62
N GLY A 2396 -56.18 -32.25 8.46
CA GLY A 2396 -57.00 -33.05 9.36
C GLY A 2396 -57.79 -32.23 10.34
N THR A 2397 -59.11 -32.46 10.39
CA THR A 2397 -59.97 -31.68 11.26
C THR A 2397 -59.66 -31.94 12.74
N LYS A 2398 -59.68 -33.21 13.15
CA LYS A 2398 -59.19 -33.56 14.48
C LYS A 2398 -57.71 -33.23 14.63
N ALA A 2399 -56.93 -33.42 13.57
CA ALA A 2399 -55.53 -33.03 13.61
C ALA A 2399 -55.33 -31.53 13.63
N SER A 2400 -56.37 -30.75 13.31
CA SER A 2400 -56.32 -29.31 13.56
C SER A 2400 -56.82 -28.93 14.94
N ASP A 2401 -57.77 -29.68 15.50
CA ASP A 2401 -58.18 -29.46 16.88
C ASP A 2401 -57.07 -29.85 17.85
N PHE A 2402 -56.32 -30.89 17.53
CA PHE A 2402 -55.04 -31.12 18.17
C PHE A 2402 -53.99 -30.15 17.63
N LEU A 2403 -53.15 -29.64 18.53
CA LEU A 2403 -52.09 -28.71 18.18
C LEU A 2403 -50.78 -29.31 18.68
N GLU A 2404 -49.80 -29.41 17.78
CA GLU A 2404 -48.68 -30.31 17.99
C GLU A 2404 -47.36 -29.53 17.94
N TRP A 2405 -46.35 -30.12 18.59
CA TRP A 2405 -44.99 -29.63 18.48
C TRP A 2405 -44.04 -30.82 18.62
N TRP A 2406 -42.74 -30.50 18.74
CA TRP A 2406 -41.70 -31.51 18.76
C TRP A 2406 -40.78 -31.33 19.96
N VAL A 2407 -40.30 -32.45 20.49
CA VAL A 2407 -39.36 -32.50 21.59
C VAL A 2407 -38.17 -33.33 21.15
N ILE A 2408 -36.96 -32.77 21.32
CA ILE A 2408 -35.74 -33.41 20.87
C ILE A 2408 -35.07 -34.15 22.02
N GLU A 2409 -34.29 -35.18 21.68
CA GLU A 2409 -33.56 -35.98 22.64
C GLU A 2409 -32.49 -36.74 21.86
N LEU A 2410 -31.71 -37.55 22.58
CA LEU A 2410 -30.72 -38.37 21.90
C LEU A 2410 -31.35 -39.68 21.44
N GLN A 2411 -30.68 -40.35 20.50
CA GLN A 2411 -31.03 -41.73 20.15
C GLN A 2411 -31.12 -42.61 21.38
N ASP A 2412 -30.20 -42.41 22.33
CA ASP A 2412 -30.24 -43.07 23.64
C ASP A 2412 -29.93 -41.99 24.67
N CYS A 2413 -30.98 -41.34 25.16
CA CYS A 2413 -30.80 -40.18 26.03
C CYS A 2413 -30.48 -40.61 27.45
N LYS A 2414 -29.60 -39.84 28.10
CA LYS A 2414 -29.27 -40.02 29.51
C LYS A 2414 -29.86 -38.91 30.35
N ALA A 2415 -29.53 -37.65 30.05
CA ALA A 2415 -30.21 -36.51 30.62
C ALA A 2415 -30.50 -35.43 29.60
N ASP A 2416 -30.10 -35.60 28.35
CA ASP A 2416 -30.33 -34.62 27.29
C ASP A 2416 -31.76 -34.62 26.78
N CYS A 2417 -32.61 -35.52 27.26
CA CYS A 2417 -34.05 -35.38 27.05
C CYS A 2417 -34.65 -34.19 27.80
N ASN A 2418 -33.95 -33.66 28.80
CA ASN A 2418 -34.32 -32.36 29.35
C ASN A 2418 -33.55 -31.22 28.72
N LEU A 2419 -32.23 -31.38 28.54
CA LEU A 2419 -31.33 -30.29 28.12
C LEU A 2419 -30.27 -30.91 27.21
N LEU A 2420 -30.51 -30.85 25.91
CA LEU A 2420 -29.55 -31.42 24.97
C LEU A 2420 -28.26 -30.60 24.98
N PRO A 2421 -27.10 -31.24 24.92
CA PRO A 2421 -25.84 -30.50 24.82
C PRO A 2421 -25.32 -30.37 23.40
N MET A 2422 -24.41 -29.43 23.20
CA MET A 2422 -23.56 -29.42 22.02
C MET A 2422 -22.30 -28.64 22.38
N VAL A 2423 -21.17 -29.05 21.80
CA VAL A 2423 -19.87 -28.50 22.15
C VAL A 2423 -19.23 -27.91 20.89
N ILE A 2424 -18.67 -26.72 21.03
CA ILE A 2424 -18.04 -26.04 19.91
C ILE A 2424 -16.70 -25.49 20.36
N PHE A 2425 -15.75 -25.43 19.43
CA PHE A 2425 -14.43 -24.89 19.69
C PHE A 2425 -14.10 -23.88 18.60
N SER A 2426 -13.54 -22.74 18.98
CA SER A 2426 -13.27 -21.69 18.01
C SER A 2426 -11.81 -21.23 18.05
N ASP A 2427 -11.37 -20.71 16.92
CA ASP A 2427 -10.03 -20.18 16.72
C ASP A 2427 -10.07 -18.66 16.80
N LYS A 2428 -9.21 -18.08 17.64
CA LYS A 2428 -9.18 -16.63 17.81
C LYS A 2428 -9.19 -15.91 16.48
N VAL A 2429 -9.73 -14.69 16.50
CA VAL A 2429 -9.90 -13.85 15.31
C VAL A 2429 -8.95 -12.67 15.39
N SER A 2430 -8.10 -12.52 14.37
CA SER A 2430 -7.17 -11.40 14.34
C SER A 2430 -7.97 -10.10 14.30
N PRO A 2431 -7.61 -9.10 15.10
CA PRO A 2431 -8.40 -7.87 15.13
C PRO A 2431 -8.38 -7.14 13.79
N PRO A 2432 -7.23 -7.00 13.15
CA PRO A 2432 -7.25 -6.29 11.86
C PRO A 2432 -6.81 -7.11 10.66
N SER A 2433 -6.01 -8.16 10.87
CA SER A 2433 -5.50 -9.00 9.77
C SER A 2433 -4.85 -8.12 8.71
N LEU A 2434 -4.02 -7.18 9.16
CA LEU A 2434 -3.37 -6.21 8.28
C LEU A 2434 -2.04 -6.68 7.69
N GLY A 2435 -1.53 -7.85 8.10
CA GLY A 2435 -0.25 -8.36 7.61
C GLY A 2435 0.13 -7.99 6.19
N PHE A 2436 -0.82 -8.13 5.28
CA PHE A 2436 -0.79 -7.69 3.89
C PHE A 2436 0.21 -8.46 3.03
N LEU A 2437 0.90 -9.46 3.57
CA LEU A 2437 1.83 -10.22 2.75
C LEU A 2437 2.14 -11.55 3.41
N ALA A 2438 2.64 -12.48 2.60
CA ALA A 2438 3.05 -13.79 3.07
C ALA A 2438 4.42 -13.70 3.72
N GLY A 2439 4.80 -14.78 4.42
CA GLY A 2439 6.09 -14.81 5.10
C GLY A 2439 7.26 -14.67 4.15
N TYR A 2440 7.18 -15.31 2.99
CA TYR A 2440 8.23 -15.25 1.98
C TYR A 2440 7.91 -14.14 0.98
N GLY A 2441 8.85 -13.22 0.80
CA GLY A 2441 8.69 -12.11 -0.11
C GLY A 2441 8.42 -10.76 0.54
N ILE A 2442 8.77 -10.58 1.81
CA ILE A 2442 8.73 -9.28 2.45
C ILE A 2442 10.12 -8.80 2.85
N VAL A 2443 11.02 -9.70 3.25
CA VAL A 2443 12.40 -9.35 3.55
C VAL A 2443 13.08 -8.72 2.34
N GLY A 2444 12.65 -9.10 1.13
CA GLY A 2444 13.16 -8.45 -0.06
C GLY A 2444 13.04 -6.94 -0.03
N LEU A 2445 11.91 -6.43 0.48
CA LEU A 2445 11.75 -4.98 0.56
C LEU A 2445 12.75 -4.36 1.53
N TYR A 2446 12.97 -5.02 2.67
CA TYR A 2446 13.90 -4.49 3.65
C TYR A 2446 15.33 -4.52 3.11
N VAL A 2447 15.69 -5.58 2.39
CA VAL A 2447 17.06 -5.64 1.89
C VAL A 2447 17.25 -4.69 0.73
N SER A 2448 16.19 -4.39 -0.01
CA SER A 2448 16.28 -3.35 -1.03
C SER A 2448 16.48 -2.00 -0.39
N ILE A 2449 15.73 -1.72 0.69
CA ILE A 2449 15.87 -0.43 1.37
C ILE A 2449 17.26 -0.26 1.95
N VAL A 2450 17.79 -1.29 2.60
CA VAL A 2450 19.13 -1.16 3.19
C VAL A 2450 20.16 -0.98 2.07
N LEU A 2451 20.02 -1.73 0.97
CA LEU A 2451 21.01 -1.60 -0.09
C LEU A 2451 20.99 -0.21 -0.71
N VAL A 2452 19.80 0.34 -0.99
CA VAL A 2452 19.75 1.67 -1.60
C VAL A 2452 20.29 2.73 -0.63
N VAL A 2453 19.91 2.66 0.66
CA VAL A 2453 20.46 3.65 1.58
C VAL A 2453 21.97 3.51 1.67
N GLY A 2454 22.47 2.27 1.68
CA GLY A 2454 23.91 2.05 1.71
C GLY A 2454 24.63 2.69 0.54
N LYS A 2455 24.19 2.37 -0.68
CA LYS A 2455 24.83 2.97 -1.85
C LYS A 2455 24.44 4.43 -2.04
N PHE A 2456 23.61 4.98 -1.15
CA PHE A 2456 23.58 6.43 -0.96
C PHE A 2456 24.71 6.90 -0.06
N VAL A 2457 24.86 6.27 1.10
CA VAL A 2457 25.74 6.79 2.14
C VAL A 2457 27.21 6.51 1.83
N ARG A 2458 27.51 5.61 0.91
CA ARG A 2458 28.83 5.54 0.32
C ARG A 2458 28.97 6.47 -0.87
N GLY A 2459 28.00 7.35 -1.09
CA GLY A 2459 28.11 8.34 -2.15
C GLY A 2459 29.15 9.41 -1.84
N PHE A 2460 29.17 9.87 -0.59
CA PHE A 2460 30.03 10.99 -0.22
C PHE A 2460 30.90 10.70 0.99
N PHE A 2461 30.82 9.52 1.60
CA PHE A 2461 31.72 9.16 2.67
C PHE A 2461 32.80 8.18 2.24
N SER A 2462 32.73 7.63 1.03
CA SER A 2462 33.82 6.82 0.50
C SER A 2462 33.98 7.06 -0.99
N GLU A 2463 33.84 8.32 -1.42
CA GLU A 2463 34.20 8.68 -2.79
C GLU A 2463 34.91 10.02 -2.87
N ILE A 2464 35.32 10.60 -1.75
CA ILE A 2464 35.97 11.92 -1.76
C ILE A 2464 37.45 11.66 -1.99
N SER A 2465 37.78 11.38 -3.23
CA SER A 2465 39.16 11.37 -3.70
C SER A 2465 39.37 12.22 -4.95
N HIS A 2466 38.45 12.16 -5.90
CA HIS A 2466 38.63 12.88 -7.16
C HIS A 2466 38.58 14.39 -6.96
N SER A 2467 37.69 14.87 -6.10
CA SER A 2467 37.55 16.30 -5.86
C SER A 2467 38.36 16.82 -4.68
N ILE A 2468 39.54 16.26 -4.42
CA ILE A 2468 40.38 16.81 -3.36
C ILE A 2468 40.95 18.16 -3.78
N MET A 2469 41.36 18.28 -5.04
CA MET A 2469 42.03 19.50 -5.50
C MET A 2469 41.13 20.72 -5.29
N PHE A 2470 39.89 20.66 -5.76
CA PHE A 2470 38.97 21.77 -5.57
C PHE A 2470 38.65 21.98 -4.10
N GLU A 2471 38.50 20.88 -3.36
CA GLU A 2471 38.07 20.97 -1.97
C GLU A 2471 39.06 21.75 -1.10
N GLU A 2472 40.36 21.55 -1.30
CA GLU A 2472 41.37 22.13 -0.42
C GLU A 2472 42.27 23.12 -1.15
N LEU A 2473 42.29 24.36 -0.65
CA LEU A 2473 43.16 25.43 -1.11
C LEU A 2473 43.71 26.10 0.15
N PRO A 2474 45.04 26.24 0.28
CA PRO A 2474 45.57 26.87 1.51
C PRO A 2474 45.14 28.31 1.68
N CYS A 2475 45.10 29.08 0.59
CA CYS A 2475 44.72 30.48 0.62
C CYS A 2475 43.94 30.77 -0.65
N VAL A 2476 42.78 31.41 -0.50
CA VAL A 2476 41.85 31.57 -1.61
C VAL A 2476 41.63 33.04 -1.98
N ASP A 2477 42.43 33.95 -1.42
CA ASP A 2477 42.06 35.36 -1.47
C ASP A 2477 42.10 35.90 -2.89
N ARG A 2478 43.03 35.43 -3.71
CA ARG A 2478 43.13 35.93 -5.07
C ARG A 2478 42.05 35.37 -5.99
N ILE A 2479 41.34 34.33 -5.58
CA ILE A 2479 40.13 33.94 -6.29
C ILE A 2479 38.92 34.70 -5.74
N LEU A 2480 38.86 34.90 -4.43
CA LEU A 2480 37.69 35.53 -3.84
C LEU A 2480 37.61 36.99 -4.23
N LYS A 2481 38.76 37.64 -4.40
CA LYS A 2481 38.75 39.00 -4.93
C LYS A 2481 38.21 39.00 -6.35
N LEU A 2482 38.62 38.02 -7.16
CA LEU A 2482 38.13 37.95 -8.53
C LEU A 2482 36.62 37.76 -8.56
N CYS A 2483 36.09 36.97 -7.63
CA CYS A 2483 34.65 36.74 -7.63
C CYS A 2483 33.89 37.93 -7.08
N GLN A 2484 34.45 38.66 -6.10
CA GLN A 2484 33.80 39.89 -5.65
C GLN A 2484 33.83 40.95 -6.73
N ASP A 2485 34.86 40.95 -7.58
CA ASP A 2485 34.88 41.87 -8.70
C ASP A 2485 33.90 41.43 -9.78
N ILE A 2486 33.70 40.11 -9.92
CA ILE A 2486 32.70 39.65 -10.88
C ILE A 2486 31.31 40.09 -10.44
N PHE A 2487 31.06 40.08 -9.13
CA PHE A 2487 29.79 40.60 -8.64
C PHE A 2487 29.71 42.11 -8.83
N LEU A 2488 30.84 42.81 -8.70
CA LEU A 2488 30.81 44.26 -8.80
C LEU A 2488 30.50 44.67 -10.23
N VAL A 2489 31.27 44.15 -11.19
CA VAL A 2489 31.02 44.47 -12.58
C VAL A 2489 29.65 43.96 -13.02
N ARG A 2490 29.20 42.84 -12.45
CA ARG A 2490 27.82 42.39 -12.66
C ARG A 2490 26.80 43.41 -12.17
N GLU A 2491 27.17 44.26 -11.22
CA GLU A 2491 26.25 45.28 -10.76
C GLU A 2491 26.43 46.61 -11.47
N THR A 2492 27.59 46.85 -12.08
CA THR A 2492 27.83 48.10 -12.79
C THR A 2492 27.42 48.05 -14.26
N ARG A 2493 27.13 46.86 -14.80
CA ARG A 2493 26.67 46.61 -16.17
C ARG A 2493 27.76 46.72 -17.24
N GLU A 2494 29.04 46.81 -16.88
CA GLU A 2494 30.13 46.78 -17.85
C GLU A 2494 30.37 45.33 -18.26
N LEU A 2495 29.48 44.83 -19.13
CA LEU A 2495 29.36 43.40 -19.40
C LEU A 2495 30.68 42.76 -19.86
N GLU A 2496 31.47 43.45 -20.68
CA GLU A 2496 32.65 42.76 -21.21
C GLU A 2496 33.69 42.46 -20.15
N LEU A 2497 33.63 43.11 -19.00
CA LEU A 2497 34.55 42.72 -17.94
C LEU A 2497 33.91 41.67 -17.05
N GLU A 2498 32.60 41.50 -17.17
CA GLU A 2498 31.95 40.34 -16.60
C GLU A 2498 32.41 39.09 -17.34
N GLU A 2499 32.28 39.09 -18.66
CA GLU A 2499 32.67 37.87 -19.36
C GLU A 2499 34.18 37.76 -19.57
N GLU A 2500 34.99 38.74 -19.17
CA GLU A 2500 36.41 38.45 -19.20
C GLU A 2500 36.98 38.16 -17.83
N LEU A 2501 36.19 38.39 -16.79
CA LEU A 2501 36.58 37.85 -15.51
C LEU A 2501 36.03 36.43 -15.38
N TYR A 2502 34.86 36.17 -15.98
CA TYR A 2502 34.42 34.80 -16.13
C TYR A 2502 35.39 34.01 -17.00
N ALA A 2503 35.99 34.65 -18.00
CA ALA A 2503 37.02 33.97 -18.78
C ALA A 2503 38.24 33.62 -17.92
N LYS A 2504 38.66 34.56 -17.07
CA LYS A 2504 39.82 34.26 -16.23
C LYS A 2504 39.48 33.17 -15.22
N LEU A 2505 38.24 33.14 -14.72
CA LEU A 2505 37.85 32.13 -13.75
C LEU A 2505 37.83 30.74 -14.37
N ILE A 2506 37.18 30.62 -15.54
CA ILE A 2506 37.11 29.32 -16.21
C ILE A 2506 38.51 28.82 -16.54
N PHE A 2507 39.38 29.70 -17.04
CA PHE A 2507 40.73 29.22 -17.33
C PHE A 2507 41.46 28.82 -16.06
N LEU A 2508 41.29 29.57 -14.97
CA LEU A 2508 42.00 29.23 -13.75
C LEU A 2508 41.57 27.85 -13.24
N TYR A 2509 40.27 27.60 -13.21
CA TYR A 2509 39.80 26.29 -12.75
C TYR A 2509 40.19 25.16 -13.69
N ARG A 2510 40.14 25.39 -15.00
CA ARG A 2510 40.40 24.32 -15.95
C ARG A 2510 41.80 23.74 -15.78
N SER A 2511 42.80 24.59 -15.56
CA SER A 2511 44.15 24.08 -15.43
C SER A 2511 44.51 23.97 -13.96
N PRO A 2512 44.68 22.76 -13.42
CA PRO A 2512 45.05 22.62 -12.01
C PRO A 2512 46.41 23.19 -11.68
N GLU A 2513 47.38 23.07 -12.59
CA GLU A 2513 48.73 23.54 -12.30
C GLU A 2513 48.75 25.02 -11.99
N THR A 2514 48.00 25.83 -12.73
CA THR A 2514 48.01 27.25 -12.46
C THR A 2514 47.23 27.63 -11.21
N MET A 2515 46.58 26.67 -10.56
CA MET A 2515 46.01 26.94 -9.24
C MET A 2515 47.07 26.95 -8.15
N ILE A 2516 48.11 26.13 -8.28
CA ILE A 2516 49.16 26.13 -7.27
C ILE A 2516 50.09 27.32 -7.44
N LYS A 2517 50.24 27.81 -8.66
CA LYS A 2517 50.99 29.05 -8.91
C LYS A 2517 50.22 30.29 -8.50
N TRP A 2518 48.99 30.13 -8.00
CA TRP A 2518 48.10 31.25 -7.77
C TRP A 2518 47.40 31.21 -6.41
N THR A 2519 47.52 30.14 -5.64
CA THR A 2519 46.85 30.05 -4.35
C THR A 2519 47.84 29.84 -3.21
N ARG A 2520 48.97 30.54 -3.24
CA ARG A 2520 49.89 30.51 -2.11
C ARG A 2520 49.42 31.51 -1.06
N GLU A 2521 50.21 31.70 -0.01
CA GLU A 2521 50.02 32.80 0.92
C GLU A 2521 51.21 33.74 0.87
N ARG A 2522 51.10 34.85 1.58
CA ARG A 2522 52.15 35.85 1.68
C ARG A 2522 52.66 35.93 3.12
N GLU A 2523 53.67 36.76 3.33
CA GLU A 2523 54.34 36.82 4.62
C GLU A 2523 54.56 38.27 5.05
N GLU B 576 28.95 -89.87 -22.94
CA GLU B 576 27.89 -88.87 -22.94
C GLU B 576 27.93 -88.05 -21.65
N LEU B 577 26.94 -87.17 -21.48
CA LEU B 577 26.83 -86.31 -20.31
C LEU B 577 25.59 -86.59 -19.49
N VAL B 578 24.41 -86.56 -20.10
CA VAL B 578 23.17 -86.62 -19.34
C VAL B 578 22.82 -88.04 -18.93
N THR B 579 23.21 -89.04 -19.73
CA THR B 579 22.79 -90.41 -19.46
C THR B 579 23.31 -90.93 -18.12
N GLY B 580 24.49 -90.47 -17.69
CA GLY B 580 24.98 -90.88 -16.38
C GLY B 580 24.20 -90.25 -15.24
N ILE B 581 23.83 -88.97 -15.38
CA ILE B 581 23.08 -88.30 -14.33
C ILE B 581 21.67 -88.84 -14.26
N TYR B 582 21.12 -89.31 -15.39
CA TYR B 582 19.80 -89.91 -15.36
C TYR B 582 19.84 -91.40 -15.01
N VAL B 583 21.01 -92.04 -15.08
CA VAL B 583 21.14 -93.45 -14.73
C VAL B 583 21.64 -93.66 -13.31
N LYS B 584 22.11 -92.61 -12.62
CA LYS B 584 22.61 -92.80 -11.27
C LYS B 584 21.61 -92.38 -10.20
N TYR B 585 20.87 -91.30 -10.41
CA TYR B 585 19.93 -90.80 -9.41
C TYR B 585 18.53 -91.39 -9.62
N TRP B 586 18.44 -92.71 -9.72
CA TRP B 586 17.19 -93.36 -10.11
C TRP B 586 16.43 -93.97 -8.94
N ILE B 587 17.09 -94.84 -8.15
CA ILE B 587 16.35 -95.73 -7.27
C ILE B 587 15.86 -95.00 -6.02
N TYR B 588 16.69 -94.12 -5.45
CA TYR B 588 16.29 -93.46 -4.21
C TYR B 588 15.18 -92.44 -4.45
N VAL B 589 15.28 -91.67 -5.53
CA VAL B 589 14.25 -90.67 -5.81
C VAL B 589 12.96 -91.35 -6.25
N CYS B 590 13.06 -92.48 -6.95
CA CYS B 590 11.85 -93.19 -7.36
C CYS B 590 11.17 -93.82 -6.16
N ALA B 591 11.94 -94.39 -5.23
CA ALA B 591 11.34 -94.96 -4.03
C ALA B 591 10.75 -93.87 -3.14
N GLY B 592 11.38 -92.69 -3.10
CA GLY B 592 10.83 -91.60 -2.32
C GLY B 592 9.54 -91.04 -2.92
N MET B 593 9.49 -90.93 -4.25
CA MET B 593 8.25 -90.51 -4.89
C MET B 593 7.15 -91.55 -4.71
N PHE B 594 7.48 -92.83 -4.84
CA PHE B 594 6.49 -93.88 -4.74
C PHE B 594 6.02 -94.16 -3.32
N ILE B 595 6.82 -93.80 -2.32
CA ILE B 595 6.43 -94.10 -0.94
C ILE B 595 5.63 -92.96 -0.32
N VAL B 596 5.88 -91.71 -0.72
CA VAL B 596 5.11 -90.57 -0.22
C VAL B 596 3.88 -90.27 -1.08
N VAL B 597 3.62 -91.05 -2.12
CA VAL B 597 2.49 -90.81 -3.00
C VAL B 597 1.29 -91.63 -2.53
N SER B 598 1.38 -92.18 -1.32
CA SER B 598 0.27 -92.92 -0.76
C SER B 598 -0.76 -91.97 -0.14
N PHE B 599 -1.92 -92.53 0.19
CA PHE B 599 -2.94 -91.83 0.98
C PHE B 599 -3.48 -90.60 0.23
N ALA B 600 -3.60 -90.73 -1.10
CA ALA B 600 -4.31 -89.72 -1.89
C ALA B 600 -5.75 -90.15 -2.10
N GLY B 601 -6.47 -90.24 -0.97
CA GLY B 601 -7.79 -90.81 -0.98
C GLY B 601 -8.38 -90.77 0.42
N ARG B 602 -9.57 -91.37 0.55
CA ARG B 602 -10.28 -91.34 1.81
C ARG B 602 -9.69 -92.39 2.76
N LEU B 603 -10.40 -92.67 3.85
CA LEU B 603 -9.92 -93.60 4.87
C LEU B 603 -9.98 -95.03 4.32
N VAL B 604 -8.85 -95.52 3.82
CA VAL B 604 -8.77 -96.85 3.23
C VAL B 604 -7.43 -97.47 3.59
N VAL B 605 -7.46 -98.69 4.13
CA VAL B 605 -6.25 -99.42 4.47
C VAL B 605 -5.61 -100.10 3.28
N TYR B 606 -6.23 -100.00 2.10
CA TYR B 606 -5.78 -100.77 0.95
C TYR B 606 -4.46 -100.25 0.40
N LYS B 607 -4.35 -98.93 0.25
CA LYS B 607 -3.25 -98.32 -0.50
C LYS B 607 -2.17 -97.71 0.38
N ILE B 608 -2.44 -97.55 1.67
CA ILE B 608 -1.49 -96.86 2.55
C ILE B 608 -0.53 -97.85 3.20
N VAL B 609 -1.02 -99.05 3.53
CA VAL B 609 -0.20 -100.03 4.22
C VAL B 609 0.90 -100.56 3.32
N TYR B 610 0.71 -100.51 2.00
CA TYR B 610 1.79 -100.88 1.09
C TYR B 610 2.98 -99.95 1.26
N MET B 611 2.75 -98.63 1.22
CA MET B 611 3.84 -97.69 1.39
C MET B 611 4.38 -97.71 2.82
N PHE B 612 3.54 -98.02 3.80
CA PHE B 612 4.03 -98.13 5.16
C PHE B 612 4.98 -99.31 5.31
N LEU B 613 4.60 -100.47 4.77
CA LEU B 613 5.49 -101.62 4.79
C LEU B 613 6.73 -101.39 3.95
N PHE B 614 6.63 -100.58 2.89
CA PHE B 614 7.81 -100.27 2.09
C PHE B 614 8.80 -99.41 2.87
N LEU B 615 8.31 -98.40 3.58
CA LEU B 615 9.19 -97.58 4.40
C LEU B 615 9.77 -98.39 5.56
N LEU B 616 8.98 -99.31 6.12
CA LEU B 616 9.49 -100.16 7.19
C LEU B 616 10.56 -101.12 6.67
N CYS B 617 10.37 -101.63 5.45
CA CYS B 617 11.37 -102.51 4.86
C CYS B 617 12.65 -101.75 4.55
N LEU B 618 12.53 -100.50 4.09
CA LEU B 618 13.72 -99.68 3.87
C LEU B 618 14.44 -99.38 5.17
N THR B 619 13.69 -99.16 6.25
CA THR B 619 14.32 -98.92 7.55
C THR B 619 15.03 -100.16 8.06
N LEU B 620 14.40 -101.33 7.90
CA LEU B 620 15.03 -102.57 8.33
C LEU B 620 16.24 -102.91 7.47
N PHE B 621 16.20 -102.54 6.19
CA PHE B 621 17.34 -102.77 5.31
C PHE B 621 18.50 -101.87 5.70
N GLN B 622 18.22 -100.63 6.08
CA GLN B 622 19.28 -99.71 6.50
C GLN B 622 19.85 -100.13 7.85
N VAL B 623 19.01 -100.55 8.78
CA VAL B 623 19.47 -100.86 10.13
C VAL B 623 20.03 -102.26 10.27
N TYR B 624 19.75 -103.16 9.33
CA TYR B 624 20.33 -104.50 9.38
C TYR B 624 21.77 -104.55 8.87
N TYR B 625 22.21 -103.50 8.16
CA TYR B 625 23.62 -103.25 7.86
C TYR B 625 24.25 -104.29 6.96
N THR B 626 23.47 -105.20 6.38
CA THR B 626 24.01 -106.09 5.36
C THR B 626 23.07 -106.19 4.15
N LEU B 627 21.78 -105.97 4.38
CA LEU B 627 20.78 -105.98 3.32
C LEU B 627 20.33 -104.57 2.94
N TRP B 628 21.24 -103.60 3.00
CA TRP B 628 20.89 -102.23 2.63
C TRP B 628 20.58 -102.10 1.15
N ARG B 629 21.30 -102.83 0.29
CA ARG B 629 20.95 -102.87 -1.12
C ARG B 629 21.09 -104.27 -1.73
N LYS B 630 21.02 -105.32 -0.92
CA LYS B 630 21.23 -106.68 -1.39
C LYS B 630 19.99 -107.56 -1.19
N LEU B 631 18.81 -106.96 -1.32
CA LEU B 631 17.54 -107.69 -1.36
C LEU B 631 16.68 -107.19 -2.51
N LEU B 632 17.29 -107.04 -3.68
CA LEU B 632 16.56 -106.56 -4.85
C LEU B 632 15.49 -107.53 -5.32
N ARG B 633 15.60 -108.81 -4.99
CA ARG B 633 14.48 -109.73 -5.20
C ARG B 633 13.25 -109.30 -4.41
N VAL B 634 13.44 -108.93 -3.14
CA VAL B 634 12.31 -108.51 -2.32
C VAL B 634 11.76 -107.17 -2.81
N PHE B 635 12.63 -106.28 -3.29
CA PHE B 635 12.16 -105.00 -3.80
C PHE B 635 11.33 -105.18 -5.06
N TRP B 636 11.83 -105.99 -6.01
CA TRP B 636 11.07 -106.24 -7.23
C TRP B 636 9.77 -106.99 -6.94
N TRP B 637 9.76 -107.89 -5.95
CA TRP B 637 8.53 -108.58 -5.63
C TRP B 637 7.53 -107.68 -4.93
N LEU B 638 8.02 -106.70 -4.16
CA LEU B 638 7.12 -105.71 -3.56
C LEU B 638 6.53 -104.80 -4.63
N VAL B 639 7.36 -104.36 -5.58
CA VAL B 639 6.85 -103.59 -6.71
C VAL B 639 5.81 -104.40 -7.48
N VAL B 640 6.04 -105.71 -7.63
CA VAL B 640 5.11 -106.54 -8.39
C VAL B 640 3.78 -106.67 -7.65
N ALA B 641 3.83 -106.89 -6.33
CA ALA B 641 2.61 -106.98 -5.55
C ALA B 641 1.85 -105.65 -5.56
N TYR B 642 2.59 -104.53 -5.50
CA TYR B 642 1.96 -103.22 -5.57
C TYR B 642 1.25 -103.03 -6.89
N THR B 643 1.91 -103.36 -8.00
CA THR B 643 1.28 -103.22 -9.31
C THR B 643 0.08 -104.15 -9.46
N MET B 644 0.16 -105.35 -8.88
CA MET B 644 -0.96 -106.28 -8.95
C MET B 644 -2.16 -105.75 -8.19
N LEU B 645 -1.94 -105.22 -6.99
CA LEU B 645 -3.04 -104.64 -6.23
C LEU B 645 -3.61 -103.42 -6.93
N VAL B 646 -2.74 -102.59 -7.52
CA VAL B 646 -3.20 -101.37 -8.18
C VAL B 646 -3.94 -101.66 -9.48
N LEU B 647 -3.71 -102.83 -10.08
CA LEU B 647 -4.35 -103.18 -11.34
C LEU B 647 -5.51 -104.15 -11.19
N ILE B 648 -5.66 -104.78 -10.03
CA ILE B 648 -6.85 -105.55 -9.72
C ILE B 648 -7.76 -104.87 -8.72
N ALA B 649 -7.39 -103.68 -8.24
CA ALA B 649 -8.26 -102.88 -7.39
C ALA B 649 -8.87 -101.70 -8.16
N VAL B 650 -8.03 -100.86 -8.73
CA VAL B 650 -8.50 -99.65 -9.41
C VAL B 650 -8.36 -99.81 -10.92
N SER B 684 -14.33 -88.93 -13.90
CA SER B 684 -13.28 -88.02 -13.47
C SER B 684 -12.60 -88.52 -12.20
N GLU B 685 -13.18 -89.56 -11.61
CA GLU B 685 -12.67 -90.10 -10.34
C GLU B 685 -11.95 -91.43 -10.48
N LEU B 686 -12.11 -92.12 -11.62
CA LEU B 686 -11.47 -93.40 -11.84
C LEU B 686 -10.35 -93.30 -12.88
N PHE B 687 -9.68 -92.14 -12.93
CA PHE B 687 -8.64 -91.89 -13.92
C PHE B 687 -7.30 -91.47 -13.33
N SER B 688 -7.23 -91.19 -12.03
CA SER B 688 -5.97 -90.82 -11.40
C SER B 688 -5.41 -91.86 -10.44
N SER B 689 -6.24 -92.73 -9.89
CA SER B 689 -5.73 -93.72 -8.95
C SER B 689 -5.04 -94.87 -9.67
N ILE B 690 -5.58 -95.31 -10.81
CA ILE B 690 -4.90 -96.32 -11.62
C ILE B 690 -3.73 -95.74 -12.40
N LEU B 691 -3.73 -94.43 -12.66
CA LEU B 691 -2.60 -93.77 -13.28
C LEU B 691 -1.49 -93.40 -12.30
N ILE B 692 -1.81 -93.26 -11.01
CA ILE B 692 -0.81 -92.98 -9.99
C ILE B 692 -0.06 -94.26 -9.65
N PRO B 693 -0.74 -95.28 -9.11
CA PRO B 693 0.00 -96.40 -8.51
C PRO B 693 0.42 -97.43 -9.54
N GLY B 694 -0.31 -97.53 -10.64
CA GLY B 694 0.11 -98.34 -11.77
C GLY B 694 1.45 -97.90 -12.30
N PHE B 695 1.50 -96.67 -12.82
CA PHE B 695 2.72 -96.12 -13.36
C PHE B 695 3.83 -96.05 -12.31
N PHE B 696 3.47 -95.69 -11.07
CA PHE B 696 4.48 -95.63 -10.02
C PHE B 696 5.11 -96.99 -9.77
N LEU B 697 4.29 -98.05 -9.69
CA LEU B 697 4.81 -99.39 -9.47
C LEU B 697 5.67 -99.84 -10.64
N LEU B 698 5.21 -99.58 -11.88
CA LEU B 698 6.00 -99.99 -13.04
C LEU B 698 7.34 -99.27 -13.08
N ALA B 699 7.35 -97.97 -12.84
CA ALA B 699 8.59 -97.22 -12.82
C ALA B 699 9.51 -97.70 -11.71
N CYS B 700 8.95 -97.97 -10.53
CA CYS B 700 9.76 -98.45 -9.42
C CYS B 700 10.39 -99.80 -9.74
N ILE B 701 9.61 -100.70 -10.35
CA ILE B 701 10.14 -102.03 -10.69
C ILE B 701 11.26 -101.90 -11.72
N LEU B 702 11.04 -101.07 -12.74
CA LEU B 702 12.06 -100.89 -13.77
C LEU B 702 13.32 -100.27 -13.19
N GLN B 703 13.17 -99.27 -12.32
CA GLN B 703 14.31 -98.62 -11.69
C GLN B 703 15.06 -99.61 -10.81
N LEU B 704 14.34 -100.36 -9.99
CA LEU B 704 14.97 -101.29 -9.06
C LEU B 704 15.73 -102.37 -9.80
N HIS B 705 15.12 -102.98 -10.83
CA HIS B 705 15.80 -104.03 -11.58
C HIS B 705 17.01 -103.48 -12.34
N TYR B 706 16.84 -102.35 -13.04
CA TYR B 706 17.95 -101.80 -13.81
C TYR B 706 19.10 -101.40 -12.89
N PHE B 707 18.78 -100.73 -11.78
CA PHE B 707 19.81 -100.31 -10.84
C PHE B 707 20.52 -101.52 -10.25
N HIS B 708 19.76 -102.56 -9.87
CA HIS B 708 20.36 -103.73 -9.26
C HIS B 708 21.34 -104.39 -10.23
N ARG B 709 20.92 -104.55 -11.49
CA ARG B 709 21.80 -105.20 -12.45
C ARG B 709 23.08 -104.41 -12.69
N PRO B 710 23.06 -103.08 -12.87
CA PRO B 710 24.32 -102.36 -13.12
C PRO B 710 24.61 -101.23 -12.15
N PHE B 711 23.62 -100.34 -11.94
CA PHE B 711 23.82 -99.17 -11.08
C PHE B 711 24.13 -99.54 -9.64
N MET B 712 23.42 -100.52 -9.08
CA MET B 712 23.66 -100.89 -7.68
C MET B 712 25.08 -101.41 -7.47
N GLN B 713 25.55 -102.28 -8.36
CA GLN B 713 26.89 -102.81 -8.21
C GLN B 713 27.94 -101.71 -8.34
N LEU B 714 27.78 -100.83 -9.34
CA LEU B 714 28.76 -99.77 -9.56
C LEU B 714 28.79 -98.80 -8.38
N THR B 715 27.62 -98.39 -7.90
CA THR B 715 27.56 -97.44 -6.79
C THR B 715 28.14 -98.03 -5.53
N ASP B 716 27.82 -99.29 -5.22
CA ASP B 716 28.30 -99.92 -4.01
C ASP B 716 29.78 -100.29 -4.14
N LEU B 717 30.46 -100.34 -3.01
CA LEU B 717 31.86 -100.75 -2.94
C LEU B 717 32.02 -102.13 -2.31
N GLU B 718 31.02 -102.99 -2.50
CA GLU B 718 31.05 -104.38 -2.01
C GLU B 718 31.28 -104.43 -0.50
N LEU B 784 34.10 -71.42 -16.87
CA LEU B 784 33.04 -72.12 -16.14
C LEU B 784 33.61 -73.30 -15.37
N ASP B 785 34.14 -73.02 -14.18
CA ASP B 785 34.79 -74.04 -13.35
C ASP B 785 34.33 -73.90 -11.91
N LEU B 786 33.03 -73.70 -11.69
CA LEU B 786 32.46 -73.71 -10.35
C LEU B 786 32.12 -75.12 -9.87
N ALA B 787 32.31 -76.14 -10.71
CA ALA B 787 32.00 -77.50 -10.31
C ALA B 787 33.04 -78.05 -9.35
N ALA B 788 34.31 -77.67 -9.53
CA ALA B 788 35.34 -78.11 -8.60
C ALA B 788 35.12 -77.50 -7.22
N SER B 789 34.80 -76.20 -7.17
CA SER B 789 34.48 -75.57 -5.89
C SER B 789 33.22 -76.18 -5.29
N PHE B 790 32.25 -76.53 -6.14
CA PHE B 790 31.03 -77.16 -5.65
C PHE B 790 31.34 -78.49 -4.97
N SER B 791 32.14 -79.32 -5.64
CA SER B 791 32.46 -80.64 -5.10
C SER B 791 33.33 -80.52 -3.86
N ALA B 792 34.24 -79.55 -3.83
CA ALA B 792 35.06 -79.34 -2.65
C ALA B 792 34.22 -78.90 -1.46
N VAL B 793 33.23 -78.01 -1.69
CA VAL B 793 32.35 -77.61 -0.60
C VAL B 793 31.48 -78.77 -0.17
N LEU B 794 31.09 -79.65 -1.11
CA LEU B 794 30.31 -80.82 -0.76
C LEU B 794 31.12 -81.76 0.12
N THR B 795 32.38 -82.01 -0.27
CA THR B 795 33.24 -82.89 0.51
C THR B 795 33.52 -82.31 1.89
N ARG B 796 33.70 -80.99 1.97
CA ARG B 796 33.94 -80.38 3.27
C ARG B 796 32.70 -80.41 4.15
N ILE B 797 31.51 -80.26 3.56
CA ILE B 797 30.29 -80.38 4.35
C ILE B 797 30.07 -81.81 4.78
N GLN B 798 30.48 -82.78 3.96
CA GLN B 798 30.42 -84.18 4.36
C GLN B 798 31.38 -84.47 5.51
N VAL B 799 32.58 -83.89 5.44
CA VAL B 799 33.58 -84.09 6.49
C VAL B 799 33.07 -83.49 7.80
N PHE B 800 32.53 -82.27 7.74
CA PHE B 800 31.99 -81.65 8.94
C PHE B 800 30.75 -82.39 9.45
N VAL B 801 29.97 -82.99 8.56
CA VAL B 801 28.85 -83.81 8.99
C VAL B 801 29.34 -85.05 9.72
N ARG B 802 30.42 -85.68 9.23
CA ARG B 802 30.97 -86.84 9.92
C ARG B 802 31.56 -86.44 11.27
N ARG B 803 32.28 -85.31 11.33
CA ARG B 803 32.81 -84.84 12.59
C ARG B 803 31.68 -84.45 13.54
N LEU B 804 30.63 -83.85 13.00
CA LEU B 804 29.47 -83.38 13.76
C LEU B 804 28.32 -84.38 13.73
N LEU B 805 28.61 -85.67 13.50
CA LEU B 805 27.55 -86.66 13.43
C LEU B 805 26.73 -86.66 14.72
N GLU B 806 27.40 -86.53 15.86
CA GLU B 806 26.68 -86.39 17.12
C GLU B 806 25.85 -85.12 17.10
N LEU B 807 26.42 -84.02 16.59
CA LEU B 807 25.68 -82.77 16.45
C LEU B 807 24.52 -82.90 15.47
N HIS B 808 24.72 -83.62 14.37
CA HIS B 808 23.62 -83.84 13.43
C HIS B 808 22.49 -84.62 14.07
N VAL B 809 22.84 -85.64 14.85
CA VAL B 809 21.84 -86.40 15.59
C VAL B 809 21.13 -85.49 16.59
N PHE B 810 21.89 -84.62 17.26
CA PHE B 810 21.27 -83.67 18.17
C PHE B 810 20.30 -82.74 17.45
N LYS B 811 20.69 -82.22 16.28
CA LYS B 811 19.76 -81.43 15.47
C LYS B 811 18.52 -82.22 15.07
N LEU B 812 18.65 -83.54 14.95
CA LEU B 812 17.48 -84.37 14.71
C LEU B 812 16.61 -84.46 15.96
N VAL B 813 17.24 -84.59 17.12
CA VAL B 813 16.53 -84.46 18.39
C VAL B 813 15.85 -83.11 18.49
N ALA B 814 16.49 -82.08 17.94
CA ALA B 814 15.95 -80.73 17.99
C ALA B 814 14.66 -80.63 17.22
N LEU B 815 14.67 -81.08 15.96
CA LEU B 815 13.42 -81.09 15.20
C LEU B 815 12.41 -82.05 15.80
N TYR B 816 12.89 -83.10 16.47
CA TYR B 816 12.00 -84.03 17.15
C TYR B 816 11.23 -83.34 18.26
N THR B 817 11.94 -82.63 19.14
CA THR B 817 11.30 -81.89 20.22
C THR B 817 10.54 -80.67 19.71
N VAL B 818 10.93 -80.14 18.54
CA VAL B 818 10.22 -78.99 17.98
C VAL B 818 8.86 -79.44 17.47
N TRP B 819 8.74 -80.70 17.04
CA TRP B 819 7.41 -81.24 16.78
C TRP B 819 6.76 -81.74 18.07
N VAL B 820 7.56 -82.20 19.03
CA VAL B 820 7.04 -82.78 20.26
C VAL B 820 6.56 -81.70 21.21
N ALA B 821 7.46 -80.82 21.65
CA ALA B 821 7.16 -79.86 22.70
C ALA B 821 6.91 -78.46 22.17
N LEU B 822 6.83 -78.30 20.84
CA LEU B 822 6.49 -77.02 20.23
C LEU B 822 5.37 -77.13 19.21
N LYS B 823 4.98 -78.34 18.81
CA LYS B 823 3.78 -78.56 18.01
C LYS B 823 2.76 -79.43 18.73
N GLU B 824 3.11 -80.66 19.11
CA GLU B 824 2.21 -81.55 19.82
C GLU B 824 2.99 -82.73 20.34
N VAL B 825 2.67 -83.16 21.57
CA VAL B 825 3.37 -84.29 22.19
C VAL B 825 3.00 -85.57 21.45
N SER B 826 4.02 -86.33 21.05
CA SER B 826 3.80 -87.53 20.28
C SER B 826 3.44 -88.71 21.18
N VAL B 827 3.30 -89.89 20.56
CA VAL B 827 2.84 -91.08 21.27
C VAL B 827 4.00 -91.63 22.09
N MET B 828 3.98 -91.34 23.40
CA MET B 828 5.10 -91.60 24.31
C MET B 828 6.40 -91.02 23.76
N ASN B 829 6.37 -89.71 23.46
CA ASN B 829 7.56 -89.03 22.98
C ASN B 829 8.67 -89.02 24.03
N LEU B 830 8.30 -89.16 25.31
CA LEU B 830 9.29 -89.22 26.37
C LEU B 830 10.32 -90.33 26.13
N LEU B 831 9.90 -91.44 25.51
CA LEU B 831 10.84 -92.53 25.29
C LEU B 831 11.93 -92.13 24.30
N LEU B 832 11.55 -91.39 23.26
CA LEU B 832 12.52 -90.96 22.25
C LEU B 832 13.39 -89.84 22.79
N VAL B 833 12.80 -88.88 23.51
CA VAL B 833 13.63 -87.83 24.09
C VAL B 833 14.54 -88.37 25.19
N VAL B 834 14.19 -89.51 25.80
CA VAL B 834 15.09 -90.10 26.78
C VAL B 834 16.20 -90.88 26.10
N LEU B 835 15.88 -91.56 24.99
CA LEU B 835 16.91 -92.15 24.15
C LEU B 835 17.93 -91.09 23.74
N TRP B 836 17.44 -89.92 23.30
CA TRP B 836 18.33 -88.80 23.02
C TRP B 836 19.10 -88.38 24.27
N ALA B 837 18.44 -88.40 25.43
CA ALA B 837 19.05 -87.83 26.63
C ALA B 837 20.24 -88.66 27.09
N PHE B 838 20.09 -89.99 27.13
CA PHE B 838 21.28 -90.78 27.43
C PHE B 838 22.17 -91.01 26.21
N ALA B 839 21.73 -90.65 25.00
CA ALA B 839 22.63 -90.70 23.86
C ALA B 839 23.59 -89.52 23.82
N LEU B 840 23.19 -88.37 24.37
CA LEU B 840 24.01 -87.16 24.24
C LEU B 840 25.37 -87.28 24.93
N PRO B 841 25.45 -87.57 26.23
CA PRO B 841 26.77 -87.52 26.89
C PRO B 841 27.61 -88.76 26.75
N TYR B 842 27.05 -89.87 26.25
CA TYR B 842 27.74 -91.14 26.26
C TYR B 842 28.07 -91.57 24.84
N PRO B 843 29.33 -91.84 24.51
CA PRO B 843 29.68 -92.25 23.15
C PRO B 843 29.53 -93.74 22.92
N ARG B 844 29.50 -94.53 23.99
CA ARG B 844 29.19 -95.95 23.86
C ARG B 844 27.69 -96.15 23.60
N PHE B 845 26.85 -95.29 24.14
CA PHE B 845 25.42 -95.34 23.88
C PHE B 845 25.09 -94.81 22.49
N ARG B 846 25.66 -93.66 22.13
CA ARG B 846 25.18 -92.84 21.00
C ARG B 846 24.89 -93.62 19.72
N PRO B 847 25.74 -94.51 19.21
CA PRO B 847 25.34 -95.23 17.99
C PRO B 847 24.30 -96.30 18.24
N MET B 848 24.38 -97.03 19.35
CA MET B 848 23.42 -98.08 19.63
C MET B 848 22.05 -97.47 19.95
N ALA B 849 22.04 -96.41 20.76
CA ALA B 849 20.77 -95.75 21.04
C ALA B 849 20.29 -94.93 19.85
N SER B 850 21.18 -94.59 18.92
CA SER B 850 20.76 -93.99 17.66
C SER B 850 19.99 -94.99 16.82
N CYS B 851 20.52 -96.20 16.68
CA CYS B 851 19.81 -97.22 15.92
C CYS B 851 18.51 -97.62 16.61
N LEU B 852 18.52 -97.69 17.94
CA LEU B 852 17.27 -97.99 18.66
C LEU B 852 16.28 -96.84 18.55
N SER B 853 16.75 -95.61 18.39
CA SER B 853 15.84 -94.50 18.18
C SER B 853 15.26 -94.50 16.78
N THR B 854 16.06 -94.88 15.78
CA THR B 854 15.53 -95.10 14.45
C THR B 854 14.46 -96.19 14.45
N VAL B 855 14.70 -97.26 15.21
CA VAL B 855 13.73 -98.35 15.27
C VAL B 855 12.45 -97.90 15.98
N TRP B 856 12.58 -97.14 17.06
CA TRP B 856 11.41 -96.67 17.78
C TRP B 856 10.65 -95.63 16.98
N THR B 857 11.35 -94.83 16.16
CA THR B 857 10.66 -93.89 15.28
C THR B 857 9.93 -94.62 14.16
N CYS B 858 10.49 -95.73 13.68
CA CYS B 858 9.79 -96.52 12.68
C CYS B 858 8.54 -97.16 13.27
N ILE B 859 8.64 -97.67 14.51
CA ILE B 859 7.45 -98.22 15.16
C ILE B 859 6.44 -97.13 15.45
N ILE B 860 6.90 -95.91 15.77
CA ILE B 860 5.98 -94.81 16.02
C ILE B 860 5.26 -94.41 14.73
N ILE B 861 5.96 -94.45 13.60
CA ILE B 861 5.31 -94.12 12.34
C ILE B 861 4.35 -95.23 11.94
N VAL B 862 4.68 -96.48 12.27
CA VAL B 862 3.77 -97.59 12.00
C VAL B 862 2.48 -97.42 12.80
N CYS B 863 2.61 -97.08 14.09
CA CYS B 863 1.42 -96.85 14.90
C CYS B 863 0.69 -95.57 14.52
N LYS B 864 1.39 -94.60 13.93
CA LYS B 864 0.76 -93.36 13.52
C LYS B 864 -0.11 -93.57 12.29
N MET B 865 0.44 -94.23 11.27
CA MET B 865 -0.33 -94.47 10.06
C MET B 865 -1.39 -95.55 10.24
N LEU B 866 -1.29 -96.35 11.31
CA LEU B 866 -2.32 -97.33 11.64
C LEU B 866 -3.46 -96.75 12.47
N TYR B 867 -3.34 -95.50 12.92
CA TYR B 867 -4.34 -94.90 13.79
C TYR B 867 -5.40 -94.11 13.05
N GLN B 868 -5.27 -93.93 11.73
CA GLN B 868 -6.20 -93.13 10.95
C GLN B 868 -7.40 -93.94 10.46
N LEU B 869 -7.68 -95.08 11.09
CA LEU B 869 -8.72 -95.98 10.61
C LEU B 869 -10.10 -95.40 10.93
N LYS B 870 -11.14 -96.12 10.52
CA LYS B 870 -12.52 -95.66 10.62
C LYS B 870 -13.36 -96.56 11.52
N ILE B 871 -12.73 -97.36 12.38
CA ILE B 871 -13.45 -98.26 13.27
C ILE B 871 -13.15 -97.91 14.72
N VAL B 872 -12.89 -96.63 14.98
CA VAL B 872 -12.43 -96.21 16.30
C VAL B 872 -13.55 -96.22 17.35
N ASN B 873 -14.80 -96.27 16.90
CA ASN B 873 -15.98 -96.34 17.78
C ASN B 873 -15.99 -95.18 18.75
N PRO B 874 -15.75 -93.94 18.28
CA PRO B 874 -15.70 -92.74 19.12
C PRO B 874 -17.04 -92.02 19.18
N ASN B 910 -3.76 -90.19 32.22
CA ASN B 910 -3.47 -89.48 30.97
C ASN B 910 -2.02 -89.69 30.55
N TRP B 911 -1.71 -90.92 30.13
CA TRP B 911 -0.33 -91.29 29.82
C TRP B 911 -0.19 -91.87 28.41
N PHE B 912 -1.20 -91.69 27.55
CA PHE B 912 -1.14 -92.19 26.18
C PHE B 912 -1.14 -91.05 25.17
N GLY B 913 -2.12 -90.16 25.24
CA GLY B 913 -2.22 -89.05 24.30
C GLY B 913 -2.43 -89.45 22.86
N VAL B 914 -3.38 -90.35 22.61
CA VAL B 914 -3.71 -90.77 21.25
C VAL B 914 -4.55 -89.65 20.66
N ARG B 915 -3.96 -88.84 19.79
CA ARG B 915 -4.59 -87.61 19.33
C ARG B 915 -5.54 -87.81 18.15
N LYS B 916 -5.73 -89.05 17.69
CA LYS B 916 -6.79 -89.40 16.74
C LYS B 916 -6.76 -88.50 15.50
N GLY B 917 -5.69 -88.65 14.72
CA GLY B 917 -5.44 -87.80 13.57
C GLY B 917 -6.60 -87.72 12.61
N TYR B 918 -7.26 -86.55 12.58
CA TYR B 918 -8.47 -86.34 11.81
C TYR B 918 -8.18 -86.19 10.31
N PRO B 919 -7.37 -85.20 9.92
CA PRO B 919 -7.24 -84.87 8.50
C PRO B 919 -6.43 -85.87 7.70
N ASN B 920 -5.77 -86.84 8.34
CA ASN B 920 -5.00 -87.88 7.67
C ASN B 920 -3.88 -87.32 6.81
N LEU B 921 -3.48 -86.08 7.04
CA LEU B 921 -2.27 -85.52 6.43
C LEU B 921 -1.35 -84.88 7.46
N GLY B 922 -1.91 -84.21 8.48
CA GLY B 922 -1.10 -83.55 9.47
C GLY B 922 -0.55 -84.46 10.54
N TYR B 923 -1.20 -85.61 10.76
CA TYR B 923 -0.77 -86.56 11.77
C TYR B 923 0.25 -87.57 11.24
N ILE B 924 0.96 -87.22 10.16
CA ILE B 924 2.06 -88.04 9.67
C ILE B 924 3.35 -87.25 9.48
N GLN B 925 3.31 -85.91 9.38
CA GLN B 925 4.51 -85.16 9.06
C GLN B 925 5.51 -85.19 10.21
N ASN B 926 5.04 -85.31 11.44
CA ASN B 926 5.93 -85.39 12.60
C ASN B 926 6.69 -86.70 12.63
N HIS B 927 6.24 -87.72 11.91
CA HIS B 927 7.00 -88.95 11.74
C HIS B 927 7.68 -89.03 10.38
N LEU B 928 7.11 -88.38 9.36
CA LEU B 928 7.73 -88.37 8.05
C LEU B 928 9.04 -87.58 8.05
N GLN B 929 9.03 -86.38 8.65
CA GLN B 929 10.27 -85.63 8.78
C GLN B 929 11.25 -86.32 9.71
N ILE B 930 10.76 -87.15 10.64
CA ILE B 930 11.66 -87.85 11.54
C ILE B 930 12.40 -88.96 10.80
N LEU B 931 11.64 -89.81 10.09
CA LEU B 931 12.28 -90.83 9.27
C LEU B 931 13.15 -90.22 8.17
N LEU B 932 12.79 -89.03 7.68
CA LEU B 932 13.61 -88.39 6.66
C LEU B 932 14.91 -87.85 7.24
N LEU B 933 14.89 -87.38 8.49
CA LEU B 933 16.13 -86.94 9.11
C LEU B 933 17.02 -88.12 9.48
N LEU B 934 16.42 -89.21 9.95
CA LEU B 934 17.20 -90.42 10.21
C LEU B 934 17.80 -90.98 8.92
N VAL B 935 17.06 -90.88 7.81
CA VAL B 935 17.58 -91.40 6.56
C VAL B 935 18.64 -90.45 5.97
N PHE B 936 18.52 -89.15 6.21
CA PHE B 936 19.58 -88.24 5.79
C PHE B 936 20.84 -88.45 6.61
N GLU B 937 20.70 -88.77 7.90
CA GLU B 937 21.88 -89.09 8.70
C GLU B 937 22.53 -90.39 8.26
N ALA B 938 21.72 -91.41 7.96
CA ALA B 938 22.28 -92.68 7.49
C ALA B 938 22.95 -92.50 6.12
N VAL B 939 22.34 -91.69 5.25
CA VAL B 939 22.94 -91.45 3.93
C VAL B 939 24.20 -90.62 4.06
N VAL B 940 24.26 -89.71 5.03
CA VAL B 940 25.49 -88.93 5.21
C VAL B 940 26.60 -89.80 5.77
N TYR B 941 26.26 -90.75 6.65
CA TYR B 941 27.28 -91.66 7.16
C TYR B 941 27.78 -92.60 6.07
N ARG B 942 26.87 -93.10 5.23
CA ARG B 942 27.27 -93.99 4.15
C ARG B 942 28.11 -93.25 3.11
N ARG B 943 27.71 -92.03 2.74
CA ARG B 943 28.50 -91.26 1.78
C ARG B 943 29.84 -90.84 2.37
N GLN B 944 29.90 -90.64 3.69
CA GLN B 944 31.18 -90.35 4.32
C GLN B 944 32.11 -91.56 4.25
N GLU B 945 31.58 -92.75 4.54
CA GLU B 945 32.39 -93.96 4.42
C GLU B 945 32.82 -94.18 2.98
N HIS B 946 31.94 -93.86 2.02
CA HIS B 946 32.27 -94.07 0.61
C HIS B 946 33.35 -93.10 0.16
N TYR B 947 33.22 -91.82 0.52
CA TYR B 947 34.22 -90.84 0.13
C TYR B 947 35.53 -91.04 0.88
N ARG B 948 35.51 -91.69 2.04
CA ARG B 948 36.75 -92.04 2.71
C ARG B 948 37.42 -93.22 2.03
N ARG B 949 36.62 -94.22 1.61
CA ARG B 949 37.21 -95.39 0.97
C ARG B 949 37.70 -95.07 -0.44
N GLN B 950 37.11 -94.06 -1.08
CA GLN B 950 37.49 -93.65 -2.43
C GLN B 950 38.45 -92.47 -2.36
N HIS B 951 38.79 -91.94 -3.54
CA HIS B 951 39.69 -90.80 -3.68
C HIS B 951 41.03 -91.05 -2.99
N GLY B 965 44.84 -74.99 8.42
CA GLY B 965 46.10 -74.59 9.01
C GLY B 965 46.38 -75.27 10.33
N THR B 966 47.64 -75.23 10.76
CA THR B 966 48.04 -75.86 12.01
C THR B 966 47.54 -75.04 13.20
N ARG B 967 47.50 -75.69 14.36
CA ARG B 967 47.18 -75.00 15.61
C ARG B 967 48.29 -74.07 16.06
N GLN B 968 49.50 -74.19 15.50
CA GLN B 968 50.61 -73.31 15.82
C GLN B 968 50.94 -72.36 14.68
N ARG B 969 50.45 -72.63 13.48
CA ARG B 969 50.65 -71.78 12.31
C ARG B 969 49.45 -70.88 12.05
N LEU B 970 48.48 -70.86 12.96
CA LEU B 970 47.26 -70.10 12.76
C LEU B 970 47.52 -68.61 12.55
N ASP B 971 48.45 -68.05 13.31
CA ASP B 971 48.74 -66.62 13.23
C ASP B 971 49.77 -66.31 12.14
N GLN B 972 49.45 -66.74 10.92
CA GLN B 972 50.29 -66.45 9.77
C GLN B 972 49.55 -65.70 8.65
N ASP B 973 48.23 -65.87 8.55
CA ASP B 973 47.39 -65.27 7.53
C ASP B 973 45.97 -65.19 8.06
N LEU B 974 45.17 -64.32 7.43
CA LEU B 974 43.76 -64.19 7.81
C LEU B 974 43.00 -65.48 7.55
N LEU B 975 43.25 -66.11 6.40
CA LEU B 975 42.59 -67.37 6.09
C LEU B 975 42.99 -68.46 7.08
N SER B 976 44.27 -68.50 7.47
CA SER B 976 44.71 -69.48 8.46
C SER B 976 44.01 -69.25 9.79
N CYS B 977 43.86 -68.00 10.20
CA CYS B 977 43.16 -67.70 11.46
C CYS B 977 41.70 -68.13 11.37
N LEU B 978 41.04 -67.85 10.25
CA LEU B 978 39.66 -68.27 10.08
C LEU B 978 39.53 -69.78 10.11
N LYS B 979 40.45 -70.49 9.45
CA LYS B 979 40.40 -71.94 9.45
C LYS B 979 40.63 -72.52 10.83
N TYR B 980 41.61 -72.00 11.58
CA TYR B 980 41.84 -72.45 12.94
C TYR B 980 40.70 -72.07 13.87
N PHE B 981 39.91 -71.06 13.52
CA PHE B 981 38.69 -70.77 14.27
C PHE B 981 37.63 -71.82 13.97
N ILE B 982 37.32 -72.00 12.69
CA ILE B 982 36.21 -72.86 12.28
C ILE B 982 36.47 -74.31 12.67
N ASN B 983 37.74 -74.72 12.69
CA ASN B 983 38.06 -76.07 13.15
C ASN B 983 37.80 -76.24 14.64
N PHE B 984 38.01 -75.18 15.43
CA PHE B 984 37.97 -75.28 16.88
C PHE B 984 37.13 -74.15 17.46
N PHE B 985 35.97 -73.88 16.86
CA PHE B 985 35.14 -72.76 17.28
C PHE B 985 34.54 -72.97 18.66
N PHE B 986 34.53 -74.21 19.16
CA PHE B 986 33.99 -74.51 20.48
C PHE B 986 35.06 -75.03 21.44
N TYR B 987 36.33 -75.03 21.03
CA TYR B 987 37.33 -75.85 21.72
C TYR B 987 37.72 -75.22 23.04
N LYS B 988 38.31 -74.02 23.00
CA LYS B 988 38.53 -73.22 24.20
C LYS B 988 37.49 -72.11 24.35
N PHE B 989 36.35 -72.26 23.68
CA PHE B 989 35.19 -71.39 23.86
C PHE B 989 34.02 -72.11 24.52
N GLY B 990 34.11 -73.43 24.67
CA GLY B 990 32.96 -74.27 24.94
C GLY B 990 32.22 -73.94 26.22
N LEU B 991 32.93 -73.99 27.35
CA LEU B 991 32.28 -73.72 28.64
C LEU B 991 31.75 -72.29 28.70
N GLU B 992 32.42 -71.35 28.04
CA GLU B 992 31.87 -70.00 27.90
C GLU B 992 30.49 -70.03 27.25
N ILE B 993 30.40 -70.65 26.06
CA ILE B 993 29.11 -70.68 25.37
C ILE B 993 28.09 -71.52 26.14
N CYS B 994 28.56 -72.48 26.92
CA CYS B 994 27.66 -73.23 27.81
C CYS B 994 27.04 -72.31 28.85
N PHE B 995 27.87 -71.50 29.51
CA PHE B 995 27.34 -70.54 30.48
C PHE B 995 26.42 -69.53 29.82
N LEU B 996 26.74 -69.13 28.59
CA LEU B 996 25.91 -68.15 27.89
C LEU B 996 24.55 -68.73 27.53
N MET B 997 24.53 -69.98 27.05
CA MET B 997 23.26 -70.61 26.74
C MET B 997 22.46 -70.93 27.99
N ALA B 998 23.14 -71.26 29.09
CA ALA B 998 22.44 -71.42 30.36
C ALA B 998 21.80 -70.11 30.81
N VAL B 999 22.51 -69.00 30.62
CA VAL B 999 21.96 -67.69 31.00
C VAL B 999 20.76 -67.36 30.12
N ASN B 1000 20.86 -67.62 28.82
CA ASN B 1000 19.74 -67.33 27.93
C ASN B 1000 18.54 -68.21 28.23
N VAL B 1001 18.78 -69.46 28.60
CA VAL B 1001 17.68 -70.36 28.95
C VAL B 1001 17.01 -69.90 30.24
N ILE B 1002 17.81 -69.54 31.25
CA ILE B 1002 17.24 -69.07 32.50
C ILE B 1002 16.45 -67.78 32.28
N GLY B 1003 16.94 -66.92 31.38
CA GLY B 1003 16.20 -65.72 31.02
C GLY B 1003 14.88 -66.03 30.35
N GLN B 1004 14.86 -67.04 29.48
CA GLN B 1004 13.69 -67.30 28.67
C GLN B 1004 12.64 -68.14 29.38
N ARG B 1005 13.03 -68.97 30.33
CA ARG B 1005 12.09 -69.93 30.92
C ARG B 1005 11.19 -69.28 31.95
N MET B 1006 11.77 -68.52 32.88
CA MET B 1006 11.02 -67.80 33.92
C MET B 1006 10.16 -68.76 34.75
N ASN B 1007 10.83 -69.66 35.45
CA ASN B 1007 10.15 -70.64 36.28
C ASN B 1007 11.06 -71.01 37.46
N PHE B 1008 10.44 -71.59 38.49
CA PHE B 1008 11.22 -72.04 39.64
C PHE B 1008 12.10 -73.24 39.28
N MET B 1009 11.71 -74.03 38.28
CA MET B 1009 12.64 -75.02 37.74
C MET B 1009 13.86 -74.33 37.15
N VAL B 1010 13.66 -73.20 36.46
CA VAL B 1010 14.79 -72.41 36.01
C VAL B 1010 15.51 -71.77 37.18
N ILE B 1011 14.83 -71.55 38.31
CA ILE B 1011 15.50 -71.01 39.47
C ILE B 1011 16.49 -72.03 40.03
N LEU B 1012 16.09 -73.30 40.10
CA LEU B 1012 17.02 -74.34 40.54
C LEU B 1012 18.12 -74.56 39.52
N HIS B 1013 17.78 -74.49 38.23
CA HIS B 1013 18.80 -74.62 37.20
C HIS B 1013 19.86 -73.53 37.33
N GLY B 1014 19.43 -72.29 37.55
CA GLY B 1014 20.39 -71.21 37.71
C GLY B 1014 21.12 -71.26 39.04
N CYS B 1015 20.50 -71.86 40.05
CA CYS B 1015 21.21 -72.13 41.31
C CYS B 1015 22.38 -73.07 41.06
N TRP B 1016 22.14 -74.17 40.34
CA TRP B 1016 23.25 -75.06 40.04
C TRP B 1016 24.23 -74.43 39.06
N LEU B 1017 23.77 -73.49 38.23
CA LEU B 1017 24.68 -72.83 37.31
C LEU B 1017 25.64 -71.92 38.06
N VAL B 1018 25.13 -71.14 39.01
CA VAL B 1018 26.00 -70.30 39.83
C VAL B 1018 26.84 -71.15 40.77
N ALA B 1019 26.40 -72.37 41.12
CA ALA B 1019 27.26 -73.27 41.88
C ALA B 1019 28.41 -73.79 41.03
N ILE B 1020 28.14 -74.09 39.76
CA ILE B 1020 29.21 -74.49 38.85
C ILE B 1020 30.19 -73.33 38.64
N LEU B 1021 29.65 -72.11 38.52
CA LEU B 1021 30.50 -70.94 38.36
C LEU B 1021 31.28 -70.61 39.62
N THR B 1022 30.81 -71.08 40.78
CA THR B 1022 31.50 -70.80 42.03
C THR B 1022 32.93 -71.32 42.00
N ARG B 1023 33.14 -72.49 41.39
CA ARG B 1023 34.47 -73.09 41.29
C ARG B 1023 35.19 -72.41 40.12
N ARG B 1024 35.63 -71.18 40.37
CA ARG B 1024 36.32 -70.40 39.34
C ARG B 1024 37.62 -71.07 38.92
N ARG B 1025 38.35 -71.64 39.87
CA ARG B 1025 39.64 -72.25 39.56
C ARG B 1025 39.50 -73.35 38.52
N ARG B 1026 40.43 -73.36 37.57
CA ARG B 1026 40.39 -74.32 36.47
C ARG B 1026 40.57 -75.75 36.96
N GLU B 1027 39.87 -76.68 36.30
CA GLU B 1027 39.85 -78.13 36.48
C GLU B 1027 38.92 -78.54 37.62
N ALA B 1028 38.47 -77.61 38.47
CA ALA B 1028 37.48 -77.97 39.48
C ALA B 1028 36.13 -78.25 38.85
N ILE B 1029 35.73 -77.44 37.88
CA ILE B 1029 34.46 -77.62 37.19
C ILE B 1029 34.42 -78.93 36.42
N ALA B 1030 35.57 -79.35 35.88
CA ALA B 1030 35.62 -80.59 35.10
C ALA B 1030 35.13 -81.78 35.89
N ARG B 1031 35.50 -81.85 37.18
CA ARG B 1031 35.06 -82.95 38.02
C ARG B 1031 33.54 -82.99 38.14
N LEU B 1032 32.93 -81.82 38.39
CA LEU B 1032 31.49 -81.73 38.54
C LEU B 1032 30.72 -81.77 37.23
N TRP B 1033 31.41 -81.71 36.09
CA TRP B 1033 30.70 -81.62 34.82
C TRP B 1033 30.01 -82.92 34.38
N PRO B 1034 30.59 -84.10 34.63
CA PRO B 1034 29.78 -85.32 34.43
C PRO B 1034 28.58 -85.38 35.36
N ASN B 1035 28.73 -84.91 36.60
CA ASN B 1035 27.57 -84.81 37.49
C ASN B 1035 26.64 -83.71 37.03
N TYR B 1036 27.19 -82.70 36.34
CA TYR B 1036 26.35 -81.64 35.79
C TYR B 1036 25.43 -82.19 34.72
N CYS B 1037 25.99 -82.95 33.77
CA CYS B 1037 25.17 -83.62 32.77
C CYS B 1037 24.21 -84.61 33.40
N LEU B 1038 24.63 -85.27 34.49
CA LEU B 1038 23.77 -86.27 35.12
C LEU B 1038 22.53 -85.62 35.73
N PHE B 1039 22.71 -84.54 36.50
CA PHE B 1039 21.50 -83.92 37.05
C PHE B 1039 20.76 -83.10 36.01
N LEU B 1040 21.45 -82.68 34.93
CA LEU B 1040 20.75 -82.04 33.82
C LEU B 1040 19.74 -82.99 33.20
N THR B 1041 20.17 -84.23 32.92
CA THR B 1041 19.22 -85.18 32.35
C THR B 1041 18.19 -85.63 33.39
N LEU B 1042 18.59 -85.69 34.67
CA LEU B 1042 17.66 -86.07 35.72
C LEU B 1042 16.59 -85.01 35.94
N PHE B 1043 16.87 -83.76 35.56
CA PHE B 1043 15.90 -82.69 35.67
C PHE B 1043 15.06 -82.63 34.42
N LEU B 1044 15.69 -82.74 33.26
CA LEU B 1044 15.01 -82.52 31.99
C LEU B 1044 14.02 -83.64 31.70
N LEU B 1045 14.39 -84.89 31.98
CA LEU B 1045 13.47 -85.99 31.69
C LEU B 1045 12.23 -85.89 32.56
N TYR B 1046 12.41 -85.63 33.86
CA TYR B 1046 11.25 -85.41 34.74
C TYR B 1046 10.44 -84.19 34.31
N GLN B 1047 11.10 -83.15 33.80
CA GLN B 1047 10.37 -81.96 33.36
C GLN B 1047 9.51 -82.29 32.15
N TYR B 1048 10.07 -83.02 31.18
CA TYR B 1048 9.30 -83.41 30.01
C TYR B 1048 8.14 -84.33 30.40
N LEU B 1049 8.37 -85.22 31.37
CA LEU B 1049 7.30 -86.12 31.79
C LEU B 1049 6.21 -85.37 32.55
N LEU B 1050 6.57 -84.30 33.25
CA LEU B 1050 5.57 -83.51 33.97
C LEU B 1050 4.78 -82.62 33.01
N CYS B 1051 5.44 -82.09 31.98
CA CYS B 1051 4.74 -81.37 30.92
C CYS B 1051 3.84 -82.31 30.13
N LEU B 1052 4.22 -83.58 29.99
CA LEU B 1052 3.38 -84.55 29.30
C LEU B 1052 2.16 -84.91 30.13
N GLY B 1053 2.37 -85.47 31.31
CA GLY B 1053 1.28 -85.87 32.18
C GLY B 1053 1.62 -86.98 33.15
N SER B 1091 7.38 -77.30 26.70
CA SER B 1091 7.21 -75.97 26.11
C SER B 1091 8.42 -75.56 25.27
N THR B 1092 8.35 -74.37 24.66
CA THR B 1092 9.53 -73.81 24.03
C THR B 1092 10.64 -73.54 25.04
N ASN B 1093 10.27 -73.21 26.28
CA ASN B 1093 11.25 -73.19 27.35
C ASN B 1093 11.94 -74.53 27.50
N LEU B 1094 11.18 -75.62 27.40
CA LEU B 1094 11.80 -76.94 27.45
C LEU B 1094 12.62 -77.21 26.20
N ILE B 1095 12.27 -76.59 25.08
CA ILE B 1095 13.04 -76.76 23.85
C ILE B 1095 14.43 -76.12 24.02
N SER B 1096 14.47 -74.89 24.50
CA SER B 1096 15.77 -74.26 24.73
C SER B 1096 16.52 -74.87 25.90
N ASP B 1097 15.81 -75.49 26.86
CA ASP B 1097 16.51 -76.23 27.90
C ASP B 1097 17.15 -77.50 27.35
N PHE B 1098 16.49 -78.15 26.38
CA PHE B 1098 17.09 -79.30 25.73
C PHE B 1098 18.27 -78.88 24.86
N LEU B 1099 18.17 -77.71 24.23
CA LEU B 1099 19.32 -77.19 23.47
C LEU B 1099 20.50 -76.91 24.38
N LEU B 1100 20.24 -76.33 25.56
CA LEU B 1100 21.31 -76.08 26.52
C LEU B 1100 21.91 -77.39 27.01
N LEU B 1101 21.07 -78.39 27.30
CA LEU B 1101 21.58 -79.69 27.70
C LEU B 1101 22.38 -80.36 26.59
N LEU B 1102 22.02 -80.10 25.33
CA LEU B 1102 22.78 -80.66 24.22
C LEU B 1102 24.15 -80.01 24.11
N CYS B 1103 24.20 -78.69 24.28
CA CYS B 1103 25.50 -78.01 24.27
C CYS B 1103 26.36 -78.46 25.45
N ALA B 1104 25.75 -78.63 26.62
CA ALA B 1104 26.49 -79.11 27.77
C ALA B 1104 26.97 -80.54 27.59
N SER B 1105 26.20 -81.37 26.89
CA SER B 1105 26.65 -82.73 26.58
C SER B 1105 27.83 -82.70 25.60
N GLN B 1106 27.76 -81.83 24.59
CA GLN B 1106 28.88 -81.69 23.67
C GLN B 1106 30.14 -81.25 24.42
N GLN B 1107 29.99 -80.32 25.35
CA GLN B 1107 31.13 -79.90 26.17
C GLN B 1107 31.64 -81.04 27.04
N TRP B 1108 30.73 -81.81 27.65
CA TRP B 1108 31.14 -82.93 28.48
C TRP B 1108 31.85 -83.99 27.66
N GLN B 1109 31.51 -84.10 26.38
CA GLN B 1109 32.29 -84.92 25.47
C GLN B 1109 33.70 -84.35 25.28
N VAL B 1110 33.79 -83.14 24.74
CA VAL B 1110 35.06 -82.64 24.20
C VAL B 1110 35.91 -81.92 25.23
N PHE B 1111 35.56 -82.00 26.51
CA PHE B 1111 36.38 -81.36 27.54
C PHE B 1111 37.78 -81.95 27.57
N SER B 1112 37.90 -83.27 27.55
CA SER B 1112 39.14 -83.97 27.85
C SER B 1112 39.99 -84.26 26.61
N ALA B 1113 39.96 -83.36 25.61
CA ALA B 1113 40.70 -83.56 24.37
C ALA B 1113 42.18 -83.38 24.68
N GLU B 1114 42.80 -84.45 25.15
CA GLU B 1114 44.21 -84.45 25.54
C GLU B 1114 45.11 -84.95 24.42
N ARG B 1115 44.78 -84.64 23.17
CA ARG B 1115 45.61 -84.96 22.03
C ARG B 1115 46.37 -83.75 21.51
N THR B 1116 45.67 -82.65 21.26
CA THR B 1116 46.28 -81.37 20.87
C THR B 1116 47.15 -81.52 19.63
N ASN B 1138 55.63 -67.65 21.29
CA ASN B 1138 55.20 -66.42 21.96
C ASN B 1138 55.37 -65.17 21.10
N PRO B 1139 54.71 -65.11 19.92
CA PRO B 1139 54.78 -63.88 19.12
C PRO B 1139 53.92 -62.75 19.68
N ILE B 1140 53.91 -62.59 21.00
CA ILE B 1140 53.08 -61.59 21.65
C ILE B 1140 53.61 -60.17 21.39
N PRO B 1141 54.91 -59.90 21.50
CA PRO B 1141 55.38 -58.54 21.19
C PRO B 1141 55.17 -58.14 19.74
N ASN B 1142 55.05 -59.12 18.83
CA ASN B 1142 54.51 -58.80 17.52
C ASN B 1142 53.14 -58.16 17.68
N PHE B 1143 52.33 -58.66 18.61
CA PHE B 1143 51.02 -58.05 18.78
C PHE B 1143 51.05 -56.84 19.70
N ILE B 1144 52.03 -55.93 19.54
CA ILE B 1144 52.00 -54.67 20.26
C ILE B 1144 52.04 -53.49 19.30
N HIS B 1145 52.14 -53.77 18.00
CA HIS B 1145 52.22 -52.84 16.89
C HIS B 1145 51.52 -53.51 15.72
N CYS B 1146 51.22 -52.75 14.68
CA CYS B 1146 50.52 -53.26 13.52
C CYS B 1146 51.54 -53.52 12.41
N ARG B 1147 51.82 -54.80 12.19
CA ARG B 1147 52.71 -55.27 11.13
C ARG B 1147 51.98 -56.16 10.14
N SER B 1148 50.72 -56.48 10.39
CA SER B 1148 49.91 -57.30 9.49
C SER B 1148 48.46 -57.11 9.88
N TYR B 1149 47.56 -57.58 9.01
CA TYR B 1149 46.13 -57.46 9.32
C TYR B 1149 45.79 -58.25 10.57
N LEU B 1150 46.41 -59.41 10.73
CA LEU B 1150 46.11 -60.28 11.86
C LEU B 1150 46.43 -59.57 13.16
N ASP B 1151 47.55 -58.86 13.21
CA ASP B 1151 47.91 -58.17 14.44
C ASP B 1151 47.25 -56.80 14.56
N MET B 1152 46.88 -56.18 13.42
CA MET B 1152 46.06 -54.98 13.49
C MET B 1152 44.71 -55.26 14.17
N LEU B 1153 44.16 -56.45 13.98
CA LEU B 1153 42.98 -56.82 14.75
C LEU B 1153 43.32 -57.43 16.11
N LYS B 1154 44.48 -58.07 16.22
CA LYS B 1154 44.87 -58.71 17.46
C LYS B 1154 45.05 -57.69 18.58
N VAL B 1155 45.71 -56.56 18.27
CA VAL B 1155 45.92 -55.53 19.28
C VAL B 1155 44.59 -54.99 19.77
N ALA B 1156 43.66 -54.78 18.84
CA ALA B 1156 42.35 -54.26 19.20
C ALA B 1156 41.63 -55.23 20.12
N VAL B 1157 41.70 -56.52 19.81
CA VAL B 1157 41.04 -57.52 20.66
C VAL B 1157 41.65 -57.53 22.05
N PHE B 1158 42.99 -57.49 22.14
CA PHE B 1158 43.66 -57.54 23.43
C PHE B 1158 43.43 -56.29 24.28
N ARG B 1159 43.45 -55.10 23.68
CA ARG B 1159 43.38 -53.88 24.47
C ARG B 1159 42.09 -53.09 24.30
N TYR B 1160 41.64 -52.84 23.09
CA TYR B 1160 40.44 -52.02 22.88
C TYR B 1160 39.21 -52.66 23.51
N LEU B 1161 39.12 -53.99 23.47
CA LEU B 1161 37.95 -54.68 24.00
C LEU B 1161 37.74 -54.39 25.48
N PHE B 1162 38.81 -54.31 26.26
CA PHE B 1162 38.65 -54.06 27.69
C PHE B 1162 37.94 -52.71 27.91
N TRP B 1163 38.35 -51.68 27.18
CA TRP B 1163 37.69 -50.39 27.30
C TRP B 1163 36.25 -50.49 26.82
N LEU B 1164 36.03 -51.24 25.73
CA LEU B 1164 34.69 -51.36 25.16
C LEU B 1164 33.72 -51.99 26.16
N VAL B 1165 34.20 -52.98 26.93
CA VAL B 1165 33.33 -53.67 27.87
C VAL B 1165 32.78 -52.71 28.91
N LEU B 1166 33.59 -51.73 29.33
CA LEU B 1166 33.08 -50.77 30.32
C LEU B 1166 31.92 -49.99 29.75
N VAL B 1167 32.02 -49.57 28.49
CA VAL B 1167 30.94 -48.83 27.85
C VAL B 1167 29.69 -49.69 27.70
N VAL B 1168 29.86 -50.94 27.25
CA VAL B 1168 28.69 -51.79 27.08
C VAL B 1168 28.03 -52.06 28.42
N VAL B 1169 28.83 -52.23 29.48
CA VAL B 1169 28.26 -52.43 30.80
C VAL B 1169 27.46 -51.21 31.23
N PHE B 1170 28.00 -50.01 30.96
CA PHE B 1170 27.27 -48.80 31.31
C PHE B 1170 25.96 -48.70 30.55
N VAL B 1171 25.97 -49.03 29.26
CA VAL B 1171 24.74 -48.95 28.48
C VAL B 1171 23.75 -50.05 28.84
N ALA B 1172 24.22 -51.18 29.37
CA ALA B 1172 23.30 -52.15 29.95
C ALA B 1172 22.69 -51.63 31.24
N GLY B 1173 23.48 -50.91 32.05
CA GLY B 1173 22.95 -50.24 33.21
C GLY B 1173 22.02 -49.09 32.90
N ALA B 1174 22.11 -48.53 31.70
CA ALA B 1174 21.30 -47.38 31.31
C ALA B 1174 19.92 -47.78 30.79
N THR B 1175 19.88 -48.57 29.72
CA THR B 1175 18.62 -48.87 29.04
C THR B 1175 17.96 -50.04 29.78
N ARG B 1176 17.41 -49.70 30.95
CA ARG B 1176 16.31 -50.35 31.66
C ARG B 1176 16.04 -49.55 32.93
N ILE B 1177 15.05 -49.94 33.72
CA ILE B 1177 14.67 -49.15 34.88
C ILE B 1177 15.61 -49.46 36.03
N SER B 1178 15.86 -48.44 36.86
CA SER B 1178 16.78 -48.54 37.98
C SER B 1178 16.18 -49.39 39.09
N ILE B 1179 16.17 -50.69 38.88
CA ILE B 1179 15.84 -51.63 39.96
C ILE B 1179 17.10 -52.21 40.58
N PHE B 1180 18.13 -52.49 39.77
CA PHE B 1180 19.43 -52.91 40.27
C PHE B 1180 20.57 -52.36 39.43
N GLY B 1181 20.29 -51.51 38.45
CA GLY B 1181 21.35 -51.04 37.57
C GLY B 1181 22.31 -50.07 38.21
N LEU B 1182 21.96 -49.53 39.38
CA LEU B 1182 22.77 -48.51 40.01
C LEU B 1182 24.18 -49.00 40.24
N GLY B 1183 24.32 -50.26 40.68
CA GLY B 1183 25.63 -50.83 40.91
C GLY B 1183 26.59 -50.63 39.74
N TYR B 1184 26.09 -50.63 38.51
CA TYR B 1184 27.01 -50.57 37.39
C TYR B 1184 27.53 -49.16 37.17
N LEU B 1185 26.81 -48.16 37.66
CA LEU B 1185 27.39 -46.82 37.71
C LEU B 1185 28.55 -46.80 38.68
N LEU B 1186 28.42 -47.49 39.81
CA LEU B 1186 29.57 -47.57 40.70
C LEU B 1186 30.70 -48.28 40.00
N ALA B 1187 30.38 -49.21 39.09
CA ALA B 1187 31.44 -49.87 38.36
C ALA B 1187 32.18 -48.86 37.48
N CYS B 1188 31.43 -48.01 36.78
CA CYS B 1188 32.12 -47.04 35.95
C CYS B 1188 32.73 -45.95 36.82
N PHE B 1189 32.28 -45.84 38.06
CA PHE B 1189 33.03 -45.04 39.02
C PHE B 1189 34.36 -45.69 39.33
N TYR B 1190 34.35 -46.95 39.74
CA TYR B 1190 35.59 -47.61 40.11
C TYR B 1190 36.41 -47.99 38.88
N LEU B 1191 35.79 -48.68 37.92
CA LEU B 1191 36.55 -49.27 36.82
C LEU B 1191 37.27 -48.20 36.02
N LEU B 1192 36.57 -47.12 35.68
CA LEU B 1192 37.20 -46.10 34.87
C LEU B 1192 38.18 -45.26 35.68
N LEU B 1193 37.93 -45.08 36.97
CA LEU B 1193 38.88 -44.34 37.79
C LEU B 1193 40.23 -45.06 37.88
N PHE B 1194 40.18 -46.36 38.16
CA PHE B 1194 41.39 -47.15 38.34
C PHE B 1194 41.75 -48.00 37.14
N GLY B 1195 41.15 -47.75 35.97
CA GLY B 1195 41.35 -48.64 34.84
C GLY B 1195 42.80 -48.85 34.49
N THR B 1196 43.57 -47.77 34.43
CA THR B 1196 44.99 -47.90 34.15
C THR B 1196 45.68 -48.68 35.26
N THR B 1197 45.40 -48.34 36.51
CA THR B 1197 46.00 -49.05 37.63
C THR B 1197 45.51 -50.50 37.68
N LEU B 1198 44.23 -50.73 37.33
CA LEU B 1198 43.72 -52.10 37.30
C LEU B 1198 44.50 -52.95 36.32
N LEU B 1199 44.76 -52.41 35.12
CA LEU B 1199 45.60 -53.13 34.18
C LEU B 1199 47.01 -53.29 34.72
N GLN B 1200 47.49 -52.30 35.49
CA GLN B 1200 48.87 -52.28 35.97
C GLN B 1200 49.09 -53.06 37.26
N LYS B 1201 48.09 -53.77 37.78
CA LYS B 1201 48.35 -54.45 39.05
C LYS B 1201 48.90 -55.87 38.90
N ASP B 1202 48.03 -56.86 39.05
CA ASP B 1202 48.43 -58.26 38.97
C ASP B 1202 47.25 -59.09 38.50
N THR B 1203 47.54 -60.25 37.94
CA THR B 1203 46.47 -61.14 37.48
C THR B 1203 45.58 -61.59 38.63
N ARG B 1204 46.19 -61.89 39.78
CA ARG B 1204 45.43 -62.38 40.94
C ARG B 1204 44.31 -61.43 41.35
N ALA B 1205 44.60 -60.14 41.43
CA ALA B 1205 43.56 -59.22 41.89
C ALA B 1205 42.64 -58.76 40.77
N GLN B 1206 43.13 -58.74 39.54
CA GLN B 1206 42.24 -58.51 38.40
C GLN B 1206 41.17 -59.58 38.36
N LEU B 1207 41.59 -60.85 38.44
CA LEU B 1207 40.63 -61.95 38.48
C LEU B 1207 39.78 -61.94 39.73
N VAL B 1208 40.32 -61.46 40.87
CA VAL B 1208 39.49 -61.34 42.07
C VAL B 1208 38.32 -60.38 41.83
N LEU B 1209 38.63 -59.19 41.31
CA LEU B 1209 37.55 -58.22 41.15
C LEU B 1209 36.64 -58.57 39.98
N TRP B 1210 37.16 -59.25 38.96
CA TRP B 1210 36.29 -59.69 37.87
C TRP B 1210 35.37 -60.81 38.35
N ASP B 1211 35.87 -61.70 39.21
CA ASP B 1211 35.03 -62.73 39.78
C ASP B 1211 33.96 -62.12 40.69
N CYS B 1212 34.33 -61.08 41.45
CA CYS B 1212 33.33 -60.35 42.22
C CYS B 1212 32.25 -59.77 41.32
N LEU B 1213 32.64 -59.20 40.18
CA LEU B 1213 31.65 -58.57 39.30
C LEU B 1213 30.75 -59.60 38.64
N ILE B 1214 31.32 -60.73 38.20
CA ILE B 1214 30.47 -61.75 37.59
C ILE B 1214 29.59 -62.41 38.65
N LEU B 1215 30.06 -62.44 39.91
CA LEU B 1215 29.22 -62.94 40.99
C LEU B 1215 28.05 -62.01 41.23
N TYR B 1216 28.27 -60.70 41.17
CA TYR B 1216 27.17 -59.75 41.33
C TYR B 1216 26.23 -59.78 40.13
N ASN B 1217 26.75 -60.15 38.95
CA ASN B 1217 25.90 -60.27 37.78
C ASN B 1217 25.00 -61.51 37.88
N VAL B 1218 25.58 -62.64 38.28
CA VAL B 1218 24.77 -63.84 38.36
C VAL B 1218 23.91 -63.81 39.62
N THR B 1219 24.25 -62.96 40.59
CA THR B 1219 23.29 -62.54 41.60
C THR B 1219 22.09 -61.86 40.96
N VAL B 1220 22.34 -60.79 40.20
CA VAL B 1220 21.24 -59.89 39.86
C VAL B 1220 20.35 -60.49 38.77
N ILE B 1221 20.84 -61.44 38.00
CA ILE B 1221 19.96 -62.10 37.04
C ILE B 1221 18.93 -62.96 37.77
N ILE B 1222 19.37 -63.75 38.74
CA ILE B 1222 18.41 -64.58 39.48
C ILE B 1222 17.54 -63.70 40.37
N SER B 1223 18.07 -62.57 40.84
CA SER B 1223 17.22 -61.63 41.58
C SER B 1223 16.13 -61.07 40.68
N LYS B 1224 16.44 -60.85 39.41
CA LYS B 1224 15.42 -60.43 38.46
C LYS B 1224 14.59 -61.60 37.95
N ASN B 1225 14.90 -62.82 38.39
CA ASN B 1225 14.01 -63.95 38.20
C ASN B 1225 13.02 -64.13 39.35
N MET B 1226 13.21 -63.43 40.47
CA MET B 1226 12.40 -63.62 41.68
C MET B 1226 11.25 -62.63 41.79
N LEU B 1227 10.61 -62.30 40.68
CA LEU B 1227 9.55 -61.29 40.70
C LEU B 1227 8.19 -61.86 41.07
N SER B 1228 8.00 -63.17 40.94
CA SER B 1228 6.72 -63.79 41.26
C SER B 1228 6.90 -65.26 41.58
N ALA B 1278 14.45 -62.73 26.56
CA ALA B 1278 13.21 -61.98 26.76
C ALA B 1278 13.47 -60.49 26.88
N GLY B 1279 13.73 -60.04 28.11
CA GLY B 1279 13.94 -58.63 28.37
C GLY B 1279 15.15 -58.37 29.26
N ILE B 1280 16.16 -59.22 29.13
CA ILE B 1280 17.34 -59.19 30.00
C ILE B 1280 18.55 -59.20 29.07
N ILE B 1281 18.35 -58.75 27.83
CA ILE B 1281 19.33 -59.02 26.78
C ILE B 1281 20.62 -58.26 27.02
N TRP B 1282 20.53 -57.05 27.58
CA TRP B 1282 21.73 -56.27 27.83
C TRP B 1282 22.57 -56.92 28.92
N ASP B 1283 21.90 -57.47 29.93
CA ASP B 1283 22.62 -58.20 30.98
C ASP B 1283 23.32 -59.41 30.40
N SER B 1284 22.66 -60.14 29.50
CA SER B 1284 23.27 -61.31 28.89
C SER B 1284 24.50 -60.94 28.06
N ILE B 1285 24.38 -59.91 27.23
CA ILE B 1285 25.54 -59.55 26.40
C ILE B 1285 26.69 -59.05 27.25
N CYS B 1286 26.41 -58.22 28.26
CA CYS B 1286 27.52 -57.78 29.10
C CYS B 1286 28.14 -58.97 29.83
N PHE B 1287 27.32 -59.94 30.24
CA PHE B 1287 27.84 -61.13 30.89
C PHE B 1287 28.79 -61.88 29.95
N PHE B 1288 28.40 -62.01 28.69
CA PHE B 1288 29.25 -62.66 27.72
C PHE B 1288 30.56 -61.90 27.60
N PHE B 1289 30.49 -60.57 27.60
CA PHE B 1289 31.71 -59.77 27.54
C PHE B 1289 32.59 -59.99 28.77
N LEU B 1290 31.99 -60.12 29.96
CA LEU B 1290 32.81 -60.35 31.15
C LEU B 1290 33.54 -61.69 31.06
N LEU B 1291 32.86 -62.74 30.60
CA LEU B 1291 33.57 -64.00 30.42
C LEU B 1291 34.67 -63.89 29.36
N LEU B 1292 34.39 -63.20 28.25
CA LEU B 1292 35.41 -63.07 27.21
C LEU B 1292 36.64 -62.31 27.72
N GLN B 1293 36.41 -61.22 28.45
CA GLN B 1293 37.54 -60.49 29.02
C GLN B 1293 38.28 -61.33 30.06
N ARG B 1294 37.54 -62.12 30.84
CA ARG B 1294 38.21 -62.99 31.81
C ARG B 1294 39.13 -63.98 31.11
N ARG B 1295 38.65 -64.55 29.99
CA ARG B 1295 39.50 -65.44 29.19
C ARG B 1295 40.73 -64.70 28.69
N ILE B 1296 40.55 -63.44 28.24
CA ILE B 1296 41.68 -62.63 27.81
C ILE B 1296 42.67 -62.46 28.96
N PHE B 1297 42.14 -62.15 30.14
CA PHE B 1297 42.96 -61.76 31.28
C PHE B 1297 43.67 -62.93 31.91
N LEU B 1298 43.18 -64.16 31.67
CA LEU B 1298 43.98 -65.33 32.01
C LEU B 1298 45.18 -65.46 31.06
N SER B 1299 44.99 -65.14 29.78
CA SER B 1299 45.84 -65.67 28.73
C SER B 1299 47.27 -65.15 28.89
N HIS B 1300 48.25 -66.00 28.57
CA HIS B 1300 49.65 -65.63 28.65
C HIS B 1300 50.16 -64.91 27.40
N TYR B 1301 49.30 -64.60 26.44
CA TYR B 1301 49.72 -63.75 25.34
C TYR B 1301 49.69 -62.28 25.70
N PHE B 1302 48.73 -61.87 26.53
CA PHE B 1302 48.58 -60.46 26.90
C PHE B 1302 49.69 -59.96 27.82
N LEU B 1303 50.49 -60.86 28.40
CA LEU B 1303 51.48 -60.44 29.39
C LEU B 1303 52.42 -59.36 28.87
N HIS B 1304 52.81 -59.43 27.60
CA HIS B 1304 53.72 -58.42 27.08
C HIS B 1304 53.02 -57.14 26.73
N VAL B 1305 51.73 -57.20 26.41
CA VAL B 1305 50.97 -55.97 26.32
C VAL B 1305 50.91 -55.33 27.69
N SER B 1306 50.87 -56.15 28.75
CA SER B 1306 50.92 -55.58 30.08
C SER B 1306 52.29 -55.00 30.35
N ALA B 1307 53.34 -55.61 29.80
CA ALA B 1307 54.66 -55.02 29.93
C ALA B 1307 54.72 -53.74 29.12
N ASP B 1308 53.98 -53.68 28.02
CA ASP B 1308 53.87 -52.43 27.28
C ASP B 1308 53.34 -51.35 28.20
N LEU B 1309 52.36 -51.68 29.03
CA LEU B 1309 51.76 -50.65 29.84
C LEU B 1309 52.65 -50.32 31.03
N LYS B 1310 53.47 -51.29 31.45
CA LYS B 1310 54.49 -50.98 32.45
C LYS B 1310 55.44 -49.94 31.89
N ALA B 1311 55.80 -50.08 30.61
CA ALA B 1311 56.67 -49.11 29.98
C ALA B 1311 56.00 -47.74 29.98
N THR B 1312 54.70 -47.69 29.64
CA THR B 1312 54.02 -46.41 29.64
C THR B 1312 53.90 -45.80 31.04
N ALA B 1313 54.05 -46.61 32.09
CA ALA B 1313 54.14 -46.04 33.42
C ALA B 1313 55.49 -45.37 33.67
N LEU B 1314 56.57 -45.85 33.05
CA LEU B 1314 57.89 -45.29 33.30
C LEU B 1314 58.12 -43.97 32.58
N GLN B 1315 57.72 -43.87 31.31
CA GLN B 1315 58.26 -42.86 30.40
C GLN B 1315 57.58 -41.50 30.48
N ALA B 1316 56.77 -41.23 31.51
CA ALA B 1316 55.91 -40.04 31.44
C ALA B 1316 56.71 -38.75 31.62
N SER B 1317 57.71 -38.77 32.51
CA SER B 1317 58.44 -37.54 32.81
C SER B 1317 59.30 -37.09 31.63
N ARG B 1318 59.83 -38.03 30.86
CA ARG B 1318 60.59 -37.66 29.68
C ARG B 1318 59.69 -36.98 28.64
N GLY B 1319 58.46 -37.46 28.48
CA GLY B 1319 57.55 -36.80 27.56
C GLY B 1319 57.12 -35.43 28.05
N PHE B 1320 56.97 -35.28 29.37
CA PHE B 1320 56.69 -33.96 29.93
C PHE B 1320 57.83 -32.99 29.63
N ALA B 1321 59.08 -33.44 29.84
CA ALA B 1321 60.22 -32.60 29.52
C ALA B 1321 60.33 -32.32 28.02
N LEU B 1322 59.88 -33.27 27.18
CA LEU B 1322 59.93 -33.04 25.74
C LEU B 1322 58.91 -31.97 25.33
N TYR B 1323 57.71 -32.01 25.91
CA TYR B 1323 56.74 -30.96 25.65
C TYR B 1323 57.24 -29.61 26.16
N ASN B 1324 57.89 -29.60 27.32
CA ASN B 1324 58.49 -28.38 27.82
C ASN B 1324 59.53 -27.83 26.84
N ALA B 1325 60.39 -28.71 26.31
CA ALA B 1325 61.41 -28.24 25.38
C ALA B 1325 60.78 -27.71 24.09
N ALA B 1326 59.70 -28.35 23.64
CA ALA B 1326 59.07 -27.91 22.41
C ALA B 1326 58.42 -26.53 22.59
N ASN B 1327 57.78 -26.29 23.73
CA ASN B 1327 57.18 -24.98 23.90
C ASN B 1327 58.21 -23.91 24.23
N LEU B 1328 59.35 -24.30 24.82
CA LEU B 1328 60.46 -23.36 24.93
C LEU B 1328 61.00 -22.97 23.56
N LYS B 1329 61.07 -23.94 22.64
CA LYS B 1329 61.51 -23.64 21.28
C LYS B 1329 60.52 -22.69 20.60
N SER B 1330 59.22 -22.90 20.83
CA SER B 1330 58.23 -21.99 20.26
C SER B 1330 58.38 -20.58 20.83
N ILE B 1331 58.56 -20.49 22.15
CA ILE B 1331 58.64 -19.19 22.80
C ILE B 1331 59.87 -18.43 22.32
N ASN B 1332 61.00 -19.13 22.14
CA ASN B 1332 62.16 -18.38 21.68
C ASN B 1332 62.19 -18.16 20.18
N PHE B 1333 61.35 -18.88 19.42
CA PHE B 1333 61.23 -18.53 18.01
C PHE B 1333 60.33 -17.31 17.85
N HIS B 1334 59.40 -17.12 18.76
CA HIS B 1334 58.56 -15.95 18.65
C HIS B 1334 59.24 -14.75 19.27
N ARG B 1335 60.10 -14.97 20.27
CA ARG B 1335 60.91 -13.88 20.78
C ARG B 1335 61.88 -13.39 19.71
N GLN B 1336 62.44 -14.31 18.91
CA GLN B 1336 63.36 -13.88 17.87
C GLN B 1336 62.62 -13.18 16.73
N ILE B 1337 61.40 -13.64 16.43
CA ILE B 1337 60.61 -12.97 15.41
C ILE B 1337 60.25 -11.56 15.86
N GLU B 1338 59.91 -11.39 17.14
CA GLU B 1338 59.55 -10.05 17.62
C GLU B 1338 60.75 -9.13 17.66
N GLU B 1339 61.95 -9.65 17.96
CA GLU B 1339 63.12 -8.78 17.95
C GLU B 1339 63.45 -8.36 16.52
N LYS B 1340 63.36 -9.29 15.57
CA LYS B 1340 63.62 -8.92 14.18
C LYS B 1340 62.62 -7.89 13.69
N SER B 1341 61.34 -8.06 14.05
CA SER B 1341 60.34 -7.12 13.57
C SER B 1341 60.49 -5.75 14.22
N LEU B 1342 60.92 -5.69 15.48
CA LEU B 1342 61.14 -4.40 16.10
C LEU B 1342 62.34 -3.69 15.49
N ALA B 1343 63.40 -4.45 15.16
CA ALA B 1343 64.53 -3.85 14.46
C ALA B 1343 64.12 -3.32 13.09
N GLN B 1344 63.27 -4.07 12.38
CA GLN B 1344 62.81 -3.63 11.08
C GLN B 1344 62.00 -2.33 11.18
N LEU B 1345 61.10 -2.26 12.16
CA LEU B 1345 60.29 -1.06 12.32
C LEU B 1345 61.15 0.13 12.73
N LYS B 1346 62.18 -0.11 13.55
CA LYS B 1346 63.08 0.98 13.92
C LYS B 1346 63.86 1.47 12.71
N ARG B 1347 64.26 0.55 11.82
CA ARG B 1347 64.94 0.96 10.60
C ARG B 1347 64.02 1.83 9.73
N GLN B 1348 62.74 1.45 9.68
CA GLN B 1348 61.79 2.21 8.87
C GLN B 1348 61.63 3.62 9.41
N MET B 1349 61.45 3.74 10.72
CA MET B 1349 61.27 5.08 11.29
C MET B 1349 62.53 5.91 11.18
N LYS B 1350 63.70 5.29 11.33
CA LYS B 1350 64.96 6.00 11.13
C LYS B 1350 65.01 6.58 9.72
N ARG B 1351 64.77 5.75 8.71
CA ARG B 1351 64.88 6.20 7.32
C ARG B 1351 63.86 7.30 7.02
N ILE B 1352 62.64 7.15 7.54
CA ILE B 1352 61.60 8.15 7.27
C ILE B 1352 61.97 9.48 7.91
N ARG B 1353 62.42 9.45 9.17
CA ARG B 1353 62.79 10.70 9.83
C ARG B 1353 64.00 11.34 9.17
N ALA B 1354 64.95 10.54 8.66
CA ALA B 1354 66.10 11.12 7.99
C ALA B 1354 65.71 11.78 6.67
N LYS B 1355 64.72 11.22 5.97
CA LYS B 1355 64.30 11.88 4.74
C LYS B 1355 63.50 13.14 5.04
N GLN B 1356 62.68 13.10 6.08
CA GLN B 1356 61.89 14.29 6.37
C GLN B 1356 62.77 15.40 6.95
N GLU B 1357 63.86 15.03 7.63
CA GLU B 1357 64.82 16.02 8.06
C GLU B 1357 65.58 16.60 6.88
N LYS B 1358 65.89 15.77 5.88
CA LYS B 1358 66.54 16.29 4.67
C LYS B 1358 65.63 17.28 3.96
N TYR B 1359 64.33 16.96 3.86
CA TYR B 1359 63.44 17.86 3.15
C TYR B 1359 63.12 19.13 3.94
N ARG B 1360 63.10 19.09 5.28
CA ARG B 1360 62.95 20.37 5.96
C ARG B 1360 64.27 21.14 5.97
N GLN B 1361 65.39 20.45 5.75
CA GLN B 1361 66.67 21.13 5.66
C GLN B 1361 66.72 21.94 4.38
N SER B 1362 66.47 21.29 3.24
CA SER B 1362 66.48 22.06 2.00
C SER B 1362 65.19 22.81 1.79
N GLN B 1363 64.22 22.69 2.70
CA GLN B 1363 63.10 23.62 2.76
C GLN B 1363 63.54 24.95 3.35
N ALA B 1364 64.22 24.90 4.51
CA ALA B 1364 64.57 26.14 5.21
C ALA B 1364 65.62 26.94 4.48
N SER B 1365 66.38 26.33 3.56
CA SER B 1365 67.39 27.05 2.81
C SER B 1365 66.76 27.83 1.66
N VAL B 1382 50.11 24.06 8.75
CA VAL B 1382 51.31 23.23 8.69
C VAL B 1382 51.09 22.00 7.82
N ILE B 1383 49.82 21.59 7.71
CA ILE B 1383 49.47 20.53 6.78
C ILE B 1383 49.50 21.05 5.34
N HIS B 1384 48.93 22.23 5.10
CA HIS B 1384 48.84 22.77 3.75
C HIS B 1384 50.14 23.46 3.34
N SER B 1385 51.28 22.77 3.49
CA SER B 1385 52.57 23.28 3.04
C SER B 1385 53.32 22.18 2.30
N GLY B 1386 53.05 22.08 1.00
CA GLY B 1386 53.85 21.23 0.13
C GLY B 1386 54.35 22.00 -1.07
N ASP B 1387 55.46 21.53 -1.63
CA ASP B 1387 56.03 22.17 -2.80
C ASP B 1387 56.72 21.12 -3.66
N TYR B 1388 56.93 21.47 -4.93
CA TYR B 1388 57.41 20.49 -5.91
C TYR B 1388 58.74 19.87 -5.51
N PHE B 1389 59.59 20.62 -4.80
CA PHE B 1389 60.90 20.08 -4.45
C PHE B 1389 60.82 18.92 -3.47
N LEU B 1390 59.63 18.57 -2.99
CA LEU B 1390 59.43 17.38 -2.19
C LEU B 1390 59.38 16.11 -3.02
N PHE B 1391 59.54 16.20 -4.33
CA PHE B 1391 59.20 15.12 -5.24
C PHE B 1391 60.38 14.76 -6.13
N GLU B 1392 61.55 14.60 -5.51
CA GLU B 1392 62.74 14.21 -6.25
C GLU B 1392 62.74 12.70 -6.46
N SER B 1393 63.26 12.26 -7.60
CA SER B 1393 63.29 10.83 -7.89
C SER B 1393 64.30 10.17 -6.97
N ASP B 1394 63.87 9.81 -5.77
CA ASP B 1394 64.74 9.21 -4.76
C ASP B 1394 64.56 7.70 -4.72
N SER B 1395 64.92 7.05 -5.83
CA SER B 1395 65.21 5.63 -5.79
C SER B 1395 66.62 5.34 -5.26
N GLU B 1396 67.44 6.38 -5.11
CA GLU B 1396 68.70 6.35 -4.39
C GLU B 1396 68.73 5.44 -3.17
N GLU B 1397 67.72 5.52 -2.30
CA GLU B 1397 67.77 4.74 -1.07
C GLU B 1397 67.12 3.35 -1.21
N GLU B 1398 65.87 3.29 -1.65
CA GLU B 1398 65.19 2.00 -1.75
C GLU B 1398 65.77 1.18 -2.91
N GLU B 1399 65.21 0.00 -3.11
CA GLU B 1399 65.64 -0.91 -4.16
C GLU B 1399 65.55 -0.26 -5.53
N PHE B 1480 38.12 -43.18 -14.90
CA PHE B 1480 38.55 -41.80 -15.10
C PHE B 1480 38.19 -40.94 -13.88
N LEU B 1481 37.01 -41.17 -13.31
CA LEU B 1481 36.61 -40.44 -12.11
C LEU B 1481 37.23 -41.02 -10.85
N TRP B 1482 37.68 -42.27 -10.89
CA TRP B 1482 38.19 -42.90 -9.68
C TRP B 1482 39.59 -42.40 -9.35
N VAL B 1483 40.35 -41.97 -10.36
CA VAL B 1483 41.62 -41.33 -10.07
C VAL B 1483 41.39 -39.96 -9.43
N LEU B 1484 40.33 -39.27 -9.84
CA LEU B 1484 39.99 -37.99 -9.20
C LEU B 1484 39.59 -38.22 -7.75
N GLY B 1485 38.80 -39.26 -7.49
CA GLY B 1485 38.41 -39.56 -6.12
C GLY B 1485 39.60 -39.92 -5.25
N GLN B 1486 40.47 -40.79 -5.77
CA GLN B 1486 41.66 -41.19 -5.01
C GLN B 1486 42.57 -40.00 -4.76
N ALA B 1487 42.69 -39.10 -5.73
CA ALA B 1487 43.54 -37.93 -5.57
C ALA B 1487 42.95 -36.99 -4.51
N THR B 1488 41.63 -36.80 -4.52
CA THR B 1488 41.02 -35.91 -3.55
C THR B 1488 41.11 -36.48 -2.14
N VAL B 1489 40.94 -37.79 -1.98
CA VAL B 1489 41.04 -38.36 -0.64
C VAL B 1489 42.49 -38.44 -0.19
N ASP B 1490 43.44 -38.52 -1.12
CA ASP B 1490 44.84 -38.46 -0.73
C ASP B 1490 45.25 -37.04 -0.35
N GLY B 1491 44.66 -36.03 -1.00
CA GLY B 1491 44.90 -34.66 -0.58
C GLY B 1491 44.28 -34.37 0.78
N LEU B 1492 43.11 -34.96 1.06
CA LEU B 1492 42.48 -34.73 2.35
C LEU B 1492 43.25 -35.43 3.46
N THR B 1493 43.77 -36.63 3.20
CA THR B 1493 44.58 -37.28 4.23
C THR B 1493 45.97 -36.67 4.34
N ARG B 1494 46.46 -36.01 3.29
CA ARG B 1494 47.68 -35.22 3.41
C ARG B 1494 47.45 -33.99 4.28
N TRP B 1495 46.30 -33.32 4.11
CA TRP B 1495 45.96 -32.20 4.97
C TRP B 1495 45.83 -32.65 6.43
N LEU B 1496 45.26 -33.83 6.64
CA LEU B 1496 45.15 -34.32 8.02
C LEU B 1496 46.50 -34.71 8.59
N ARG B 1497 47.40 -35.26 7.75
CA ARG B 1497 48.77 -35.49 8.19
C ARG B 1497 49.44 -34.18 8.59
N ALA B 1498 49.26 -33.14 7.77
CA ALA B 1498 49.84 -31.84 8.07
C ALA B 1498 49.32 -31.30 9.39
N PHE B 1499 48.05 -31.55 9.70
CA PHE B 1499 47.54 -31.14 11.00
C PHE B 1499 48.08 -31.99 12.15
N THR B 1500 48.32 -33.27 11.91
CA THR B 1500 48.72 -34.17 12.98
C THR B 1500 50.22 -34.19 13.22
N LYS B 1501 51.01 -33.58 12.33
CA LYS B 1501 52.43 -33.90 12.23
C LYS B 1501 53.17 -33.86 13.56
N HIS B 1502 52.86 -32.89 14.43
CA HIS B 1502 53.69 -32.73 15.61
C HIS B 1502 53.37 -33.77 16.68
N HIS B 1503 52.07 -34.04 16.90
CA HIS B 1503 51.71 -35.13 17.79
C HIS B 1503 52.10 -36.47 17.20
N ARG B 1504 52.12 -36.59 15.87
CA ARG B 1504 52.57 -37.82 15.24
C ARG B 1504 54.05 -38.05 15.53
N THR B 1505 54.87 -37.00 15.42
CA THR B 1505 56.29 -37.14 15.71
C THR B 1505 56.51 -37.48 17.18
N MET B 1506 55.77 -36.82 18.08
CA MET B 1506 55.93 -37.11 19.50
C MET B 1506 55.54 -38.56 19.80
N SER B 1507 54.41 -39.00 19.24
CA SER B 1507 53.98 -40.38 19.43
C SER B 1507 55.01 -41.35 18.87
N ASP B 1508 55.61 -41.01 17.73
CA ASP B 1508 56.57 -41.91 17.11
C ASP B 1508 57.84 -42.05 17.96
N VAL B 1509 58.40 -40.92 18.41
CA VAL B 1509 59.61 -40.99 19.22
C VAL B 1509 59.35 -41.72 20.53
N LEU B 1510 58.23 -41.41 21.20
CA LEU B 1510 57.91 -42.13 22.43
C LEU B 1510 57.68 -43.62 22.16
N CYS B 1511 57.01 -43.96 21.06
CA CYS B 1511 56.77 -45.36 20.74
C CYS B 1511 58.08 -46.10 20.50
N ALA B 1512 59.02 -45.47 19.77
CA ALA B 1512 60.30 -46.12 19.53
C ALA B 1512 61.06 -46.31 20.84
N GLU B 1513 61.06 -45.30 21.71
CA GLU B 1513 61.73 -45.43 22.99
C GLU B 1513 61.10 -46.55 23.81
N ARG B 1514 59.77 -46.62 23.81
CA ARG B 1514 59.06 -47.67 24.53
C ARG B 1514 59.41 -49.05 23.98
N TYR B 1515 59.47 -49.18 22.66
CA TYR B 1515 59.81 -50.45 22.05
C TYR B 1515 61.22 -50.88 22.45
N LEU B 1516 62.17 -49.94 22.42
CA LEU B 1516 63.54 -50.27 22.81
C LEU B 1516 63.60 -50.69 24.27
N LEU B 1517 62.90 -49.94 25.15
CA LEU B 1517 62.92 -50.28 26.57
C LEU B 1517 62.30 -51.65 26.81
N THR B 1518 61.17 -51.94 26.16
CA THR B 1518 60.52 -53.23 26.34
C THR B 1518 61.40 -54.37 25.84
N GLN B 1519 62.04 -54.19 24.68
CA GLN B 1519 62.94 -55.24 24.21
C GLN B 1519 64.09 -55.44 25.19
N GLU B 1520 64.63 -54.35 25.72
CA GLU B 1520 65.64 -54.47 26.77
C GLU B 1520 65.04 -55.11 28.03
N LEU B 1521 63.77 -54.81 28.31
CA LEU B 1521 63.10 -55.30 29.52
C LEU B 1521 62.61 -56.74 29.31
N LEU B 1522 63.57 -57.62 29.04
CA LEU B 1522 63.27 -59.05 29.04
C LEU B 1522 63.47 -59.66 30.43
N ARG B 1523 64.47 -59.17 31.16
CA ARG B 1523 64.77 -59.65 32.50
C ARG B 1523 64.51 -58.60 33.57
N VAL B 1524 65.11 -57.41 33.43
CA VAL B 1524 65.09 -56.39 34.47
C VAL B 1524 65.04 -55.01 33.81
N GLY B 1525 64.63 -54.01 34.59
CA GLY B 1525 64.82 -52.62 34.23
C GLY B 1525 65.13 -51.75 35.44
N GLU B 1526 66.28 -51.07 35.42
CA GLU B 1526 66.72 -50.29 36.58
C GLU B 1526 67.26 -48.90 36.27
N VAL B 1527 67.57 -48.55 35.03
CA VAL B 1527 68.19 -47.26 34.74
C VAL B 1527 67.33 -46.48 33.74
N ARG B 1528 67.35 -45.15 33.90
CA ARG B 1528 66.64 -44.23 33.02
C ARG B 1528 67.60 -43.41 32.16
N ARG B 1529 68.62 -42.79 32.76
CA ARG B 1529 69.66 -42.14 31.97
C ARG B 1529 70.49 -43.15 31.19
N GLY B 1530 70.56 -44.40 31.65
CA GLY B 1530 71.21 -45.43 30.87
C GLY B 1530 70.46 -45.78 29.61
N VAL B 1531 69.15 -45.52 29.58
CA VAL B 1531 68.39 -45.61 28.33
C VAL B 1531 68.41 -44.28 27.58
N LEU B 1532 68.70 -43.17 28.27
CA LEU B 1532 68.82 -41.87 27.62
C LEU B 1532 70.07 -41.77 26.74
N ASP B 1533 70.97 -42.75 26.80
CA ASP B 1533 72.20 -42.73 26.02
C ASP B 1533 72.42 -44.00 25.23
N GLN B 1534 71.39 -44.85 25.10
CA GLN B 1534 71.48 -46.05 24.27
C GLN B 1534 71.10 -45.76 22.83
N LEU B 1535 71.72 -44.72 22.27
CA LEU B 1535 71.31 -44.16 20.99
C LEU B 1535 71.51 -45.16 19.86
N ALA B 1621 72.67 -33.75 24.95
CA ALA B 1621 72.06 -35.08 25.04
C ALA B 1621 70.83 -35.05 25.94
N SER B 1622 70.72 -34.00 26.74
CA SER B 1622 69.67 -33.95 27.76
C SER B 1622 68.33 -33.48 27.19
N GLU B 1623 68.27 -32.23 26.73
CA GLU B 1623 67.02 -31.56 26.39
C GLU B 1623 67.08 -31.06 24.95
N LEU B 1624 66.63 -31.88 24.01
CA LEU B 1624 66.62 -31.52 22.60
C LEU B 1624 65.35 -32.08 21.97
N LEU B 1625 65.28 -32.01 20.63
CA LEU B 1625 64.37 -32.84 19.84
C LEU B 1625 65.17 -33.35 18.64
N LEU B 1626 65.85 -34.47 18.83
CA LEU B 1626 66.70 -35.06 17.80
C LEU B 1626 66.37 -36.53 17.63
N ASP B 1627 66.82 -37.08 16.50
CA ASP B 1627 66.56 -38.47 16.14
C ASP B 1627 67.76 -38.96 15.32
N ARG B 1628 68.75 -39.52 16.01
CA ARG B 1628 70.03 -39.88 15.41
C ARG B 1628 70.51 -41.22 15.95
N ARG B 1629 69.62 -42.21 15.99
CA ARG B 1629 69.83 -43.38 16.82
C ARG B 1629 69.77 -44.65 15.98
N LEU B 1630 69.72 -45.79 16.66
CA LEU B 1630 69.63 -47.10 16.02
C LEU B 1630 68.34 -47.28 15.23
N HIS B 1631 68.20 -48.45 14.61
CA HIS B 1631 67.04 -48.77 13.77
C HIS B 1631 66.61 -50.20 14.08
N ILE B 1632 65.48 -50.34 14.76
CA ILE B 1632 64.96 -51.67 15.08
C ILE B 1632 64.24 -52.21 13.85
N PRO B 1633 64.58 -53.41 13.36
CA PRO B 1633 63.92 -53.93 12.15
C PRO B 1633 62.44 -54.20 12.33
N GLU B 1634 61.98 -54.44 13.56
CA GLU B 1634 60.56 -54.65 13.79
C GLU B 1634 59.78 -53.37 13.54
N LEU B 1635 60.33 -52.23 13.96
CA LEU B 1635 59.66 -50.96 13.73
C LEU B 1635 59.68 -50.58 12.26
N GLU B 1636 60.81 -50.79 11.59
CA GLU B 1636 60.86 -50.56 10.15
C GLU B 1636 59.88 -51.45 9.40
N GLU B 1637 59.70 -52.69 9.88
CA GLU B 1637 58.73 -53.58 9.25
C GLU B 1637 57.30 -53.09 9.46
N ALA B 1638 57.00 -52.59 10.65
CA ALA B 1638 55.68 -52.04 10.91
C ALA B 1638 55.44 -50.79 10.06
N GLU B 1639 56.47 -49.97 9.89
CA GLU B 1639 56.34 -48.77 9.08
C GLU B 1639 56.14 -49.13 7.62
N ARG B 1640 56.80 -50.18 7.14
CA ARG B 1640 56.57 -50.61 5.77
C ARG B 1640 55.17 -51.17 5.61
N PHE B 1641 54.68 -51.92 6.59
CA PHE B 1641 53.33 -52.46 6.51
C PHE B 1641 52.29 -51.34 6.45
N GLU B 1642 52.42 -50.35 7.34
CA GLU B 1642 51.47 -49.24 7.27
C GLU B 1642 51.65 -48.45 5.99
N ALA B 1643 52.87 -48.38 5.48
CA ALA B 1643 53.14 -47.67 4.23
C ALA B 1643 52.41 -48.32 3.07
N GLN B 1644 52.28 -49.65 3.09
CA GLN B 1644 51.63 -50.35 2.00
C GLN B 1644 50.20 -49.86 1.79
N GLN B 1645 49.46 -49.64 2.87
CA GLN B 1645 48.10 -49.10 2.74
C GLN B 1645 48.14 -47.69 2.16
N GLY B 1646 47.27 -47.44 1.18
CA GLY B 1646 47.21 -46.13 0.56
C GLY B 1646 45.81 -45.61 0.28
N ARG B 1647 44.79 -46.41 0.57
CA ARG B 1647 43.40 -46.05 0.31
C ARG B 1647 42.81 -45.35 1.53
N THR B 1648 41.48 -45.26 1.59
CA THR B 1648 40.80 -44.50 2.65
C THR B 1648 41.14 -44.97 4.04
N LEU B 1649 41.60 -46.22 4.19
CA LEU B 1649 41.95 -46.73 5.51
C LEU B 1649 42.96 -45.80 6.17
N ARG B 1650 43.90 -45.27 5.37
CA ARG B 1650 44.84 -44.29 5.90
C ARG B 1650 44.15 -42.98 6.25
N LEU B 1651 43.06 -42.66 5.55
CA LEU B 1651 42.34 -41.43 5.83
C LEU B 1651 41.71 -41.51 7.21
N LEU B 1652 40.96 -42.58 7.48
CA LEU B 1652 40.36 -42.73 8.80
C LEU B 1652 41.42 -43.00 9.88
N ARG B 1653 42.55 -43.62 9.53
CA ARG B 1653 43.64 -43.76 10.48
C ARG B 1653 44.17 -42.39 10.91
N ALA B 1654 44.37 -41.49 9.95
CA ALA B 1654 44.83 -40.14 10.29
C ALA B 1654 43.74 -39.35 11.00
N GLY B 1655 42.47 -39.63 10.69
CA GLY B 1655 41.39 -38.99 11.43
C GLY B 1655 41.39 -39.40 12.90
N TYR B 1656 41.61 -40.69 13.17
CA TYR B 1656 41.72 -41.15 14.54
C TYR B 1656 42.96 -40.59 15.22
N GLN B 1657 44.06 -40.47 14.49
CA GLN B 1657 45.25 -39.86 15.06
C GLN B 1657 45.03 -38.38 15.35
N CYS B 1658 44.21 -37.71 14.55
CA CYS B 1658 43.88 -36.32 14.81
C CYS B 1658 43.03 -36.18 16.07
N VAL B 1659 41.97 -36.99 16.17
CA VAL B 1659 41.08 -36.86 17.31
C VAL B 1659 41.71 -37.42 18.58
N ALA B 1660 42.80 -38.19 18.44
CA ALA B 1660 43.64 -38.52 19.58
C ALA B 1660 44.70 -37.48 19.87
N ALA B 1661 45.01 -36.61 18.91
CA ALA B 1661 46.04 -35.60 19.14
C ALA B 1661 45.47 -34.38 19.88
N HIS B 1662 44.46 -33.73 19.30
CA HIS B 1662 43.88 -32.58 19.98
C HIS B 1662 43.18 -32.99 21.27
N SER B 1663 42.26 -33.94 21.18
CA SER B 1663 41.60 -34.58 22.31
C SER B 1663 40.74 -33.59 23.11
N GLU B 1664 41.33 -32.43 23.46
CA GLU B 1664 40.59 -31.47 24.28
C GLU B 1664 39.47 -30.81 23.49
N LEU B 1665 39.71 -30.54 22.20
CA LEU B 1665 38.73 -29.81 21.41
C LEU B 1665 37.40 -30.56 21.35
N LEU B 1666 37.44 -31.87 21.13
CA LEU B 1666 36.20 -32.62 21.09
C LEU B 1666 35.58 -32.75 22.46
N CYS B 1667 36.38 -32.68 23.53
CA CYS B 1667 35.80 -32.56 24.86
C CYS B 1667 34.96 -31.29 24.99
N TYR B 1668 35.50 -30.14 24.59
CA TYR B 1668 34.69 -28.93 24.66
C TYR B 1668 33.50 -29.01 23.71
N PHE B 1669 33.69 -29.64 22.54
CA PHE B 1669 32.62 -29.76 21.57
C PHE B 1669 31.45 -30.54 22.16
N ILE B 1670 31.73 -31.65 22.83
CA ILE B 1670 30.66 -32.45 23.39
C ILE B 1670 30.10 -31.81 24.66
N ILE B 1671 30.93 -31.08 25.40
CA ILE B 1671 30.44 -30.37 26.58
C ILE B 1671 29.43 -29.32 26.15
N ILE B 1672 29.63 -28.72 24.98
CA ILE B 1672 28.64 -27.78 24.45
C ILE B 1672 27.46 -28.53 23.85
N LEU B 1673 27.71 -29.66 23.21
CA LEU B 1673 26.68 -30.35 22.45
C LEU B 1673 25.67 -31.02 23.36
N ASN B 1674 26.06 -31.34 24.59
CA ASN B 1674 25.10 -31.85 25.55
C ASN B 1674 24.12 -30.76 25.97
N HIS B 1675 24.62 -29.55 26.19
CA HIS B 1675 23.74 -28.44 26.52
C HIS B 1675 22.86 -28.06 25.33
N MET B 1676 23.42 -28.15 24.13
CA MET B 1676 22.71 -27.70 22.94
C MET B 1676 21.38 -28.43 22.76
N VAL B 1677 21.35 -29.74 23.05
CA VAL B 1677 20.15 -30.54 22.84
C VAL B 1677 19.58 -30.95 24.19
N THR B 1678 18.33 -30.54 24.44
CA THR B 1678 17.52 -31.02 25.55
C THR B 1678 18.21 -30.90 26.91
N ALA B 1679 18.87 -29.77 27.15
CA ALA B 1679 19.45 -29.49 28.46
C ALA B 1679 19.06 -28.09 28.88
N SER B 1680 18.17 -27.99 29.87
CA SER B 1680 17.60 -26.69 30.24
C SER B 1680 18.51 -25.95 31.22
N ALA B 1681 18.63 -26.47 32.44
CA ALA B 1681 19.41 -25.84 33.49
C ALA B 1681 20.45 -26.78 34.10
N ALA B 1682 20.47 -28.05 33.70
CA ALA B 1682 21.36 -29.02 34.31
C ALA B 1682 22.82 -28.76 33.94
N SER B 1683 23.11 -28.77 32.65
CA SER B 1683 24.45 -28.54 32.12
C SER B 1683 24.70 -27.09 31.76
N LEU B 1684 24.09 -26.14 32.49
CA LEU B 1684 24.44 -24.74 32.36
C LEU B 1684 25.56 -24.31 33.30
N VAL B 1685 25.68 -24.92 34.48
CA VAL B 1685 26.70 -24.49 35.44
C VAL B 1685 28.07 -25.08 35.14
N LEU B 1686 28.14 -26.10 34.31
CA LEU B 1686 29.41 -26.72 33.92
C LEU B 1686 30.16 -25.90 32.88
N PRO B 1687 29.55 -25.55 31.73
CA PRO B 1687 30.34 -24.95 30.65
C PRO B 1687 30.90 -23.58 30.97
N VAL B 1688 30.30 -22.82 31.88
CA VAL B 1688 30.85 -21.51 32.19
C VAL B 1688 32.30 -21.64 32.68
N LEU B 1689 32.52 -22.50 33.66
CA LEU B 1689 33.88 -22.66 34.14
C LEU B 1689 34.78 -23.40 33.17
N VAL B 1690 34.23 -24.12 32.18
CA VAL B 1690 35.11 -24.63 31.13
C VAL B 1690 35.84 -23.46 30.51
N PHE B 1691 35.10 -22.44 30.09
CA PHE B 1691 35.76 -21.24 29.62
C PHE B 1691 36.67 -20.69 30.71
N LEU B 1692 36.10 -20.46 31.89
CA LEU B 1692 36.82 -19.78 32.97
C LEU B 1692 38.13 -20.49 33.33
N TRP B 1693 38.04 -21.74 33.79
CA TRP B 1693 39.23 -22.44 34.21
C TRP B 1693 40.14 -22.81 33.04
N ALA B 1694 39.60 -23.54 32.07
CA ALA B 1694 40.44 -24.20 31.07
C ALA B 1694 41.25 -23.20 30.25
N MET B 1695 40.58 -22.22 29.65
CA MET B 1695 41.20 -21.40 28.63
C MET B 1695 41.91 -20.17 29.16
N LEU B 1696 41.95 -19.97 30.48
CA LEU B 1696 42.50 -18.75 31.04
C LEU B 1696 43.87 -18.93 31.69
N THR B 1697 44.04 -19.96 32.53
CA THR B 1697 45.23 -20.02 33.38
C THR B 1697 46.52 -20.05 32.59
N ILE B 1698 46.68 -21.05 31.72
CA ILE B 1698 47.88 -21.27 30.92
C ILE B 1698 47.42 -22.09 29.71
N PRO B 1699 48.27 -22.33 28.68
CA PRO B 1699 47.78 -23.13 27.56
C PRO B 1699 47.32 -24.52 27.97
N ARG B 1700 48.04 -25.17 28.88
CA ARG B 1700 47.57 -26.43 29.42
C ARG B 1700 46.32 -26.20 30.27
N PRO B 1701 45.34 -27.09 30.19
CA PRO B 1701 44.15 -26.95 31.04
C PRO B 1701 44.51 -27.15 32.51
N SER B 1702 43.74 -26.52 33.38
CA SER B 1702 44.02 -26.54 34.81
C SER B 1702 44.04 -27.97 35.35
N LYS B 1703 45.07 -28.26 36.16
CA LYS B 1703 45.31 -29.56 36.81
C LYS B 1703 44.05 -30.25 37.30
N ARG B 1704 43.13 -29.49 37.89
CA ARG B 1704 42.01 -30.07 38.62
C ARG B 1704 40.67 -29.82 37.96
N PHE B 1705 40.63 -29.12 36.82
CA PHE B 1705 39.37 -28.89 36.14
C PHE B 1705 38.76 -30.19 35.64
N TRP B 1706 39.59 -31.08 35.10
CA TRP B 1706 39.10 -32.34 34.56
C TRP B 1706 38.46 -33.21 35.64
N MET B 1707 39.10 -33.31 36.81
CA MET B 1707 38.55 -34.15 37.86
C MET B 1707 37.19 -33.63 38.30
N THR B 1708 37.07 -32.31 38.49
CA THR B 1708 35.79 -31.75 38.88
C THR B 1708 34.75 -31.96 37.80
N ALA B 1709 35.13 -31.82 36.53
CA ALA B 1709 34.18 -32.02 35.44
C ALA B 1709 33.66 -33.45 35.42
N ILE B 1710 34.56 -34.44 35.54
CA ILE B 1710 34.11 -35.83 35.50
C ILE B 1710 33.24 -36.15 36.71
N VAL B 1711 33.61 -35.68 37.90
CA VAL B 1711 32.78 -35.97 39.07
C VAL B 1711 31.42 -35.32 38.92
N PHE B 1712 31.37 -34.10 38.39
CA PHE B 1712 30.09 -33.43 38.18
C PHE B 1712 29.24 -34.19 37.17
N THR B 1713 29.84 -34.67 36.09
CA THR B 1713 29.07 -35.43 35.10
C THR B 1713 28.51 -36.71 35.71
N GLU B 1714 29.31 -37.43 36.49
CA GLU B 1714 28.80 -38.64 37.12
C GLU B 1714 27.68 -38.31 38.10
N VAL B 1715 27.85 -37.23 38.88
CA VAL B 1715 26.80 -36.84 39.84
C VAL B 1715 25.52 -36.52 39.09
N MET B 1716 25.64 -35.81 37.96
CA MET B 1716 24.46 -35.49 37.18
C MET B 1716 23.79 -36.73 36.64
N VAL B 1717 24.56 -37.68 36.11
CA VAL B 1717 23.93 -38.88 35.57
C VAL B 1717 23.23 -39.67 36.67
N VAL B 1718 23.85 -39.82 37.84
CA VAL B 1718 23.22 -40.56 38.93
C VAL B 1718 21.99 -39.82 39.48
N THR B 1719 22.04 -38.49 39.53
CA THR B 1719 20.90 -37.73 40.06
C THR B 1719 19.65 -37.92 39.22
N LYS B 1720 19.80 -38.10 37.91
CA LYS B 1720 18.64 -38.31 37.04
C LYS B 1720 18.19 -39.77 37.18
N TYR B 1721 17.71 -40.06 38.39
CA TYR B 1721 17.24 -41.39 38.77
C TYR B 1721 16.19 -41.26 39.87
N LEU B 1722 15.27 -40.32 39.70
CA LEU B 1722 14.14 -40.14 40.62
C LEU B 1722 12.97 -41.04 40.26
N PHE B 1723 13.24 -42.34 40.12
CA PHE B 1723 12.26 -43.26 39.58
C PHE B 1723 12.29 -44.60 40.33
N THR B 1755 17.12 -39.69 30.45
CA THR B 1755 16.45 -40.97 30.27
C THR B 1755 16.97 -41.71 29.04
N ASP B 1756 16.32 -41.48 27.89
CA ASP B 1756 16.67 -42.22 26.69
C ASP B 1756 17.88 -41.59 25.99
N SER B 1757 17.73 -40.37 25.49
CA SER B 1757 18.83 -39.66 24.86
C SER B 1757 19.67 -38.90 25.88
N TYR B 1758 19.07 -38.47 26.98
CA TYR B 1758 19.76 -37.65 27.96
C TYR B 1758 20.92 -38.42 28.56
N ILE B 1759 20.63 -39.63 29.04
CA ILE B 1759 21.68 -40.49 29.60
C ILE B 1759 22.70 -40.85 28.53
N LYS B 1760 22.25 -41.06 27.28
CA LYS B 1760 23.21 -41.37 26.23
C LYS B 1760 24.17 -40.22 25.98
N TYR B 1761 23.74 -38.98 26.19
CA TYR B 1761 24.65 -37.87 25.96
C TYR B 1761 25.51 -37.59 27.18
N ASP B 1762 25.01 -37.95 28.36
CA ASP B 1762 25.84 -37.76 29.53
C ASP B 1762 26.89 -38.86 29.65
N LEU B 1763 26.57 -40.07 29.20
CA LEU B 1763 27.59 -41.12 29.13
C LEU B 1763 28.62 -40.84 28.03
N VAL B 1764 28.19 -40.36 26.87
CA VAL B 1764 29.22 -40.06 25.86
C VAL B 1764 30.11 -38.91 26.32
N GLN B 1765 29.53 -37.92 27.01
CA GLN B 1765 30.34 -36.84 27.57
C GLN B 1765 31.32 -37.37 28.61
N LEU B 1766 30.85 -38.25 29.50
CA LEU B 1766 31.71 -38.85 30.51
C LEU B 1766 32.85 -39.64 29.88
N MET B 1767 32.52 -40.49 28.91
CA MET B 1767 33.54 -41.34 28.31
C MET B 1767 34.53 -40.52 27.50
N ALA B 1768 34.10 -39.38 26.95
CA ALA B 1768 35.06 -38.49 26.32
C ALA B 1768 35.98 -37.84 27.35
N LEU B 1769 35.41 -37.45 28.49
CA LEU B 1769 36.23 -36.87 29.55
C LEU B 1769 37.28 -37.86 30.03
N PHE B 1770 36.90 -39.13 30.18
CA PHE B 1770 37.86 -40.11 30.66
C PHE B 1770 38.85 -40.50 29.56
N PHE B 1771 38.42 -40.45 28.29
CA PHE B 1771 39.36 -40.62 27.19
C PHE B 1771 40.46 -39.56 27.25
N HIS B 1772 40.05 -38.29 27.41
CA HIS B 1772 41.05 -37.23 27.47
C HIS B 1772 41.89 -37.31 28.74
N ARG B 1773 41.31 -37.80 29.84
CA ARG B 1773 42.09 -37.89 31.07
C ARG B 1773 43.13 -39.00 30.98
N SER B 1774 42.79 -40.09 30.30
CA SER B 1774 43.74 -41.18 30.13
C SER B 1774 44.82 -40.80 29.12
N GLN B 1775 44.43 -40.17 28.02
CA GLN B 1775 45.42 -39.76 27.02
C GLN B 1775 46.29 -38.64 27.53
N LEU B 1776 45.85 -37.91 28.55
CA LEU B 1776 46.68 -36.87 29.16
C LEU B 1776 47.91 -37.49 29.82
N LEU B 1777 47.69 -38.44 30.74
CA LEU B 1777 48.73 -39.23 31.39
C LEU B 1777 49.85 -38.39 31.99
N CYS B 1778 49.59 -37.10 32.24
CA CYS B 1778 50.60 -36.21 32.81
C CYS B 1778 49.94 -35.20 33.73
N TYR B 1779 50.60 -34.88 34.83
CA TYR B 1779 50.06 -33.97 35.82
C TYR B 1779 51.15 -33.12 36.46
N GLN B 1932 39.43 -16.19 46.57
CA GLN B 1932 39.66 -14.82 47.00
C GLN B 1932 41.14 -14.51 47.32
N PRO B 1933 41.90 -15.47 47.86
CA PRO B 1933 43.36 -15.32 47.87
C PRO B 1933 44.07 -15.98 46.70
N LEU B 1934 43.35 -16.49 45.70
CA LEU B 1934 43.95 -17.19 44.59
C LEU B 1934 43.39 -16.78 43.23
N GLN B 1935 42.30 -16.02 43.20
CA GLN B 1935 41.87 -15.40 41.95
C GLN B 1935 42.90 -14.39 41.45
N ARG B 1936 43.43 -13.56 42.36
CA ARG B 1936 44.38 -12.55 41.95
C ARG B 1936 45.67 -13.17 41.46
N PHE B 1937 45.99 -14.39 41.92
CA PHE B 1937 47.22 -15.05 41.49
C PHE B 1937 47.19 -15.33 39.99
N PHE B 1938 46.16 -16.04 39.51
CA PHE B 1938 46.11 -16.32 38.09
C PHE B 1938 45.71 -15.09 37.29
N HIS B 1939 45.02 -14.12 37.92
CA HIS B 1939 44.77 -12.87 37.22
C HIS B 1939 46.08 -12.13 36.95
N ASP B 1940 47.02 -12.19 37.89
CA ASP B 1940 48.33 -11.61 37.68
C ASP B 1940 49.15 -12.41 36.68
N ILE B 1941 49.00 -13.74 36.68
CA ILE B 1941 49.80 -14.54 35.75
C ILE B 1941 49.30 -14.36 34.32
N LEU B 1942 48.03 -13.98 34.15
CA LEU B 1942 47.56 -13.48 32.86
C LEU B 1942 48.24 -12.19 32.42
N HIS B 1943 48.95 -11.50 33.31
CA HIS B 1943 49.66 -10.27 32.97
C HIS B 1943 51.14 -10.38 33.27
N THR B 1944 51.75 -11.51 32.92
CA THR B 1944 53.19 -11.67 32.99
C THR B 1944 53.88 -11.68 31.64
N LYS B 1945 53.12 -11.66 30.54
CA LYS B 1945 53.66 -11.45 29.20
C LYS B 1945 54.69 -12.51 28.83
N TYR B 1946 54.22 -13.76 28.75
CA TYR B 1946 55.00 -14.86 28.19
C TYR B 1946 54.41 -15.40 26.89
N ARG B 1947 53.41 -14.73 26.34
CA ARG B 1947 52.61 -15.30 25.26
C ARG B 1947 53.28 -15.13 23.91
N ALA B 1948 52.86 -15.95 22.95
CA ALA B 1948 53.41 -15.90 21.60
C ALA B 1948 52.86 -14.75 20.76
N ALA B 1949 51.92 -13.98 21.29
CA ALA B 1949 51.39 -12.78 20.64
C ALA B 1949 50.78 -13.05 19.26
N THR B 1950 50.05 -14.14 19.11
CA THR B 1950 49.34 -14.39 17.86
C THR B 1950 47.94 -13.80 17.98
N ASP B 1951 47.54 -12.99 17.00
CA ASP B 1951 46.25 -12.31 17.02
C ASP B 1951 45.38 -12.81 15.88
N VAL B 1952 44.17 -13.23 16.20
CA VAL B 1952 43.21 -13.65 15.19
C VAL B 1952 41.86 -12.98 15.44
N TYR B 1953 41.78 -11.70 15.07
CA TYR B 1953 40.52 -10.97 15.20
C TYR B 1953 39.57 -11.32 14.06
N ALA B 1954 40.11 -11.40 12.84
CA ALA B 1954 39.29 -11.66 11.66
C ALA B 1954 38.39 -12.86 11.83
N LEU B 1955 38.70 -13.77 12.73
CA LEU B 1955 37.84 -14.94 12.88
C LEU B 1955 36.75 -14.70 13.91
N MET B 1956 37.03 -13.89 14.93
CA MET B 1956 35.94 -13.40 15.77
C MET B 1956 34.92 -12.65 14.92
N PHE B 1957 35.39 -11.69 14.13
CA PHE B 1957 34.46 -10.85 13.40
C PHE B 1957 33.75 -11.63 12.30
N LEU B 1958 34.43 -12.62 11.69
CA LEU B 1958 33.76 -13.48 10.72
C LEU B 1958 32.70 -14.34 11.39
N ALA B 1959 32.99 -14.88 12.58
CA ALA B 1959 32.01 -15.71 13.26
C ALA B 1959 30.80 -14.89 13.70
N ASP B 1960 31.03 -13.64 14.11
CA ASP B 1960 29.89 -12.80 14.49
C ASP B 1960 29.10 -12.34 13.28
N ILE B 1961 29.74 -12.16 12.13
CA ILE B 1961 28.97 -11.84 10.93
C ILE B 1961 28.14 -13.02 10.48
N VAL B 1962 28.71 -14.23 10.53
CA VAL B 1962 27.91 -15.42 10.24
C VAL B 1962 26.78 -15.56 11.25
N ASP B 1963 27.06 -15.22 12.51
CA ASP B 1963 26.03 -15.21 13.54
C ASP B 1963 24.86 -14.32 13.16
N ILE B 1964 25.16 -13.08 12.73
CA ILE B 1964 24.09 -12.15 12.42
C ILE B 1964 23.38 -12.54 11.14
N ILE B 1965 24.08 -13.14 10.18
CA ILE B 1965 23.40 -13.67 9.00
C ILE B 1965 22.43 -14.78 9.39
N ILE B 1966 22.84 -15.65 10.31
CA ILE B 1966 21.95 -16.74 10.73
C ILE B 1966 20.74 -16.18 11.46
N ILE B 1967 20.96 -15.22 12.35
CA ILE B 1967 19.83 -14.67 13.11
C ILE B 1967 18.86 -13.95 12.17
N ILE B 1968 19.36 -13.19 11.20
CA ILE B 1968 18.48 -12.44 10.32
C ILE B 1968 17.77 -13.37 9.33
N PHE B 1969 18.43 -14.43 8.88
CA PHE B 1969 17.72 -15.41 8.05
C PHE B 1969 16.74 -16.24 8.86
N GLY B 1970 16.91 -16.30 10.18
CA GLY B 1970 15.97 -17.08 10.98
C GLY B 1970 14.57 -16.53 11.02
N PHE B 1971 14.33 -15.36 10.41
CA PHE B 1971 12.98 -14.83 10.27
C PHE B 1971 12.22 -15.44 9.11
N TRP B 1972 12.93 -16.18 8.23
CA TRP B 1972 12.28 -17.03 7.25
C TRP B 1972 11.44 -18.11 7.92
N ASP B 1989 5.36 -19.86 19.33
CA ASP B 1989 4.37 -19.03 18.67
C ASP B 1989 4.99 -17.72 18.14
N ASP B 1990 4.80 -16.62 18.86
CA ASP B 1990 5.15 -15.29 18.38
C ASP B 1990 5.89 -14.51 19.46
N GLN B 1991 6.86 -15.15 20.10
CA GLN B 1991 7.60 -14.55 21.20
C GLN B 1991 9.10 -14.48 20.95
N VAL B 1992 9.68 -15.49 20.32
CA VAL B 1992 11.12 -15.57 20.12
C VAL B 1992 11.67 -14.53 19.13
N PRO B 1993 10.91 -13.97 18.19
CA PRO B 1993 11.49 -12.89 17.39
C PRO B 1993 11.80 -11.62 18.17
N GLN B 1994 11.01 -11.24 19.17
CA GLN B 1994 11.35 -10.05 19.94
C GLN B 1994 12.65 -10.25 20.70
N ALA B 1995 12.92 -11.49 21.14
CA ALA B 1995 14.14 -11.71 21.88
C ALA B 1995 15.30 -11.89 20.93
N PHE B 1996 15.02 -12.37 19.71
CA PHE B 1996 16.06 -12.39 18.69
C PHE B 1996 16.46 -10.97 18.31
N LEU B 1997 15.54 -10.01 18.36
CA LEU B 1997 15.90 -8.68 17.88
C LEU B 1997 16.53 -7.82 18.97
N PHE B 1998 16.13 -8.03 20.23
CA PHE B 1998 16.90 -7.42 21.30
C PHE B 1998 18.29 -8.05 21.38
N MET B 1999 18.38 -9.37 21.17
CA MET B 1999 19.68 -10.01 21.06
C MET B 1999 20.49 -9.45 19.90
N LEU B 2000 19.81 -9.13 18.79
CA LEU B 2000 20.50 -8.54 17.65
C LEU B 2000 21.14 -7.21 18.04
N LEU B 2001 20.40 -6.38 18.78
CA LEU B 2001 20.96 -5.09 19.17
C LEU B 2001 22.12 -5.25 20.15
N VAL B 2002 21.98 -6.15 21.14
CA VAL B 2002 23.09 -6.35 22.07
C VAL B 2002 24.30 -6.87 21.30
N GLN B 2003 24.07 -7.75 20.32
CA GLN B 2003 25.17 -8.31 19.54
C GLN B 2003 25.89 -7.19 18.79
N PHE B 2004 25.14 -6.27 18.18
CA PHE B 2004 25.80 -5.18 17.46
C PHE B 2004 26.63 -4.35 18.43
N GLY B 2005 26.08 -4.05 19.60
CA GLY B 2005 26.81 -3.28 20.58
C GLY B 2005 28.08 -4.00 21.02
N THR B 2006 27.98 -5.30 21.25
CA THR B 2006 29.14 -6.09 21.66
C THR B 2006 30.19 -6.09 20.58
N MET B 2007 29.79 -6.23 19.32
CA MET B 2007 30.77 -6.23 18.24
C MET B 2007 31.51 -4.90 18.19
N VAL B 2008 30.77 -3.79 18.32
CA VAL B 2008 31.40 -2.48 18.27
C VAL B 2008 32.36 -2.32 19.44
N ILE B 2009 31.93 -2.72 20.63
CA ILE B 2009 32.77 -2.59 21.82
C ILE B 2009 34.02 -3.45 21.69
N ASP B 2010 33.87 -4.67 21.13
CA ASP B 2010 35.04 -5.54 20.98
C ASP B 2010 36.02 -4.90 20.01
N ARG B 2011 35.53 -4.30 18.93
CA ARG B 2011 36.44 -3.65 17.98
C ARG B 2011 37.19 -2.51 18.65
N ALA B 2012 36.47 -1.72 19.43
CA ALA B 2012 37.10 -0.60 20.13
C ALA B 2012 38.16 -1.13 21.09
N LEU B 2013 37.83 -2.20 21.81
CA LEU B 2013 38.77 -2.80 22.74
C LEU B 2013 40.00 -3.30 22.00
N TYR B 2014 39.79 -3.95 20.86
CA TYR B 2014 40.90 -4.45 20.06
C TYR B 2014 41.82 -3.32 19.61
N LEU B 2015 41.32 -2.08 19.54
CA LEU B 2015 42.11 -1.03 18.91
C LEU B 2015 42.94 -0.24 19.91
N ARG B 2016 42.49 -0.10 21.16
CA ARG B 2016 43.35 0.47 22.21
C ARG B 2016 44.34 -0.52 22.80
N LYS B 2017 44.43 -1.74 22.28
CA LYS B 2017 45.41 -2.75 22.72
C LYS B 2017 45.25 -3.13 24.19
N THR B 2018 44.07 -2.98 24.77
CA THR B 2018 43.88 -3.37 26.17
C THR B 2018 43.42 -4.81 26.26
N VAL B 2019 43.89 -5.53 27.27
CA VAL B 2019 43.61 -6.94 27.45
C VAL B 2019 42.64 -7.18 28.60
N LEU B 2020 42.78 -6.43 29.69
CA LEU B 2020 41.93 -6.67 30.86
C LEU B 2020 40.48 -6.37 30.56
N GLY B 2021 40.22 -5.35 29.74
CA GLY B 2021 38.87 -5.07 29.34
C GLY B 2021 38.28 -6.20 28.51
N LYS B 2022 39.11 -6.85 27.69
CA LYS B 2022 38.63 -7.98 26.93
C LYS B 2022 38.29 -9.15 27.84
N LEU B 2023 39.04 -9.33 28.93
CA LEU B 2023 38.72 -10.38 29.89
C LEU B 2023 37.42 -10.07 30.62
N ALA B 2024 37.22 -8.81 31.01
CA ALA B 2024 35.97 -8.44 31.66
C ALA B 2024 34.80 -8.63 30.71
N PHE B 2025 34.99 -8.28 29.44
CA PHE B 2025 33.94 -8.48 28.44
C PHE B 2025 33.65 -9.97 28.26
N GLN B 2026 34.68 -10.80 28.29
CA GLN B 2026 34.50 -12.24 28.24
C GLN B 2026 33.62 -12.72 29.38
N VAL B 2027 34.03 -12.39 30.62
CA VAL B 2027 33.35 -12.93 31.78
C VAL B 2027 31.95 -12.36 31.95
N VAL B 2028 31.68 -11.16 31.42
CA VAL B 2028 30.30 -10.68 31.46
C VAL B 2028 29.47 -11.35 30.36
N LEU B 2029 29.99 -11.42 29.14
CA LEU B 2029 29.17 -11.87 28.02
C LEU B 2029 28.84 -13.34 28.13
N VAL B 2030 29.75 -14.15 28.69
CA VAL B 2030 29.48 -15.58 28.77
C VAL B 2030 28.31 -15.85 29.71
N VAL B 2031 28.29 -15.18 30.86
CA VAL B 2031 27.20 -15.41 31.80
C VAL B 2031 25.95 -14.71 31.32
N ALA B 2032 26.09 -13.63 30.53
CA ALA B 2032 24.90 -12.98 29.99
C ALA B 2032 24.21 -13.88 28.98
N ILE B 2033 24.97 -14.52 28.09
CA ILE B 2033 24.34 -15.36 27.07
C ILE B 2033 23.87 -16.67 27.69
N HIS B 2034 24.54 -17.15 28.74
CA HIS B 2034 24.04 -18.36 29.37
C HIS B 2034 22.80 -18.11 30.22
N ILE B 2035 22.66 -16.90 30.79
CA ILE B 2035 21.41 -16.56 31.45
C ILE B 2035 20.32 -16.31 30.41
N TRP B 2036 20.67 -15.76 29.25
CA TRP B 2036 19.73 -15.65 28.15
C TRP B 2036 19.30 -17.00 27.62
N MET B 2037 20.09 -18.03 27.86
CA MET B 2037 19.69 -19.38 27.46
C MET B 2037 18.59 -19.96 28.37
N PHE B 2038 17.94 -19.15 29.19
CA PHE B 2038 16.68 -19.54 29.83
C PHE B 2038 15.47 -19.13 29.01
N PHE B 2039 15.45 -17.92 28.47
CA PHE B 2039 14.21 -17.30 28.00
C PHE B 2039 13.98 -17.50 26.51
N ILE B 2040 14.65 -18.49 25.90
CA ILE B 2040 14.17 -18.97 24.60
C ILE B 2040 12.81 -19.61 24.75
N LEU B 2041 12.61 -20.42 25.79
CA LEU B 2041 11.35 -21.10 26.04
C LEU B 2041 10.99 -20.87 27.50
N PRO B 2042 9.89 -20.17 27.79
CA PRO B 2042 9.54 -19.81 29.17
C PRO B 2042 8.97 -20.97 29.96
N MET B 2048 8.19 -24.47 16.38
CA MET B 2048 8.45 -25.19 17.61
C MET B 2048 9.78 -25.93 17.53
N PHE B 2049 10.12 -26.37 16.32
CA PHE B 2049 11.38 -27.06 16.06
C PHE B 2049 12.40 -26.18 15.36
N SER B 2050 11.98 -25.47 14.30
CA SER B 2050 12.88 -24.59 13.56
C SER B 2050 13.53 -23.55 14.47
N GLN B 2051 12.69 -22.78 15.17
CA GLN B 2051 13.18 -21.75 16.08
C GLN B 2051 14.23 -22.29 17.04
N ASN B 2052 13.96 -23.44 17.65
CA ASN B 2052 14.92 -24.03 18.58
C ASN B 2052 16.24 -24.38 17.88
N ALA B 2053 16.16 -24.90 16.66
CA ALA B 2053 17.37 -25.29 15.95
C ALA B 2053 18.22 -24.09 15.57
N VAL B 2054 17.57 -23.02 15.07
CA VAL B 2054 18.36 -21.85 14.69
C VAL B 2054 18.90 -21.16 15.93
N ALA B 2055 18.17 -21.21 17.05
CA ALA B 2055 18.67 -20.56 18.26
C ALA B 2055 19.85 -21.34 18.83
N GLN B 2056 19.82 -22.66 18.71
CA GLN B 2056 20.94 -23.43 19.22
C GLN B 2056 22.15 -23.36 18.30
N LEU B 2057 21.93 -23.25 16.98
CA LEU B 2057 23.05 -22.96 16.09
C LEU B 2057 23.68 -21.62 16.44
N TRP B 2058 22.83 -20.62 16.73
CA TRP B 2058 23.31 -19.32 17.18
C TRP B 2058 24.16 -19.44 18.44
N TYR B 2059 23.66 -20.20 19.42
CA TYR B 2059 24.42 -20.42 20.65
C TYR B 2059 25.76 -21.08 20.36
N PHE B 2060 25.76 -22.10 19.50
CA PHE B 2060 27.01 -22.80 19.18
C PHE B 2060 28.01 -21.88 18.52
N VAL B 2061 27.55 -20.99 17.63
CA VAL B 2061 28.51 -20.15 16.92
C VAL B 2061 29.02 -19.05 17.83
N LYS B 2062 28.25 -18.63 18.82
CA LYS B 2062 28.85 -17.69 19.76
C LYS B 2062 29.65 -18.39 20.85
N CYS B 2063 29.45 -19.69 21.04
CA CYS B 2063 30.44 -20.46 21.81
C CYS B 2063 31.77 -20.49 21.10
N ILE B 2064 31.75 -20.64 19.77
CA ILE B 2064 32.98 -20.51 19.00
C ILE B 2064 33.57 -19.12 19.21
N TYR B 2065 32.72 -18.09 19.24
CA TYR B 2065 33.24 -16.74 19.42
C TYR B 2065 33.89 -16.59 20.79
N PHE B 2066 33.30 -17.19 21.82
CA PHE B 2066 33.90 -17.11 23.16
C PHE B 2066 35.22 -17.86 23.22
N ALA B 2067 35.31 -18.99 22.52
CA ALA B 2067 36.54 -19.76 22.54
C ALA B 2067 37.67 -19.00 21.85
N LEU B 2068 37.40 -18.39 20.70
CA LEU B 2068 38.44 -17.59 20.07
C LEU B 2068 38.78 -16.36 20.90
N SER B 2069 37.79 -15.79 21.61
CA SER B 2069 38.08 -14.68 22.49
C SER B 2069 39.04 -15.09 23.59
N ALA B 2070 38.87 -16.30 24.14
CA ALA B 2070 39.78 -16.75 25.18
C ALA B 2070 41.16 -17.07 24.60
N TYR B 2071 41.20 -17.56 23.35
CA TYR B 2071 42.49 -17.72 22.68
C TYR B 2071 43.22 -16.39 22.60
N GLN B 2072 42.49 -15.33 22.23
CA GLN B 2072 43.11 -14.01 22.15
C GLN B 2072 43.53 -13.51 23.53
N ILE B 2073 42.76 -13.84 24.56
CA ILE B 2073 43.17 -13.49 25.93
C ILE B 2073 44.48 -14.16 26.25
N ARG B 2074 44.68 -15.38 25.77
CA ARG B 2074 45.90 -16.11 26.08
C ARG B 2074 47.09 -15.49 25.38
N CYS B 2075 46.96 -15.24 24.06
CA CYS B 2075 48.11 -14.81 23.29
C CYS B 2075 48.42 -13.32 23.42
N GLY B 2076 47.40 -12.48 23.55
CA GLY B 2076 47.62 -11.13 24.04
C GLY B 2076 48.28 -10.09 23.15
N TYR B 2077 47.63 -9.73 22.04
CA TYR B 2077 47.83 -8.47 21.34
C TYR B 2077 49.27 -8.14 20.95
N PRO B 2078 49.79 -8.73 19.88
CA PRO B 2078 51.08 -8.30 19.34
C PRO B 2078 51.06 -6.82 18.97
N THR B 2079 52.21 -6.17 19.17
CA THR B 2079 52.30 -4.72 19.08
C THR B 2079 52.28 -4.17 17.65
N ARG B 2080 51.83 -4.93 16.65
CA ARG B 2080 51.49 -4.37 15.34
C ARG B 2080 50.13 -4.89 14.89
N ILE B 2081 49.05 -4.23 15.33
CA ILE B 2081 47.69 -4.63 15.01
C ILE B 2081 47.03 -3.73 13.98
N LEU B 2082 47.70 -2.67 13.54
CA LEU B 2082 47.06 -1.72 12.63
C LEU B 2082 47.52 -2.02 11.21
N GLY B 2083 46.70 -2.78 10.50
CA GLY B 2083 46.90 -3.09 9.10
C GLY B 2083 45.58 -3.57 8.54
N ASN B 2084 45.47 -3.52 7.22
CA ASN B 2084 44.25 -4.03 6.61
C ASN B 2084 44.14 -5.53 6.89
N PHE B 2085 42.96 -5.95 7.36
CA PHE B 2085 42.77 -7.35 7.71
C PHE B 2085 42.89 -8.26 6.49
N LEU B 2086 42.34 -7.83 5.36
CA LEU B 2086 42.33 -8.65 4.17
C LEU B 2086 43.50 -8.38 3.22
N THR B 2087 44.38 -7.44 3.54
CA THR B 2087 45.51 -7.14 2.65
C THR B 2087 46.81 -7.58 3.27
N LYS B 2088 47.50 -8.50 2.61
CA LYS B 2088 48.83 -8.95 3.02
C LYS B 2088 49.64 -9.40 1.82
N LYS B 2089 48.95 -9.92 0.80
CA LYS B 2089 49.61 -10.33 -0.43
C LYS B 2089 48.67 -10.07 -1.61
N TYR B 2090 49.26 -9.65 -2.73
CA TYR B 2090 48.49 -9.13 -3.85
C TYR B 2090 48.16 -10.26 -4.82
N ASN B 2091 47.23 -11.12 -4.41
CA ASN B 2091 46.71 -12.17 -5.26
C ASN B 2091 45.34 -11.80 -5.80
N HIS B 2092 45.00 -12.36 -6.97
CA HIS B 2092 43.71 -12.05 -7.58
C HIS B 2092 42.56 -12.51 -6.70
N LEU B 2093 42.75 -13.63 -5.98
CA LEU B 2093 41.78 -14.02 -4.97
C LEU B 2093 41.62 -12.92 -3.93
N ASN B 2094 42.75 -12.36 -3.47
CA ASN B 2094 42.70 -11.30 -2.48
C ASN B 2094 41.96 -10.09 -3.03
N LEU B 2095 42.17 -9.76 -4.30
CA LEU B 2095 41.46 -8.63 -4.90
C LEU B 2095 39.96 -8.90 -4.93
N PHE B 2096 39.56 -10.11 -5.29
CA PHE B 2096 38.13 -10.42 -5.32
C PHE B 2096 37.54 -10.37 -3.92
N LEU B 2097 38.29 -10.81 -2.91
CA LEU B 2097 37.77 -10.78 -1.56
C LEU B 2097 37.68 -9.37 -1.03
N PHE B 2098 38.63 -8.50 -1.40
CA PHE B 2098 38.54 -7.11 -0.97
C PHE B 2098 37.38 -6.40 -1.64
N GLN B 2099 37.20 -6.61 -2.94
CA GLN B 2099 36.07 -6.00 -3.61
C GLN B 2099 34.76 -6.56 -3.11
N GLY B 2100 34.76 -7.80 -2.61
CA GLY B 2100 33.62 -8.30 -1.88
C GLY B 2100 33.39 -7.56 -0.58
N PHE B 2101 34.46 -7.29 0.16
CA PHE B 2101 34.29 -6.71 1.49
C PHE B 2101 33.76 -5.29 1.41
N ARG B 2102 34.09 -4.56 0.37
CA ARG B 2102 33.54 -3.22 0.16
C ARG B 2102 32.18 -3.26 -0.53
N LEU B 2103 31.62 -4.44 -0.75
CA LEU B 2103 30.31 -4.57 -1.37
C LEU B 2103 29.20 -4.68 -0.35
N VAL B 2104 29.48 -5.27 0.80
CA VAL B 2104 28.45 -5.41 1.85
C VAL B 2104 28.09 -4.04 2.38
N PRO B 2105 26.81 -3.73 2.55
CA PRO B 2105 26.43 -2.37 2.95
C PRO B 2105 26.92 -2.01 4.34
N PHE B 2106 27.28 -0.73 4.49
CA PHE B 2106 27.54 -0.13 5.79
C PHE B 2106 28.70 -0.79 6.54
N LEU B 2107 29.67 -1.35 5.81
CA LEU B 2107 30.79 -2.00 6.45
C LEU B 2107 32.14 -1.35 6.18
N VAL B 2108 32.27 -0.55 5.12
CA VAL B 2108 33.47 0.24 4.92
C VAL B 2108 33.48 1.45 5.85
N GLU B 2109 32.43 2.26 5.78
CA GLU B 2109 32.39 3.51 6.53
C GLU B 2109 32.37 3.26 8.04
N LEU B 2110 31.79 2.13 8.48
CA LEU B 2110 31.84 1.81 9.89
C LEU B 2110 33.26 1.49 10.33
N ARG B 2111 34.00 0.78 9.48
CA ARG B 2111 35.39 0.49 9.79
C ARG B 2111 36.20 1.77 9.88
N ALA B 2112 36.04 2.66 8.90
CA ALA B 2112 36.90 3.85 8.91
C ALA B 2112 36.46 4.87 9.93
N VAL B 2113 35.22 4.78 10.42
CA VAL B 2113 34.79 5.71 11.46
C VAL B 2113 35.23 5.22 12.82
N MET B 2114 35.09 3.90 13.08
CA MET B 2114 35.59 3.40 14.35
C MET B 2114 37.11 3.47 14.42
N ASP B 2115 37.78 3.44 13.26
CA ASP B 2115 39.22 3.63 13.26
C ASP B 2115 39.59 5.09 13.49
N TRP B 2116 38.80 6.03 12.95
CA TRP B 2116 39.20 7.41 13.18
C TRP B 2116 38.85 7.87 14.58
N VAL B 2117 37.81 7.29 15.19
CA VAL B 2117 37.46 7.69 16.55
C VAL B 2117 38.44 7.08 17.55
N TRP B 2118 38.72 5.77 17.47
CA TRP B 2118 39.50 5.19 18.56
C TRP B 2118 41.00 5.13 18.32
N THR B 2119 41.48 5.25 17.08
CA THR B 2119 42.92 5.26 16.90
C THR B 2119 43.46 6.64 17.21
N ASP B 2120 44.71 6.69 17.66
CA ASP B 2120 45.35 7.95 18.03
C ASP B 2120 45.82 8.63 16.76
N THR B 2121 45.09 9.65 16.32
CA THR B 2121 45.45 10.40 15.12
C THR B 2121 45.13 11.88 15.32
N THR B 2122 45.73 12.71 14.47
CA THR B 2122 45.61 14.16 14.57
C THR B 2122 45.01 14.77 13.31
N LEU B 2123 44.34 13.96 12.50
CA LEU B 2123 43.69 14.46 11.30
C LEU B 2123 42.22 14.74 11.60
N SER B 2124 41.46 15.09 10.57
CA SER B 2124 40.02 15.21 10.68
C SER B 2124 39.34 13.89 10.34
N LEU B 2125 38.02 13.88 10.37
CA LEU B 2125 37.28 12.71 9.89
C LEU B 2125 37.39 12.61 8.37
N SER B 2126 37.25 13.74 7.68
CA SER B 2126 37.37 13.74 6.22
C SER B 2126 38.77 13.31 5.82
N ASN B 2127 39.77 13.76 6.57
CA ASN B 2127 41.15 13.39 6.26
C ASN B 2127 41.33 11.88 6.35
N TRP B 2128 40.75 11.27 7.39
CA TRP B 2128 40.81 9.82 7.55
C TRP B 2128 40.12 9.12 6.39
N MET B 2129 38.95 9.63 5.99
CA MET B 2129 38.21 9.02 4.90
C MET B 2129 39.00 9.09 3.60
N CYS B 2130 39.62 10.25 3.35
CA CYS B 2130 40.42 10.42 2.15
C CYS B 2130 41.60 9.46 2.15
N VAL B 2131 42.26 9.32 3.30
CA VAL B 2131 43.41 8.42 3.36
C VAL B 2131 42.99 6.98 3.11
N GLU B 2132 41.88 6.55 3.72
CA GLU B 2132 41.52 5.15 3.54
C GLU B 2132 40.86 4.86 2.21
N ASP B 2133 40.46 5.88 1.46
CA ASP B 2133 39.95 5.60 0.13
C ASP B 2133 41.05 5.66 -0.90
N ILE B 2134 42.02 6.57 -0.70
CA ILE B 2134 43.21 6.54 -1.53
C ILE B 2134 43.91 5.21 -1.34
N TYR B 2135 43.94 4.71 -0.10
CA TYR B 2135 44.56 3.43 0.18
C TYR B 2135 43.84 2.30 -0.54
N ALA B 2136 42.51 2.23 -0.42
CA ALA B 2136 41.89 1.05 -1.03
C ALA B 2136 41.81 1.15 -2.54
N ASN B 2137 41.99 2.34 -3.12
CA ASN B 2137 42.00 2.38 -4.57
C ASN B 2137 43.39 2.14 -5.14
N ILE B 2138 44.44 2.60 -4.45
CA ILE B 2138 45.77 2.23 -4.91
C ILE B 2138 45.97 0.73 -4.69
N PHE B 2139 45.33 0.16 -3.67
CA PHE B 2139 45.48 -1.28 -3.46
C PHE B 2139 44.79 -2.06 -4.57
N ILE B 2140 43.61 -1.61 -5.02
CA ILE B 2140 42.97 -2.32 -6.11
C ILE B 2140 43.81 -2.21 -7.38
N ILE B 2141 44.39 -1.04 -7.63
CA ILE B 2141 45.21 -0.87 -8.83
C ILE B 2141 46.47 -1.72 -8.75
N LYS B 2142 47.10 -1.76 -7.59
CA LYS B 2142 48.35 -2.52 -7.47
C LYS B 2142 48.08 -4.00 -7.60
N CYS B 2143 46.95 -4.48 -7.06
CA CYS B 2143 46.64 -5.89 -7.22
C CYS B 2143 46.32 -6.22 -8.67
N SER B 2144 45.65 -5.30 -9.39
CA SER B 2144 45.39 -5.55 -10.80
C SER B 2144 46.63 -5.36 -11.66
N ARG B 2145 47.71 -4.81 -11.10
CA ARG B 2145 48.99 -4.80 -11.78
C ARG B 2145 49.77 -6.08 -11.52
N GLU B 2146 49.72 -6.56 -10.27
CA GLU B 2146 50.46 -7.77 -9.92
C GLU B 2146 49.84 -9.00 -10.55
N THR B 2147 48.52 -9.01 -10.74
CA THR B 2147 47.93 -10.12 -11.49
C THR B 2147 48.14 -9.97 -12.99
N GLU B 2148 48.64 -8.83 -13.44
CA GLU B 2148 49.22 -8.73 -14.79
C GLU B 2148 50.60 -9.37 -14.83
N LYS B 2149 51.48 -9.00 -13.88
CA LYS B 2149 52.90 -9.32 -14.04
C LYS B 2149 53.16 -10.81 -14.04
N LYS B 2150 52.32 -11.60 -13.36
CA LYS B 2150 52.50 -13.05 -13.37
C LYS B 2150 52.04 -13.70 -14.66
N TYR B 2151 51.30 -12.99 -15.51
CA TYR B 2151 50.78 -13.53 -16.76
C TYR B 2151 50.79 -12.42 -17.81
N PRO B 2152 51.96 -12.07 -18.32
CA PRO B 2152 52.04 -10.99 -19.31
C PRO B 2152 51.36 -11.38 -20.61
N GLN B 2153 50.74 -10.40 -21.25
CA GLN B 2153 49.93 -10.64 -22.43
C GLN B 2153 50.61 -10.08 -23.67
N PRO B 2154 50.50 -10.76 -24.80
CA PRO B 2154 51.19 -10.29 -26.00
C PRO B 2154 50.55 -9.01 -26.54
N LYS B 2155 51.39 -8.15 -27.10
CA LYS B 2155 50.95 -6.83 -27.52
C LYS B 2155 49.96 -6.95 -28.68
N GLY B 2156 48.87 -6.19 -28.60
CA GLY B 2156 48.02 -5.99 -29.75
C GLY B 2156 47.12 -7.14 -30.14
N GLN B 2157 47.08 -8.21 -29.36
CA GLN B 2157 46.35 -9.41 -29.78
C GLN B 2157 45.57 -9.91 -28.56
N LYS B 2158 45.10 -11.16 -28.62
CA LYS B 2158 44.45 -11.83 -27.50
C LYS B 2158 43.16 -11.10 -27.13
N LYS B 2159 42.23 -11.09 -28.09
CA LYS B 2159 41.08 -10.19 -28.06
C LYS B 2159 39.90 -10.76 -27.27
N LYS B 2160 40.15 -11.70 -26.36
CA LYS B 2160 39.23 -12.02 -25.26
C LYS B 2160 37.87 -12.51 -25.81
N LYS B 2161 37.92 -13.65 -26.49
CA LYS B 2161 36.78 -14.09 -27.29
C LYS B 2161 35.62 -14.58 -26.44
N ILE B 2162 35.88 -15.46 -25.48
CA ILE B 2162 34.78 -16.05 -24.72
C ILE B 2162 34.24 -15.10 -23.67
N VAL B 2163 35.13 -14.38 -22.99
CA VAL B 2163 34.71 -13.54 -21.87
C VAL B 2163 33.78 -12.43 -22.34
N LYS B 2164 33.93 -11.98 -23.59
CA LYS B 2164 33.00 -11.00 -24.13
C LYS B 2164 31.58 -11.55 -24.10
N TYR B 2165 31.38 -12.74 -24.69
CA TYR B 2165 30.05 -13.33 -24.68
C TYR B 2165 29.56 -13.55 -23.26
N GLY B 2166 30.43 -14.05 -22.39
CA GLY B 2166 30.07 -14.25 -20.99
C GLY B 2166 29.50 -13.01 -20.33
N MET B 2167 30.34 -11.97 -20.22
CA MET B 2167 29.94 -10.79 -19.48
C MET B 2167 28.87 -10.00 -20.22
N GLY B 2168 28.75 -10.17 -21.53
CA GLY B 2168 27.87 -9.31 -22.28
C GLY B 2168 26.51 -9.93 -22.22
N GLY B 2169 26.44 -11.26 -22.23
CA GLY B 2169 25.17 -11.93 -22.03
C GLY B 2169 24.67 -11.71 -20.62
N LEU B 2170 25.57 -11.73 -19.64
CA LEU B 2170 25.13 -11.46 -18.27
C LEU B 2170 24.56 -10.05 -18.17
N ILE B 2171 25.21 -9.07 -18.80
CA ILE B 2171 24.73 -7.69 -18.70
C ILE B 2171 23.41 -7.53 -19.44
N ILE B 2172 23.31 -8.06 -20.66
CA ILE B 2172 22.09 -7.81 -21.44
C ILE B 2172 20.90 -8.51 -20.80
N LEU B 2173 21.09 -9.75 -20.31
CA LEU B 2173 19.95 -10.38 -19.64
C LEU B 2173 19.61 -9.73 -18.31
N PHE B 2174 20.60 -9.15 -17.62
CA PHE B 2174 20.27 -8.46 -16.38
C PHE B 2174 19.45 -7.21 -16.67
N LEU B 2175 19.84 -6.44 -17.67
CA LEU B 2175 19.11 -5.22 -18.00
C LEU B 2175 17.74 -5.54 -18.59
N ILE B 2176 17.65 -6.57 -19.44
CA ILE B 2176 16.36 -6.94 -20.01
C ILE B 2176 15.42 -7.46 -18.91
N ALA B 2177 15.95 -8.16 -17.92
CA ALA B 2177 15.09 -8.62 -16.84
C ALA B 2177 14.60 -7.44 -16.02
N ILE B 2178 15.46 -6.44 -15.81
CA ILE B 2178 15.05 -5.25 -15.07
C ILE B 2178 13.98 -4.49 -15.86
N ILE B 2179 14.10 -4.48 -17.18
CA ILE B 2179 13.06 -3.86 -18.01
C ILE B 2179 11.75 -4.61 -17.89
N TRP B 2180 11.79 -5.94 -17.92
CA TRP B 2180 10.62 -6.72 -18.28
C TRP B 2180 9.85 -7.24 -17.07
N PHE B 2181 10.55 -7.79 -16.06
CA PHE B 2181 9.91 -8.36 -14.87
C PHE B 2181 8.98 -7.40 -14.11
N PRO B 2182 9.14 -6.09 -14.23
CA PRO B 2182 8.12 -5.20 -13.66
C PRO B 2182 6.73 -5.43 -14.21
N LEU B 2183 6.58 -5.88 -15.45
CA LEU B 2183 5.25 -6.17 -15.94
C LEU B 2183 4.86 -7.62 -15.71
N LEU B 2184 5.71 -8.37 -15.03
CA LEU B 2184 5.31 -9.69 -14.55
C LEU B 2184 4.78 -9.58 -13.14
N PHE B 2185 5.52 -8.94 -12.23
CA PHE B 2185 4.86 -8.76 -10.94
C PHE B 2185 3.88 -7.59 -10.96
N MET B 2186 3.77 -6.85 -12.08
CA MET B 2186 2.57 -6.11 -12.39
C MET B 2186 1.45 -7.02 -12.88
N SER B 2187 1.75 -7.98 -13.75
CA SER B 2187 0.68 -8.73 -14.39
C SER B 2187 0.22 -9.91 -13.55
N LEU B 2188 1.14 -10.65 -12.94
CA LEU B 2188 0.77 -11.89 -12.26
C LEU B 2188 0.02 -11.65 -10.93
N ILE B 2189 -0.29 -10.38 -10.64
CA ILE B 2189 -1.22 -10.04 -9.58
C ILE B 2189 -2.63 -9.77 -10.11
N ARG B 2190 -2.79 -9.63 -11.43
CA ARG B 2190 -4.07 -9.35 -12.05
C ARG B 2190 -4.80 -10.60 -12.53
N SER B 2191 -4.32 -11.78 -12.15
CA SER B 2191 -4.92 -13.04 -12.60
C SER B 2191 -5.96 -13.52 -11.58
N VAL B 2192 -6.97 -12.67 -11.39
CA VAL B 2192 -7.97 -12.82 -10.34
C VAL B 2192 -9.36 -12.82 -10.99
N VAL B 2193 -9.46 -13.42 -12.18
CA VAL B 2193 -10.63 -13.38 -13.04
C VAL B 2193 -11.93 -13.49 -12.27
N GLY B 2194 -12.07 -14.51 -11.44
CA GLY B 2194 -13.25 -14.66 -10.63
C GLY B 2194 -13.70 -16.10 -10.56
N VAL B 2195 -14.85 -16.30 -9.93
CA VAL B 2195 -15.53 -17.59 -9.88
C VAL B 2195 -17.03 -17.34 -9.75
N VAL B 2196 -17.82 -18.38 -9.96
CA VAL B 2196 -19.27 -18.23 -10.05
C VAL B 2196 -19.87 -18.20 -8.65
N ASN B 2197 -21.02 -17.54 -8.52
CA ASN B 2197 -21.70 -17.34 -7.24
C ASN B 2197 -23.12 -17.92 -7.37
N GLN B 2198 -23.23 -19.22 -7.17
CA GLN B 2198 -24.54 -19.87 -7.21
C GLN B 2198 -25.26 -19.62 -5.89
N PRO B 2199 -26.41 -18.94 -5.91
CA PRO B 2199 -27.06 -18.53 -4.64
C PRO B 2199 -27.63 -19.74 -3.93
N ILE B 2200 -27.11 -20.00 -2.71
CA ILE B 2200 -27.57 -21.16 -1.94
C ILE B 2200 -28.90 -20.92 -1.26
N ASP B 2201 -29.37 -19.68 -1.20
CA ASP B 2201 -30.60 -19.33 -0.49
C ASP B 2201 -31.44 -18.46 -1.41
N VAL B 2202 -32.72 -18.79 -1.55
CA VAL B 2202 -33.68 -17.91 -2.21
C VAL B 2202 -34.85 -17.67 -1.26
N THR B 2203 -35.21 -16.41 -1.08
CA THR B 2203 -36.34 -16.04 -0.24
C THR B 2203 -37.24 -15.07 -0.99
N VAL B 2204 -38.54 -15.29 -0.89
CA VAL B 2204 -39.52 -14.44 -1.57
C VAL B 2204 -40.68 -14.20 -0.61
N THR B 2205 -41.09 -12.94 -0.47
CA THR B 2205 -42.25 -12.63 0.36
C THR B 2205 -43.15 -11.60 -0.29
N LEU B 2206 -44.45 -11.84 -0.20
CA LEU B 2206 -45.48 -10.86 -0.49
C LEU B 2206 -45.94 -10.24 0.83
N LYS B 2207 -45.70 -8.94 1.00
CA LYS B 2207 -46.10 -8.20 2.19
C LYS B 2207 -47.08 -7.11 1.77
N LEU B 2208 -48.37 -7.40 1.87
CA LEU B 2208 -49.41 -6.40 1.67
C LEU B 2208 -49.76 -5.76 3.01
N GLY B 2209 -49.66 -4.43 3.06
CA GLY B 2209 -50.01 -3.69 4.25
C GLY B 2209 -49.02 -3.82 5.39
N GLY B 2210 -49.15 -2.95 6.39
CA GLY B 2210 -48.31 -2.98 7.57
C GLY B 2210 -48.78 -3.91 8.67
N TYR B 2211 -49.91 -4.58 8.50
CA TYR B 2211 -50.48 -5.38 9.58
C TYR B 2211 -49.72 -6.68 9.77
N GLU B 2212 -49.36 -7.36 8.67
CA GLU B 2212 -48.70 -8.66 8.74
C GLU B 2212 -48.16 -9.05 7.38
N PRO B 2213 -46.95 -9.64 7.32
CA PRO B 2213 -46.52 -10.26 6.05
C PRO B 2213 -47.38 -11.44 5.67
N LEU B 2214 -48.13 -11.32 4.57
CA LEU B 2214 -49.08 -12.36 4.18
C LEU B 2214 -48.35 -13.61 3.68
N PHE B 2215 -47.65 -13.49 2.56
CA PHE B 2215 -46.94 -14.62 1.99
C PHE B 2215 -45.44 -14.52 2.28
N THR B 2216 -44.84 -15.65 2.65
CA THR B 2216 -43.40 -15.79 2.64
C THR B 2216 -43.02 -17.20 2.25
N MET B 2217 -41.78 -17.35 1.78
CA MET B 2217 -41.21 -18.68 1.55
C MET B 2217 -39.71 -18.51 1.34
N SER B 2218 -38.98 -19.60 1.57
CA SER B 2218 -37.62 -19.74 1.08
C SER B 2218 -37.43 -21.11 0.43
N ALA B 2219 -36.30 -21.25 -0.24
CA ALA B 2219 -35.89 -22.49 -0.88
C ALA B 2219 -34.36 -22.52 -0.93
N GLN B 2220 -33.84 -23.72 -1.17
CA GLN B 2220 -32.40 -23.96 -1.28
C GLN B 2220 -32.11 -24.69 -2.58
N GLN B 2221 -30.84 -25.05 -2.77
CA GLN B 2221 -30.35 -25.66 -3.99
C GLN B 2221 -31.11 -26.93 -4.34
N PRO B 2222 -31.74 -27.59 -3.36
CA PRO B 2222 -32.67 -28.67 -3.71
C PRO B 2222 -33.83 -28.21 -4.58
N SER B 2223 -34.37 -27.02 -4.32
CA SER B 2223 -35.45 -26.45 -5.12
C SER B 2223 -34.97 -25.40 -6.11
N ILE B 2224 -33.65 -25.32 -6.35
CA ILE B 2224 -33.09 -24.47 -7.38
C ILE B 2224 -32.47 -25.35 -8.46
N VAL B 2225 -32.70 -24.98 -9.71
CA VAL B 2225 -32.10 -25.67 -10.86
C VAL B 2225 -31.03 -24.76 -11.47
N PRO B 2226 -29.75 -25.05 -11.26
CA PRO B 2226 -28.72 -24.42 -12.09
C PRO B 2226 -28.95 -24.77 -13.56
N PHE B 2227 -28.90 -23.74 -14.41
CA PHE B 2227 -29.27 -23.91 -15.81
C PHE B 2227 -28.31 -24.83 -16.53
N THR B 2228 -28.87 -25.65 -17.44
CA THR B 2228 -28.42 -26.55 -18.50
C THR B 2228 -28.36 -25.82 -19.84
N PRO B 2229 -27.51 -26.28 -20.75
CA PRO B 2229 -27.43 -25.62 -22.07
C PRO B 2229 -28.74 -25.61 -22.82
N GLN B 2230 -29.69 -26.48 -22.47
CA GLN B 2230 -31.04 -26.35 -23.00
C GLN B 2230 -31.64 -25.00 -22.67
N ALA B 2231 -31.43 -24.52 -21.44
CA ALA B 2231 -31.89 -23.19 -21.09
C ALA B 2231 -31.07 -22.10 -21.76
N TYR B 2232 -29.82 -22.39 -22.14
CA TYR B 2232 -29.07 -21.44 -22.96
C TYR B 2232 -29.69 -21.30 -24.34
N GLU B 2233 -30.08 -22.42 -24.96
CA GLU B 2233 -30.77 -22.34 -26.24
C GLU B 2233 -32.14 -21.69 -26.09
N GLU B 2234 -32.80 -21.90 -24.95
CA GLU B 2234 -34.07 -21.23 -24.71
C GLU B 2234 -33.90 -19.71 -24.60
N LEU B 2235 -32.89 -19.26 -23.87
CA LEU B 2235 -32.63 -17.82 -23.77
C LEU B 2235 -32.16 -17.25 -25.11
N SER B 2236 -31.54 -18.07 -25.94
CA SER B 2236 -31.29 -17.66 -27.32
C SER B 2236 -32.59 -17.51 -28.09
N GLN B 2237 -33.56 -18.38 -27.82
CA GLN B 2237 -34.83 -18.36 -28.54
C GLN B 2237 -35.77 -17.29 -27.99
N GLN B 2238 -35.95 -17.24 -26.68
CA GLN B 2238 -37.09 -16.56 -26.08
C GLN B 2238 -37.01 -15.05 -26.16
N PHE B 2239 -35.90 -14.50 -26.63
CA PHE B 2239 -35.66 -13.06 -26.63
C PHE B 2239 -35.14 -12.60 -27.98
N ASP B 2240 -35.85 -13.02 -29.04
CA ASP B 2240 -35.31 -12.91 -30.40
C ASP B 2240 -35.09 -11.46 -30.81
N PRO B 2241 -36.12 -10.62 -30.92
CA PRO B 2241 -35.99 -9.35 -31.65
C PRO B 2241 -35.44 -8.19 -30.83
N TYR B 2242 -34.92 -8.44 -29.64
CA TYR B 2242 -34.37 -7.38 -28.80
C TYR B 2242 -32.85 -7.49 -28.78
N PRO B 2243 -32.12 -6.56 -29.39
CA PRO B 2243 -30.66 -6.73 -29.47
C PRO B 2243 -29.96 -6.49 -28.15
N LEU B 2244 -30.47 -5.57 -27.32
CA LEU B 2244 -29.93 -5.42 -25.98
C LEU B 2244 -30.15 -6.67 -25.15
N ALA B 2245 -31.31 -7.30 -25.30
CA ALA B 2245 -31.55 -8.55 -24.61
C ALA B 2245 -30.66 -9.66 -25.16
N MET B 2246 -30.43 -9.66 -26.47
CA MET B 2246 -29.52 -10.63 -27.07
C MET B 2246 -28.13 -10.52 -26.46
N GLN B 2247 -27.59 -9.29 -26.40
CA GLN B 2247 -26.27 -9.10 -25.82
C GLN B 2247 -26.25 -9.39 -24.31
N PHE B 2248 -27.35 -9.09 -23.60
CA PHE B 2248 -27.40 -9.40 -22.18
C PHE B 2248 -27.38 -10.90 -21.94
N ILE B 2249 -28.13 -11.66 -22.74
CA ILE B 2249 -28.18 -13.10 -22.57
C ILE B 2249 -26.87 -13.74 -22.99
N SER B 2250 -26.27 -13.26 -24.08
CA SER B 2250 -24.99 -13.79 -24.52
C SER B 2250 -23.83 -13.30 -23.67
N GLN B 2251 -24.04 -12.32 -22.80
CA GLN B 2251 -22.96 -11.83 -21.94
C GLN B 2251 -22.47 -12.90 -20.98
N TYR B 2252 -23.36 -13.41 -20.14
CA TYR B 2252 -22.94 -14.23 -19.03
C TYR B 2252 -22.47 -15.61 -19.51
N SER B 2253 -21.91 -16.38 -18.58
CA SER B 2253 -21.61 -17.78 -18.81
C SER B 2253 -22.90 -18.60 -18.85
N PRO B 2254 -22.83 -19.82 -19.38
CA PRO B 2254 -23.93 -20.78 -19.16
C PRO B 2254 -24.28 -20.96 -17.69
N GLU B 2255 -23.27 -21.18 -16.84
CA GLU B 2255 -23.50 -21.40 -15.42
C GLU B 2255 -23.35 -20.08 -14.66
N ASP B 2256 -24.21 -19.13 -15.00
CA ASP B 2256 -24.40 -17.92 -14.22
C ASP B 2256 -25.87 -17.59 -14.00
N ILE B 2257 -26.79 -18.37 -14.57
CA ILE B 2257 -28.22 -18.18 -14.41
C ILE B 2257 -28.80 -19.46 -13.83
N VAL B 2258 -29.71 -19.30 -12.88
CA VAL B 2258 -30.43 -20.43 -12.29
C VAL B 2258 -31.92 -20.13 -12.30
N THR B 2259 -32.69 -21.18 -12.04
CA THR B 2259 -34.15 -21.10 -12.00
C THR B 2259 -34.62 -21.66 -10.66
N ALA B 2260 -35.06 -20.78 -9.78
CA ALA B 2260 -35.64 -21.22 -8.53
C ALA B 2260 -37.08 -21.65 -8.75
N GLN B 2261 -37.47 -22.73 -8.09
CA GLN B 2261 -38.87 -23.13 -7.99
C GLN B 2261 -39.40 -22.76 -6.62
N ILE B 2262 -40.70 -22.46 -6.56
CA ILE B 2262 -41.37 -22.10 -5.33
C ILE B 2262 -42.67 -22.87 -5.22
N GLU B 2263 -42.94 -23.41 -4.03
CA GLU B 2263 -44.16 -24.16 -3.82
C GLU B 2263 -45.35 -23.20 -3.86
N GLY B 2264 -46.40 -23.58 -4.58
CA GLY B 2264 -47.54 -22.70 -4.70
C GLY B 2264 -48.22 -22.46 -3.37
N SER B 2265 -48.45 -23.53 -2.61
CA SER B 2265 -49.07 -23.38 -1.30
C SER B 2265 -48.07 -22.80 -0.30
N SER B 2266 -48.60 -22.38 0.84
CA SER B 2266 -47.78 -21.94 1.95
C SER B 2266 -47.16 -23.14 2.67
N GLY B 2267 -46.00 -22.90 3.29
CA GLY B 2267 -45.46 -23.85 4.24
C GLY B 2267 -45.89 -23.61 5.67
N ALA B 2268 -46.87 -22.75 5.90
CA ALA B 2268 -47.30 -22.38 7.24
C ALA B 2268 -48.71 -21.81 7.14
N LEU B 2269 -49.16 -21.13 8.19
CA LEU B 2269 -50.42 -20.41 8.16
C LEU B 2269 -50.16 -18.90 8.16
N TRP B 2270 -51.22 -18.14 7.88
CA TRP B 2270 -51.20 -16.69 8.07
C TRP B 2270 -51.48 -16.35 9.53
N ARG B 2271 -50.48 -16.60 10.37
CA ARG B 2271 -50.59 -16.34 11.80
C ARG B 2271 -50.56 -14.85 12.06
N ILE B 2272 -51.68 -14.29 12.51
CA ILE B 2272 -51.85 -12.84 12.59
C ILE B 2272 -52.86 -12.54 13.70
N SER B 2273 -52.69 -11.38 14.32
CA SER B 2273 -53.59 -10.97 15.38
C SER B 2273 -54.97 -10.69 14.80
N PRO B 2274 -56.04 -11.17 15.44
CA PRO B 2274 -57.39 -10.96 14.89
C PRO B 2274 -57.76 -9.49 14.92
N PRO B 2275 -57.21 -8.72 15.87
CA PRO B 2275 -57.25 -7.26 15.72
C PRO B 2275 -56.64 -6.77 14.42
N SER B 2276 -55.43 -7.24 14.09
CA SER B 2276 -54.80 -6.81 12.84
C SER B 2276 -55.53 -7.35 11.62
N ARG B 2277 -56.08 -8.57 11.71
CA ARG B 2277 -56.89 -9.09 10.62
C ARG B 2277 -58.13 -8.23 10.40
N ALA B 2278 -58.74 -7.76 11.50
CA ALA B 2278 -59.92 -6.90 11.38
C ALA B 2278 -59.54 -5.54 10.81
N GLN B 2279 -58.37 -5.03 11.18
CA GLN B 2279 -57.96 -3.72 10.70
C GLN B 2279 -57.62 -3.77 9.22
N MET B 2280 -56.93 -4.83 8.77
CA MET B 2280 -56.66 -4.97 7.34
C MET B 2280 -57.95 -5.24 6.57
N LYS B 2281 -58.89 -5.98 7.16
CA LYS B 2281 -60.18 -6.20 6.53
C LYS B 2281 -60.92 -4.88 6.33
N GLN B 2282 -60.92 -4.02 7.34
CA GLN B 2282 -61.65 -2.77 7.25
C GLN B 2282 -60.94 -1.75 6.37
N GLU B 2283 -59.62 -1.85 6.27
CA GLU B 2283 -58.89 -1.03 5.29
C GLU B 2283 -59.22 -1.45 3.87
N LEU B 2284 -59.21 -2.76 3.59
CA LEU B 2284 -59.52 -3.23 2.25
C LEU B 2284 -60.99 -3.04 1.89
N TYR B 2285 -61.89 -3.06 2.88
CA TYR B 2285 -63.28 -2.73 2.63
C TYR B 2285 -63.49 -1.25 2.36
N ASN B 2286 -63.16 -0.39 3.35
CA ASN B 2286 -63.63 0.98 3.31
C ASN B 2286 -62.58 1.98 3.75
N GLY B 2287 -61.32 1.58 3.87
CA GLY B 2287 -60.24 2.52 4.09
C GLY B 2287 -59.98 3.35 2.85
N THR B 2288 -60.38 4.63 2.88
CA THR B 2288 -60.42 5.46 1.68
C THR B 2288 -59.05 6.08 1.41
N ALA B 2289 -58.08 5.21 1.13
CA ALA B 2289 -56.72 5.62 0.82
C ALA B 2289 -56.05 4.49 0.04
N ASP B 2290 -54.77 4.68 -0.27
CA ASP B 2290 -54.02 3.72 -1.07
C ASP B 2290 -53.41 2.66 -0.15
N ILE B 2291 -52.92 1.59 -0.75
CA ILE B 2291 -52.29 0.51 0.00
C ILE B 2291 -51.17 -0.09 -0.84
N THR B 2292 -50.02 -0.30 -0.21
CA THR B 2292 -48.86 -0.85 -0.90
C THR B 2292 -48.73 -2.34 -0.65
N LEU B 2293 -48.23 -3.04 -1.67
CA LEU B 2293 -47.77 -4.42 -1.55
C LEU B 2293 -46.30 -4.44 -1.95
N ARG B 2294 -45.45 -4.95 -1.06
CA ARG B 2294 -44.05 -5.20 -1.36
C ARG B 2294 -43.87 -6.66 -1.77
N PHE B 2295 -43.54 -6.88 -3.03
CA PHE B 2295 -42.91 -8.14 -3.45
C PHE B 2295 -41.42 -8.02 -3.19
N THR B 2296 -40.88 -8.95 -2.39
CA THR B 2296 -39.47 -8.90 -1.99
C THR B 2296 -38.83 -10.23 -2.34
N TRP B 2297 -38.14 -10.26 -3.49
CA TRP B 2297 -37.17 -11.29 -3.79
C TRP B 2297 -35.88 -11.03 -3.02
N ASN B 2298 -35.11 -12.11 -2.82
CA ASN B 2298 -33.86 -12.03 -2.08
C ASN B 2298 -33.08 -13.31 -2.33
N PHE B 2299 -31.75 -13.17 -2.40
CA PHE B 2299 -30.88 -14.31 -2.56
C PHE B 2299 -29.71 -14.19 -1.60
N GLN B 2300 -29.09 -15.34 -1.35
CA GLN B 2300 -27.82 -15.39 -0.62
C GLN B 2300 -26.92 -16.44 -1.25
N ARG B 2301 -25.72 -16.01 -1.61
CA ARG B 2301 -24.71 -16.88 -2.20
C ARG B 2301 -23.95 -17.60 -1.10
N ASP B 2302 -22.84 -18.21 -1.45
CA ASP B 2302 -21.91 -18.75 -0.47
C ASP B 2302 -20.80 -17.74 -0.21
N LEU B 2303 -19.95 -18.05 0.77
CA LEU B 2303 -18.97 -17.09 1.26
C LEU B 2303 -17.53 -17.48 1.01
N ALA B 2304 -17.20 -18.77 1.05
CA ALA B 2304 -15.84 -19.19 0.71
C ALA B 2304 -15.54 -19.03 -0.78
N LYS B 2305 -16.56 -18.85 -1.61
CA LYS B 2305 -16.35 -18.43 -2.99
C LYS B 2305 -15.85 -17.00 -3.09
N GLY B 2306 -15.89 -16.24 -2.00
CA GLY B 2306 -15.63 -14.82 -2.03
C GLY B 2306 -16.92 -14.01 -1.98
N GLY B 2307 -16.79 -12.73 -2.26
CA GLY B 2307 -17.93 -11.84 -2.19
C GLY B 2307 -18.12 -11.21 -0.83
N THR B 2308 -18.03 -9.89 -0.76
CA THR B 2308 -18.05 -9.18 0.52
C THR B 2308 -19.44 -8.70 0.90
N VAL B 2309 -20.47 -9.16 0.20
CA VAL B 2309 -21.85 -8.99 0.62
C VAL B 2309 -22.59 -10.29 0.33
N GLU B 2310 -23.57 -10.60 1.17
CA GLU B 2310 -24.10 -11.95 1.18
C GLU B 2310 -25.62 -12.00 1.00
N TYR B 2311 -26.35 -11.10 1.62
CA TYR B 2311 -27.82 -11.11 1.59
C TYR B 2311 -28.29 -10.03 0.61
N THR B 2312 -28.29 -10.38 -0.67
CA THR B 2312 -28.66 -9.43 -1.72
C THR B 2312 -30.16 -9.48 -1.95
N ASN B 2313 -30.75 -8.33 -2.24
CA ASN B 2313 -32.19 -8.25 -2.41
C ASN B 2313 -32.55 -6.92 -3.05
N GLU B 2314 -33.86 -6.71 -3.23
CA GLU B 2314 -34.50 -5.42 -3.46
C GLU B 2314 -36.00 -5.63 -3.40
N LYS B 2315 -36.71 -4.61 -2.94
CA LYS B 2315 -38.17 -4.68 -2.89
C LYS B 2315 -38.76 -4.31 -4.26
N HIS B 2316 -40.09 -4.38 -4.33
CA HIS B 2316 -40.83 -3.89 -5.48
C HIS B 2316 -42.24 -3.56 -5.02
N THR B 2317 -42.74 -2.39 -5.39
CA THR B 2317 -43.98 -1.86 -4.85
C THR B 2317 -45.10 -1.95 -5.89
N LEU B 2318 -46.28 -2.34 -5.43
CA LEU B 2318 -47.51 -2.17 -6.19
C LEU B 2318 -48.52 -1.40 -5.34
N GLU B 2319 -49.27 -0.52 -5.99
CA GLU B 2319 -50.20 0.38 -5.30
C GLU B 2319 -51.63 0.02 -5.67
N LEU B 2320 -52.49 -0.08 -4.66
CA LEU B 2320 -53.90 -0.39 -4.85
C LEU B 2320 -54.74 0.76 -4.31
N ALA B 2321 -55.76 1.13 -5.08
CA ALA B 2321 -56.56 2.31 -4.78
C ALA B 2321 -57.51 2.04 -3.63
N PRO B 2322 -58.14 3.08 -3.08
CA PRO B 2322 -59.28 2.88 -2.19
C PRO B 2322 -60.47 2.28 -2.89
N ASN B 2323 -60.83 1.04 -2.52
CA ASN B 2323 -61.97 0.32 -3.08
C ASN B 2323 -61.85 0.19 -4.59
N SER B 2324 -60.79 -0.49 -5.02
CA SER B 2324 -60.55 -0.78 -6.42
C SER B 2324 -61.00 -2.21 -6.73
N THR B 2325 -60.70 -2.68 -7.94
CA THR B 2325 -61.15 -4.01 -8.34
C THR B 2325 -60.36 -5.09 -7.62
N ALA B 2326 -59.03 -4.98 -7.63
CA ALA B 2326 -58.21 -5.89 -6.83
C ALA B 2326 -58.48 -5.73 -5.34
N ARG B 2327 -58.79 -4.51 -4.89
CA ARG B 2327 -59.24 -4.33 -3.51
C ARG B 2327 -60.52 -5.11 -3.24
N ARG B 2328 -61.42 -5.18 -4.21
CA ARG B 2328 -62.65 -5.96 -4.02
C ARG B 2328 -62.36 -7.46 -4.06
N GLN B 2329 -61.38 -7.88 -4.86
CA GLN B 2329 -60.97 -9.28 -4.85
C GLN B 2329 -60.35 -9.67 -3.52
N LEU B 2330 -59.53 -8.78 -2.94
CA LEU B 2330 -59.02 -9.00 -1.59
C LEU B 2330 -60.12 -8.99 -0.55
N ALA B 2331 -61.14 -8.15 -0.73
CA ALA B 2331 -62.26 -8.12 0.22
C ALA B 2331 -63.05 -9.42 0.17
N GLN B 2332 -63.24 -9.98 -1.04
CA GLN B 2332 -63.89 -11.27 -1.15
C GLN B 2332 -63.00 -12.39 -0.63
N LEU B 2333 -61.69 -12.23 -0.75
CA LEU B 2333 -60.76 -13.18 -0.15
C LEU B 2333 -60.83 -13.11 1.37
N LEU B 2334 -60.75 -11.91 1.93
CA LEU B 2334 -60.71 -11.73 3.38
C LEU B 2334 -62.06 -11.88 4.05
N GLU B 2335 -63.11 -12.22 3.30
CA GLU B 2335 -64.42 -12.49 3.90
C GLU B 2335 -64.47 -13.86 4.56
N GLY B 2336 -63.54 -14.74 4.24
CA GLY B 2336 -63.50 -16.06 4.84
C GLY B 2336 -64.26 -17.10 4.05
N ARG B 2337 -64.15 -17.04 2.72
CA ARG B 2337 -64.91 -17.92 1.83
C ARG B 2337 -63.94 -18.56 0.84
N PRO B 2338 -64.03 -19.86 0.62
CA PRO B 2338 -63.05 -20.56 -0.24
C PRO B 2338 -63.51 -20.64 -1.70
N ASP B 2339 -63.73 -19.49 -2.31
CA ASP B 2339 -64.10 -19.45 -3.72
C ASP B 2339 -63.27 -18.47 -4.54
N GLN B 2340 -62.92 -17.32 -3.98
CA GLN B 2340 -62.58 -16.17 -4.80
C GLN B 2340 -61.09 -16.20 -5.16
N SER B 2341 -60.60 -15.11 -5.73
CA SER B 2341 -59.22 -15.02 -6.21
C SER B 2341 -58.82 -13.56 -6.24
N VAL B 2342 -57.71 -13.26 -6.92
CA VAL B 2342 -57.17 -11.91 -6.99
C VAL B 2342 -56.70 -11.64 -8.42
N VAL B 2343 -56.57 -10.36 -8.73
CA VAL B 2343 -55.91 -9.90 -9.95
C VAL B 2343 -54.74 -9.02 -9.58
N ILE B 2344 -53.61 -9.22 -10.26
CA ILE B 2344 -52.38 -8.48 -10.00
C ILE B 2344 -52.00 -7.74 -11.28
N PRO B 2345 -51.96 -6.41 -11.28
CA PRO B 2345 -51.50 -5.69 -12.46
C PRO B 2345 -49.99 -5.77 -12.65
N HIS B 2346 -49.49 -6.99 -12.86
CA HIS B 2346 -48.14 -7.23 -13.38
C HIS B 2346 -47.07 -6.66 -12.43
N LEU B 2347 -47.05 -7.21 -11.22
CA LEU B 2347 -46.02 -6.88 -10.24
C LEU B 2347 -44.80 -7.79 -10.34
N PHE B 2348 -44.99 -9.06 -10.67
CA PHE B 2348 -43.96 -10.07 -10.40
C PHE B 2348 -43.08 -10.24 -11.62
N PRO B 2349 -41.81 -9.86 -11.57
CA PRO B 2349 -40.90 -10.13 -12.68
C PRO B 2349 -40.46 -11.59 -12.70
N LYS B 2350 -39.80 -11.95 -13.80
CA LYS B 2350 -39.43 -13.34 -14.06
C LYS B 2350 -37.93 -13.54 -14.25
N TYR B 2351 -37.18 -12.50 -14.57
CA TYR B 2351 -35.74 -12.59 -14.82
C TYR B 2351 -35.06 -11.47 -14.06
N ILE B 2352 -34.29 -11.82 -13.03
CA ILE B 2352 -33.73 -10.86 -12.09
C ILE B 2352 -32.21 -11.03 -12.05
N ARG B 2353 -31.50 -9.94 -12.35
CA ARG B 2353 -30.05 -9.92 -12.19
C ARG B 2353 -29.72 -9.82 -10.71
N ALA B 2354 -29.10 -10.86 -10.16
CA ALA B 2354 -28.56 -10.84 -8.81
C ALA B 2354 -27.07 -10.51 -8.92
N PRO B 2355 -26.65 -9.29 -8.63
CA PRO B 2355 -25.28 -8.89 -9.00
C PRO B 2355 -24.23 -9.47 -8.07
N ASN B 2356 -22.97 -9.05 -8.29
CA ASN B 2356 -21.93 -9.21 -7.30
C ASN B 2356 -21.82 -7.99 -6.39
N GLY B 2357 -22.93 -7.30 -6.15
CA GLY B 2357 -22.96 -6.11 -5.35
C GLY B 2357 -24.01 -6.21 -4.27
N PRO B 2358 -24.38 -5.06 -3.69
CA PRO B 2358 -25.31 -5.07 -2.56
C PRO B 2358 -26.79 -4.96 -2.91
N GLU B 2359 -27.13 -4.84 -4.20
CA GLU B 2359 -28.51 -4.57 -4.58
C GLU B 2359 -28.84 -5.38 -5.84
N ALA B 2360 -29.76 -6.33 -5.71
CA ALA B 2360 -30.24 -7.08 -6.86
C ALA B 2360 -31.22 -6.23 -7.65
N ASN B 2361 -31.24 -6.41 -8.96
CA ASN B 2361 -32.12 -5.63 -9.80
C ASN B 2361 -32.74 -6.50 -10.88
N PRO B 2362 -33.98 -6.19 -11.29
CA PRO B 2362 -34.59 -6.93 -12.38
C PRO B 2362 -33.95 -6.58 -13.70
N VAL B 2363 -33.84 -7.56 -14.59
CA VAL B 2363 -33.21 -7.33 -15.88
C VAL B 2363 -34.08 -6.37 -16.69
N LYS B 2364 -33.42 -5.37 -17.29
CA LYS B 2364 -34.10 -4.38 -18.11
C LYS B 2364 -33.94 -4.62 -19.60
N GLN B 2365 -33.43 -5.79 -19.99
CA GLN B 2365 -33.17 -6.09 -21.39
C GLN B 2365 -34.04 -7.21 -21.91
N LEU B 2366 -34.02 -8.37 -21.25
CA LEU B 2366 -34.99 -9.42 -21.58
C LEU B 2366 -36.40 -8.98 -21.21
N GLN B 2367 -36.53 -8.14 -20.18
CA GLN B 2367 -37.81 -7.54 -19.80
C GLN B 2367 -37.69 -6.04 -19.97
N PRO B 2368 -38.13 -5.48 -21.10
CA PRO B 2368 -37.83 -4.09 -21.42
C PRO B 2368 -38.88 -3.06 -21.01
N ASP B 2369 -39.94 -3.46 -20.28
CA ASP B 2369 -41.10 -2.60 -20.14
C ASP B 2369 -41.27 -2.01 -18.75
N GLU B 2370 -40.59 -2.54 -17.75
CA GLU B 2370 -40.36 -1.90 -16.46
C GLU B 2370 -41.65 -1.73 -15.65
N GLU B 2371 -42.80 -2.03 -16.25
CA GLU B 2371 -44.00 -2.32 -15.48
C GLU B 2371 -44.84 -3.46 -16.03
N GLU B 2372 -44.67 -3.85 -17.29
CA GLU B 2372 -45.55 -4.80 -17.95
C GLU B 2372 -44.87 -6.09 -18.35
N ASP B 2373 -43.59 -6.03 -18.76
CA ASP B 2373 -42.81 -7.24 -18.95
C ASP B 2373 -42.80 -8.11 -17.71
N TYR B 2374 -42.83 -7.50 -16.52
CA TYR B 2374 -42.95 -8.27 -15.30
C TYR B 2374 -44.35 -8.89 -15.21
N LEU B 2375 -44.40 -10.19 -14.94
CA LEU B 2375 -45.62 -10.94 -15.14
C LEU B 2375 -46.62 -10.67 -14.00
N GLY B 2376 -47.74 -11.38 -14.03
CA GLY B 2376 -48.81 -11.18 -13.08
C GLY B 2376 -48.92 -12.35 -12.12
N VAL B 2377 -49.43 -12.06 -10.92
CA VAL B 2377 -49.59 -13.06 -9.88
C VAL B 2377 -51.07 -13.20 -9.55
N ARG B 2378 -51.39 -14.25 -8.80
CA ARG B 2378 -52.70 -14.40 -8.17
C ARG B 2378 -52.54 -15.24 -6.90
N ILE B 2379 -53.50 -15.09 -6.00
CA ILE B 2379 -53.42 -15.72 -4.68
C ILE B 2379 -54.74 -16.42 -4.39
N GLN B 2380 -54.64 -17.42 -3.52
CA GLN B 2380 -55.78 -18.19 -3.04
C GLN B 2380 -55.69 -18.28 -1.52
N LEU B 2381 -56.76 -17.92 -0.82
CA LEU B 2381 -56.80 -18.04 0.62
C LEU B 2381 -57.65 -19.26 0.96
N ARG B 2382 -57.04 -20.22 1.65
CA ARG B 2382 -57.70 -21.47 2.01
C ARG B 2382 -57.90 -21.56 3.51
N ARG B 2383 -59.15 -21.79 3.90
CA ARG B 2383 -59.55 -21.94 5.29
C ARG B 2383 -59.94 -23.39 5.58
N GLU B 2384 -59.32 -23.97 6.61
CA GLU B 2384 -59.53 -25.35 7.00
C GLU B 2384 -60.18 -25.34 8.38
N GLN B 2385 -61.41 -25.84 8.46
CA GLN B 2385 -62.17 -25.78 9.70
C GLN B 2385 -61.56 -26.69 10.76
N VAL B 2386 -61.36 -26.15 11.96
CA VAL B 2386 -60.78 -26.91 13.07
C VAL B 2386 -61.83 -27.15 14.14
N GLY B 2396 -62.50 -12.95 14.21
CA GLY B 2396 -63.68 -13.76 13.93
C GLY B 2396 -63.66 -15.12 14.60
N THR B 2397 -64.72 -15.43 15.34
CA THR B 2397 -64.78 -16.68 16.08
C THR B 2397 -64.80 -17.88 15.14
N LYS B 2398 -65.76 -17.90 14.21
CA LYS B 2398 -65.73 -18.91 13.15
C LYS B 2398 -64.48 -18.76 12.30
N ALA B 2399 -64.04 -17.52 12.05
CA ALA B 2399 -62.80 -17.28 11.33
C ALA B 2399 -61.57 -17.68 12.14
N SER B 2400 -61.71 -17.88 13.45
CA SER B 2400 -60.65 -18.50 14.23
C SER B 2400 -60.74 -20.02 14.26
N ASP B 2401 -61.95 -20.58 14.20
CA ASP B 2401 -62.09 -22.02 14.08
C ASP B 2401 -61.61 -22.51 12.73
N PHE B 2402 -61.85 -21.73 11.68
CA PHE B 2402 -61.14 -21.90 10.42
C PHE B 2402 -59.71 -21.38 10.55
N LEU B 2403 -58.76 -22.11 9.96
CA LEU B 2403 -57.35 -21.74 9.98
C LEU B 2403 -56.88 -21.67 8.54
N GLU B 2404 -56.29 -20.55 8.16
CA GLU B 2404 -56.15 -20.19 6.76
C GLU B 2404 -54.70 -19.98 6.38
N TRP B 2405 -54.43 -20.15 5.09
CA TRP B 2405 -53.13 -19.80 4.52
C TRP B 2405 -53.33 -19.36 3.08
N TRP B 2406 -52.22 -19.19 2.37
CA TRP B 2406 -52.23 -18.66 1.02
C TRP B 2406 -51.46 -19.55 0.05
N VAL B 2407 -51.95 -19.60 -1.18
CA VAL B 2407 -51.35 -20.35 -2.27
C VAL B 2407 -51.13 -19.39 -3.42
N ILE B 2408 -49.91 -19.36 -3.94
CA ILE B 2408 -49.53 -18.42 -5.00
C ILE B 2408 -49.63 -19.10 -6.36
N GLU B 2409 -49.84 -18.28 -7.39
CA GLU B 2409 -49.94 -18.75 -8.77
C GLU B 2409 -49.76 -17.54 -9.67
N LEU B 2410 -49.83 -17.77 -10.98
CA LEU B 2410 -49.74 -16.66 -11.91
C LEU B 2410 -51.12 -16.04 -12.14
N GLN B 2411 -51.12 -14.82 -12.67
CA GLN B 2411 -52.35 -14.20 -13.16
C GLN B 2411 -53.09 -15.12 -14.12
N ASP B 2412 -52.35 -15.84 -14.98
CA ASP B 2412 -52.92 -16.87 -15.85
C ASP B 2412 -51.97 -18.06 -15.78
N CYS B 2413 -52.23 -18.96 -14.84
CA CYS B 2413 -51.31 -20.05 -14.57
C CYS B 2413 -51.47 -21.17 -15.60
N LYS B 2414 -50.34 -21.77 -15.97
CA LYS B 2414 -50.31 -22.94 -16.84
C LYS B 2414 -49.95 -24.19 -16.08
N ALA B 2415 -48.80 -24.19 -15.41
CA ALA B 2415 -48.44 -25.23 -14.46
C ALA B 2415 -47.80 -24.67 -13.19
N ASP B 2416 -47.61 -23.36 -13.09
CA ASP B 2416 -47.00 -22.73 -11.92
C ASP B 2416 -47.96 -22.63 -10.74
N CYS B 2417 -49.22 -23.04 -10.90
CA CYS B 2417 -50.09 -23.25 -9.75
C CYS B 2417 -49.66 -24.44 -8.91
N ASN B 2418 -48.82 -25.33 -9.44
CA ASN B 2418 -48.14 -26.32 -8.61
C ASN B 2418 -46.76 -25.87 -8.19
N LEU B 2419 -45.98 -25.30 -9.12
CA LEU B 2419 -44.56 -25.00 -8.90
C LEU B 2419 -44.26 -23.70 -9.64
N LEU B 2420 -44.33 -22.58 -8.94
CA LEU B 2420 -44.05 -21.30 -9.57
C LEU B 2420 -42.57 -21.20 -9.93
N PRO B 2421 -42.24 -20.64 -11.10
CA PRO B 2421 -40.83 -20.44 -11.44
C PRO B 2421 -40.33 -19.04 -11.14
N MET B 2422 -39.03 -18.88 -11.09
CA MET B 2422 -38.38 -17.56 -11.18
C MET B 2422 -36.97 -17.79 -11.68
N VAL B 2423 -36.46 -16.83 -12.46
CA VAL B 2423 -35.18 -16.97 -13.12
C VAL B 2423 -34.27 -15.84 -12.69
N ILE B 2424 -33.03 -16.16 -12.35
CA ILE B 2424 -32.06 -15.18 -11.89
C ILE B 2424 -30.75 -15.40 -12.64
N PHE B 2425 -30.01 -14.32 -12.85
CA PHE B 2425 -28.71 -14.37 -13.50
C PHE B 2425 -27.72 -13.59 -12.66
N SER B 2426 -26.52 -14.14 -12.48
CA SER B 2426 -25.54 -13.49 -11.61
C SER B 2426 -24.22 -13.26 -12.32
N ASP B 2427 -23.50 -12.26 -11.84
CA ASP B 2427 -22.18 -11.87 -12.34
C ASP B 2427 -21.11 -12.39 -11.39
N LYS B 2428 -20.11 -13.10 -11.95
CA LYS B 2428 -19.04 -13.68 -11.15
C LYS B 2428 -18.49 -12.65 -10.17
N VAL B 2429 -17.95 -13.16 -9.06
CA VAL B 2429 -17.43 -12.34 -7.97
C VAL B 2429 -15.91 -12.49 -7.92
N SER B 2430 -15.20 -11.37 -8.00
CA SER B 2430 -13.74 -11.41 -7.95
C SER B 2430 -13.34 -11.97 -6.57
N PRO B 2431 -12.39 -12.88 -6.49
CA PRO B 2431 -12.03 -13.47 -5.20
C PRO B 2431 -11.45 -12.45 -4.24
N PRO B 2432 -10.52 -11.58 -4.69
CA PRO B 2432 -9.98 -10.60 -3.74
C PRO B 2432 -10.21 -9.14 -4.08
N SER B 2433 -10.43 -8.82 -5.36
CA SER B 2433 -10.64 -7.43 -5.79
C SER B 2433 -9.50 -6.54 -5.28
N LEU B 2434 -8.28 -7.03 -5.43
CA LEU B 2434 -7.10 -6.33 -4.91
C LEU B 2434 -6.49 -5.31 -5.87
N GLY B 2435 -6.99 -5.22 -7.11
CA GLY B 2435 -6.47 -4.29 -8.12
C GLY B 2435 -5.86 -3.00 -7.60
N PHE B 2436 -6.58 -2.35 -6.68
CA PHE B 2436 -6.17 -1.19 -5.90
C PHE B 2436 -5.99 0.07 -6.74
N LEU B 2437 -6.28 0.03 -8.04
CA LEU B 2437 -6.15 1.24 -8.85
C LEU B 2437 -6.95 1.07 -10.14
N ALA B 2438 -7.24 2.20 -10.77
CA ALA B 2438 -7.94 2.20 -12.05
C ALA B 2438 -6.97 1.88 -13.18
N GLY B 2439 -7.54 1.60 -14.35
CA GLY B 2439 -6.71 1.27 -15.50
C GLY B 2439 -5.77 2.39 -15.90
N TYR B 2440 -6.25 3.63 -15.85
CA TYR B 2440 -5.45 4.80 -16.19
C TYR B 2440 -4.82 5.37 -14.92
N GLY B 2441 -3.50 5.49 -14.91
CA GLY B 2441 -2.78 6.01 -13.78
C GLY B 2441 -2.01 4.97 -12.96
N ILE B 2442 -1.68 3.82 -13.54
CA ILE B 2442 -0.78 2.87 -12.92
C ILE B 2442 0.52 2.70 -13.70
N VAL B 2443 0.46 2.78 -15.04
CA VAL B 2443 1.68 2.72 -15.85
C VAL B 2443 2.63 3.86 -15.48
N GLY B 2444 2.10 4.98 -14.99
CA GLY B 2444 2.96 6.04 -14.49
C GLY B 2444 3.95 5.56 -13.44
N LEU B 2445 3.50 4.68 -12.54
CA LEU B 2445 4.41 4.17 -11.51
C LEU B 2445 5.51 3.33 -12.14
N TYR B 2446 5.15 2.50 -13.11
CA TYR B 2446 6.16 1.66 -13.77
C TYR B 2446 7.16 2.50 -14.54
N VAL B 2447 6.71 3.56 -15.21
CA VAL B 2447 7.65 4.36 -15.99
C VAL B 2447 8.49 5.21 -15.06
N SER B 2448 7.97 5.56 -13.89
CA SER B 2448 8.81 6.24 -12.90
C SER B 2448 9.89 5.29 -12.39
N ILE B 2449 9.52 4.04 -12.10
CA ILE B 2449 10.50 3.08 -11.60
C ILE B 2449 11.58 2.81 -12.63
N VAL B 2450 11.20 2.62 -13.90
CA VAL B 2450 12.23 2.36 -14.91
C VAL B 2450 13.12 3.58 -15.07
N LEU B 2451 12.53 4.78 -15.06
CA LEU B 2451 13.35 5.97 -15.24
C LEU B 2451 14.35 6.14 -14.09
N VAL B 2452 13.90 5.96 -12.84
CA VAL B 2452 14.82 6.13 -11.71
C VAL B 2452 15.91 5.07 -11.74
N VAL B 2453 15.56 3.81 -12.02
CA VAL B 2453 16.61 2.80 -12.08
C VAL B 2453 17.59 3.12 -13.21
N GLY B 2454 17.07 3.58 -14.34
CA GLY B 2454 17.94 3.97 -15.44
C GLY B 2454 18.93 5.05 -15.07
N LYS B 2455 18.44 6.16 -14.53
CA LYS B 2455 19.35 7.22 -14.12
C LYS B 2455 20.10 6.89 -12.84
N PHE B 2456 19.88 5.70 -12.27
CA PHE B 2456 20.88 5.13 -11.38
C PHE B 2456 21.97 4.45 -12.18
N VAL B 2457 21.59 3.58 -13.11
CA VAL B 2457 22.57 2.71 -13.77
C VAL B 2457 23.35 3.47 -14.83
N ARG B 2458 22.88 4.64 -15.24
CA ARG B 2458 23.71 5.60 -15.97
C ARG B 2458 24.48 6.51 -15.02
N GLY B 2459 24.47 6.20 -13.72
CA GLY B 2459 25.25 6.96 -12.76
C GLY B 2459 26.74 6.71 -12.93
N PHE B 2460 27.11 5.45 -13.17
CA PHE B 2460 28.50 5.01 -13.22
C PHE B 2460 28.79 4.26 -14.50
N PHE B 2461 27.82 4.13 -15.39
CA PHE B 2461 28.05 3.54 -16.70
C PHE B 2461 28.11 4.57 -17.83
N SER B 2462 27.81 5.84 -17.56
CA SER B 2462 28.05 6.86 -18.57
C SER B 2462 28.53 8.15 -17.93
N GLU B 2463 29.40 8.03 -16.93
CA GLU B 2463 30.07 9.21 -16.41
C GLU B 2463 31.55 8.96 -16.08
N ILE B 2464 32.11 7.83 -16.47
CA ILE B 2464 33.51 7.55 -16.12
C ILE B 2464 34.36 8.18 -17.22
N SER B 2465 34.49 9.49 -17.13
CA SER B 2465 35.45 10.28 -17.89
C SER B 2465 36.27 11.20 -17.01
N HIS B 2466 35.64 11.84 -16.03
CA HIS B 2466 36.33 12.81 -15.19
C HIS B 2466 37.39 12.15 -14.31
N SER B 2467 37.07 10.96 -13.76
CA SER B 2467 37.99 10.26 -12.88
C SER B 2467 38.87 9.24 -13.59
N ILE B 2468 39.27 9.48 -14.84
CA ILE B 2468 40.20 8.56 -15.49
C ILE B 2468 41.58 8.66 -14.87
N MET B 2469 42.01 9.88 -14.55
CA MET B 2469 43.37 10.09 -14.05
C MET B 2469 43.62 9.29 -12.77
N PHE B 2470 42.73 9.42 -11.79
CA PHE B 2470 42.89 8.66 -10.55
C PHE B 2470 42.73 7.17 -10.80
N GLU B 2471 41.81 6.79 -11.68
CA GLU B 2471 41.51 5.38 -11.89
C GLU B 2471 42.71 4.61 -12.43
N GLU B 2472 43.46 5.19 -13.35
CA GLU B 2472 44.53 4.47 -14.02
C GLU B 2472 45.89 5.08 -13.71
N LEU B 2473 46.78 4.25 -13.14
CA LEU B 2473 48.17 4.59 -12.86
C LEU B 2473 49.00 3.39 -13.31
N PRO B 2474 50.01 3.58 -14.16
CA PRO B 2474 50.81 2.42 -14.60
C PRO B 2474 51.55 1.72 -13.47
N CYS B 2475 52.10 2.49 -12.54
CA CYS B 2475 52.85 1.95 -11.42
C CYS B 2475 52.58 2.82 -10.20
N VAL B 2476 52.23 2.20 -9.08
CA VAL B 2476 51.75 2.92 -7.91
C VAL B 2476 52.67 2.76 -6.71
N ASP B 2477 53.86 2.17 -6.90
CA ASP B 2477 54.63 1.71 -5.75
C ASP B 2477 55.11 2.86 -4.89
N ARG B 2478 55.45 4.00 -5.50
CA ARG B 2478 55.93 5.13 -4.72
C ARG B 2478 54.84 5.87 -3.99
N ILE B 2479 53.57 5.61 -4.30
CA ILE B 2479 52.48 6.08 -3.43
C ILE B 2479 52.18 5.05 -2.36
N LEU B 2480 52.23 3.75 -2.71
CA LEU B 2480 51.85 2.73 -1.74
C LEU B 2480 52.87 2.63 -0.63
N LYS B 2481 54.14 2.88 -0.93
CA LYS B 2481 55.15 2.95 0.12
C LYS B 2481 54.85 4.13 1.04
N LEU B 2482 54.47 5.27 0.46
CA LEU B 2482 54.14 6.42 1.28
C LEU B 2482 52.96 6.14 2.20
N CYS B 2483 51.98 5.38 1.71
CA CYS B 2483 50.82 5.09 2.53
C CYS B 2483 51.12 4.03 3.60
N GLN B 2484 52.00 3.06 3.28
CA GLN B 2484 52.41 2.12 4.31
C GLN B 2484 53.25 2.80 5.37
N ASP B 2485 54.00 3.84 4.99
CA ASP B 2485 54.73 4.60 6.01
C ASP B 2485 53.78 5.47 6.81
N ILE B 2486 52.71 5.94 6.19
CA ILE B 2486 51.72 6.71 6.95
C ILE B 2486 51.05 5.82 7.98
N PHE B 2487 50.79 4.56 7.63
CA PHE B 2487 50.26 3.63 8.62
C PHE B 2487 51.29 3.32 9.70
N LEU B 2488 52.56 3.26 9.32
CA LEU B 2488 53.59 2.89 10.29
C LEU B 2488 53.75 4.01 11.32
N VAL B 2489 53.96 5.24 10.85
CA VAL B 2489 54.10 6.35 11.78
C VAL B 2489 52.80 6.56 12.55
N ARG B 2490 51.65 6.29 11.92
CA ARG B 2490 50.38 6.27 12.64
C ARG B 2490 50.36 5.25 13.77
N GLU B 2491 51.19 4.22 13.68
CA GLU B 2491 51.24 3.23 14.75
C GLU B 2491 52.35 3.52 15.75
N THR B 2492 53.36 4.30 15.37
CA THR B 2492 54.46 4.64 16.27
C THR B 2492 54.20 5.90 17.09
N ARG B 2493 53.16 6.66 16.75
CA ARG B 2493 52.71 7.89 17.46
C ARG B 2493 53.58 9.12 17.21
N GLU B 2494 54.52 9.09 16.26
CA GLU B 2494 55.28 10.29 15.89
C GLU B 2494 54.41 11.16 14.99
N LEU B 2495 53.47 11.86 15.63
CA LEU B 2495 52.36 12.50 14.93
C LEU B 2495 52.80 13.47 13.83
N GLU B 2496 53.88 14.24 14.05
CA GLU B 2496 54.20 15.25 13.05
C GLU B 2496 54.66 14.66 11.72
N LEU B 2497 55.06 13.39 11.70
CA LEU B 2497 55.36 12.81 10.41
C LEU B 2497 54.14 12.12 9.84
N GLU B 2498 53.12 11.93 10.67
CA GLU B 2498 51.81 11.58 10.16
C GLU B 2498 51.24 12.75 9.38
N GLU B 2499 51.18 13.93 10.00
CA GLU B 2499 50.58 15.02 9.26
C GLU B 2499 51.52 15.68 8.25
N GLU B 2500 52.79 15.26 8.15
CA GLU B 2500 53.53 15.79 7.02
C GLU B 2500 53.69 14.76 5.92
N LEU B 2501 53.32 13.52 6.17
CA LEU B 2501 53.16 12.61 5.06
C LEU B 2501 51.77 12.73 4.50
N TYR B 2502 50.79 13.04 5.36
CA TYR B 2502 49.49 13.44 4.86
C TYR B 2502 49.59 14.74 4.05
N ALA B 2503 50.49 15.64 4.45
CA ALA B 2503 50.70 16.84 3.64
C ALA B 2503 51.27 16.48 2.28
N LYS B 2504 52.25 15.56 2.23
CA LYS B 2504 52.81 15.19 0.94
C LYS B 2504 51.78 14.46 0.09
N LEU B 2505 50.89 13.68 0.71
CA LEU B 2505 49.88 12.96 -0.06
C LEU B 2505 48.86 13.92 -0.66
N ILE B 2506 48.36 14.86 0.15
CA ILE B 2506 47.39 15.83 -0.36
C ILE B 2506 48.01 16.65 -1.49
N PHE B 2507 49.26 17.08 -1.34
CA PHE B 2507 49.86 17.84 -2.42
C PHE B 2507 50.03 16.98 -3.67
N LEU B 2508 50.41 15.71 -3.51
CA LEU B 2508 50.60 14.86 -4.67
C LEU B 2508 49.30 14.70 -5.45
N TYR B 2509 48.21 14.40 -4.74
CA TYR B 2509 46.93 14.23 -5.43
C TYR B 2509 46.42 15.53 -6.03
N ARG B 2510 46.60 16.65 -5.32
CA ARG B 2510 46.06 17.91 -5.81
C ARG B 2510 46.62 18.28 -7.17
N SER B 2511 47.91 18.06 -7.39
CA SER B 2511 48.50 18.43 -8.67
C SER B 2511 48.60 17.21 -9.57
N PRO B 2512 47.83 17.14 -10.66
CA PRO B 2512 47.92 15.99 -11.56
C PRO B 2512 49.27 15.86 -12.23
N GLU B 2513 49.89 16.98 -12.58
CA GLU B 2513 51.16 16.94 -13.31
C GLU B 2513 52.22 16.20 -12.50
N THR B 2514 52.29 16.44 -11.20
CA THR B 2514 53.31 15.76 -10.42
C THR B 2514 52.99 14.29 -10.17
N MET B 2515 51.83 13.80 -10.61
CA MET B 2515 51.60 12.36 -10.61
C MET B 2515 52.33 11.65 -11.75
N ILE B 2516 52.46 12.30 -12.90
CA ILE B 2516 53.15 11.65 -14.01
C ILE B 2516 54.65 11.70 -13.79
N LYS B 2517 55.16 12.71 -13.09
CA LYS B 2517 56.56 12.76 -12.71
C LYS B 2517 56.90 11.79 -11.58
N TRP B 2518 55.90 11.06 -11.07
CA TRP B 2518 56.07 10.28 -9.85
C TRP B 2518 55.50 8.86 -9.96
N THR B 2519 54.79 8.52 -11.02
CA THR B 2519 54.19 7.19 -11.15
C THR B 2519 54.68 6.49 -12.40
N ARG B 2520 55.97 6.60 -12.71
CA ARG B 2520 56.56 5.83 -13.79
C ARG B 2520 56.92 4.44 -13.27
N GLU B 2521 57.57 3.63 -14.09
CA GLU B 2521 58.19 2.40 -13.62
C GLU B 2521 59.69 2.49 -13.82
N ARG B 2522 60.40 1.48 -13.30
CA ARG B 2522 61.84 1.38 -13.42
C ARG B 2522 62.22 0.16 -14.26
N GLU B 2523 63.51 -0.01 -14.48
CA GLU B 2523 64.00 -1.04 -15.38
C GLU B 2523 65.17 -1.79 -14.76
N GLU C 576 -43.77 54.76 -66.72
CA GLU C 576 -43.96 54.35 -65.34
C GLU C 576 -43.41 52.95 -65.10
N LEU C 577 -43.63 52.43 -63.89
CA LEU C 577 -43.16 51.11 -63.51
C LEU C 577 -44.29 50.15 -63.20
N VAL C 578 -45.20 50.53 -62.30
CA VAL C 578 -46.20 49.59 -61.80
C VAL C 578 -47.35 49.44 -62.78
N THR C 579 -47.67 50.49 -63.53
CA THR C 579 -48.86 50.46 -64.38
C THR C 579 -48.76 49.38 -65.46
N GLY C 580 -47.54 49.08 -65.94
CA GLY C 580 -47.40 48.01 -66.90
C GLY C 580 -47.61 46.63 -66.30
N ILE C 581 -47.10 46.44 -65.08
CA ILE C 581 -47.26 45.14 -64.42
C ILE C 581 -48.71 44.93 -64.00
N TYR C 582 -49.44 46.00 -63.72
CA TYR C 582 -50.85 45.87 -63.40
C TYR C 582 -51.73 45.87 -64.64
N VAL C 583 -51.22 46.29 -65.79
CA VAL C 583 -51.99 46.28 -67.03
C VAL C 583 -51.73 45.07 -67.89
N LYS C 584 -50.70 44.27 -67.59
CA LYS C 584 -50.43 43.12 -68.43
C LYS C 584 -50.93 41.81 -67.85
N TYR C 585 -50.83 41.62 -66.54
CA TYR C 585 -51.25 40.36 -65.91
C TYR C 585 -52.71 40.42 -65.45
N TRP C 586 -53.61 40.84 -66.34
CA TRP C 586 -54.98 41.11 -65.93
C TRP C 586 -55.96 39.99 -66.29
N ILE C 587 -56.02 39.60 -67.56
CA ILE C 587 -57.16 38.82 -68.03
C ILE C 587 -57.05 37.36 -67.59
N TYR C 588 -55.85 36.78 -67.67
CA TYR C 588 -55.71 35.37 -67.35
C TYR C 588 -55.86 35.12 -65.84
N VAL C 589 -55.28 36.00 -65.02
CA VAL C 589 -55.39 35.81 -63.58
C VAL C 589 -56.80 36.12 -63.11
N CYS C 590 -57.48 37.07 -63.75
CA CYS C 590 -58.84 37.37 -63.36
C CYS C 590 -59.79 36.24 -63.75
N ALA C 591 -59.59 35.67 -64.94
CA ALA C 591 -60.42 34.54 -65.35
C ALA C 591 -60.14 33.30 -64.49
N GLY C 592 -58.88 33.11 -64.08
CA GLY C 592 -58.56 31.99 -63.21
C GLY C 592 -59.13 32.16 -61.81
N MET C 593 -59.09 33.38 -61.27
CA MET C 593 -59.71 33.62 -59.98
C MET C 593 -61.22 33.47 -60.05
N PHE C 594 -61.84 33.97 -61.11
CA PHE C 594 -63.30 33.92 -61.21
C PHE C 594 -63.82 32.53 -61.56
N ILE C 595 -63.00 31.69 -62.17
CA ILE C 595 -63.47 30.36 -62.57
C ILE C 595 -63.25 29.32 -61.48
N VAL C 596 -62.19 29.47 -60.67
CA VAL C 596 -61.94 28.54 -59.57
C VAL C 596 -62.58 28.98 -58.27
N VAL C 597 -63.34 30.08 -58.26
CA VAL C 597 -63.96 30.55 -57.04
C VAL C 597 -65.38 30.01 -56.95
N SER C 598 -65.70 29.04 -57.78
CA SER C 598 -67.01 28.40 -57.72
C SER C 598 -67.03 27.33 -56.65
N PHE C 599 -68.23 26.86 -56.33
CA PHE C 599 -68.43 25.69 -55.47
C PHE C 599 -67.92 25.96 -54.05
N ALA C 600 -68.10 27.18 -53.57
CA ALA C 600 -67.86 27.49 -52.17
C ALA C 600 -69.17 27.41 -51.39
N GLY C 601 -69.73 26.20 -51.38
CA GLY C 601 -71.06 25.99 -50.86
C GLY C 601 -71.43 24.52 -50.96
N ARG C 602 -72.68 24.23 -50.60
CA ARG C 602 -73.16 22.85 -50.59
C ARG C 602 -73.51 22.43 -52.01
N LEU C 603 -74.19 21.31 -52.15
CA LEU C 603 -74.53 20.76 -53.46
C LEU C 603 -75.58 21.64 -54.12
N VAL C 604 -75.15 22.55 -54.98
CA VAL C 604 -76.04 23.49 -55.65
C VAL C 604 -75.54 23.71 -57.07
N VAL C 605 -76.44 23.54 -58.05
CA VAL C 605 -76.11 23.77 -59.45
C VAL C 605 -76.13 25.23 -59.84
N TYR C 606 -76.48 26.13 -58.90
CA TYR C 606 -76.70 27.52 -59.26
C TYR C 606 -75.40 28.23 -59.59
N LYS C 607 -74.37 28.04 -58.76
CA LYS C 607 -73.17 28.86 -58.83
C LYS C 607 -72.00 28.17 -59.49
N ILE C 608 -72.06 26.86 -59.70
CA ILE C 608 -70.93 26.13 -60.24
C ILE C 608 -71.01 26.04 -61.77
N VAL C 609 -72.22 25.93 -62.30
CA VAL C 609 -72.39 25.78 -63.74
C VAL C 609 -72.01 27.05 -64.48
N TYR C 610 -72.08 28.21 -63.82
CA TYR C 610 -71.60 29.44 -64.44
C TYR C 610 -70.11 29.36 -64.73
N MET C 611 -69.31 28.98 -63.73
CA MET C 611 -67.87 28.86 -63.95
C MET C 611 -67.54 27.68 -64.86
N PHE C 612 -68.34 26.63 -64.85
CA PHE C 612 -68.11 25.51 -65.75
C PHE C 612 -68.32 25.94 -67.21
N LEU C 613 -69.43 26.64 -67.47
CA LEU C 613 -69.67 27.15 -68.82
C LEU C 613 -68.64 28.21 -69.21
N PHE C 614 -68.11 28.95 -68.24
CA PHE C 614 -67.08 29.93 -68.54
C PHE C 614 -65.78 29.26 -68.97
N LEU C 615 -65.38 28.20 -68.25
CA LEU C 615 -64.18 27.46 -68.65
C LEU C 615 -64.38 26.76 -69.98
N LEU C 616 -65.60 26.26 -70.24
CA LEU C 616 -65.87 25.62 -71.52
C LEU C 616 -65.84 26.64 -72.66
N CYS C 617 -66.35 27.85 -72.41
CA CYS C 617 -66.30 28.90 -73.43
C CYS C 617 -64.87 29.35 -73.69
N LEU C 618 -64.03 29.42 -72.65
CA LEU C 618 -62.63 29.75 -72.87
C LEU C 618 -61.91 28.66 -73.65
N THR C 619 -62.26 27.40 -73.40
CA THR C 619 -61.66 26.30 -74.15
C THR C 619 -62.09 26.33 -75.61
N LEU C 620 -63.38 26.60 -75.86
CA LEU C 620 -63.84 26.67 -77.24
C LEU C 620 -63.26 27.90 -77.96
N PHE C 621 -63.03 28.99 -77.23
CA PHE C 621 -62.41 30.16 -77.84
C PHE C 621 -60.97 29.88 -78.21
N GLN C 622 -60.25 29.15 -77.35
CA GLN C 622 -58.86 28.82 -77.65
C GLN C 622 -58.77 27.82 -78.80
N VAL C 623 -59.65 26.82 -78.82
CA VAL C 623 -59.55 25.76 -79.81
C VAL C 623 -60.21 26.12 -81.15
N TYR C 624 -61.06 27.13 -81.18
CA TYR C 624 -61.65 27.56 -82.45
C TYR C 624 -60.72 28.43 -83.29
N TYR C 625 -59.65 28.96 -82.72
CA TYR C 625 -58.51 29.54 -83.43
C TYR C 625 -58.87 30.80 -84.21
N THR C 626 -60.06 31.35 -84.02
CA THR C 626 -60.37 32.66 -84.59
C THR C 626 -61.05 33.57 -83.58
N LEU C 627 -61.74 32.99 -82.60
CA LEU C 627 -62.39 33.75 -81.54
C LEU C 627 -61.62 33.66 -80.22
N TRP C 628 -60.29 33.60 -80.28
CA TRP C 628 -59.49 33.53 -79.06
C TRP C 628 -59.59 34.83 -78.26
N ARG C 629 -59.65 35.97 -78.93
CA ARG C 629 -59.90 37.24 -78.23
C ARG C 629 -60.84 38.16 -78.98
N LYS C 630 -61.70 37.63 -79.85
CA LYS C 630 -62.58 38.45 -80.68
C LYS C 630 -64.05 38.16 -80.39
N LEU C 631 -64.37 37.86 -79.14
CA LEU C 631 -65.75 37.74 -78.66
C LEU C 631 -65.91 38.50 -77.35
N LEU C 632 -65.39 39.74 -77.31
CA LEU C 632 -65.48 40.54 -76.10
C LEU C 632 -66.92 40.92 -75.75
N ARG C 633 -67.82 40.93 -76.74
CA ARG C 633 -69.25 41.04 -76.45
C ARG C 633 -69.72 39.88 -75.58
N VAL C 634 -69.31 38.66 -75.93
CA VAL C 634 -69.72 37.50 -75.15
C VAL C 634 -69.07 37.51 -73.79
N PHE C 635 -67.84 38.00 -73.68
CA PHE C 635 -67.17 38.07 -72.38
C PHE C 635 -67.86 39.07 -71.48
N TRP C 636 -68.17 40.26 -72.01
CA TRP C 636 -68.88 41.26 -71.21
C TRP C 636 -70.28 40.79 -70.84
N TRP C 637 -70.95 40.05 -71.73
CA TRP C 637 -72.28 39.56 -71.38
C TRP C 637 -72.22 38.44 -70.35
N LEU C 638 -71.14 37.64 -70.36
CA LEU C 638 -70.96 36.65 -69.32
C LEU C 638 -70.68 37.31 -67.97
N VAL C 639 -69.83 38.34 -67.97
CA VAL C 639 -69.61 39.12 -66.75
C VAL C 639 -70.92 39.72 -66.25
N VAL C 640 -71.76 40.19 -67.18
CA VAL C 640 -73.02 40.81 -66.79
C VAL C 640 -73.96 39.78 -66.17
N ALA C 641 -74.06 38.59 -66.78
CA ALA C 641 -74.89 37.53 -66.23
C ALA C 641 -74.37 37.09 -64.86
N TYR C 642 -73.04 37.03 -64.72
CA TYR C 642 -72.44 36.68 -63.43
C TYR C 642 -72.82 37.70 -62.36
N THR C 643 -72.70 38.98 -62.67
CA THR C 643 -73.05 40.01 -61.70
C THR C 643 -74.54 39.97 -61.39
N MET C 644 -75.37 39.68 -62.38
CA MET C 644 -76.81 39.61 -62.14
C MET C 644 -77.15 38.46 -61.20
N LEU C 645 -76.54 37.29 -61.43
CA LEU C 645 -76.77 36.16 -60.54
C LEU C 645 -76.24 36.45 -59.14
N VAL C 646 -75.08 37.11 -59.05
CA VAL C 646 -74.47 37.39 -57.76
C VAL C 646 -75.23 38.45 -56.99
N LEU C 647 -76.01 39.29 -57.67
CA LEU C 647 -76.75 40.37 -57.03
C LEU C 647 -78.23 40.06 -56.84
N ILE C 648 -78.75 39.02 -57.51
CA ILE C 648 -80.09 38.53 -57.24
C ILE C 648 -80.09 37.21 -56.49
N ALA C 649 -78.92 36.66 -56.18
CA ALA C 649 -78.80 35.47 -55.34
C ALA C 649 -78.33 35.81 -53.93
N VAL C 650 -77.17 36.46 -53.82
CA VAL C 650 -76.58 36.75 -52.52
C VAL C 650 -76.70 38.25 -52.22
N SER C 684 -73.20 35.18 -40.33
CA SER C 684 -71.88 34.66 -40.66
C SER C 684 -71.89 33.90 -41.98
N GLU C 685 -73.09 33.66 -42.51
CA GLU C 685 -73.26 32.87 -43.72
C GLU C 685 -73.62 33.70 -44.94
N LEU C 686 -74.06 34.94 -44.77
CA LEU C 686 -74.45 35.81 -45.87
C LEU C 686 -73.44 36.94 -46.09
N PHE C 687 -72.16 36.69 -45.83
CA PHE C 687 -71.14 37.71 -45.92
C PHE C 687 -69.97 37.34 -46.83
N SER C 688 -69.88 36.10 -47.28
CA SER C 688 -68.80 35.69 -48.18
C SER C 688 -69.25 35.39 -49.59
N SER C 689 -70.52 35.02 -49.79
CA SER C 689 -70.99 34.69 -51.14
C SER C 689 -71.25 35.95 -51.96
N ILE C 690 -71.79 37.00 -51.34
CA ILE C 690 -71.95 38.26 -52.05
C ILE C 690 -70.65 39.04 -52.18
N LEU C 691 -69.66 38.78 -51.32
CA LEU C 691 -68.35 39.38 -51.48
C LEU C 691 -67.47 38.62 -52.46
N ILE C 692 -67.72 37.34 -52.68
CA ILE C 692 -66.96 36.57 -53.67
C ILE C 692 -67.45 36.88 -55.08
N PRO C 693 -68.71 36.60 -55.40
CA PRO C 693 -69.10 36.62 -56.82
C PRO C 693 -69.48 38.01 -57.29
N GLY C 694 -69.93 38.88 -56.39
CA GLY C 694 -70.12 40.28 -56.70
C GLY C 694 -68.84 40.94 -57.17
N PHE C 695 -67.86 40.97 -56.27
CA PHE C 695 -66.56 41.58 -56.59
C PHE C 695 -65.89 40.86 -57.74
N PHE C 696 -66.00 39.52 -57.80
CA PHE C 696 -65.40 38.78 -58.90
C PHE C 696 -66.00 39.18 -60.24
N LEU C 697 -67.33 39.30 -60.32
CA LEU C 697 -67.98 39.69 -61.57
C LEU C 697 -67.60 41.10 -61.96
N LEU C 698 -67.59 42.03 -60.98
CA LEU C 698 -67.24 43.41 -61.29
C LEU C 698 -65.80 43.51 -61.79
N ALA C 699 -64.88 42.82 -61.12
CA ALA C 699 -63.48 42.83 -61.54
C ALA C 699 -63.32 42.21 -62.92
N CYS C 700 -64.03 41.11 -63.18
CA CYS C 700 -63.94 40.47 -64.48
C CYS C 700 -64.45 41.39 -65.59
N ILE C 701 -65.56 42.09 -65.34
CA ILE C 701 -66.09 43.00 -66.35
C ILE C 701 -65.12 44.14 -66.61
N LEU C 702 -64.56 44.71 -65.54
CA LEU C 702 -63.61 45.80 -65.70
C LEU C 702 -62.36 45.35 -66.44
N GLN C 703 -61.85 44.17 -66.08
CA GLN C 703 -60.66 43.62 -66.73
C GLN C 703 -60.93 43.36 -68.20
N LEU C 704 -62.06 42.72 -68.51
CA LEU C 704 -62.36 42.37 -69.90
C LEU C 704 -62.52 43.62 -70.76
N HIS C 705 -63.26 44.62 -70.28
CA HIS C 705 -63.44 45.82 -71.07
C HIS C 705 -62.14 46.61 -71.22
N TYR C 706 -61.40 46.79 -70.12
CA TYR C 706 -60.16 47.55 -70.20
C TYR C 706 -59.15 46.86 -71.10
N PHE C 707 -59.01 45.53 -70.94
CA PHE C 707 -58.07 44.78 -71.77
C PHE C 707 -58.47 44.84 -73.23
N HIS C 708 -59.76 44.69 -73.52
CA HIS C 708 -60.21 44.71 -74.92
C HIS C 708 -59.89 46.06 -75.55
N ARG C 709 -60.19 47.14 -74.84
CA ARG C 709 -59.95 48.46 -75.40
C ARG C 709 -58.46 48.73 -75.66
N PRO C 710 -57.54 48.41 -74.74
CA PRO C 710 -56.12 48.69 -75.00
C PRO C 710 -55.19 47.49 -74.91
N PHE C 711 -55.29 46.73 -73.81
CA PHE C 711 -54.40 45.60 -73.58
C PHE C 711 -54.53 44.51 -74.64
N MET C 712 -55.77 44.18 -75.03
CA MET C 712 -55.95 43.12 -76.02
C MET C 712 -55.32 43.49 -77.35
N GLN C 713 -55.52 44.72 -77.81
CA GLN C 713 -54.94 45.12 -79.09
C GLN C 713 -53.41 45.11 -79.03
N LEU C 714 -52.84 45.63 -77.95
CA LEU C 714 -51.38 45.68 -77.85
C LEU C 714 -50.79 44.28 -77.77
N THR C 715 -51.39 43.41 -76.97
CA THR C 715 -50.86 42.05 -76.81
C THR C 715 -50.98 41.27 -78.12
N ASP C 716 -52.11 41.40 -78.80
CA ASP C 716 -52.33 40.66 -80.03
C ASP C 716 -51.52 41.27 -81.18
N LEU C 717 -51.19 40.43 -82.17
CA LEU C 717 -50.51 40.86 -83.37
C LEU C 717 -51.43 40.85 -84.59
N GLU C 718 -52.71 41.10 -84.37
CA GLU C 718 -53.71 41.17 -85.44
C GLU C 718 -53.74 39.88 -86.26
N LEU C 784 -27.60 45.75 -61.09
CA LEU C 784 -28.85 45.01 -61.09
C LEU C 784 -29.35 44.77 -62.51
N ASP C 785 -28.81 43.74 -63.15
CA ASP C 785 -29.13 43.43 -64.55
C ASP C 785 -29.38 41.94 -64.72
N LEU C 786 -30.14 41.35 -63.79
CA LEU C 786 -30.58 39.97 -63.94
C LEU C 786 -31.85 39.85 -64.78
N ALA C 787 -32.43 40.96 -65.22
CA ALA C 787 -33.65 40.90 -66.00
C ALA C 787 -33.36 40.45 -67.43
N ALA C 788 -32.22 40.85 -67.99
CA ALA C 788 -31.85 40.38 -69.32
C ALA C 788 -31.61 38.89 -69.33
N SER C 789 -30.88 38.37 -68.33
CA SER C 789 -30.69 36.93 -68.21
C SER C 789 -32.02 36.22 -67.96
N PHE C 790 -32.91 36.85 -67.20
CA PHE C 790 -34.22 36.26 -66.95
C PHE C 790 -35.00 36.11 -68.25
N SER C 791 -35.04 37.17 -69.05
CA SER C 791 -35.79 37.14 -70.29
C SER C 791 -35.15 36.19 -71.30
N ALA C 792 -33.82 36.13 -71.33
CA ALA C 792 -33.15 35.19 -72.22
C ALA C 792 -33.45 33.75 -71.83
N VAL C 793 -33.46 33.46 -70.52
CA VAL C 793 -33.81 32.10 -70.09
C VAL C 793 -35.28 31.81 -70.38
N LEU C 794 -36.13 32.82 -70.29
CA LEU C 794 -37.55 32.64 -70.63
C LEU C 794 -37.70 32.31 -72.11
N THR C 795 -37.01 33.06 -72.97
CA THR C 795 -37.08 32.82 -74.40
C THR C 795 -36.52 31.44 -74.75
N ARG C 796 -35.43 31.04 -74.09
CA ARG C 796 -34.85 29.72 -74.37
C ARG C 796 -35.76 28.60 -73.88
N ILE C 797 -36.45 28.81 -72.75
CA ILE C 797 -37.39 27.79 -72.29
C ILE C 797 -38.61 27.75 -73.21
N GLN C 798 -39.00 28.88 -73.79
CA GLN C 798 -40.06 28.89 -74.78
C GLN C 798 -39.63 28.15 -76.04
N VAL C 799 -38.39 28.34 -76.47
CA VAL C 799 -37.88 27.68 -77.66
C VAL C 799 -37.84 26.17 -77.43
N PHE C 800 -37.34 25.75 -76.26
CA PHE C 800 -37.30 24.33 -75.95
C PHE C 800 -38.70 23.75 -75.78
N VAL C 801 -39.65 24.55 -75.29
CA VAL C 801 -41.04 24.11 -75.22
C VAL C 801 -41.62 23.89 -76.62
N ARG C 802 -41.31 24.80 -77.55
CA ARG C 802 -41.77 24.61 -78.91
C ARG C 802 -41.12 23.39 -79.55
N ARG C 803 -39.82 23.21 -79.33
CA ARG C 803 -39.13 22.04 -79.86
C ARG C 803 -39.67 20.76 -79.20
N LEU C 804 -39.96 20.84 -77.90
CA LEU C 804 -40.45 19.73 -77.11
C LEU C 804 -41.97 19.74 -76.96
N LEU C 805 -42.68 20.37 -77.91
CA LEU C 805 -44.13 20.43 -77.81
C LEU C 805 -44.71 19.04 -77.73
N GLU C 806 -44.16 18.11 -78.52
CA GLU C 806 -44.58 16.72 -78.42
C GLU C 806 -44.27 16.18 -77.03
N LEU C 807 -43.08 16.50 -76.51
CA LEU C 807 -42.71 16.10 -75.16
C LEU C 807 -43.62 16.73 -74.11
N HIS C 808 -43.99 18.01 -74.30
CA HIS C 808 -44.91 18.64 -73.36
C HIS C 808 -46.26 17.94 -73.37
N VAL C 809 -46.75 17.57 -74.56
CA VAL C 809 -47.99 16.82 -74.67
C VAL C 809 -47.84 15.47 -73.99
N PHE C 810 -46.69 14.82 -74.17
CA PHE C 810 -46.44 13.56 -73.49
C PHE C 810 -46.46 13.73 -71.97
N LYS C 811 -45.83 14.78 -71.45
CA LYS C 811 -45.92 15.08 -70.02
C LYS C 811 -47.36 15.31 -69.56
N LEU C 812 -48.20 15.81 -70.46
CA LEU C 812 -49.62 15.94 -70.14
C LEU C 812 -50.29 14.58 -70.10
N VAL C 813 -49.94 13.70 -71.04
CA VAL C 813 -50.36 12.31 -70.98
C VAL C 813 -49.87 11.67 -69.68
N ALA C 814 -48.69 12.08 -69.23
CA ALA C 814 -48.10 11.51 -68.02
C ALA C 814 -48.95 11.86 -66.80
N LEU C 815 -49.25 13.14 -66.62
CA LEU C 815 -50.13 13.51 -65.52
C LEU C 815 -51.53 12.94 -65.71
N TYR C 816 -51.95 12.74 -66.96
CA TYR C 816 -53.24 12.11 -67.23
C TYR C 816 -53.28 10.69 -66.69
N THR C 817 -52.28 9.89 -67.04
CA THR C 817 -52.21 8.51 -66.54
C THR C 817 -51.87 8.46 -65.06
N VAL C 818 -51.22 9.49 -64.53
CA VAL C 818 -50.89 9.51 -63.11
C VAL C 818 -52.14 9.75 -62.29
N TRP C 819 -53.13 10.46 -62.87
CA TRP C 819 -54.43 10.49 -62.22
C TRP C 819 -55.26 9.26 -62.60
N VAL C 820 -55.06 8.72 -63.79
CA VAL C 820 -55.85 7.60 -64.29
C VAL C 820 -55.41 6.29 -63.64
N ALA C 821 -54.15 5.90 -63.86
CA ALA C 821 -53.66 4.59 -63.46
C ALA C 821 -52.80 4.65 -62.21
N LEU C 822 -52.73 5.79 -61.55
CA LEU C 822 -52.01 5.92 -60.29
C LEU C 822 -52.83 6.59 -59.19
N LYS C 823 -53.98 7.18 -59.52
CA LYS C 823 -54.94 7.63 -58.52
C LYS C 823 -56.28 6.93 -58.64
N GLU C 824 -56.95 7.03 -59.79
CA GLU C 824 -58.22 6.36 -60.01
C GLU C 824 -58.58 6.42 -61.47
N VAL C 825 -59.14 5.33 -62.00
CA VAL C 825 -59.50 5.28 -63.42
C VAL C 825 -60.68 6.22 -63.65
N SER C 826 -60.54 7.09 -64.64
CA SER C 826 -61.57 8.10 -64.92
C SER C 826 -62.68 7.50 -65.78
N VAL C 827 -63.63 8.36 -66.15
CA VAL C 827 -64.83 7.93 -66.86
C VAL C 827 -64.44 7.66 -68.32
N MET C 828 -64.26 6.39 -68.65
CA MET C 828 -63.68 5.96 -69.92
C MET C 828 -62.35 6.67 -70.21
N ASN C 829 -61.44 6.57 -69.24
CA ASN C 829 -60.11 7.15 -69.41
C ASN C 829 -59.36 6.50 -70.56
N LEU C 830 -59.72 5.27 -70.92
CA LEU C 830 -59.11 4.59 -72.05
C LEU C 830 -59.20 5.41 -73.33
N LEU C 831 -60.26 6.20 -73.50
CA LEU C 831 -60.40 6.97 -74.73
C LEU C 831 -59.33 8.06 -74.80
N LEU C 832 -59.04 8.70 -73.67
CA LEU C 832 -58.03 9.75 -73.66
C LEU C 832 -56.63 9.17 -73.73
N VAL C 833 -56.36 8.08 -73.00
CA VAL C 833 -55.06 7.46 -73.13
C VAL C 833 -54.85 6.85 -74.50
N VAL C 834 -55.92 6.52 -75.23
CA VAL C 834 -55.75 6.02 -76.59
C VAL C 834 -55.52 7.16 -77.56
N LEU C 835 -56.20 8.29 -77.34
CA LEU C 835 -55.87 9.50 -78.08
C LEU C 835 -54.40 9.84 -77.94
N TRP C 836 -53.88 9.78 -76.71
CA TRP C 836 -52.45 9.94 -76.50
C TRP C 836 -51.65 8.87 -77.23
N ALA C 837 -52.15 7.63 -77.24
CA ALA C 837 -51.37 6.51 -77.75
C ALA C 837 -51.16 6.62 -79.25
N PHE C 838 -52.21 6.94 -80.00
CA PHE C 838 -51.97 7.18 -81.42
C PHE C 838 -51.48 8.60 -81.70
N ALA C 839 -51.46 9.50 -80.72
CA ALA C 839 -50.83 10.79 -80.92
C ALA C 839 -49.31 10.72 -80.81
N LEU C 840 -48.80 9.77 -80.03
CA LEU C 840 -47.35 9.72 -79.77
C LEU C 840 -46.52 9.45 -81.02
N PRO C 841 -46.73 8.36 -81.76
CA PRO C 841 -45.81 8.05 -82.87
C PRO C 841 -46.11 8.78 -84.17
N TYR C 842 -47.25 9.42 -84.30
CA TYR C 842 -47.67 9.96 -85.59
C TYR C 842 -47.68 11.49 -85.53
N PRO C 843 -46.97 12.16 -86.44
CA PRO C 843 -46.94 13.63 -86.42
C PRO C 843 -48.09 14.26 -87.18
N ARG C 844 -48.72 13.48 -88.07
CA ARG C 844 -49.94 13.96 -88.71
C ARG C 844 -51.12 13.92 -87.75
N PHE C 845 -51.13 12.96 -86.83
CA PHE C 845 -52.16 12.88 -85.80
C PHE C 845 -51.93 13.93 -84.72
N ARG C 846 -50.69 14.04 -84.23
CA ARG C 846 -50.37 14.72 -82.98
C ARG C 846 -51.07 16.06 -82.78
N PRO C 847 -51.08 17.00 -83.74
CA PRO C 847 -51.81 18.25 -83.47
C PRO C 847 -53.31 18.09 -83.54
N MET C 848 -53.81 17.30 -84.49
CA MET C 848 -55.25 17.13 -84.63
C MET C 848 -55.80 16.30 -83.46
N ALA C 849 -55.10 15.23 -83.09
CA ALA C 849 -55.53 14.46 -81.94
C ALA C 849 -55.23 15.18 -80.63
N SER C 850 -54.32 16.15 -80.65
CA SER C 850 -54.14 17.02 -79.49
C SER C 850 -55.36 17.90 -79.28
N CYS C 851 -55.84 18.53 -80.35
CA CYS C 851 -57.02 19.37 -80.23
C CYS C 851 -58.26 18.53 -79.89
N LEU C 852 -58.36 17.33 -80.48
CA LEU C 852 -59.48 16.46 -80.13
C LEU C 852 -59.37 15.95 -78.70
N SER C 853 -58.15 15.83 -78.16
CA SER C 853 -58.00 15.43 -76.77
C SER C 853 -58.36 16.57 -75.83
N THR C 854 -58.00 17.80 -76.21
CA THR C 854 -58.48 18.96 -75.45
C THR C 854 -60.00 19.02 -75.44
N VAL C 855 -60.63 18.72 -76.58
CA VAL C 855 -62.09 18.77 -76.65
C VAL C 855 -62.70 17.66 -75.81
N TRP C 856 -62.12 16.46 -75.86
CA TRP C 856 -62.67 15.36 -75.06
C TRP C 856 -62.41 15.55 -73.58
N THR C 857 -61.32 16.22 -73.21
CA THR C 857 -61.09 16.54 -71.81
C THR C 857 -62.04 17.62 -71.32
N CYS C 858 -62.41 18.56 -72.19
CA CYS C 858 -63.39 19.55 -71.80
C CYS C 858 -64.77 18.91 -71.62
N ILE C 859 -65.13 17.99 -72.52
CA ILE C 859 -66.40 17.28 -72.34
C ILE C 859 -66.36 16.39 -71.10
N ILE C 860 -65.20 15.82 -70.78
CA ILE C 860 -65.08 14.99 -69.59
C ILE C 860 -65.21 15.84 -68.33
N ILE C 861 -64.67 17.06 -68.35
CA ILE C 861 -64.82 17.93 -67.19
C ILE C 861 -66.26 18.43 -67.06
N VAL C 862 -66.93 18.64 -68.20
CA VAL C 862 -68.34 19.01 -68.17
C VAL C 862 -69.18 17.92 -67.55
N CYS C 863 -68.94 16.67 -67.97
CA CYS C 863 -69.67 15.55 -67.39
C CYS C 863 -69.25 15.26 -65.95
N LYS C 864 -68.03 15.64 -65.57
CA LYS C 864 -67.57 15.42 -64.19
C LYS C 864 -68.23 16.40 -63.23
N MET C 865 -68.24 17.68 -63.57
CA MET C 865 -68.85 18.67 -62.69
C MET C 865 -70.37 18.62 -62.74
N LEU C 866 -70.95 17.96 -63.74
CA LEU C 866 -72.39 17.74 -63.80
C LEU C 866 -72.84 16.50 -63.04
N TYR C 867 -71.90 15.70 -62.54
CA TYR C 867 -72.24 14.44 -61.88
C TYR C 867 -72.35 14.56 -60.36
N GLN C 868 -72.02 15.72 -59.80
CA GLN C 868 -72.03 15.90 -58.35
C GLN C 868 -73.39 16.33 -57.81
N LEU C 869 -74.45 16.10 -58.58
CA LEU C 869 -75.78 16.59 -58.22
C LEU C 869 -76.36 15.74 -57.09
N LYS C 870 -77.56 16.10 -56.65
CA LYS C 870 -78.20 15.47 -55.50
C LYS C 870 -79.51 14.79 -55.87
N ILE C 871 -79.71 14.48 -57.15
CA ILE C 871 -80.94 13.83 -57.62
C ILE C 871 -80.59 12.50 -58.26
N VAL C 872 -79.52 11.85 -57.77
CA VAL C 872 -79.02 10.65 -58.42
C VAL C 872 -79.88 9.44 -58.16
N ASN C 873 -80.76 9.50 -57.15
CA ASN C 873 -81.69 8.42 -56.81
C ASN C 873 -80.94 7.12 -56.55
N PRO C 874 -79.85 7.16 -55.77
CA PRO C 874 -79.06 5.95 -55.48
C PRO C 874 -79.50 5.26 -54.20
N ASN C 910 -68.80 -3.42 -65.96
CA ASN C 910 -68.05 -2.37 -65.27
C ASN C 910 -67.27 -1.51 -66.25
N TRP C 911 -67.99 -0.72 -67.05
CA TRP C 911 -67.38 0.05 -68.13
C TRP C 911 -67.71 1.53 -68.03
N PHE C 912 -68.23 2.01 -66.90
CA PHE C 912 -68.55 3.41 -66.70
C PHE C 912 -67.67 4.05 -65.64
N GLY C 913 -67.63 3.46 -64.44
CA GLY C 913 -66.85 3.99 -63.35
C GLY C 913 -67.27 5.37 -62.87
N VAL C 914 -68.57 5.56 -62.68
CA VAL C 914 -69.10 6.81 -62.15
C VAL C 914 -68.80 6.82 -60.66
N ARG C 915 -67.78 7.57 -60.25
CA ARG C 915 -67.28 7.49 -58.88
C ARG C 915 -68.03 8.37 -57.90
N LYS C 916 -69.07 9.06 -58.34
CA LYS C 916 -70.02 9.74 -57.45
C LYS C 916 -69.30 10.65 -56.45
N GLY C 917 -68.70 11.71 -57.02
CA GLY C 917 -67.88 12.62 -56.24
C GLY C 917 -68.55 13.18 -55.01
N TYR C 918 -68.12 12.74 -53.84
CA TYR C 918 -68.75 13.10 -52.58
C TYR C 918 -68.39 14.53 -52.19
N PRO C 919 -67.10 14.83 -52.02
CA PRO C 919 -66.72 16.13 -51.42
C PRO C 919 -66.90 17.30 -52.37
N ASN C 920 -67.18 17.06 -53.65
CA ASN C 920 -67.41 18.11 -54.65
C ASN C 920 -66.21 19.04 -54.81
N LEU C 921 -65.03 18.61 -54.38
CA LEU C 921 -63.79 19.30 -54.68
C LEU C 921 -62.72 18.38 -55.24
N GLY C 922 -62.64 17.14 -54.75
CA GLY C 922 -61.62 16.21 -55.23
C GLY C 922 -61.94 15.54 -56.53
N TYR C 923 -63.22 15.45 -56.90
CA TYR C 923 -63.64 14.81 -58.14
C TYR C 923 -63.65 15.77 -59.32
N ILE C 924 -62.89 16.86 -59.23
CA ILE C 924 -62.69 17.76 -60.37
C ILE C 924 -61.24 18.04 -60.67
N GLN C 925 -60.31 17.80 -59.74
CA GLN C 925 -58.91 18.19 -59.94
C GLN C 925 -58.25 17.36 -61.02
N ASN C 926 -58.68 16.11 -61.22
CA ASN C 926 -58.10 15.28 -62.27
C ASN C 926 -58.48 15.76 -63.66
N HIS C 927 -59.53 16.59 -63.76
CA HIS C 927 -59.85 17.26 -65.02
C HIS C 927 -59.43 18.71 -65.03
N LEU C 928 -59.38 19.34 -63.85
CA LEU C 928 -58.95 20.74 -63.77
C LEU C 928 -57.47 20.87 -64.10
N GLN C 929 -56.63 20.01 -63.53
CA GLN C 929 -55.21 20.04 -63.90
C GLN C 929 -55.00 19.64 -65.35
N ILE C 930 -55.92 18.86 -65.92
CA ILE C 930 -55.79 18.45 -67.32
C ILE C 930 -56.07 19.63 -68.23
N LEU C 931 -57.19 20.31 -68.02
CA LEU C 931 -57.49 21.51 -68.78
C LEU C 931 -56.46 22.60 -68.53
N LEU C 932 -55.87 22.64 -67.34
CA LEU C 932 -54.84 23.65 -67.08
C LEU C 932 -53.54 23.33 -67.80
N LEU C 933 -53.22 22.04 -67.97
CA LEU C 933 -52.03 21.69 -68.74
C LEU C 933 -52.25 21.91 -70.23
N LEU C 934 -53.45 21.60 -70.72
CA LEU C 934 -53.78 21.91 -72.11
C LEU C 934 -53.77 23.41 -72.37
N VAL C 935 -54.19 24.20 -71.40
CA VAL C 935 -54.19 25.65 -71.60
C VAL C 935 -52.79 26.21 -71.46
N PHE C 936 -51.93 25.61 -70.63
CA PHE C 936 -50.54 26.03 -70.58
C PHE C 936 -49.81 25.68 -71.87
N GLU C 937 -50.16 24.55 -72.48
CA GLU C 937 -49.57 24.20 -73.77
C GLU C 937 -50.05 25.14 -74.87
N ALA C 938 -51.35 25.48 -74.87
CA ALA C 938 -51.85 26.42 -75.87
C ALA C 938 -51.24 27.81 -75.67
N VAL C 939 -51.05 28.23 -74.42
CA VAL C 939 -50.45 29.53 -74.16
C VAL C 939 -48.98 29.52 -74.55
N VAL C 940 -48.28 28.39 -74.39
CA VAL C 940 -46.88 28.33 -74.78
C VAL C 940 -46.77 28.34 -76.30
N TYR C 941 -47.71 27.71 -77.01
CA TYR C 941 -47.70 27.75 -78.46
C TYR C 941 -48.00 29.14 -78.97
N ARG C 942 -48.96 29.83 -78.34
CA ARG C 942 -49.30 31.18 -78.76
C ARG C 942 -48.16 32.15 -78.49
N ARG C 943 -47.53 32.05 -77.31
CA ARG C 943 -46.39 32.93 -77.04
C ARG C 943 -45.19 32.60 -77.90
N GLN C 944 -45.04 31.33 -78.32
CA GLN C 944 -43.98 30.99 -79.26
C GLN C 944 -44.24 31.61 -80.63
N GLU C 945 -45.49 31.54 -81.10
CA GLU C 945 -45.82 32.17 -82.36
C GLU C 945 -45.65 33.68 -82.28
N HIS C 946 -45.96 34.27 -81.13
CA HIS C 946 -45.83 35.72 -80.98
C HIS C 946 -44.37 36.15 -80.98
N TYR C 947 -43.53 35.43 -80.22
CA TYR C 947 -42.11 35.76 -80.20
C TYR C 947 -41.42 35.44 -81.51
N ARG C 948 -41.96 34.50 -82.30
CA ARG C 948 -41.42 34.26 -83.64
C ARG C 948 -41.82 35.37 -84.60
N ARG C 949 -43.07 35.85 -84.51
CA ARG C 949 -43.52 36.89 -85.42
C ARG C 949 -42.88 38.23 -85.10
N GLN C 950 -42.49 38.44 -83.85
CA GLN C 950 -41.85 39.68 -83.43
C GLN C 950 -40.33 39.51 -83.42
N HIS C 951 -39.64 40.54 -82.95
CA HIS C 951 -38.19 40.56 -82.88
C HIS C 951 -37.53 40.25 -84.22
N GLY C 965 -23.67 26.03 -80.56
CA GLY C 965 -22.52 25.67 -81.39
C GLY C 965 -22.87 24.74 -82.53
N THR C 966 -21.98 24.66 -83.52
CA THR C 966 -22.21 23.79 -84.65
C THR C 966 -22.01 22.33 -84.28
N ARG C 967 -22.55 21.45 -85.12
CA ARG C 967 -22.34 20.01 -84.96
C ARG C 967 -20.91 19.60 -85.28
N GLN C 968 -20.14 20.47 -85.95
CA GLN C 968 -18.75 20.20 -86.27
C GLN C 968 -17.78 21.05 -85.45
N ARG C 969 -18.27 22.11 -84.82
CA ARG C 969 -17.47 22.99 -83.97
C ARG C 969 -17.63 22.65 -82.50
N LEU C 970 -18.32 21.56 -82.18
CA LEU C 970 -18.61 21.21 -80.79
C LEU C 970 -17.33 21.02 -79.97
N ASP C 971 -16.31 20.39 -80.55
CA ASP C 971 -15.07 20.10 -79.83
C ASP C 971 -14.09 21.28 -79.93
N GLN C 972 -14.56 22.45 -79.50
CA GLN C 972 -13.71 23.63 -79.45
C GLN C 972 -13.60 24.25 -78.06
N ASP C 973 -14.60 24.07 -77.20
CA ASP C 973 -14.66 24.63 -75.85
C ASP C 973 -15.59 23.76 -75.00
N LEU C 974 -15.45 23.91 -73.69
CA LEU C 974 -16.31 23.18 -72.77
C LEU C 974 -17.75 23.61 -72.91
N LEU C 975 -17.98 24.92 -73.03
CA LEU C 975 -19.34 25.43 -73.22
C LEU C 975 -19.92 24.93 -74.53
N SER C 976 -19.11 24.90 -75.58
CA SER C 976 -19.57 24.38 -76.87
C SER C 976 -19.96 22.92 -76.76
N CYS C 977 -19.15 22.12 -76.04
CA CYS C 977 -19.47 20.71 -75.85
C CYS C 977 -20.78 20.55 -75.09
N LEU C 978 -20.97 21.34 -74.03
CA LEU C 978 -22.21 21.26 -73.26
C LEU C 978 -23.40 21.66 -74.12
N LYS C 979 -23.26 22.70 -74.93
CA LYS C 979 -24.35 23.13 -75.80
C LYS C 979 -24.69 22.08 -76.83
N TYR C 980 -23.67 21.49 -77.47
CA TYR C 980 -23.93 20.42 -78.43
C TYR C 980 -24.47 19.15 -77.77
N PHE C 981 -24.25 18.99 -76.48
CA PHE C 981 -24.91 17.91 -75.75
C PHE C 981 -26.38 18.23 -75.55
N ILE C 982 -26.66 19.39 -74.95
CA ILE C 982 -28.03 19.73 -74.57
C ILE C 982 -28.92 19.88 -75.80
N ASN C 983 -28.36 20.30 -76.93
CA ASN C 983 -29.12 20.37 -78.17
C ASN C 983 -29.47 18.99 -78.71
N PHE C 984 -28.61 18.00 -78.50
CA PHE C 984 -28.75 16.69 -79.11
C PHE C 984 -28.55 15.57 -78.09
N PHE C 985 -29.14 15.74 -76.90
CA PHE C 985 -28.91 14.77 -75.83
C PHE C 985 -29.55 13.42 -76.14
N PHE C 986 -30.46 13.36 -77.10
CA PHE C 986 -31.12 12.12 -77.49
C PHE C 986 -30.80 11.69 -78.91
N TYR C 987 -29.90 12.40 -79.59
CA TYR C 987 -29.83 12.30 -81.05
C TYR C 987 -29.17 10.99 -81.47
N LYS C 988 -27.90 10.80 -81.09
CA LYS C 988 -27.24 9.51 -81.23
C LYS C 988 -27.18 8.77 -79.90
N PHE C 989 -28.04 9.13 -78.96
CA PHE C 989 -28.25 8.41 -77.72
C PHE C 989 -29.60 7.73 -77.65
N GLY C 990 -30.49 8.00 -78.61
CA GLY C 990 -31.91 7.73 -78.46
C GLY C 990 -32.21 6.27 -78.27
N LEU C 991 -31.80 5.42 -79.22
CA LEU C 991 -32.10 3.99 -79.11
C LEU C 991 -31.44 3.37 -77.88
N GLU C 992 -30.27 3.88 -77.48
CA GLU C 992 -29.68 3.48 -76.20
C GLU C 992 -30.64 3.74 -75.04
N ILE C 993 -31.12 4.97 -74.91
CA ILE C 993 -32.01 5.28 -73.80
C ILE C 993 -33.33 4.55 -73.94
N CYS C 994 -33.74 4.22 -75.17
CA CYS C 994 -34.92 3.39 -75.38
C CYS C 994 -34.71 2.00 -74.79
N PHE C 995 -33.56 1.39 -75.07
CA PHE C 995 -33.26 0.08 -74.50
C PHE C 995 -33.15 0.16 -72.99
N LEU C 996 -32.62 1.26 -72.46
CA LEU C 996 -32.46 1.40 -71.02
C LEU C 996 -33.82 1.54 -70.34
N MET C 997 -34.72 2.32 -70.92
CA MET C 997 -36.06 2.46 -70.35
C MET C 997 -36.87 1.18 -70.51
N ALA C 998 -36.65 0.44 -71.60
CA ALA C 998 -37.28 -0.87 -71.72
C ALA C 998 -36.79 -1.82 -70.64
N VAL C 999 -35.50 -1.78 -70.34
CA VAL C 999 -34.95 -2.65 -69.30
C VAL C 999 -35.51 -2.25 -67.94
N ASN C 1000 -35.59 -0.96 -67.66
CA ASN C 1000 -36.12 -0.52 -66.37
C ASN C 1000 -37.61 -0.86 -66.25
N VAL C 1001 -38.35 -0.78 -67.35
CA VAL C 1001 -39.77 -1.13 -67.31
C VAL C 1001 -39.94 -2.62 -67.08
N ILE C 1002 -39.16 -3.44 -67.78
CA ILE C 1002 -39.24 -4.88 -67.60
C ILE C 1002 -38.86 -5.25 -66.18
N GLY C 1003 -37.88 -4.55 -65.61
CA GLY C 1003 -37.53 -4.78 -64.22
C GLY C 1003 -38.66 -4.42 -63.26
N GLN C 1004 -39.36 -3.33 -63.54
CA GLN C 1004 -40.34 -2.82 -62.59
C GLN C 1004 -41.69 -3.51 -62.70
N ARG C 1005 -42.06 -4.03 -63.88
CA ARG C 1005 -43.42 -4.52 -64.08
C ARG C 1005 -43.61 -5.91 -63.49
N MET C 1006 -42.69 -6.84 -63.79
CA MET C 1006 -42.73 -8.21 -63.27
C MET C 1006 -44.05 -8.90 -63.62
N ASN C 1007 -44.25 -9.08 -64.93
CA ASN C 1007 -45.47 -9.71 -65.43
C ASN C 1007 -45.16 -10.43 -66.74
N PHE C 1008 -46.05 -11.36 -67.11
CA PHE C 1008 -45.89 -12.06 -68.37
C PHE C 1008 -46.12 -11.14 -69.56
N MET C 1009 -46.91 -10.08 -69.39
CA MET C 1009 -46.96 -9.03 -70.41
C MET C 1009 -45.58 -8.40 -70.56
N VAL C 1010 -44.88 -8.17 -69.44
CA VAL C 1010 -43.52 -7.70 -69.52
C VAL C 1010 -42.60 -8.79 -70.08
N ILE C 1011 -42.98 -10.06 -69.94
CA ILE C 1011 -42.17 -11.12 -70.53
C ILE C 1011 -42.24 -11.05 -72.05
N LEU C 1012 -43.44 -10.83 -72.60
CA LEU C 1012 -43.56 -10.66 -74.05
C LEU C 1012 -42.89 -9.37 -74.51
N HIS C 1013 -43.01 -8.30 -73.71
CA HIS C 1013 -42.35 -7.04 -74.05
C HIS C 1013 -40.84 -7.24 -74.13
N GLY C 1014 -40.25 -7.94 -73.16
CA GLY C 1014 -38.83 -8.18 -73.20
C GLY C 1014 -38.42 -9.19 -74.26
N CYS C 1015 -39.33 -10.09 -74.63
CA CYS C 1015 -39.08 -10.95 -75.78
C CYS C 1015 -38.92 -10.11 -77.05
N TRP C 1016 -39.85 -9.18 -77.29
CA TRP C 1016 -39.69 -8.33 -78.46
C TRP C 1016 -38.51 -7.37 -78.32
N LEU C 1017 -38.13 -7.04 -77.08
CA LEU C 1017 -36.98 -6.16 -76.89
C LEU C 1017 -35.68 -6.88 -77.27
N VAL C 1018 -35.53 -8.12 -76.82
CA VAL C 1018 -34.36 -8.91 -77.20
C VAL C 1018 -34.41 -9.28 -78.68
N ALA C 1019 -35.60 -9.34 -79.28
CA ALA C 1019 -35.68 -9.54 -80.72
C ALA C 1019 -35.20 -8.30 -81.47
N ILE C 1020 -35.55 -7.12 -80.98
CA ILE C 1020 -35.05 -5.88 -81.57
C ILE C 1020 -33.55 -5.79 -81.41
N LEU C 1021 -33.04 -6.19 -80.24
CA LEU C 1021 -31.61 -6.18 -80.00
C LEU C 1021 -30.88 -7.24 -80.81
N THR C 1022 -31.60 -8.29 -81.26
CA THR C 1022 -30.96 -9.34 -82.05
C THR C 1022 -30.35 -8.78 -83.33
N ARG C 1023 -31.02 -7.81 -83.95
CA ARG C 1023 -30.51 -7.18 -85.17
C ARG C 1023 -29.48 -6.13 -84.77
N ARG C 1024 -28.29 -6.61 -84.41
CA ARG C 1024 -27.21 -5.74 -83.98
C ARG C 1024 -26.77 -4.81 -85.10
N ARG C 1025 -26.73 -5.32 -86.33
CA ARG C 1025 -26.27 -4.53 -87.46
C ARG C 1025 -27.12 -3.28 -87.63
N ARG C 1026 -26.46 -2.16 -87.91
CA ARG C 1026 -27.13 -0.88 -88.04
C ARG C 1026 -28.07 -0.86 -89.25
N GLU C 1027 -29.20 -0.17 -89.08
CA GLU C 1027 -30.27 0.10 -90.04
C GLU C 1027 -31.26 -1.07 -90.11
N ALA C 1028 -30.93 -2.24 -89.57
CA ALA C 1028 -31.90 -3.33 -89.53
C ALA C 1028 -33.01 -3.02 -88.54
N ILE C 1029 -32.65 -2.48 -87.37
CA ILE C 1029 -33.62 -2.11 -86.34
C ILE C 1029 -34.56 -1.02 -86.83
N ALA C 1030 -34.05 -0.10 -87.65
CA ALA C 1030 -34.87 1.02 -88.13
C ALA C 1030 -36.11 0.52 -88.85
N ARG C 1031 -35.98 -0.54 -89.65
CA ARG C 1031 -37.13 -1.08 -90.37
C ARG C 1031 -38.21 -1.57 -89.40
N LEU C 1032 -37.81 -2.32 -88.37
CA LEU C 1032 -38.74 -2.85 -87.40
C LEU C 1032 -39.22 -1.82 -86.38
N TRP C 1033 -38.63 -0.63 -86.34
CA TRP C 1033 -38.99 0.31 -85.30
C TRP C 1033 -40.37 0.96 -85.46
N PRO C 1034 -40.84 1.27 -86.67
CA PRO C 1034 -42.27 1.64 -86.79
C PRO C 1034 -43.20 0.52 -86.40
N ASN C 1035 -42.86 -0.73 -86.71
CA ASN C 1035 -43.66 -1.85 -86.23
C ASN C 1035 -43.48 -2.02 -84.73
N TYR C 1036 -42.34 -1.59 -84.19
CA TYR C 1036 -42.13 -1.63 -82.75
C TYR C 1036 -43.08 -0.69 -82.04
N CYS C 1037 -43.16 0.56 -82.50
CA CYS C 1037 -44.13 1.49 -81.96
C CYS C 1037 -45.56 1.01 -82.19
N LEU C 1038 -45.83 0.34 -83.31
CA LEU C 1038 -47.18 -0.10 -83.60
C LEU C 1038 -47.63 -1.18 -82.61
N PHE C 1039 -46.79 -2.19 -82.37
CA PHE C 1039 -47.22 -3.18 -81.40
C PHE C 1039 -47.08 -2.69 -79.97
N LEU C 1040 -46.24 -1.67 -79.75
CA LEU C 1040 -46.18 -1.05 -78.43
C LEU C 1040 -47.53 -0.42 -78.09
N THR C 1041 -48.10 0.36 -79.02
CA THR C 1041 -49.39 0.96 -78.75
C THR C 1041 -50.50 -0.09 -78.77
N LEU C 1042 -50.35 -1.14 -79.59
CA LEU C 1042 -51.35 -2.21 -79.63
C LEU C 1042 -51.34 -3.03 -78.35
N PHE C 1043 -50.23 -3.03 -77.62
CA PHE C 1043 -50.13 -3.73 -76.35
C PHE C 1043 -50.61 -2.83 -75.23
N LEU C 1044 -50.18 -1.56 -75.25
CA LEU C 1044 -50.43 -0.67 -74.12
C LEU C 1044 -51.90 -0.30 -74.03
N LEU C 1045 -52.55 -0.05 -75.18
CA LEU C 1045 -53.96 0.32 -75.13
C LEU C 1045 -54.81 -0.83 -74.61
N TYR C 1046 -54.56 -2.05 -75.13
CA TYR C 1046 -55.25 -3.23 -74.61
C TYR C 1046 -54.93 -3.47 -73.13
N GLN C 1047 -53.70 -3.17 -72.70
CA GLN C 1047 -53.36 -3.37 -71.30
C GLN C 1047 -54.14 -2.41 -70.41
N TYR C 1048 -54.21 -1.13 -70.81
CA TYR C 1048 -54.98 -0.17 -70.04
C TYR C 1048 -56.46 -0.54 -70.02
N LEU C 1049 -56.99 -1.04 -71.15
CA LEU C 1049 -58.39 -1.42 -71.18
C LEU C 1049 -58.66 -2.66 -70.35
N LEU C 1050 -57.68 -3.56 -70.22
CA LEU C 1050 -57.84 -4.74 -69.40
C LEU C 1050 -57.73 -4.41 -67.91
N CYS C 1051 -56.83 -3.48 -67.57
CA CYS C 1051 -56.77 -2.97 -66.21
C CYS C 1051 -58.04 -2.20 -65.84
N LEU C 1052 -58.67 -1.55 -66.82
CA LEU C 1052 -59.91 -0.83 -66.55
C LEU C 1052 -61.07 -1.81 -66.35
N GLY C 1053 -61.37 -2.62 -67.36
CA GLY C 1053 -62.46 -3.58 -67.25
C GLY C 1053 -63.05 -3.97 -68.59
N SER C 1091 -51.91 0.22 -64.00
CA SER C 1091 -51.08 0.38 -62.80
C SER C 1091 -49.95 1.38 -63.00
N THR C 1092 -49.16 1.62 -61.95
CA THR C 1092 -47.93 2.38 -62.10
C THR C 1092 -46.95 1.68 -63.04
N ASN C 1093 -46.97 0.34 -63.06
CA ASN C 1093 -46.25 -0.39 -64.08
C ASN C 1093 -46.71 0.03 -65.48
N LEU C 1094 -48.02 0.19 -65.65
CA LEU C 1094 -48.53 0.67 -66.93
C LEU C 1094 -48.15 2.12 -67.17
N ILE C 1095 -47.97 2.90 -66.10
CA ILE C 1095 -47.56 4.29 -66.26
C ILE C 1095 -46.14 4.36 -66.81
N SER C 1096 -45.22 3.60 -66.21
CA SER C 1096 -43.86 3.58 -66.73
C SER C 1096 -43.76 2.87 -68.08
N ASP C 1097 -44.68 1.95 -68.37
CA ASP C 1097 -44.72 1.37 -69.71
C ASP C 1097 -45.17 2.40 -70.74
N PHE C 1098 -46.11 3.26 -70.37
CA PHE C 1098 -46.50 4.34 -71.27
C PHE C 1098 -45.39 5.36 -71.43
N LEU C 1099 -44.61 5.60 -70.38
CA LEU C 1099 -43.45 6.47 -70.50
C LEU C 1099 -42.40 5.87 -71.45
N LEU C 1100 -42.19 4.55 -71.36
CA LEU C 1100 -41.27 3.89 -72.27
C LEU C 1100 -41.80 3.95 -73.70
N LEU C 1101 -43.10 3.75 -73.89
CA LEU C 1101 -43.68 3.86 -75.24
C LEU C 1101 -43.58 5.29 -75.76
N LEU C 1102 -43.63 6.28 -74.87
CA LEU C 1102 -43.48 7.67 -75.31
C LEU C 1102 -42.06 7.95 -75.76
N CYS C 1103 -41.08 7.44 -75.01
CA CYS C 1103 -39.69 7.61 -75.43
C CYS C 1103 -39.44 6.88 -76.75
N ALA C 1104 -40.00 5.68 -76.90
CA ALA C 1104 -39.84 4.94 -78.15
C ALA C 1104 -40.54 5.64 -79.31
N SER C 1105 -41.67 6.31 -79.06
CA SER C 1105 -42.32 7.09 -80.10
C SER C 1105 -41.46 8.30 -80.49
N GLN C 1106 -40.85 8.96 -79.51
CA GLN C 1106 -39.96 10.07 -79.82
C GLN C 1106 -38.78 9.59 -80.67
N GLN C 1107 -38.24 8.41 -80.33
CA GLN C 1107 -37.16 7.83 -81.14
C GLN C 1107 -37.64 7.48 -82.54
N TRP C 1108 -38.84 6.90 -82.66
CA TRP C 1108 -39.38 6.56 -83.97
C TRP C 1108 -39.63 7.80 -84.81
N GLN C 1109 -39.92 8.92 -84.15
CA GLN C 1109 -39.96 10.20 -84.85
C GLN C 1109 -38.56 10.58 -85.35
N VAL C 1110 -37.61 10.76 -84.43
CA VAL C 1110 -36.37 11.47 -84.77
C VAL C 1110 -35.28 10.54 -85.28
N PHE C 1111 -35.61 9.28 -85.59
CA PHE C 1111 -34.61 8.37 -86.14
C PHE C 1111 -34.06 8.89 -87.46
N SER C 1112 -34.96 9.31 -88.36
CA SER C 1112 -34.62 9.57 -89.76
C SER C 1112 -34.23 11.02 -90.02
N ALA C 1113 -33.58 11.67 -89.04
CA ALA C 1113 -33.22 13.08 -89.17
C ALA C 1113 -32.06 13.18 -90.17
N GLU C 1114 -32.42 13.22 -91.45
CA GLU C 1114 -31.47 13.28 -92.55
C GLU C 1114 -31.21 14.70 -93.01
N ARG C 1115 -31.21 15.65 -92.08
CA ARG C 1115 -30.87 17.05 -92.37
C ARG C 1115 -29.47 17.41 -91.90
N THR C 1116 -29.14 17.10 -90.65
CA THR C 1116 -27.80 17.28 -90.11
C THR C 1116 -27.30 18.72 -90.25
N ASN C 1138 -11.55 14.86 -88.14
CA ASN C 1138 -10.97 13.78 -87.35
C ASN C 1138 -9.87 14.25 -86.38
N PRO C 1139 -10.20 15.15 -85.43
CA PRO C 1139 -9.18 15.55 -84.44
C PRO C 1139 -8.97 14.48 -83.37
N ILE C 1140 -8.94 13.22 -83.78
CA ILE C 1140 -8.78 12.09 -82.85
C ILE C 1140 -7.38 12.05 -82.25
N PRO C 1141 -6.30 12.19 -83.02
CA PRO C 1141 -4.96 12.17 -82.40
C PRO C 1141 -4.74 13.34 -81.45
N ASN C 1142 -5.49 14.42 -81.61
CA ASN C 1142 -5.56 15.40 -80.53
C ASN C 1142 -6.02 14.73 -79.25
N PHE C 1143 -6.98 13.81 -79.35
CA PHE C 1143 -7.43 13.15 -78.15
C PHE C 1143 -6.56 11.95 -77.77
N ILE C 1144 -5.23 12.09 -77.82
CA ILE C 1144 -4.34 11.04 -77.30
C ILE C 1144 -3.41 11.61 -76.23
N HIS C 1145 -3.51 12.90 -75.97
CA HIS C 1145 -2.72 13.67 -75.02
C HIS C 1145 -3.65 14.77 -74.50
N CYS C 1146 -3.25 15.42 -73.42
CA CYS C 1146 -4.06 16.47 -72.81
C CYS C 1146 -3.50 17.82 -73.24
N ARG C 1147 -4.22 18.47 -74.14
CA ARG C 1147 -3.90 19.80 -74.64
C ARG C 1147 -5.00 20.80 -74.32
N SER C 1148 -6.12 20.34 -73.75
CA SER C 1148 -7.23 21.20 -73.37
C SER C 1148 -8.11 20.41 -72.40
N TYR C 1149 -9.03 21.13 -71.76
CA TYR C 1149 -9.93 20.46 -70.82
C TYR C 1149 -10.78 19.43 -71.55
N LEU C 1150 -11.21 19.79 -72.76
CA LEU C 1150 -12.08 18.91 -73.54
C LEU C 1150 -11.40 17.58 -73.79
N ASP C 1151 -10.11 17.62 -74.14
CA ASP C 1151 -9.42 16.37 -74.42
C ASP C 1151 -8.88 15.71 -73.15
N MET C 1152 -8.64 16.48 -72.08
CA MET C 1152 -8.33 15.87 -70.80
C MET C 1152 -9.48 14.98 -70.32
N LEU C 1153 -10.72 15.36 -70.62
CA LEU C 1153 -11.83 14.45 -70.33
C LEU C 1153 -12.09 13.46 -71.46
N LYS C 1154 -11.77 13.85 -72.70
CA LYS C 1154 -12.02 13.00 -73.86
C LYS C 1154 -11.19 11.73 -73.78
N VAL C 1155 -9.92 11.84 -73.39
CA VAL C 1155 -9.06 10.66 -73.31
C VAL C 1155 -9.62 9.70 -72.27
N ALA C 1156 -10.07 10.25 -71.14
CA ALA C 1156 -10.64 9.43 -70.08
C ALA C 1156 -11.88 8.69 -70.57
N VAL C 1157 -12.73 9.39 -71.32
CA VAL C 1157 -13.93 8.76 -71.84
C VAL C 1157 -13.58 7.64 -72.81
N PHE C 1158 -12.63 7.88 -73.70
CA PHE C 1158 -12.25 6.86 -74.68
C PHE C 1158 -11.58 5.65 -74.06
N ARG C 1159 -10.68 5.84 -73.09
CA ARG C 1159 -9.89 4.73 -72.56
C ARG C 1159 -10.24 4.33 -71.13
N TYR C 1160 -10.32 5.27 -70.20
CA TYR C 1160 -10.55 4.92 -68.80
C TYR C 1160 -11.90 4.22 -68.61
N LEU C 1161 -12.92 4.62 -69.36
CA LEU C 1161 -14.24 4.04 -69.19
C LEU C 1161 -14.23 2.54 -69.44
N PHE C 1162 -13.46 2.06 -70.42
CA PHE C 1162 -13.45 0.63 -70.70
C PHE C 1162 -12.97 -0.13 -69.47
N TRP C 1163 -11.91 0.35 -68.82
CA TRP C 1163 -11.44 -0.31 -67.60
C TRP C 1163 -12.49 -0.20 -66.50
N LEU C 1164 -13.15 0.96 -66.41
CA LEU C 1164 -14.14 1.18 -65.36
C LEU C 1164 -15.30 0.19 -65.48
N VAL C 1165 -15.72 -0.10 -66.72
CA VAL C 1165 -16.86 -0.98 -66.93
C VAL C 1165 -16.58 -2.37 -66.37
N LEU C 1166 -15.35 -2.84 -66.46
CA LEU C 1166 -15.04 -4.15 -65.90
C LEU C 1166 -15.26 -4.17 -64.39
N VAL C 1167 -14.84 -3.10 -63.71
CA VAL C 1167 -15.02 -3.01 -62.27
C VAL C 1167 -16.50 -2.92 -61.91
N VAL C 1168 -17.26 -2.09 -62.64
CA VAL C 1168 -18.68 -1.97 -62.32
C VAL C 1168 -19.39 -3.30 -62.57
N VAL C 1169 -19.00 -4.03 -63.61
CA VAL C 1169 -19.60 -5.33 -63.88
C VAL C 1169 -19.29 -6.29 -62.74
N PHE C 1170 -18.05 -6.27 -62.24
CA PHE C 1170 -17.68 -7.13 -61.13
C PHE C 1170 -18.49 -6.80 -59.88
N VAL C 1171 -18.68 -5.51 -59.60
CA VAL C 1171 -19.44 -5.12 -58.41
C VAL C 1171 -20.93 -5.38 -58.58
N ALA C 1172 -21.43 -5.42 -59.81
CA ALA C 1172 -22.79 -5.89 -60.05
C ALA C 1172 -22.89 -7.39 -59.79
N GLY C 1173 -21.86 -8.14 -60.19
CA GLY C 1173 -21.79 -9.56 -59.86
C GLY C 1173 -21.60 -9.84 -58.38
N ALA C 1174 -21.10 -8.87 -57.62
CA ALA C 1174 -20.83 -9.05 -56.20
C ALA C 1174 -22.06 -8.80 -55.34
N THR C 1175 -22.63 -7.60 -55.39
CA THR C 1175 -23.71 -7.21 -54.49
C THR C 1175 -25.02 -7.73 -55.08
N ARG C 1176 -25.19 -9.05 -54.94
CA ARG C 1176 -26.44 -9.80 -54.90
C ARG C 1176 -26.10 -11.26 -54.68
N ILE C 1177 -27.10 -12.13 -54.57
CA ILE C 1177 -26.86 -13.52 -54.25
C ILE C 1177 -26.44 -14.26 -55.51
N SER C 1178 -25.57 -15.26 -55.34
CA SER C 1178 -25.02 -16.04 -56.45
C SER C 1178 -26.09 -16.98 -57.02
N ILE C 1179 -27.02 -16.41 -57.78
CA ILE C 1179 -27.94 -17.21 -58.57
C ILE C 1179 -27.49 -17.29 -60.02
N PHE C 1180 -26.93 -16.19 -60.55
CA PHE C 1180 -26.34 -16.21 -61.89
C PHE C 1180 -25.12 -15.31 -61.99
N GLY C 1181 -24.66 -14.70 -60.89
CA GLY C 1181 -23.57 -13.75 -60.98
C GLY C 1181 -22.22 -14.39 -61.25
N LEU C 1182 -22.12 -15.71 -61.10
CA LEU C 1182 -20.84 -16.38 -61.24
C LEU C 1182 -20.23 -16.09 -62.60
N GLY C 1183 -21.06 -16.11 -63.65
CA GLY C 1183 -20.57 -15.84 -64.99
C GLY C 1183 -19.73 -14.59 -65.09
N TYR C 1184 -20.03 -13.56 -64.28
CA TYR C 1184 -19.32 -12.31 -64.46
C TYR C 1184 -17.93 -12.37 -63.84
N LEU C 1185 -17.71 -13.29 -62.90
CA LEU C 1185 -16.35 -13.56 -62.48
C LEU C 1185 -15.56 -14.17 -63.62
N LEU C 1186 -16.19 -15.06 -64.39
CA LEU C 1186 -15.51 -15.58 -65.56
C LEU C 1186 -15.21 -14.44 -66.52
N ALA C 1187 -16.07 -13.43 -66.54
CA ALA C 1187 -15.80 -12.29 -67.42
C ALA C 1187 -14.54 -11.59 -66.97
N CYS C 1188 -14.40 -11.36 -65.65
CA CYS C 1188 -13.20 -10.71 -65.20
C CYS C 1188 -12.02 -11.66 -65.24
N PHE C 1189 -12.29 -12.96 -65.35
CA PHE C 1189 -11.23 -13.88 -65.70
C PHE C 1189 -10.78 -13.65 -67.14
N TYR C 1190 -11.73 -13.67 -68.07
CA TYR C 1190 -11.35 -13.51 -69.47
C TYR C 1190 -11.01 -12.06 -69.80
N LEU C 1191 -11.90 -11.14 -69.44
CA LEU C 1191 -11.76 -9.75 -69.90
C LEU C 1191 -10.45 -9.15 -69.39
N LEU C 1192 -10.15 -9.33 -68.12
CA LEU C 1192 -8.95 -8.72 -67.60
C LEU C 1192 -7.70 -9.46 -68.06
N LEU C 1193 -7.78 -10.78 -68.27
CA LEU C 1193 -6.62 -11.50 -68.77
C LEU C 1193 -6.23 -11.02 -70.16
N PHE C 1194 -7.20 -10.91 -71.06
CA PHE C 1194 -6.95 -10.54 -72.44
C PHE C 1194 -7.27 -9.07 -72.74
N GLY C 1195 -7.47 -8.24 -71.73
CA GLY C 1195 -7.94 -6.88 -71.97
C GLY C 1195 -7.08 -6.12 -72.96
N THR C 1196 -5.76 -6.17 -72.77
CA THR C 1196 -4.87 -5.50 -73.71
C THR C 1196 -5.00 -6.11 -75.10
N THR C 1197 -4.99 -7.45 -75.18
CA THR C 1197 -5.13 -8.09 -76.47
C THR C 1197 -6.52 -7.84 -77.07
N LEU C 1198 -7.55 -7.79 -76.22
CA LEU C 1198 -8.90 -7.50 -76.72
C LEU C 1198 -8.94 -6.12 -77.37
N LEU C 1199 -8.33 -5.13 -76.74
CA LEU C 1199 -8.24 -3.82 -77.37
C LEU C 1199 -7.41 -3.88 -78.64
N GLN C 1200 -6.39 -4.76 -78.67
CA GLN C 1200 -5.45 -4.83 -79.78
C GLN C 1200 -5.91 -5.70 -80.93
N LYS C 1201 -7.14 -6.24 -80.91
CA LYS C 1201 -7.49 -7.11 -82.02
C LYS C 1201 -8.12 -6.41 -83.20
N ASP C 1202 -9.46 -6.49 -83.30
CA ASP C 1202 -10.19 -5.90 -84.41
C ASP C 1202 -11.59 -5.54 -83.94
N THR C 1203 -12.22 -4.59 -84.65
CA THR C 1203 -13.57 -4.19 -84.30
C THR C 1203 -14.54 -5.35 -84.44
N ARG C 1204 -14.39 -6.18 -85.48
CA ARG C 1204 -15.31 -7.29 -85.72
C ARG C 1204 -15.41 -8.22 -84.53
N ALA C 1205 -14.27 -8.59 -83.93
CA ALA C 1205 -14.32 -9.55 -82.84
C ALA C 1205 -14.59 -8.88 -81.50
N GLN C 1206 -14.20 -7.62 -81.34
CA GLN C 1206 -14.59 -6.88 -80.16
C GLN C 1206 -16.12 -6.81 -80.08
N LEU C 1207 -16.76 -6.42 -81.19
CA LEU C 1207 -18.21 -6.37 -81.23
C LEU C 1207 -18.83 -7.77 -81.14
N VAL C 1208 -18.15 -8.80 -81.63
CA VAL C 1208 -18.66 -10.16 -81.47
C VAL C 1208 -18.76 -10.52 -80.00
N LEU C 1209 -17.67 -10.31 -79.25
CA LEU C 1209 -17.68 -10.73 -77.86
C LEU C 1209 -18.53 -9.79 -77.00
N TRP C 1210 -18.64 -8.52 -77.38
CA TRP C 1210 -19.53 -7.63 -76.63
C TRP C 1210 -20.98 -7.98 -76.88
N ASP C 1211 -21.32 -8.39 -78.11
CA ASP C 1211 -22.67 -8.83 -78.40
C ASP C 1211 -22.98 -10.12 -77.66
N CYS C 1212 -22.00 -11.02 -77.57
CA CYS C 1212 -22.18 -12.22 -76.74
C CYS C 1212 -22.46 -11.85 -75.28
N LEU C 1213 -21.74 -10.86 -74.74
CA LEU C 1213 -21.92 -10.51 -73.34
C LEU C 1213 -23.27 -9.85 -73.10
N ILE C 1214 -23.67 -8.94 -74.00
CA ILE C 1214 -24.97 -8.31 -73.81
C ILE C 1214 -26.09 -9.31 -74.06
N LEU C 1215 -25.84 -10.31 -74.90
CA LEU C 1215 -26.83 -11.38 -75.08
C LEU C 1215 -26.98 -12.19 -73.80
N TYR C 1216 -25.86 -12.48 -73.11
CA TYR C 1216 -25.97 -13.19 -71.85
C TYR C 1216 -26.58 -12.32 -70.75
N ASN C 1217 -26.44 -11.00 -70.86
CA ASN C 1217 -27.08 -10.12 -69.91
C ASN C 1217 -28.60 -10.07 -70.11
N VAL C 1218 -29.03 -9.93 -71.37
CA VAL C 1218 -30.46 -9.87 -71.62
C VAL C 1218 -31.09 -11.25 -71.52
N THR C 1219 -30.29 -12.31 -71.61
CA THR C 1219 -30.69 -13.62 -71.11
C THR C 1219 -31.01 -13.55 -69.62
N VAL C 1220 -30.04 -13.12 -68.82
CA VAL C 1220 -30.14 -13.36 -67.39
C VAL C 1220 -31.12 -12.42 -66.72
N ILE C 1221 -31.45 -11.29 -67.36
CA ILE C 1221 -32.49 -10.43 -66.79
C ILE C 1221 -33.86 -11.10 -66.92
N ILE C 1222 -34.17 -11.64 -68.10
CA ILE C 1222 -35.45 -12.32 -68.25
C ILE C 1222 -35.46 -13.62 -67.46
N SER C 1223 -34.31 -14.27 -67.30
CA SER C 1223 -34.27 -15.44 -66.42
C SER C 1223 -34.58 -15.05 -64.99
N LYS C 1224 -34.14 -13.87 -64.56
CA LYS C 1224 -34.50 -13.36 -63.24
C LYS C 1224 -35.88 -12.73 -63.22
N ASN C 1225 -36.58 -12.70 -64.35
CA ASN C 1225 -38.00 -12.40 -64.37
C ASN C 1225 -38.88 -13.64 -64.25
N MET C 1226 -38.30 -14.83 -64.37
CA MET C 1226 -39.05 -16.10 -64.41
C MET C 1226 -39.11 -16.77 -63.05
N LEU C 1227 -39.26 -16.00 -61.96
CA LEU C 1227 -39.24 -16.59 -60.63
C LEU C 1227 -40.60 -17.10 -60.18
N SER C 1228 -41.68 -16.64 -60.81
CA SER C 1228 -43.02 -17.07 -60.42
C SER C 1228 -44.01 -16.90 -61.58
N ALA C 1278 -36.42 -2.12 -59.33
CA ALA C 1278 -36.71 -2.85 -58.10
C ALA C 1278 -35.45 -3.32 -57.41
N GLY C 1279 -34.98 -4.51 -57.78
CA GLY C 1279 -33.82 -5.10 -57.16
C GLY C 1279 -32.84 -5.67 -58.17
N ILE C 1280 -32.77 -5.04 -59.34
CA ILE C 1280 -31.98 -5.53 -60.47
C ILE C 1280 -31.13 -4.36 -60.93
N ILE C 1281 -30.90 -3.40 -60.03
CA ILE C 1281 -30.40 -2.10 -60.44
C ILE C 1281 -28.96 -2.20 -60.94
N TRP C 1282 -28.16 -3.08 -60.34
CA TRP C 1282 -26.78 -3.23 -60.77
C TRP C 1282 -26.71 -3.82 -62.16
N ASP C 1283 -27.60 -4.77 -62.45
CA ASP C 1283 -27.67 -5.33 -63.80
C ASP C 1283 -28.05 -4.26 -64.81
N SER C 1284 -29.01 -3.40 -64.45
CA SER C 1284 -29.42 -2.34 -65.37
C SER C 1284 -28.29 -1.35 -65.64
N ILE C 1285 -27.58 -0.92 -64.59
CA ILE C 1285 -26.51 0.04 -64.82
C ILE C 1285 -25.38 -0.58 -65.63
N CYS C 1286 -25.00 -1.82 -65.32
CA CYS C 1286 -23.94 -2.43 -66.13
C CYS C 1286 -24.40 -2.59 -67.58
N PHE C 1287 -25.68 -2.90 -67.79
CA PHE C 1287 -26.21 -3.00 -69.14
C PHE C 1287 -26.06 -1.67 -69.87
N PHE C 1288 -26.39 -0.58 -69.18
CA PHE C 1288 -26.23 0.74 -69.77
C PHE C 1288 -24.77 0.97 -70.14
N PHE C 1289 -23.86 0.55 -69.26
CA PHE C 1289 -22.44 0.69 -69.56
C PHE C 1289 -22.05 -0.14 -70.78
N LEU C 1290 -22.59 -1.35 -70.93
CA LEU C 1290 -22.25 -2.15 -72.11
C LEU C 1290 -22.70 -1.47 -73.40
N LEU C 1291 -23.91 -0.92 -73.41
CA LEU C 1291 -24.31 -0.18 -74.60
C LEU C 1291 -23.43 1.05 -74.84
N LEU C 1292 -23.08 1.78 -73.79
CA LEU C 1292 -22.23 2.96 -73.98
C LEU C 1292 -20.87 2.57 -74.53
N GLN C 1293 -20.25 1.51 -73.99
CA GLN C 1293 -18.97 1.06 -74.51
C GLN C 1293 -19.11 0.55 -75.94
N ARG C 1294 -20.22 -0.13 -76.26
CA ARG C 1294 -20.42 -0.59 -77.63
C ARG C 1294 -20.47 0.59 -78.60
N ARG C 1295 -21.16 1.67 -78.20
CA ARG C 1295 -21.17 2.87 -79.02
C ARG C 1295 -19.77 3.44 -79.17
N ILE C 1296 -18.99 3.43 -78.10
CA ILE C 1296 -17.60 3.88 -78.19
C ILE C 1296 -16.83 3.02 -79.19
N PHE C 1297 -17.01 1.71 -79.10
CA PHE C 1297 -16.22 0.74 -79.84
C PHE C 1297 -16.59 0.69 -81.31
N LEU C 1298 -17.80 1.14 -81.66
CA LEU C 1298 -18.10 1.37 -83.07
C LEU C 1298 -17.33 2.57 -83.59
N SER C 1299 -17.18 3.61 -82.78
CA SER C 1299 -16.93 4.95 -83.29
C SER C 1299 -15.57 5.02 -83.98
N HIS C 1300 -15.51 5.80 -85.05
CA HIS C 1300 -14.28 5.99 -85.81
C HIS C 1300 -13.36 7.06 -85.22
N TYR C 1301 -13.70 7.62 -84.07
CA TYR C 1301 -12.75 8.51 -83.39
C TYR C 1301 -11.71 7.74 -82.59
N PHE C 1302 -12.10 6.60 -82.02
CA PHE C 1302 -11.19 5.80 -81.19
C PHE C 1302 -10.08 5.12 -82.00
N LEU C 1303 -10.21 5.06 -83.33
CA LEU C 1303 -9.26 4.29 -84.13
C LEU C 1303 -7.81 4.71 -83.89
N HIS C 1304 -7.55 5.99 -83.69
CA HIS C 1304 -6.16 6.40 -83.48
C HIS C 1304 -5.70 6.16 -82.07
N VAL C 1305 -6.62 6.12 -81.10
CA VAL C 1305 -6.25 5.64 -79.78
C VAL C 1305 -5.88 4.18 -79.90
N SER C 1306 -6.54 3.45 -80.80
CA SER C 1306 -6.15 2.06 -81.01
C SER C 1306 -4.80 1.99 -81.67
N ALA C 1307 -4.49 2.95 -82.54
CA ALA C 1307 -3.15 2.99 -83.11
C ALA C 1307 -2.15 3.36 -82.03
N ASP C 1308 -2.57 4.17 -81.06
CA ASP C 1308 -1.71 4.44 -79.92
C ASP C 1308 -1.34 3.13 -79.25
N LEU C 1309 -2.31 2.23 -79.11
CA LEU C 1309 -2.01 1.02 -78.38
C LEU C 1309 -1.22 0.05 -79.25
N LYS C 1310 -1.38 0.16 -80.57
CA LYS C 1310 -0.49 -0.60 -81.45
C LYS C 1310 0.94 -0.15 -81.23
N ALA C 1311 1.14 1.15 -81.07
CA ALA C 1311 2.48 1.66 -80.81
C ALA C 1311 3.00 1.09 -79.51
N THR C 1312 2.16 1.06 -78.46
CA THR C 1312 2.60 0.51 -77.19
C THR C 1312 2.92 -0.98 -77.28
N ALA C 1313 2.40 -1.68 -78.29
CA ALA C 1313 2.83 -3.06 -78.51
C ALA C 1313 4.26 -3.13 -79.07
N LEU C 1314 4.67 -2.14 -79.85
CA LEU C 1314 5.98 -2.19 -80.48
C LEU C 1314 7.12 -1.84 -79.51
N GLN C 1315 6.94 -0.81 -78.69
CA GLN C 1315 8.07 -0.12 -78.06
C GLN C 1315 8.57 -0.76 -76.77
N ALA C 1316 8.18 -2.00 -76.44
CA ALA C 1316 8.45 -2.50 -75.09
C ALA C 1316 9.93 -2.81 -74.88
N SER C 1317 10.58 -3.37 -75.90
CA SER C 1317 11.97 -3.80 -75.74
C SER C 1317 12.92 -2.63 -75.58
N ARG C 1318 12.63 -1.50 -76.23
CA ARG C 1318 13.47 -0.33 -76.04
C ARG C 1318 13.38 0.19 -74.62
N GLY C 1319 12.19 0.17 -74.02
CA GLY C 1319 12.06 0.59 -72.64
C GLY C 1319 12.74 -0.38 -71.68
N PHE C 1320 12.68 -1.67 -72.00
CA PHE C 1320 13.41 -2.65 -71.19
C PHE C 1320 14.91 -2.38 -71.23
N ALA C 1321 15.45 -2.12 -72.44
CA ALA C 1321 16.86 -1.78 -72.55
C ALA C 1321 17.18 -0.46 -71.86
N LEU C 1322 16.24 0.48 -71.84
CA LEU C 1322 16.48 1.75 -71.16
C LEU C 1322 16.56 1.56 -69.65
N TYR C 1323 15.69 0.73 -69.08
CA TYR C 1323 15.78 0.42 -67.66
C TYR C 1323 17.08 -0.32 -67.35
N ASN C 1324 17.47 -1.23 -68.24
CA ASN C 1324 18.76 -1.91 -68.07
C ASN C 1324 19.91 -0.91 -68.05
N ALA C 1325 19.90 0.05 -68.97
CA ALA C 1325 20.98 1.03 -69.01
C ALA C 1325 20.99 1.90 -67.76
N ALA C 1326 19.80 2.24 -67.26
CA ALA C 1326 19.73 3.09 -66.07
C ALA C 1326 20.26 2.36 -64.84
N ASN C 1327 19.93 1.07 -64.70
CA ASN C 1327 20.45 0.37 -63.53
C ASN C 1327 21.91 0.00 -63.69
N LEU C 1328 22.40 -0.15 -64.92
CA LEU C 1328 23.85 -0.27 -65.12
C LEU C 1328 24.56 1.02 -64.72
N LYS C 1329 23.96 2.17 -65.03
CA LYS C 1329 24.54 3.44 -64.59
C LYS C 1329 24.58 3.54 -63.08
N SER C 1330 23.51 3.08 -62.41
CA SER C 1330 23.50 3.09 -60.95
C SER C 1330 24.58 2.16 -60.39
N ILE C 1331 24.71 0.96 -60.95
CA ILE C 1331 25.67 -0.01 -60.44
C ILE C 1331 27.09 0.49 -60.62
N ASN C 1332 27.38 1.15 -61.74
CA ASN C 1332 28.74 1.62 -61.89
C ASN C 1332 29.00 2.96 -61.20
N PHE C 1333 27.95 3.66 -60.78
CA PHE C 1333 28.18 4.82 -59.94
C PHE C 1333 28.44 4.38 -58.50
N HIS C 1334 27.88 3.25 -58.11
CA HIS C 1334 28.14 2.79 -56.76
C HIS C 1334 29.46 2.03 -56.70
N ARG C 1335 29.85 1.39 -57.82
CA ARG C 1335 31.17 0.80 -57.89
C ARG C 1335 32.24 1.88 -57.81
N GLN C 1336 32.00 3.03 -58.47
CA GLN C 1336 33.00 4.08 -58.42
C GLN C 1336 33.04 4.75 -57.04
N ILE C 1337 31.88 4.87 -56.38
CA ILE C 1337 31.87 5.41 -55.03
C ILE C 1337 32.63 4.48 -54.07
N GLU C 1338 32.46 3.16 -54.24
CA GLU C 1338 33.15 2.23 -53.36
C GLU C 1338 34.65 2.23 -53.61
N GLU C 1339 35.07 2.39 -54.86
CA GLU C 1339 36.51 2.45 -55.12
C GLU C 1339 37.11 3.71 -54.54
N LYS C 1340 36.42 4.85 -54.69
CA LYS C 1340 36.94 6.09 -54.10
C LYS C 1340 37.01 5.98 -52.58
N SER C 1341 36.00 5.38 -51.96
CA SER C 1341 36.00 5.29 -50.50
C SER C 1341 37.08 4.33 -50.00
N LEU C 1342 37.35 3.26 -50.75
CA LEU C 1342 38.42 2.35 -50.34
C LEU C 1342 39.78 3.03 -50.48
N ALA C 1343 39.97 3.82 -51.53
CA ALA C 1343 41.22 4.57 -51.66
C ALA C 1343 41.37 5.57 -50.52
N GLN C 1344 40.28 6.23 -50.14
CA GLN C 1344 40.33 7.18 -49.03
C GLN C 1344 40.72 6.50 -47.72
N LEU C 1345 40.10 5.34 -47.45
CA LEU C 1345 40.41 4.62 -46.22
C LEU C 1345 41.85 4.12 -46.22
N LYS C 1346 42.35 3.71 -47.39
CA LYS C 1346 43.75 3.28 -47.47
C LYS C 1346 44.68 4.45 -47.22
N ARG C 1347 44.33 5.64 -47.71
CA ARG C 1347 45.15 6.83 -47.42
C ARG C 1347 45.16 7.11 -45.93
N GLN C 1348 44.02 6.95 -45.27
CA GLN C 1348 43.95 7.23 -43.84
C GLN C 1348 44.84 6.26 -43.07
N MET C 1349 44.76 4.97 -43.39
CA MET C 1349 45.57 4.00 -42.67
C MET C 1349 47.05 4.18 -42.96
N LYS C 1350 47.40 4.53 -44.20
CA LYS C 1350 48.79 4.85 -44.52
C LYS C 1350 49.30 5.97 -43.63
N ARG C 1351 48.56 7.09 -43.58
CA ARG C 1351 49.02 8.24 -42.81
C ARG C 1351 49.12 7.91 -41.33
N ILE C 1352 48.16 7.15 -40.80
CA ILE C 1352 48.18 6.81 -39.38
C ILE C 1352 49.38 5.92 -39.06
N ARG C 1353 49.63 4.90 -39.89
CA ARG C 1353 50.76 4.04 -39.62
C ARG C 1353 52.08 4.78 -39.76
N ALA C 1354 52.17 5.74 -40.70
CA ALA C 1354 53.41 6.49 -40.82
C ALA C 1354 53.64 7.39 -39.62
N LYS C 1355 52.56 7.93 -39.03
CA LYS C 1355 52.77 8.75 -37.84
C LYS C 1355 53.11 7.89 -36.63
N GLN C 1356 52.50 6.71 -36.52
CA GLN C 1356 52.81 5.88 -35.37
C GLN C 1356 54.20 5.28 -35.48
N GLU C 1357 54.68 5.05 -36.71
CA GLU C 1357 56.07 4.64 -36.89
C GLU C 1357 57.02 5.76 -36.55
N LYS C 1358 56.67 7.00 -36.89
CA LYS C 1358 57.50 8.14 -36.51
C LYS C 1358 57.59 8.26 -35.00
N TYR C 1359 56.46 8.09 -34.31
CA TYR C 1359 56.49 8.25 -32.86
C TYR C 1359 57.17 7.08 -32.16
N ARG C 1360 57.11 5.85 -32.69
CA ARG C 1360 57.93 4.83 -32.05
C ARG C 1360 59.39 4.96 -32.43
N GLN C 1361 59.68 5.66 -33.53
CA GLN C 1361 61.06 5.91 -33.91
C GLN C 1361 61.69 6.87 -32.91
N SER C 1362 61.07 8.03 -32.72
CA SER C 1362 61.64 8.96 -31.75
C SER C 1362 61.27 8.59 -30.32
N GLN C 1363 60.49 7.52 -30.12
CA GLN C 1363 60.37 6.90 -28.81
C GLN C 1363 61.62 6.10 -28.47
N ALA C 1364 62.04 5.24 -29.40
CA ALA C 1364 63.16 4.34 -29.11
C ALA C 1364 64.49 5.07 -28.98
N SER C 1365 64.59 6.29 -29.51
CA SER C 1365 65.82 7.07 -29.41
C SER C 1365 65.94 7.73 -28.03
N VAL C 1382 51.70 -2.10 -22.31
CA VAL C 1382 51.96 -1.50 -23.62
C VAL C 1382 50.95 -0.41 -23.91
N ILE C 1383 49.78 -0.50 -23.28
CA ILE C 1383 48.80 0.57 -23.35
C ILE C 1383 49.23 1.75 -22.49
N HIS C 1384 49.68 1.47 -21.27
CA HIS C 1384 50.04 2.53 -20.33
C HIS C 1384 51.46 3.04 -20.60
N SER C 1385 51.75 3.40 -21.85
CA SER C 1385 53.03 4.00 -22.23
C SER C 1385 52.77 5.20 -23.13
N GLY C 1386 52.55 6.36 -22.51
CA GLY C 1386 52.50 7.61 -23.24
C GLY C 1386 53.44 8.63 -22.62
N ASP C 1387 53.88 9.57 -23.46
CA ASP C 1387 54.78 10.62 -22.99
C ASP C 1387 54.50 11.89 -23.77
N TYR C 1388 54.95 13.02 -23.19
CA TYR C 1388 54.59 14.34 -23.73
C TYR C 1388 55.05 14.53 -25.17
N PHE C 1389 56.13 13.86 -25.58
CA PHE C 1389 56.64 14.04 -26.93
C PHE C 1389 55.70 13.48 -27.99
N LEU C 1390 54.60 12.84 -27.58
CA LEU C 1390 53.56 12.40 -28.51
C LEU C 1390 52.65 13.54 -28.94
N PHE C 1391 52.89 14.76 -28.48
CA PHE C 1391 51.92 15.84 -28.55
C PHE C 1391 52.51 17.06 -29.23
N GLU C 1392 53.18 16.84 -30.36
CA GLU C 1392 53.75 17.93 -31.13
C GLU C 1392 52.69 18.59 -31.99
N SER C 1393 52.81 19.90 -32.17
CA SER C 1393 51.81 20.60 -32.97
C SER C 1393 52.00 20.20 -34.43
N ASP C 1394 51.37 19.09 -34.82
CA ASP C 1394 51.49 18.56 -36.17
C ASP C 1394 50.27 18.93 -37.01
N SER C 1395 50.12 20.23 -37.25
CA SER C 1395 49.29 20.69 -38.36
C SER C 1395 50.03 20.60 -39.68
N GLU C 1396 51.34 20.37 -39.65
CA GLU C 1396 52.18 20.01 -40.79
C GLU C 1396 51.47 19.15 -41.85
N GLU C 1397 50.79 18.09 -41.43
CA GLU C 1397 50.19 17.18 -42.40
C GLU C 1397 48.76 17.55 -42.79
N GLU C 1398 47.86 17.70 -41.81
CA GLU C 1398 46.48 18.00 -42.15
C GLU C 1398 46.34 19.45 -42.63
N GLU C 1399 45.12 19.84 -42.93
CA GLU C 1399 44.80 21.17 -43.44
C GLU C 1399 45.28 22.25 -42.47
N PHE C 1480 -4.47 36.28 -46.82
CA PHE C 1480 -3.22 36.14 -46.07
C PHE C 1480 -2.90 34.67 -45.81
N LEU C 1481 -3.92 33.87 -45.49
CA LEU C 1481 -3.70 32.45 -45.29
C LEU C 1481 -3.63 31.68 -46.60
N TRP C 1482 -4.15 32.25 -47.70
CA TRP C 1482 -4.20 31.51 -48.95
C TRP C 1482 -2.83 31.46 -49.62
N VAL C 1483 -1.97 32.46 -49.39
CA VAL C 1483 -0.61 32.35 -49.88
C VAL C 1483 0.13 31.25 -49.12
N LEU C 1484 -0.16 31.10 -47.83
CA LEU C 1484 0.44 30.01 -47.06
C LEU C 1484 -0.04 28.67 -47.58
N GLY C 1485 -1.33 28.56 -47.87
CA GLY C 1485 -1.85 27.31 -48.42
C GLY C 1485 -1.24 26.97 -49.76
N GLN C 1486 -1.17 27.96 -50.66
CA GLN C 1486 -0.60 27.73 -51.98
C GLN C 1486 0.87 27.36 -51.87
N ALA C 1487 1.60 27.98 -50.94
CA ALA C 1487 3.02 27.65 -50.78
C ALA C 1487 3.19 26.25 -50.25
N THR C 1488 2.36 25.84 -49.28
CA THR C 1488 2.48 24.50 -48.73
C THR C 1488 2.12 23.43 -49.76
N VAL C 1489 1.09 23.68 -50.56
CA VAL C 1489 0.72 22.68 -51.56
C VAL C 1489 1.71 22.68 -52.73
N ASP C 1490 2.38 23.80 -52.99
CA ASP C 1490 3.43 23.79 -54.00
C ASP C 1490 4.68 23.09 -53.50
N GLY C 1491 4.97 23.18 -52.20
CA GLY C 1491 6.06 22.41 -51.64
C GLY C 1491 5.75 20.92 -51.63
N LEU C 1492 4.49 20.56 -51.38
CA LEU C 1492 4.13 19.15 -51.37
C LEU C 1492 4.15 18.57 -52.78
N THR C 1493 3.70 19.33 -53.78
CA THR C 1493 3.80 18.82 -55.13
C THR C 1493 5.21 18.88 -55.69
N ARG C 1494 6.08 19.75 -55.15
CA ARG C 1494 7.49 19.68 -55.50
C ARG C 1494 8.14 18.42 -54.92
N TRP C 1495 7.80 18.08 -53.68
CA TRP C 1495 8.29 16.84 -53.08
C TRP C 1495 7.80 15.64 -53.88
N LEU C 1496 6.56 15.67 -54.35
CA LEU C 1496 6.06 14.55 -55.14
C LEU C 1496 6.71 14.51 -56.52
N ARG C 1497 7.01 15.66 -57.11
CA ARG C 1497 7.79 15.68 -58.34
C ARG C 1497 9.18 15.07 -58.13
N ALA C 1498 9.82 15.43 -57.02
CA ALA C 1498 11.13 14.88 -56.70
C ALA C 1498 11.07 13.36 -56.54
N PHE C 1499 9.98 12.85 -55.99
CA PHE C 1499 9.85 11.39 -55.92
C PHE C 1499 9.56 10.77 -57.28
N THR C 1500 8.83 11.46 -58.14
CA THR C 1500 8.41 10.87 -59.41
C THR C 1500 9.44 11.02 -60.52
N LYS C 1501 10.47 11.85 -60.32
CA LYS C 1501 11.24 12.40 -61.43
C LYS C 1501 11.71 11.34 -62.44
N HIS C 1502 12.14 10.17 -61.95
CA HIS C 1502 12.76 9.23 -62.88
C HIS C 1502 11.73 8.49 -63.72
N HIS C 1503 10.64 8.06 -63.11
CA HIS C 1503 9.56 7.47 -63.89
C HIS C 1503 8.89 8.53 -64.77
N ARG C 1504 8.90 9.79 -64.33
CA ARG C 1504 8.36 10.86 -65.16
C ARG C 1504 9.20 11.04 -66.41
N THR C 1505 10.53 11.03 -66.27
CA THR C 1505 11.40 11.15 -67.43
C THR C 1505 11.25 9.96 -68.37
N MET C 1506 11.18 8.75 -67.80
CA MET C 1506 11.01 7.58 -68.66
C MET C 1506 9.69 7.62 -69.41
N SER C 1507 8.61 7.98 -68.71
CA SER C 1507 7.31 8.10 -69.36
C SER C 1507 7.34 9.17 -70.43
N ASP C 1508 8.04 10.28 -70.18
CA ASP C 1508 8.08 11.37 -71.14
C ASP C 1508 8.82 10.96 -72.41
N VAL C 1509 10.01 10.37 -72.26
CA VAL C 1509 10.77 9.97 -73.44
C VAL C 1509 10.01 8.91 -74.24
N LEU C 1510 9.44 7.90 -73.56
CA LEU C 1510 8.66 6.90 -74.29
C LEU C 1510 7.45 7.53 -74.96
N CYS C 1511 6.76 8.46 -74.28
CA CYS C 1511 5.60 9.10 -74.87
C CYS C 1511 5.98 9.89 -76.11
N ALA C 1512 7.09 10.63 -76.05
CA ALA C 1512 7.53 11.38 -77.22
C ALA C 1512 7.87 10.46 -78.38
N GLU C 1513 8.58 9.37 -78.09
CA GLU C 1513 8.92 8.41 -79.15
C GLU C 1513 7.65 7.81 -79.75
N ARG C 1514 6.68 7.47 -78.90
CA ARG C 1514 5.42 6.92 -79.38
C ARG C 1514 4.68 7.92 -80.24
N TYR C 1515 4.65 9.18 -79.83
CA TYR C 1515 3.98 10.21 -80.61
C TYR C 1515 4.63 10.37 -81.96
N LEU C 1516 5.96 10.39 -82.00
CA LEU C 1516 6.65 10.52 -83.28
C LEU C 1516 6.36 9.32 -84.17
N LEU C 1517 6.40 8.11 -83.61
CA LEU C 1517 6.13 6.92 -84.41
C LEU C 1517 4.71 6.93 -84.95
N THR C 1518 3.73 7.30 -84.10
CA THR C 1518 2.35 7.33 -84.55
C THR C 1518 2.15 8.37 -85.63
N GLN C 1519 2.75 9.56 -85.49
CA GLN C 1519 2.62 10.56 -86.54
C GLN C 1519 3.23 10.05 -87.83
N GLU C 1520 4.38 9.37 -87.75
CA GLU C 1520 4.95 8.74 -88.93
C GLU C 1520 4.03 7.64 -89.43
N LEU C 1521 3.36 6.94 -88.50
CA LEU C 1521 2.49 5.81 -88.84
C LEU C 1521 1.13 6.31 -89.32
N LEU C 1522 1.16 7.08 -90.40
CA LEU C 1522 -0.08 7.44 -91.09
C LEU C 1522 -0.44 6.41 -92.15
N ARG C 1523 0.57 5.84 -92.82
CA ARG C 1523 0.38 4.85 -93.85
C ARG C 1523 0.92 3.48 -93.44
N VAL C 1524 2.19 3.40 -93.06
CA VAL C 1524 2.87 2.13 -92.82
C VAL C 1524 3.85 2.30 -91.68
N GLY C 1525 4.24 1.18 -91.08
CA GLY C 1525 5.40 1.14 -90.20
C GLY C 1525 6.19 -0.15 -90.35
N GLU C 1526 7.48 -0.05 -90.68
CA GLU C 1526 8.30 -1.23 -90.94
C GLU C 1526 9.68 -1.22 -90.32
N VAL C 1527 10.19 -0.10 -89.81
CA VAL C 1527 11.55 -0.05 -89.30
C VAL C 1527 11.54 0.41 -87.84
N ARG C 1528 12.50 -0.11 -87.09
CA ARG C 1528 12.72 0.24 -85.68
C ARG C 1528 13.99 1.03 -85.47
N ARG C 1529 15.11 0.57 -86.01
CA ARG C 1529 16.34 1.37 -85.98
C ARG C 1529 16.23 2.59 -86.86
N GLY C 1530 15.37 2.57 -87.89
CA GLY C 1530 15.12 3.75 -88.66
C GLY C 1530 14.40 4.83 -87.89
N VAL C 1531 13.67 4.45 -86.84
CA VAL C 1531 13.13 5.42 -85.89
C VAL C 1531 14.12 5.71 -84.77
N LEU C 1532 15.08 4.81 -84.53
CA LEU C 1532 16.11 5.05 -83.54
C LEU C 1532 17.10 6.13 -83.95
N ASP C 1533 17.04 6.61 -85.19
CA ASP C 1533 17.95 7.62 -85.69
C ASP C 1533 17.23 8.82 -86.31
N GLN C 1534 15.92 8.93 -86.10
CA GLN C 1534 15.15 10.07 -86.57
C GLN C 1534 15.16 11.21 -85.55
N LEU C 1535 16.35 11.55 -85.09
CA LEU C 1535 16.53 12.45 -83.95
C LEU C 1535 15.99 13.83 -84.25
N ALA C 1621 24.66 5.85 -80.07
CA ALA C 1621 23.26 5.97 -80.47
C ALA C 1621 22.44 4.80 -79.95
N SER C 1622 23.13 3.72 -79.56
CA SER C 1622 22.44 2.49 -79.20
C SER C 1622 21.93 2.52 -77.76
N GLU C 1623 22.84 2.57 -76.79
CA GLU C 1623 22.51 2.34 -75.38
C GLU C 1623 22.98 3.54 -74.55
N LEU C 1624 22.09 4.52 -74.36
CA LEU C 1624 22.40 5.70 -73.58
C LEU C 1624 21.15 6.10 -72.79
N LEU C 1625 21.19 7.28 -72.18
CA LEU C 1625 19.98 8.00 -71.75
C LEU C 1625 20.19 9.45 -72.13
N LEU C 1626 19.82 9.79 -73.36
CA LEU C 1626 20.01 11.15 -73.88
C LEU C 1626 18.72 11.66 -74.50
N ASP C 1627 18.68 12.98 -74.67
CA ASP C 1627 17.51 13.68 -75.21
C ASP C 1627 18.04 14.90 -75.96
N ARG C 1628 18.29 14.73 -77.26
CA ARG C 1628 18.96 15.74 -78.07
C ARG C 1628 18.31 15.83 -79.45
N ARG C 1629 16.99 15.88 -79.50
CA ARG C 1629 16.28 15.57 -80.73
C ARG C 1629 15.36 16.73 -81.12
N LEU C 1630 14.49 16.47 -82.11
CA LEU C 1630 13.53 17.45 -82.61
C LEU C 1630 12.51 17.86 -81.56
N HIS C 1631 11.61 18.77 -81.95
CA HIS C 1631 10.59 19.32 -81.05
C HIS C 1631 9.27 19.35 -81.82
N ILE C 1632 8.36 18.48 -81.45
CA ILE C 1632 7.04 18.44 -82.09
C ILE C 1632 6.17 19.53 -81.46
N PRO C 1633 5.57 20.42 -82.25
CA PRO C 1633 4.77 21.50 -81.66
C PRO C 1633 3.53 21.02 -80.93
N GLU C 1634 3.00 19.85 -81.26
CA GLU C 1634 1.86 19.32 -80.53
C GLU C 1634 2.24 18.95 -79.11
N LEU C 1635 3.43 18.38 -78.93
CA LEU C 1635 3.89 18.03 -77.60
C LEU C 1635 4.21 19.27 -76.79
N GLU C 1636 4.87 20.26 -77.41
CA GLU C 1636 5.11 21.52 -76.71
C GLU C 1636 3.80 22.20 -76.32
N GLU C 1637 2.77 22.07 -77.17
CA GLU C 1637 1.47 22.67 -76.84
C GLU C 1637 0.84 21.94 -75.66
N ALA C 1638 0.96 20.61 -75.61
CA ALA C 1638 0.42 19.87 -74.48
C ALA C 1638 1.18 20.19 -73.21
N GLU C 1639 2.50 20.40 -73.32
CA GLU C 1639 3.29 20.75 -72.15
C GLU C 1639 2.93 22.14 -71.65
N ARG C 1640 2.65 23.06 -72.57
CA ARG C 1640 2.22 24.39 -72.14
C ARG C 1640 0.84 24.33 -71.48
N PHE C 1641 -0.06 23.50 -72.01
CA PHE C 1641 -1.39 23.38 -71.41
C PHE C 1641 -1.28 22.82 -70.00
N GLU C 1642 -0.52 21.75 -69.81
CA GLU C 1642 -0.38 21.22 -68.45
C GLU C 1642 0.36 22.23 -67.57
N ALA C 1643 1.29 22.99 -68.15
CA ALA C 1643 2.03 24.00 -67.39
C ALA C 1643 1.10 25.07 -66.84
N GLN C 1644 0.05 25.42 -67.60
CA GLN C 1644 -0.87 26.46 -67.16
C GLN C 1644 -1.48 26.15 -65.80
N GLN C 1645 -1.88 24.90 -65.57
CA GLN C 1645 -2.42 24.53 -64.27
C GLN C 1645 -1.35 24.66 -63.19
N GLY C 1646 -1.71 25.29 -62.07
CA GLY C 1646 -0.78 25.46 -60.97
C GLY C 1646 -1.33 25.21 -59.58
N ARG C 1647 -2.63 24.94 -59.48
CA ARG C 1647 -3.28 24.73 -58.19
C ARG C 1647 -3.23 23.26 -57.81
N THR C 1648 -4.08 22.84 -56.86
CA THR C 1648 -4.03 21.49 -56.31
C THR C 1648 -4.22 20.42 -57.37
N LEU C 1649 -4.83 20.77 -58.51
CA LEU C 1649 -5.04 19.78 -59.56
C LEU C 1649 -3.71 19.16 -59.94
N ARG C 1650 -2.64 19.97 -59.95
CA ARG C 1650 -1.31 19.43 -60.21
C ARG C 1650 -0.84 18.56 -59.06
N LEU C 1651 -1.30 18.84 -57.85
CA LEU C 1651 -0.91 18.02 -56.71
C LEU C 1651 -1.46 16.61 -56.86
N LEU C 1652 -2.76 16.49 -57.09
CA LEU C 1652 -3.33 15.17 -57.30
C LEU C 1652 -2.86 14.52 -58.59
N ARG C 1653 -2.54 15.32 -59.61
CA ARG C 1653 -1.94 14.75 -60.82
C ARG C 1653 -0.60 14.10 -60.52
N ALA C 1654 0.24 14.77 -59.73
CA ALA C 1654 1.53 14.18 -59.36
C ALA C 1654 1.33 13.02 -58.40
N GLY C 1655 0.28 13.05 -57.58
CA GLY C 1655 -0.02 11.90 -56.74
C GLY C 1655 -0.38 10.67 -57.57
N TYR C 1656 -1.19 10.86 -58.61
CA TYR C 1656 -1.52 9.76 -59.50
C TYR C 1656 -0.28 9.28 -60.26
N GLN C 1657 0.60 10.21 -60.66
CA GLN C 1657 1.83 9.79 -61.32
C GLN C 1657 2.74 9.04 -60.37
N CYS C 1658 2.70 9.37 -59.08
CA CYS C 1658 3.48 8.63 -58.09
C CYS C 1658 2.94 7.23 -57.91
N VAL C 1659 1.63 7.10 -57.73
CA VAL C 1659 1.05 5.78 -57.50
C VAL C 1659 1.05 4.95 -58.77
N ALA C 1660 1.23 5.58 -59.93
CA ALA C 1660 1.54 4.85 -61.15
C ALA C 1660 3.01 4.55 -61.33
N ALA C 1661 3.89 5.25 -60.61
CA ALA C 1661 5.32 5.00 -60.75
C ALA C 1661 5.77 3.80 -59.91
N HIS C 1662 5.56 3.86 -58.60
CA HIS C 1662 5.96 2.74 -57.76
C HIS C 1662 5.15 1.49 -58.07
N SER C 1663 3.82 1.62 -58.02
CA SER C 1663 2.85 0.60 -58.43
C SER C 1663 2.94 -0.66 -57.58
N GLU C 1664 4.16 -1.18 -57.37
CA GLU C 1664 4.32 -2.41 -56.61
C GLU C 1664 4.03 -2.18 -55.13
N LEU C 1665 4.44 -1.02 -54.60
CA LEU C 1665 4.31 -0.76 -53.17
C LEU C 1665 2.86 -0.84 -52.73
N LEU C 1666 1.96 -0.23 -53.49
CA LEU C 1666 0.55 -0.29 -53.11
C LEU C 1666 -0.03 -1.69 -53.31
N CYS C 1667 0.54 -2.48 -54.23
CA CYS C 1667 0.17 -3.89 -54.29
C CYS C 1667 0.50 -4.60 -52.98
N TYR C 1668 1.72 -4.43 -52.47
CA TYR C 1668 2.04 -5.06 -51.20
C TYR C 1668 1.20 -4.48 -50.07
N PHE C 1669 0.92 -3.18 -50.14
CA PHE C 1669 0.12 -2.52 -49.10
C PHE C 1669 -1.27 -3.14 -49.02
N ILE C 1670 -1.90 -3.35 -50.17
CA ILE C 1670 -3.25 -3.91 -50.17
C ILE C 1670 -3.21 -5.41 -49.88
N ILE C 1671 -2.14 -6.09 -50.28
CA ILE C 1671 -1.99 -7.51 -49.96
C ILE C 1671 -1.90 -7.69 -48.45
N ILE C 1672 -1.29 -6.73 -47.76
CA ILE C 1672 -1.27 -6.78 -46.31
C ILE C 1672 -2.61 -6.33 -45.73
N LEU C 1673 -3.24 -5.34 -46.36
CA LEU C 1673 -4.43 -4.73 -45.78
C LEU C 1673 -5.63 -5.64 -45.88
N ASN C 1674 -5.62 -6.58 -46.83
CA ASN C 1674 -6.69 -7.57 -46.87
C ASN C 1674 -6.57 -8.54 -45.69
N HIS C 1675 -5.34 -8.96 -45.37
CA HIS C 1675 -5.15 -9.81 -44.21
C HIS C 1675 -5.44 -9.07 -42.91
N MET C 1676 -5.10 -7.78 -42.86
CA MET C 1676 -5.24 -7.01 -41.63
C MET C 1676 -6.68 -7.00 -41.13
N VAL C 1677 -7.65 -6.91 -42.03
CA VAL C 1677 -9.05 -6.82 -41.63
C VAL C 1677 -9.77 -8.10 -42.04
N THR C 1678 -10.33 -8.78 -41.03
CA THR C 1678 -11.27 -9.90 -41.22
C THR C 1678 -10.73 -10.99 -42.14
N ALA C 1679 -9.46 -11.36 -41.97
CA ALA C 1679 -8.89 -12.48 -42.69
C ALA C 1679 -8.15 -13.38 -41.71
N SER C 1680 -8.71 -14.56 -41.43
CA SER C 1680 -8.17 -15.41 -40.38
C SER C 1680 -7.03 -16.27 -40.91
N ALA C 1681 -7.36 -17.22 -41.79
CA ALA C 1681 -6.39 -18.15 -42.34
C ALA C 1681 -6.40 -18.18 -43.86
N ALA C 1682 -7.31 -17.44 -44.50
CA ALA C 1682 -7.45 -17.50 -45.95
C ALA C 1682 -6.28 -16.83 -46.64
N SER C 1683 -6.05 -15.55 -46.35
CA SER C 1683 -4.96 -14.78 -46.93
C SER C 1683 -3.71 -14.79 -46.07
N LEU C 1684 -3.45 -15.89 -45.36
CA LEU C 1684 -2.16 -16.07 -44.69
C LEU C 1684 -1.13 -16.76 -45.57
N VAL C 1685 -1.55 -17.65 -46.48
CA VAL C 1685 -0.58 -18.38 -47.30
C VAL C 1685 -0.09 -17.57 -48.49
N LEU C 1686 -0.77 -16.48 -48.84
CA LEU C 1686 -0.35 -15.62 -49.92
C LEU C 1686 0.80 -14.70 -49.53
N PRO C 1687 0.68 -13.91 -48.46
CA PRO C 1687 1.71 -12.88 -48.20
C PRO C 1687 3.08 -13.43 -47.87
N VAL C 1688 3.18 -14.65 -47.33
CA VAL C 1688 4.49 -15.19 -47.03
C VAL C 1688 5.36 -15.25 -48.27
N LEU C 1689 4.85 -15.85 -49.34
CA LEU C 1689 5.65 -15.91 -50.55
C LEU C 1689 5.79 -14.57 -51.24
N VAL C 1690 4.95 -13.58 -50.94
CA VAL C 1690 5.24 -12.24 -51.45
C VAL C 1690 6.61 -11.84 -50.96
N PHE C 1691 6.86 -11.94 -49.65
CA PHE C 1691 8.21 -11.71 -49.17
C PHE C 1691 9.18 -12.64 -49.88
N LEU C 1692 8.91 -13.95 -49.81
CA LEU C 1692 9.87 -14.94 -50.29
C LEU C 1692 10.25 -14.72 -51.75
N TRP C 1693 9.28 -14.80 -52.66
CA TRP C 1693 9.60 -14.65 -54.08
C TRP C 1693 9.99 -13.22 -54.43
N ALA C 1694 9.12 -12.26 -54.15
CA ALA C 1694 9.26 -10.92 -54.73
C ALA C 1694 10.55 -10.25 -54.29
N MET C 1695 10.79 -10.18 -52.98
CA MET C 1695 11.83 -9.31 -52.45
C MET C 1695 13.20 -9.98 -52.36
N LEU C 1696 13.34 -11.23 -52.79
CA LEU C 1696 14.60 -11.94 -52.61
C LEU C 1696 15.41 -12.10 -53.89
N THR C 1697 14.78 -12.52 -54.98
CA THR C 1697 15.54 -12.95 -56.16
C THR C 1697 16.43 -11.84 -56.71
N ILE C 1698 15.82 -10.73 -57.09
CA ILE C 1698 16.51 -9.57 -57.70
C ILE C 1698 15.62 -8.36 -57.41
N PRO C 1699 16.04 -7.13 -57.70
CA PRO C 1699 15.15 -5.99 -57.43
C PRO C 1699 13.83 -6.09 -58.16
N ARG C 1700 13.84 -6.52 -59.42
CA ARG C 1700 12.59 -6.76 -60.13
C ARG C 1700 11.87 -7.96 -59.49
N PRO C 1701 10.56 -7.90 -59.35
CA PRO C 1701 9.83 -9.06 -58.84
C PRO C 1701 9.89 -10.22 -59.82
N SER C 1702 9.80 -11.44 -59.28
CA SER C 1702 9.92 -12.63 -60.10
C SER C 1702 8.86 -12.67 -61.20
N LYS C 1703 9.31 -13.01 -62.41
CA LYS C 1703 8.48 -13.12 -63.62
C LYS C 1703 7.09 -13.69 -63.39
N ARG C 1704 6.98 -14.72 -62.56
CA ARG C 1704 5.77 -15.52 -62.47
C ARG C 1704 5.05 -15.37 -61.14
N PHE C 1705 5.57 -14.56 -60.21
CA PHE C 1705 4.89 -14.37 -58.95
C PHE C 1705 3.54 -13.69 -59.13
N TRP C 1706 3.49 -12.68 -60.01
CA TRP C 1706 2.26 -11.94 -60.23
C TRP C 1706 1.14 -12.83 -60.79
N MET C 1707 1.47 -13.69 -61.76
CA MET C 1707 0.42 -14.54 -62.33
C MET C 1707 -0.15 -15.47 -61.27
N THR C 1708 0.72 -16.08 -60.46
CA THR C 1708 0.25 -16.98 -59.41
C THR C 1708 -0.58 -16.20 -58.40
N ALA C 1709 -0.15 -15.00 -58.04
CA ALA C 1709 -0.89 -14.20 -57.08
C ALA C 1709 -2.29 -13.88 -57.58
N ILE C 1710 -2.41 -13.44 -58.84
CA ILE C 1710 -3.72 -13.11 -59.36
C ILE C 1710 -4.61 -14.35 -59.47
N VAL C 1711 -4.07 -15.48 -59.91
CA VAL C 1711 -4.90 -16.67 -60.00
C VAL C 1711 -5.35 -17.10 -58.60
N PHE C 1712 -4.46 -17.01 -57.62
CA PHE C 1712 -4.84 -17.37 -56.25
C PHE C 1712 -5.92 -16.45 -55.72
N THR C 1713 -5.82 -15.14 -56.00
CA THR C 1713 -6.83 -14.21 -55.52
C THR C 1713 -8.18 -14.51 -56.17
N GLU C 1714 -8.20 -14.79 -57.47
CA GLU C 1714 -9.46 -15.13 -58.11
C GLU C 1714 -10.04 -16.42 -57.54
N VAL C 1715 -9.17 -17.41 -57.29
CA VAL C 1715 -9.65 -18.67 -56.73
C VAL C 1715 -10.27 -18.41 -55.35
N MET C 1716 -9.61 -17.57 -54.55
CA MET C 1716 -10.15 -17.24 -53.24
C MET C 1716 -11.50 -16.53 -53.35
N VAL C 1717 -11.63 -15.57 -54.26
CA VAL C 1717 -12.90 -14.87 -54.36
C VAL C 1717 -14.01 -15.82 -54.80
N VAL C 1718 -13.73 -16.71 -55.76
CA VAL C 1718 -14.75 -17.66 -56.22
C VAL C 1718 -15.09 -18.69 -55.14
N THR C 1719 -14.10 -19.10 -54.33
CA THR C 1719 -14.38 -20.10 -53.29
C THR C 1719 -15.36 -19.57 -52.25
N LYS C 1720 -15.34 -18.25 -51.98
CA LYS C 1720 -16.26 -17.67 -51.02
C LYS C 1720 -17.62 -17.49 -51.70
N TYR C 1721 -18.21 -18.65 -52.01
CA TYR C 1721 -19.50 -18.75 -52.67
C TYR C 1721 -20.18 -20.06 -52.26
N LEU C 1722 -20.13 -20.36 -50.97
CA LEU C 1722 -20.81 -21.53 -50.42
C LEU C 1722 -22.27 -21.23 -50.08
N PHE C 1723 -23.00 -20.71 -51.04
CA PHE C 1723 -24.34 -20.18 -50.80
C PHE C 1723 -25.29 -20.52 -51.94
N THR C 1755 -18.01 -11.83 -48.41
CA THR C 1755 -19.40 -11.47 -48.67
C THR C 1755 -19.52 -9.97 -48.97
N ASP C 1756 -19.76 -9.18 -47.93
CA ASP C 1756 -20.00 -7.76 -48.13
C ASP C 1756 -18.70 -6.98 -48.26
N SER C 1757 -17.91 -6.94 -47.20
CA SER C 1757 -16.60 -6.29 -47.26
C SER C 1757 -15.50 -7.21 -47.76
N TYR C 1758 -15.66 -8.51 -47.55
CA TYR C 1758 -14.61 -9.47 -47.93
C TYR C 1758 -14.40 -9.46 -49.43
N ILE C 1759 -15.49 -9.60 -50.18
CA ILE C 1759 -15.41 -9.54 -51.64
C ILE C 1759 -14.94 -8.17 -52.10
N LYS C 1760 -15.34 -7.10 -51.41
CA LYS C 1760 -14.87 -5.78 -51.79
C LYS C 1760 -13.36 -5.64 -51.63
N TYR C 1761 -12.77 -6.35 -50.67
CA TYR C 1761 -11.33 -6.24 -50.51
C TYR C 1761 -10.59 -7.21 -51.41
N ASP C 1762 -11.24 -8.31 -51.79
CA ASP C 1762 -10.58 -9.20 -52.72
C ASP C 1762 -10.66 -8.66 -54.14
N LEU C 1763 -11.73 -7.95 -54.49
CA LEU C 1763 -11.77 -7.28 -55.78
C LEU C 1763 -10.81 -6.10 -55.85
N VAL C 1764 -10.68 -5.31 -54.78
CA VAL C 1764 -9.71 -4.22 -54.87
C VAL C 1764 -8.29 -4.78 -54.96
N GLN C 1765 -8.02 -5.88 -54.24
CA GLN C 1765 -6.71 -6.52 -54.35
C GLN C 1765 -6.47 -7.05 -55.77
N LEU C 1766 -7.48 -7.70 -56.35
CA LEU C 1766 -7.35 -8.22 -57.71
C LEU C 1766 -7.10 -7.09 -58.70
N MET C 1767 -7.89 -6.01 -58.61
CA MET C 1767 -7.76 -4.94 -59.59
C MET C 1767 -6.45 -4.19 -59.41
N ALA C 1768 -5.89 -4.17 -58.19
CA ALA C 1768 -4.55 -3.62 -58.03
C ALA C 1768 -3.50 -4.52 -58.66
N LEU C 1769 -3.67 -5.84 -58.50
CA LEU C 1769 -2.73 -6.77 -59.11
C LEU C 1769 -2.75 -6.62 -60.63
N PHE C 1770 -3.93 -6.47 -61.22
CA PHE C 1770 -4.00 -6.34 -62.67
C PHE C 1770 -3.54 -4.96 -63.13
N PHE C 1771 -3.73 -3.93 -62.31
CA PHE C 1771 -3.17 -2.63 -62.60
C PHE C 1771 -1.65 -2.72 -62.71
N HIS C 1772 -1.02 -3.35 -61.71
CA HIS C 1772 0.43 -3.49 -61.74
C HIS C 1772 0.89 -4.40 -62.88
N ARG C 1773 0.09 -5.41 -63.24
CA ARG C 1773 0.51 -6.31 -64.31
C ARG C 1773 0.43 -5.60 -65.66
N SER C 1774 -0.57 -4.73 -65.84
CA SER C 1774 -0.67 -4.01 -67.10
C SER C 1774 0.38 -2.92 -67.18
N GLN C 1775 0.62 -2.20 -66.08
CA GLN C 1775 1.63 -1.15 -66.10
C GLN C 1775 3.04 -1.73 -66.20
N LEU C 1776 3.21 -3.01 -65.84
CA LEU C 1776 4.50 -3.67 -66.01
C LEU C 1776 4.88 -3.77 -67.48
N LEU C 1777 3.99 -4.39 -68.29
CA LEU C 1777 4.12 -4.47 -69.75
C LEU C 1777 5.48 -4.99 -70.21
N CYS C 1778 6.21 -5.68 -69.33
CA CYS C 1778 7.51 -6.22 -69.69
C CYS C 1778 7.73 -7.55 -68.98
N TYR C 1779 8.38 -8.49 -69.66
CA TYR C 1779 8.60 -9.82 -69.12
C TYR C 1779 9.93 -10.40 -69.58
N GLN C 1932 13.89 -27.94 -54.80
CA GLN C 1932 15.07 -28.62 -54.27
C GLN C 1932 16.29 -28.59 -55.21
N PRO C 1933 16.07 -28.65 -56.52
CA PRO C 1933 17.15 -28.29 -57.45
C PRO C 1933 17.15 -26.85 -57.92
N LEU C 1934 16.29 -26.00 -57.36
CA LEU C 1934 16.18 -24.62 -57.81
C LEU C 1934 16.14 -23.62 -56.66
N GLN C 1935 15.96 -24.06 -55.43
CA GLN C 1935 16.14 -23.18 -54.27
C GLN C 1935 17.59 -22.71 -54.19
N ARG C 1936 18.54 -23.64 -54.39
CA ARG C 1936 19.95 -23.28 -54.27
C ARG C 1936 20.37 -22.31 -55.36
N PHE C 1937 19.68 -22.31 -56.49
CA PHE C 1937 20.04 -21.40 -57.58
C PHE C 1937 19.86 -19.95 -57.16
N PHE C 1938 18.65 -19.59 -56.73
CA PHE C 1938 18.46 -18.21 -56.30
C PHE C 1938 19.11 -17.93 -54.95
N HIS C 1939 19.32 -18.96 -54.13
CA HIS C 1939 20.09 -18.74 -52.91
C HIS C 1939 21.53 -18.36 -53.24
N ASP C 1940 22.10 -18.97 -54.28
CA ASP C 1940 23.44 -18.59 -54.72
C ASP C 1940 23.44 -17.22 -55.37
N ILE C 1941 22.37 -16.89 -56.11
CA ILE C 1941 22.38 -15.58 -56.77
C ILE C 1941 22.20 -14.46 -55.77
N LEU C 1942 21.60 -14.74 -54.61
CA LEU C 1942 21.67 -13.83 -53.47
C LEU C 1942 23.09 -13.62 -52.94
N HIS C 1943 24.05 -14.45 -53.33
CA HIS C 1943 25.43 -14.31 -52.89
C HIS C 1943 26.38 -14.18 -54.07
N THR C 1944 26.02 -13.36 -55.05
CA THR C 1944 26.91 -13.03 -56.15
C THR C 1944 27.44 -11.60 -56.08
N LYS C 1945 26.96 -10.78 -55.15
CA LYS C 1945 27.53 -9.48 -54.83
C LYS C 1945 27.53 -8.56 -56.06
N TYR C 1946 26.32 -8.23 -56.51
CA TYR C 1946 26.11 -7.20 -57.52
C TYR C 1946 25.37 -5.99 -56.96
N ARG C 1947 25.17 -5.93 -55.65
CA ARG C 1947 24.24 -4.99 -55.03
C ARG C 1947 24.90 -3.62 -54.84
N ALA C 1948 24.06 -2.60 -54.69
CA ALA C 1948 24.54 -1.24 -54.48
C ALA C 1948 25.01 -0.98 -53.06
N ALA C 1949 24.90 -1.95 -52.16
CA ALA C 1949 25.43 -1.87 -50.80
C ALA C 1949 24.88 -0.68 -50.00
N THR C 1950 23.58 -0.41 -50.12
CA THR C 1950 22.97 0.63 -49.29
C THR C 1950 22.43 -0.03 -48.02
N ASP C 1951 22.79 0.52 -46.87
CA ASP C 1951 22.39 -0.03 -45.58
C ASP C 1951 21.49 0.94 -44.84
N VAL C 1952 20.32 0.46 -44.40
CA VAL C 1952 19.42 1.28 -43.62
C VAL C 1952 18.96 0.51 -42.38
N TYR C 1953 19.84 0.44 -41.38
CA TYR C 1953 19.49 -0.22 -40.12
C TYR C 1953 18.64 0.69 -39.25
N ALA C 1954 18.99 1.99 -39.19
CA ALA C 1954 18.31 2.94 -38.33
C ALA C 1954 16.80 2.91 -38.53
N LEU C 1955 16.32 2.42 -39.67
CA LEU C 1955 14.88 2.42 -39.89
C LEU C 1955 14.26 1.12 -39.41
N MET C 1956 15.00 0.01 -39.48
CA MET C 1956 14.57 -1.19 -38.77
C MET C 1956 14.43 -0.89 -37.28
N PHE C 1957 15.47 -0.33 -36.70
CA PHE C 1957 15.47 -0.13 -35.25
C PHE C 1957 14.46 0.93 -34.84
N LEU C 1958 14.23 1.94 -35.68
CA LEU C 1958 13.18 2.91 -35.40
C LEU C 1958 11.79 2.28 -35.48
N ALA C 1959 11.57 1.41 -36.47
CA ALA C 1959 10.28 0.75 -36.58
C ALA C 1959 10.05 -0.20 -35.42
N ASP C 1960 11.10 -0.87 -34.95
CA ASP C 1960 10.90 -1.75 -33.81
C ASP C 1960 10.71 -0.98 -32.51
N ILE C 1961 11.31 0.21 -32.39
CA ILE C 1961 11.07 1.02 -31.21
C ILE C 1961 9.64 1.57 -31.21
N VAL C 1962 9.16 2.05 -32.36
CA VAL C 1962 7.76 2.47 -32.43
C VAL C 1962 6.84 1.27 -32.17
N ASP C 1963 7.22 0.09 -32.65
CA ASP C 1963 6.49 -1.13 -32.36
C ASP C 1963 6.34 -1.35 -30.87
N ILE C 1964 7.45 -1.25 -30.13
CA ILE C 1964 7.40 -1.53 -28.70
C ILE C 1964 6.68 -0.42 -27.95
N ILE C 1965 6.76 0.82 -28.43
CA ILE C 1965 5.95 1.88 -27.83
C ILE C 1965 4.47 1.60 -28.02
N ILE C 1966 4.08 1.12 -29.21
CA ILE C 1966 2.68 0.82 -29.45
C ILE C 1966 2.21 -0.33 -28.57
N ILE C 1967 3.03 -1.39 -28.46
CA ILE C 1967 2.62 -2.53 -27.65
C ILE C 1967 2.50 -2.13 -26.19
N ILE C 1968 3.43 -1.33 -25.68
CA ILE C 1968 3.38 -0.98 -24.26
C ILE C 1968 2.26 0.01 -23.98
N PHE C 1969 1.96 0.92 -24.91
CA PHE C 1969 0.80 1.79 -24.74
C PHE C 1969 -0.51 1.05 -24.93
N GLY C 1970 -0.49 -0.12 -25.58
CA GLY C 1970 -1.73 -0.85 -25.76
C GLY C 1970 -2.31 -1.42 -24.49
N PHE C 1971 -1.63 -1.26 -23.35
CA PHE C 1971 -2.18 -1.63 -22.06
C PHE C 1971 -3.10 -0.56 -21.49
N TRP C 1972 -3.12 0.63 -22.08
CA TRP C 1972 -4.14 1.63 -21.81
C TRP C 1972 -5.52 1.13 -22.19
N ASP C 1989 -11.35 -10.26 -23.78
CA ASP C 1989 -11.47 -10.12 -22.33
C ASP C 1989 -10.10 -9.88 -21.68
N ASP C 1990 -9.51 -10.93 -21.10
CA ASP C 1990 -8.32 -10.81 -20.27
C ASP C 1990 -7.31 -11.88 -20.64
N GLN C 1991 -7.07 -12.04 -21.94
CA GLN C 1991 -6.17 -13.07 -22.44
C GLN C 1991 -5.03 -12.51 -23.28
N VAL C 1992 -5.29 -11.48 -24.08
CA VAL C 1992 -4.32 -10.92 -25.01
C VAL C 1992 -3.14 -10.19 -24.34
N PRO C 1993 -3.24 -9.68 -23.10
CA PRO C 1993 -2.02 -9.10 -22.51
C PRO C 1993 -0.92 -10.12 -22.22
N GLN C 1994 -1.25 -11.35 -21.84
CA GLN C 1994 -0.18 -12.32 -21.62
C GLN C 1994 0.56 -12.65 -22.91
N ALA C 1995 -0.17 -12.63 -24.03
CA ALA C 1995 0.49 -12.93 -25.29
C ALA C 1995 1.19 -11.71 -25.83
N PHE C 1996 0.71 -10.52 -25.47
CA PHE C 1996 1.45 -9.30 -25.79
C PHE C 1996 2.76 -9.26 -25.03
N LEU C 1997 2.81 -9.83 -23.83
CA LEU C 1997 4.04 -9.68 -23.05
C LEU C 1997 5.06 -10.77 -23.36
N PHE C 1998 4.58 -11.97 -23.71
CA PHE C 1998 5.52 -12.94 -24.27
C PHE C 1998 6.01 -12.47 -25.64
N MET C 1999 5.12 -11.85 -26.43
CA MET C 1999 5.55 -11.24 -27.68
C MET C 1999 6.57 -10.13 -27.42
N LEU C 2000 6.38 -9.38 -26.34
CA LEU C 2000 7.33 -8.33 -25.99
C LEU C 2000 8.71 -8.92 -25.74
N LEU C 2001 8.77 -10.05 -25.02
CA LEU C 2001 10.09 -10.64 -24.75
C LEU C 2001 10.72 -11.20 -26.02
N VAL C 2002 9.94 -11.88 -26.87
CA VAL C 2002 10.52 -12.38 -28.11
C VAL C 2002 10.99 -11.21 -28.96
N GLN C 2003 10.23 -10.11 -28.96
CA GLN C 2003 10.62 -8.94 -29.75
C GLN C 2003 11.95 -8.39 -29.25
N PHE C 2004 12.13 -8.31 -27.93
CA PHE C 2004 13.42 -7.81 -27.42
C PHE C 2004 14.55 -8.72 -27.86
N GLY C 2005 14.33 -10.03 -27.76
CA GLY C 2005 15.37 -10.97 -28.17
C GLY C 2005 15.69 -10.83 -29.64
N THR C 2006 14.66 -10.67 -30.48
CA THR C 2006 14.85 -10.53 -31.91
C THR C 2006 15.63 -9.26 -32.21
N MET C 2007 15.31 -8.16 -31.52
CA MET C 2007 16.02 -6.91 -31.77
C MET C 2007 17.49 -7.08 -31.43
N VAL C 2008 17.78 -7.72 -30.30
CA VAL C 2008 19.18 -7.91 -29.90
C VAL C 2008 19.90 -8.78 -30.94
N ILE C 2009 19.26 -9.87 -31.37
CA ILE C 2009 19.88 -10.77 -32.32
C ILE C 2009 20.11 -10.06 -33.65
N ASP C 2010 19.16 -9.23 -34.08
CA ASP C 2010 19.33 -8.51 -35.34
C ASP C 2010 20.50 -7.56 -35.25
N ARG C 2011 20.66 -6.89 -34.10
CA ARG C 2011 21.78 -5.98 -33.93
C ARG C 2011 23.09 -6.75 -34.01
N ALA C 2012 23.14 -7.91 -33.36
CA ALA C 2012 24.35 -8.71 -33.39
C ALA C 2012 24.65 -9.15 -34.80
N LEU C 2013 23.61 -9.56 -35.54
CA LEU C 2013 23.80 -9.98 -36.93
C LEU C 2013 24.32 -8.82 -37.75
N TYR C 2014 23.76 -7.63 -37.55
CA TYR C 2014 24.21 -6.45 -38.29
C TYR C 2014 25.68 -6.16 -38.02
N LEU C 2015 26.21 -6.60 -36.88
CA LEU C 2015 27.55 -6.14 -36.51
C LEU C 2015 28.66 -7.08 -36.96
N ARG C 2016 28.41 -8.38 -37.06
CA ARG C 2016 29.38 -9.28 -37.68
C ARG C 2016 29.33 -9.29 -39.20
N LYS C 2017 28.54 -8.43 -39.84
CA LYS C 2017 28.48 -8.30 -41.29
C LYS C 2017 28.04 -9.58 -41.99
N THR C 2018 27.32 -10.47 -41.32
CA THR C 2018 26.85 -11.69 -41.96
C THR C 2018 25.49 -11.48 -42.58
N VAL C 2019 25.27 -12.10 -43.73
CA VAL C 2019 24.04 -11.93 -44.49
C VAL C 2019 23.15 -13.17 -44.42
N LEU C 2020 23.74 -14.36 -44.44
CA LEU C 2020 22.94 -15.58 -44.46
C LEU C 2020 22.15 -15.73 -43.16
N GLY C 2021 22.74 -15.33 -42.05
CA GLY C 2021 22.01 -15.37 -40.79
C GLY C 2021 20.82 -14.43 -40.79
N LYS C 2022 20.97 -13.27 -41.46
CA LYS C 2022 19.85 -12.35 -41.56
C LYS C 2022 18.73 -12.94 -42.41
N LEU C 2023 19.08 -13.72 -43.44
CA LEU C 2023 18.08 -14.37 -44.25
C LEU C 2023 17.36 -15.46 -43.46
N ALA C 2024 18.12 -16.24 -42.68
CA ALA C 2024 17.49 -17.26 -41.84
C ALA C 2024 16.58 -16.61 -40.81
N PHE C 2025 17.00 -15.48 -40.24
CA PHE C 2025 16.16 -14.76 -39.28
C PHE C 2025 14.90 -14.24 -39.96
N GLN C 2026 15.03 -13.79 -41.20
CA GLN C 2026 13.87 -13.37 -41.98
C GLN C 2026 12.87 -14.51 -42.12
N VAL C 2027 13.35 -15.64 -42.65
CA VAL C 2027 12.44 -16.74 -42.98
C VAL C 2027 11.88 -17.41 -41.74
N VAL C 2028 12.56 -17.33 -40.60
CA VAL C 2028 11.95 -17.85 -39.37
C VAL C 2028 10.93 -16.86 -38.82
N LEU C 2029 11.28 -15.57 -38.76
CA LEU C 2029 10.44 -14.62 -38.06
C LEU C 2029 9.15 -14.37 -38.82
N VAL C 2030 9.18 -14.41 -40.15
CA VAL C 2030 7.96 -14.14 -40.90
C VAL C 2030 6.91 -15.23 -40.64
N VAL C 2031 7.34 -16.49 -40.65
CA VAL C 2031 6.38 -17.56 -40.42
C VAL C 2031 6.03 -17.64 -38.94
N ALA C 2032 6.93 -17.19 -38.06
CA ALA C 2032 6.60 -17.17 -36.64
C ALA C 2032 5.51 -16.15 -36.36
N ILE C 2033 5.61 -14.96 -36.93
CA ILE C 2033 4.60 -13.94 -36.66
C ILE C 2033 3.31 -14.25 -37.40
N HIS C 2034 3.38 -14.91 -38.56
CA HIS C 2034 2.15 -15.27 -39.21
C HIS C 2034 1.44 -16.44 -38.54
N ILE C 2035 2.20 -17.34 -37.89
CA ILE C 2035 1.56 -18.37 -37.08
C ILE C 2035 1.01 -17.76 -35.79
N TRP C 2036 1.70 -16.75 -35.24
CA TRP C 2036 1.16 -16.00 -34.12
C TRP C 2036 -0.09 -15.23 -34.48
N MET C 2037 -0.30 -14.96 -35.76
CA MET C 2037 -1.54 -14.31 -36.18
C MET C 2037 -2.75 -15.26 -36.16
N PHE C 2038 -2.64 -16.42 -35.52
CA PHE C 2038 -3.81 -17.21 -35.17
C PHE C 2038 -4.33 -16.86 -33.78
N PHE C 2039 -3.46 -16.72 -32.79
CA PHE C 2039 -3.84 -16.79 -31.39
C PHE C 2039 -4.08 -15.41 -30.78
N ILE C 2040 -4.32 -14.39 -31.62
CA ILE C 2040 -4.94 -13.17 -31.11
C ILE C 2040 -6.35 -13.46 -30.63
N LEU C 2041 -7.11 -14.24 -31.39
CA LEU C 2041 -8.48 -14.59 -31.06
C LEU C 2041 -8.62 -16.10 -31.22
N PRO C 2042 -8.86 -16.85 -30.14
CA PRO C 2042 -8.88 -18.32 -30.21
C PRO C 2042 -10.16 -18.86 -30.85
N MET C 2048 -12.61 -5.45 -27.09
CA MET C 2048 -13.04 -6.32 -28.18
C MET C 2048 -12.66 -5.72 -29.53
N PHE C 2049 -12.67 -4.39 -29.59
CA PHE C 2049 -12.30 -3.65 -30.80
C PHE C 2049 -10.91 -3.02 -30.70
N SER C 2050 -10.62 -2.36 -29.58
CA SER C 2050 -9.33 -1.73 -29.37
C SER C 2050 -8.18 -2.72 -29.50
N GLN C 2051 -8.23 -3.80 -28.72
CA GLN C 2051 -7.20 -4.83 -28.76
C GLN C 2051 -6.91 -5.29 -30.19
N ASN C 2052 -7.96 -5.57 -30.96
CA ASN C 2052 -7.77 -6.03 -32.33
C ASN C 2052 -7.08 -4.96 -33.18
N ALA C 2053 -7.46 -3.70 -32.99
CA ALA C 2053 -6.88 -2.63 -33.80
C ALA C 2053 -5.42 -2.42 -33.48
N VAL C 2054 -5.05 -2.42 -32.19
CA VAL C 2054 -3.64 -2.23 -31.84
C VAL C 2054 -2.83 -3.44 -32.26
N ALA C 2055 -3.43 -4.64 -32.22
CA ALA C 2055 -2.67 -5.82 -32.62
C ALA C 2055 -2.44 -5.83 -34.12
N GLN C 2056 -3.41 -5.34 -34.89
CA GLN C 2056 -3.23 -5.31 -36.32
C GLN C 2056 -2.29 -4.18 -36.74
N LEU C 2057 -2.30 -3.06 -36.01
CA LEU C 2057 -1.29 -2.04 -36.25
C LEU C 2057 0.10 -2.59 -35.97
N TRP C 2058 0.23 -3.37 -34.89
CA TRP C 2058 1.48 -4.05 -34.58
C TRP C 2058 1.93 -4.95 -35.73
N TYR C 2059 1.00 -5.75 -36.24
CA TYR C 2059 1.31 -6.62 -37.38
C TYR C 2059 1.77 -5.81 -38.58
N PHE C 2060 1.06 -4.72 -38.89
CA PHE C 2060 1.42 -3.90 -40.04
C PHE C 2060 2.81 -3.30 -39.88
N VAL C 2061 3.15 -2.86 -38.67
CA VAL C 2061 4.45 -2.21 -38.51
C VAL C 2061 5.57 -3.23 -38.53
N LYS C 2062 5.30 -4.47 -38.14
CA LYS C 2062 6.36 -5.45 -38.32
C LYS C 2062 6.37 -6.03 -39.73
N CYS C 2063 5.29 -5.88 -40.49
CA CYS C 2063 5.39 -6.10 -41.93
C CYS C 2063 6.31 -5.08 -42.57
N ILE C 2064 6.23 -3.83 -42.14
CA ILE C 2064 7.21 -2.83 -42.58
C ILE C 2064 8.62 -3.27 -42.19
N TYR C 2065 8.76 -3.83 -40.98
CA TYR C 2065 10.09 -4.26 -40.55
C TYR C 2065 10.61 -5.40 -41.44
N PHE C 2066 9.73 -6.33 -41.81
CA PHE C 2066 10.16 -7.43 -42.66
C PHE C 2066 10.53 -6.92 -44.06
N ALA C 2067 9.79 -5.94 -44.56
CA ALA C 2067 10.09 -5.41 -45.88
C ALA C 2067 11.44 -4.70 -45.90
N LEU C 2068 11.72 -3.90 -44.87
CA LEU C 2068 13.05 -3.27 -44.80
C LEU C 2068 14.14 -4.30 -44.60
N SER C 2069 13.84 -5.39 -43.88
CA SER C 2069 14.82 -6.46 -43.73
C SER C 2069 15.14 -7.10 -45.06
N ALA C 2070 14.13 -7.29 -45.91
CA ALA C 2070 14.40 -7.86 -47.23
C ALA C 2070 15.14 -6.88 -48.12
N TYR C 2071 14.87 -5.59 -47.97
CA TYR C 2071 15.67 -4.57 -48.64
C TYR C 2071 17.14 -4.70 -48.26
N GLN C 2072 17.41 -4.89 -46.97
CA GLN C 2072 18.80 -5.06 -46.53
C GLN C 2072 19.39 -6.35 -47.05
N ILE C 2073 18.58 -7.40 -47.16
CA ILE C 2073 19.06 -8.65 -47.74
C ILE C 2073 19.49 -8.41 -49.18
N ARG C 2074 18.74 -7.55 -49.88
CA ARG C 2074 19.06 -7.31 -51.28
C ARG C 2074 20.35 -6.52 -51.42
N CYS C 2075 20.49 -5.43 -50.67
CA CYS C 2075 21.64 -4.55 -50.88
C CYS C 2075 22.91 -5.06 -50.21
N GLY C 2076 22.81 -5.67 -49.04
CA GLY C 2076 23.91 -6.47 -48.54
C GLY C 2076 25.15 -5.79 -47.99
N TYR C 2077 24.99 -5.04 -46.89
CA TYR C 2077 26.08 -4.72 -45.96
C TYR C 2077 27.33 -4.09 -46.58
N PRO C 2078 27.30 -2.81 -46.89
CA PRO C 2078 28.53 -2.11 -47.29
C PRO C 2078 29.60 -2.22 -46.21
N THR C 2079 30.85 -2.31 -46.65
CA THR C 2079 31.97 -2.64 -45.78
C THR C 2079 32.40 -1.49 -44.85
N ARG C 2080 31.59 -0.46 -44.64
CA ARG C 2080 31.82 0.51 -43.56
C ARG C 2080 30.50 0.74 -42.80
N ILE C 2081 30.23 -0.13 -41.82
CA ILE C 2081 29.01 -0.07 -41.03
C ILE C 2081 29.25 0.45 -39.63
N LEU C 2082 30.50 0.71 -39.23
CA LEU C 2082 30.78 1.08 -37.86
C LEU C 2082 30.94 2.59 -37.78
N GLY C 2083 29.85 3.26 -37.42
CA GLY C 2083 29.82 4.69 -37.20
C GLY C 2083 28.59 5.00 -36.39
N ASN C 2084 28.59 6.16 -35.75
CA ASN C 2084 27.41 6.54 -35.01
C ASN C 2084 26.24 6.71 -35.97
N PHE C 2085 25.10 6.10 -35.63
CA PHE C 2085 23.94 6.14 -36.51
C PHE C 2085 23.42 7.56 -36.68
N LEU C 2086 23.37 8.33 -35.59
CA LEU C 2086 22.83 9.68 -35.63
C LEU C 2086 23.87 10.76 -35.86
N THR C 2087 25.15 10.42 -35.99
CA THR C 2087 26.17 11.45 -36.19
C THR C 2087 26.74 11.33 -37.60
N LYS C 2088 26.60 12.39 -38.39
CA LYS C 2088 27.17 12.47 -39.72
C LYS C 2088 27.45 13.92 -40.08
N LYS C 2089 26.65 14.85 -39.55
CA LYS C 2089 26.85 16.26 -39.78
C LYS C 2089 26.44 17.03 -38.53
N TYR C 2090 27.18 18.09 -38.22
CA TYR C 2090 27.07 18.77 -36.93
C TYR C 2090 26.06 19.91 -37.04
N ASN C 2091 24.79 19.55 -37.14
CA ASN C 2091 23.71 20.52 -37.12
C ASN C 2091 23.04 20.56 -35.76
N HIS C 2092 22.43 21.71 -35.44
CA HIS C 2092 21.79 21.87 -34.14
C HIS C 2092 20.63 20.89 -33.99
N LEU C 2093 19.92 20.61 -35.09
CA LEU C 2093 18.93 19.54 -35.08
C LEU C 2093 19.58 18.23 -34.68
N ASN C 2094 20.74 17.93 -35.27
CA ASN C 2094 21.43 16.69 -34.93
C ASN C 2094 21.79 16.65 -33.46
N LEU C 2095 22.22 17.79 -32.90
CA LEU C 2095 22.56 17.83 -31.49
C LEU C 2095 21.34 17.55 -30.63
N PHE C 2096 20.20 18.14 -30.99
CA PHE C 2096 18.99 17.90 -30.21
C PHE C 2096 18.57 16.44 -30.32
N LEU C 2097 18.74 15.83 -31.49
CA LEU C 2097 18.33 14.44 -31.64
C LEU C 2097 19.27 13.51 -30.89
N PHE C 2098 20.56 13.84 -30.84
CA PHE C 2098 21.50 13.02 -30.08
C PHE C 2098 21.23 13.13 -28.59
N GLN C 2099 21.00 14.35 -28.10
CA GLN C 2099 20.69 14.50 -26.68
C GLN C 2099 19.36 13.86 -26.34
N GLY C 2100 18.45 13.78 -27.31
CA GLY C 2100 17.25 12.97 -27.13
C GLY C 2100 17.58 11.49 -27.00
N PHE C 2101 18.48 10.99 -27.86
CA PHE C 2101 18.71 9.55 -27.91
C PHE C 2101 19.38 9.05 -26.64
N ARG C 2102 20.20 9.89 -26.00
CA ARG C 2102 20.79 9.52 -24.71
C ARG C 2102 19.87 9.81 -23.54
N LEU C 2103 18.64 10.23 -23.81
CA LEU C 2103 17.67 10.49 -22.73
C LEU C 2103 16.78 9.29 -22.47
N VAL C 2104 16.50 8.48 -23.48
CA VAL C 2104 15.65 7.31 -23.29
C VAL C 2104 16.37 6.31 -22.42
N PRO C 2105 15.70 5.72 -21.43
CA PRO C 2105 16.39 4.84 -20.48
C PRO C 2105 16.93 3.59 -21.14
N PHE C 2106 18.09 3.14 -20.65
CA PHE C 2106 18.65 1.84 -20.97
C PHE C 2106 18.95 1.67 -22.46
N LEU C 2107 19.27 2.75 -23.16
CA LEU C 2107 19.54 2.66 -24.59
C LEU C 2107 20.96 3.05 -24.97
N VAL C 2108 21.66 3.81 -24.13
CA VAL C 2108 23.08 4.06 -24.36
C VAL C 2108 23.91 2.85 -23.98
N GLU C 2109 23.76 2.38 -22.74
CA GLU C 2109 24.61 1.30 -22.24
C GLU C 2109 24.34 0.00 -22.97
N LEU C 2110 23.13 -0.21 -23.48
CA LEU C 2110 22.87 -1.40 -24.29
C LEU C 2110 23.62 -1.32 -25.61
N ARG C 2111 23.66 -0.13 -26.21
CA ARG C 2111 24.42 0.04 -27.45
C ARG C 2111 25.89 -0.21 -27.22
N ALA C 2112 26.46 0.36 -26.16
CA ALA C 2112 27.90 0.23 -26.01
C ALA C 2112 28.29 -1.13 -25.48
N VAL C 2113 27.35 -1.88 -24.91
CA VAL C 2113 27.67 -3.22 -24.45
C VAL C 2113 27.57 -4.20 -25.60
N MET C 2114 26.54 -4.08 -26.43
CA MET C 2114 26.47 -4.96 -27.59
C MET C 2114 27.58 -4.64 -28.59
N ASP C 2115 28.07 -3.39 -28.59
CA ASP C 2115 29.22 -3.07 -29.42
C ASP C 2115 30.50 -3.64 -28.84
N TRP C 2116 30.64 -3.65 -27.52
CA TRP C 2116 31.90 -4.17 -27.01
C TRP C 2116 31.93 -5.69 -27.05
N VAL C 2117 30.76 -6.34 -26.96
CA VAL C 2117 30.75 -7.79 -27.04
C VAL C 2117 30.96 -8.27 -28.47
N TRP C 2118 30.22 -7.72 -29.45
CA TRP C 2118 30.30 -8.33 -30.78
C TRP C 2118 31.32 -7.71 -31.71
N THR C 2119 31.79 -6.50 -31.47
CA THR C 2119 32.81 -5.95 -32.37
C THR C 2119 34.17 -6.53 -32.00
N ASP C 2120 35.04 -6.64 -33.00
CA ASP C 2120 36.38 -7.19 -32.80
C ASP C 2120 37.27 -6.12 -32.20
N THR C 2121 37.54 -6.22 -30.90
CA THR C 2121 38.38 -5.27 -30.21
C THR C 2121 39.24 -5.99 -29.17
N THR C 2122 40.30 -5.31 -28.74
CA THR C 2122 41.27 -5.87 -27.80
C THR C 2122 41.36 -5.05 -26.52
N LEU C 2123 40.36 -4.24 -26.24
CA LEU C 2123 40.32 -3.47 -25.01
C LEU C 2123 39.53 -4.22 -23.95
N SER C 2124 39.29 -3.57 -22.82
CA SER C 2124 38.40 -4.10 -21.81
C SER C 2124 37.00 -3.56 -22.06
N LEU C 2125 36.07 -3.91 -21.17
CA LEU C 2125 34.75 -3.31 -21.23
C LEU C 2125 34.81 -1.85 -20.79
N SER C 2126 35.57 -1.57 -19.73
CA SER C 2126 35.71 -0.21 -19.25
C SER C 2126 36.39 0.66 -20.30
N ASN C 2127 37.39 0.12 -21.00
CA ASN C 2127 38.06 0.89 -22.03
C ASN C 2127 37.10 1.31 -23.13
N TRP C 2128 36.23 0.38 -23.55
CA TRP C 2128 35.22 0.68 -24.55
C TRP C 2128 34.25 1.74 -24.05
N MET C 2129 33.84 1.60 -22.80
CA MET C 2129 32.91 2.53 -22.18
C MET C 2129 33.49 3.93 -22.13
N CYS C 2130 34.76 4.03 -21.73
CA CYS C 2130 35.45 5.31 -21.67
C CYS C 2130 35.54 5.94 -23.05
N VAL C 2131 35.88 5.13 -24.05
CA VAL C 2131 36.00 5.66 -25.41
C VAL C 2131 34.66 6.18 -25.91
N GLU C 2132 33.57 5.45 -25.67
CA GLU C 2132 32.31 5.91 -26.23
C GLU C 2132 31.67 7.03 -25.42
N ASP C 2133 32.18 7.29 -24.22
CA ASP C 2133 31.66 8.46 -23.51
C ASP C 2133 32.48 9.68 -23.80
N ILE C 2134 33.79 9.51 -23.97
CA ILE C 2134 34.62 10.60 -24.47
C ILE C 2134 34.12 11.02 -25.84
N TYR C 2135 33.74 10.04 -26.66
CA TYR C 2135 33.22 10.34 -27.99
C TYR C 2135 31.93 11.13 -27.91
N ALA C 2136 30.96 10.69 -27.11
CA ALA C 2136 29.72 11.44 -27.19
C ALA C 2136 29.80 12.79 -26.46
N ASN C 2137 30.81 13.00 -25.63
CA ASN C 2137 30.90 14.33 -25.03
C ASN C 2137 31.70 15.28 -25.90
N ILE C 2138 32.74 14.79 -26.59
CA ILE C 2138 33.39 15.67 -27.54
C ILE C 2138 32.45 15.97 -28.69
N PHE C 2139 31.55 15.04 -29.03
CA PHE C 2139 30.62 15.33 -30.11
C PHE C 2139 29.62 16.40 -29.69
N ILE C 2140 29.15 16.36 -28.44
CA ILE C 2140 28.24 17.42 -28.02
C ILE C 2140 28.96 18.77 -28.02
N ILE C 2141 30.22 18.80 -27.58
CA ILE C 2141 30.95 20.06 -27.55
C ILE C 2141 31.20 20.56 -28.97
N LYS C 2142 31.57 19.67 -29.88
CA LYS C 2142 31.88 20.12 -31.24
C LYS C 2142 30.63 20.61 -31.94
N CYS C 2143 29.48 19.97 -31.69
CA CYS C 2143 28.25 20.46 -32.29
C CYS C 2143 27.87 21.82 -31.71
N SER C 2144 28.09 22.02 -30.41
CA SER C 2144 27.79 23.33 -29.84
C SER C 2144 28.83 24.39 -30.21
N ARG C 2145 29.95 23.98 -30.81
CA ARG C 2145 30.87 24.93 -31.41
C ARG C 2145 30.47 25.27 -32.83
N GLU C 2146 30.05 24.27 -33.60
CA GLU C 2146 29.67 24.49 -34.99
C GLU C 2146 28.39 25.28 -35.09
N THR C 2147 27.47 25.12 -34.14
CA THR C 2147 26.30 25.99 -34.12
C THR C 2147 26.62 27.37 -33.59
N GLU C 2148 27.81 27.58 -33.04
CA GLU C 2148 28.33 28.93 -32.84
C GLU C 2148 28.83 29.52 -34.16
N LYS C 2149 29.66 28.76 -34.88
CA LYS C 2149 30.42 29.37 -35.98
C LYS C 2149 29.52 29.89 -37.10
N LYS C 2150 28.34 29.29 -37.28
CA LYS C 2150 27.43 29.77 -38.31
C LYS C 2150 26.69 31.04 -37.90
N TYR C 2151 26.72 31.41 -36.62
CA TYR C 2151 26.02 32.59 -36.12
C TYR C 2151 26.85 33.23 -35.02
N PRO C 2152 27.93 33.90 -35.38
CA PRO C 2152 28.80 34.52 -34.37
C PRO C 2152 28.09 35.65 -33.66
N GLN C 2153 28.40 35.79 -32.37
CA GLN C 2153 27.69 36.74 -31.53
C GLN C 2153 28.60 37.90 -31.15
N PRO C 2154 28.07 39.12 -31.07
CA PRO C 2154 28.91 40.27 -30.77
C PRO C 2154 29.41 40.23 -29.34
N LYS C 2155 30.63 40.72 -29.14
CA LYS C 2155 31.29 40.63 -27.86
C LYS C 2155 30.56 41.48 -26.82
N GLY C 2156 30.36 40.91 -25.63
CA GLY C 2156 29.97 41.69 -24.48
C GLY C 2156 28.52 42.14 -24.43
N GLN C 2157 27.68 41.72 -25.37
CA GLN C 2157 26.32 42.25 -25.46
C GLN C 2157 25.39 41.08 -25.72
N LYS C 2158 24.17 41.37 -26.15
CA LYS C 2158 23.20 40.35 -26.56
C LYS C 2158 22.82 39.46 -25.37
N LYS C 2159 22.22 40.10 -24.36
CA LYS C 2159 22.08 39.51 -23.04
C LYS C 2159 20.84 38.63 -22.91
N LYS C 2160 20.29 38.13 -24.02
CA LYS C 2160 19.38 36.98 -24.04
C LYS C 2160 18.12 37.26 -23.22
N LYS C 2161 17.33 38.23 -23.72
CA LYS C 2161 16.25 38.80 -22.92
C LYS C 2161 15.07 37.85 -22.78
N ILE C 2162 14.59 37.29 -23.89
CA ILE C 2162 13.39 36.47 -23.84
C ILE C 2162 13.68 35.07 -23.29
N VAL C 2163 14.80 34.48 -23.69
CA VAL C 2163 15.08 33.10 -23.33
C VAL C 2163 15.25 32.97 -21.82
N LYS C 2164 15.72 34.03 -21.15
CA LYS C 2164 15.78 34.00 -19.70
C LYS C 2164 14.41 33.76 -19.10
N TYR C 2165 13.44 34.59 -19.49
CA TYR C 2165 12.08 34.41 -18.98
C TYR C 2165 11.54 33.04 -19.34
N GLY C 2166 11.76 32.60 -20.58
CA GLY C 2166 11.32 31.29 -21.00
C GLY C 2166 11.80 30.17 -20.10
N MET C 2167 13.12 29.99 -20.04
CA MET C 2167 13.67 28.86 -19.31
C MET C 2167 13.52 29.03 -17.81
N GLY C 2168 13.36 30.26 -17.33
CA GLY C 2168 13.38 30.48 -15.91
C GLY C 2168 11.98 30.26 -15.41
N GLY C 2169 10.99 30.64 -16.21
CA GLY C 2169 9.62 30.32 -15.86
C GLY C 2169 9.37 28.83 -15.93
N LEU C 2170 9.96 28.16 -16.92
CA LEU C 2170 9.81 26.71 -16.97
C LEU C 2170 10.41 26.06 -15.74
N ILE C 2171 11.58 26.53 -15.31
CA ILE C 2171 12.23 25.93 -14.15
C ILE C 2171 11.44 26.22 -12.87
N ILE C 2172 11.03 27.48 -12.67
CA ILE C 2172 10.39 27.81 -11.41
C ILE C 2172 9.03 27.12 -11.31
N LEU C 2173 8.26 27.05 -12.40
CA LEU C 2173 7.00 26.34 -12.30
C LEU C 2173 7.21 24.84 -12.16
N PHE C 2174 8.29 24.29 -12.71
CA PHE C 2174 8.53 22.86 -12.52
C PHE C 2174 8.85 22.56 -11.06
N LEU C 2175 9.70 23.39 -10.45
CA LEU C 2175 10.07 23.17 -9.05
C LEU C 2175 8.91 23.46 -8.11
N ILE C 2176 8.12 24.49 -8.39
CA ILE C 2176 6.97 24.77 -7.53
C ILE C 2176 5.95 23.66 -7.65
N ALA C 2177 5.78 23.07 -8.84
CA ALA C 2177 4.84 21.97 -8.96
C ALA C 2177 5.34 20.73 -8.23
N ILE C 2178 6.65 20.47 -8.29
CA ILE C 2178 7.19 19.32 -7.57
C ILE C 2178 7.05 19.53 -6.06
N ILE C 2179 7.19 20.78 -5.60
CA ILE C 2179 6.96 21.07 -4.18
C ILE C 2179 5.50 20.83 -3.81
N TRP C 2180 4.57 21.29 -4.65
CA TRP C 2180 3.21 21.54 -4.19
C TRP C 2180 2.26 20.39 -4.49
N PHE C 2181 2.31 19.81 -5.70
CA PHE C 2181 1.41 18.73 -6.10
C PHE C 2181 1.43 17.51 -5.18
N PRO C 2182 2.51 17.26 -4.41
CA PRO C 2182 2.42 16.21 -3.40
C PRO C 2182 1.32 16.42 -2.40
N LEU C 2183 0.93 17.66 -2.09
CA LEU C 2183 -0.18 17.84 -1.18
C LEU C 2183 -1.51 17.95 -1.91
N LEU C 2184 -1.50 17.77 -3.23
CA LEU C 2184 -2.73 17.61 -3.97
C LEU C 2184 -3.07 16.13 -4.11
N PHE C 2185 -2.13 15.30 -4.57
CA PHE C 2185 -2.49 13.89 -4.51
C PHE C 2185 -2.32 13.32 -3.11
N MET C 2186 -1.84 14.11 -2.15
CA MET C 2186 -2.12 13.85 -0.74
C MET C 2186 -3.54 14.27 -0.37
N SER C 2187 -4.00 15.43 -0.85
CA SER C 2187 -5.27 15.95 -0.35
C SER C 2187 -6.47 15.38 -1.11
N LEU C 2188 -6.38 15.28 -2.44
CA LEU C 2188 -7.54 14.91 -3.24
C LEU C 2188 -7.91 13.41 -3.09
N ILE C 2189 -7.21 12.71 -2.20
CA ILE C 2189 -7.63 11.38 -1.75
C ILE C 2189 -8.38 11.43 -0.43
N ARG C 2190 -8.36 12.56 0.27
CA ARG C 2190 -9.02 12.72 1.55
C ARG C 2190 -10.42 13.32 1.44
N SER C 2191 -10.96 13.44 0.24
CA SER C 2191 -12.28 14.05 0.03
C SER C 2191 -13.37 12.98 0.05
N VAL C 2192 -13.45 12.30 1.20
CA VAL C 2192 -14.30 11.12 1.38
C VAL C 2192 -15.21 11.36 2.56
N VAL C 2193 -15.67 12.61 2.73
CA VAL C 2193 -16.43 13.08 3.88
C VAL C 2193 -17.44 12.07 4.40
N GLY C 2194 -18.30 11.57 3.53
CA GLY C 2194 -19.25 10.56 3.93
C GLY C 2194 -20.61 10.81 3.32
N VAL C 2195 -21.58 10.00 3.72
CA VAL C 2195 -22.98 10.17 3.36
C VAL C 2195 -23.83 9.60 4.48
N VAL C 2196 -25.13 9.91 4.45
CA VAL C 2196 -26.02 9.56 5.56
C VAL C 2196 -26.48 8.12 5.42
N ASN C 2197 -26.81 7.51 6.56
CA ASN C 2197 -27.21 6.11 6.65
C ASN C 2197 -28.60 6.04 7.29
N GLN C 2198 -29.63 6.23 6.47
CA GLN C 2198 -31.00 6.12 6.96
C GLN C 2198 -31.38 4.65 7.10
N PRO C 2199 -31.69 4.17 8.31
CA PRO C 2199 -31.91 2.73 8.50
C PRO C 2199 -33.21 2.29 7.85
N ILE C 2200 -33.10 1.38 6.87
CA ILE C 2200 -34.28 0.90 6.16
C ILE C 2200 -35.07 -0.14 6.94
N ASP C 2201 -34.50 -0.68 8.01
CA ASP C 2201 -35.13 -1.76 8.78
C ASP C 2201 -35.05 -1.41 10.26
N VAL C 2202 -36.18 -1.51 10.97
CA VAL C 2202 -36.18 -1.41 12.42
C VAL C 2202 -36.86 -2.66 12.97
N THR C 2203 -36.21 -3.31 13.93
CA THR C 2203 -36.77 -4.49 14.59
C THR C 2203 -36.66 -4.32 16.11
N VAL C 2204 -37.74 -4.69 16.81
CA VAL C 2204 -37.76 -4.58 18.26
C VAL C 2204 -38.44 -5.82 18.82
N THR C 2205 -37.83 -6.45 19.83
CA THR C 2205 -38.44 -7.60 20.47
C THR C 2205 -38.29 -7.55 21.97
N LEU C 2206 -39.36 -7.89 22.67
CA LEU C 2206 -39.35 -8.19 24.09
C LEU C 2206 -39.28 -9.70 24.27
N LYS C 2207 -38.18 -10.18 24.86
CA LYS C 2207 -37.96 -11.60 25.12
C LYS C 2207 -37.83 -11.78 26.63
N LEU C 2208 -38.94 -12.12 27.28
CA LEU C 2208 -38.93 -12.49 28.69
C LEU C 2208 -38.75 -13.99 28.81
N GLY C 2209 -37.72 -14.40 29.57
CA GLY C 2209 -37.47 -15.81 29.81
C GLY C 2209 -36.93 -16.56 28.61
N GLY C 2210 -36.42 -17.77 28.86
CA GLY C 2210 -35.91 -18.63 27.82
C GLY C 2210 -36.93 -19.49 27.12
N TYR C 2211 -38.19 -19.43 27.53
CA TYR C 2211 -39.19 -20.34 26.99
C TYR C 2211 -39.61 -19.94 25.57
N GLU C 2212 -39.81 -18.64 25.34
CA GLU C 2212 -40.28 -18.15 24.04
C GLU C 2212 -40.14 -16.64 23.96
N PRO C 2213 -39.72 -16.10 22.81
CA PRO C 2213 -39.82 -14.65 22.62
C PRO C 2213 -41.26 -14.17 22.60
N LEU C 2214 -41.66 -13.40 23.60
CA LEU C 2214 -43.05 -13.00 23.73
C LEU C 2214 -43.44 -11.98 22.65
N PHE C 2215 -42.84 -10.80 22.69
CA PHE C 2215 -43.15 -9.76 21.73
C PHE C 2215 -42.06 -9.65 20.67
N THR C 2216 -42.47 -9.50 19.42
CA THR C 2216 -41.57 -9.07 18.36
C THR C 2216 -42.32 -8.19 17.38
N MET C 2217 -41.56 -7.38 16.64
CA MET C 2217 -42.11 -6.63 15.52
C MET C 2217 -40.96 -6.07 14.70
N SER C 2218 -41.25 -5.77 13.45
CA SER C 2218 -40.38 -4.90 12.64
C SER C 2218 -41.22 -3.84 11.92
N ALA C 2219 -40.50 -2.89 11.35
CA ALA C 2219 -41.08 -1.82 10.55
C ALA C 2219 -40.04 -1.35 9.53
N GLN C 2220 -40.53 -0.62 8.52
CA GLN C 2220 -39.71 -0.08 7.46
C GLN C 2220 -39.97 1.42 7.34
N GLN C 2221 -39.34 2.04 6.34
CA GLN C 2221 -39.37 3.48 6.10
C GLN C 2221 -40.79 3.99 5.93
N PRO C 2222 -41.74 3.14 5.56
CA PRO C 2222 -43.15 3.55 5.63
C PRO C 2222 -43.59 3.92 7.04
N SER C 2223 -43.13 3.19 8.05
CA SER C 2223 -43.45 3.49 9.44
C SER C 2223 -42.31 4.20 10.16
N ILE C 2224 -41.34 4.73 9.42
CA ILE C 2224 -40.28 5.57 9.98
C ILE C 2224 -40.45 6.99 9.43
N VAL C 2225 -40.29 7.98 10.31
CA VAL C 2225 -40.31 9.39 9.94
C VAL C 2225 -38.89 9.94 10.02
N PRO C 2226 -38.22 10.16 8.90
CA PRO C 2226 -37.03 11.02 8.93
C PRO C 2226 -37.37 12.41 9.45
N PHE C 2227 -36.56 12.89 10.39
CA PHE C 2227 -36.88 14.13 11.08
C PHE C 2227 -36.84 15.33 10.14
N THR C 2228 -37.76 16.26 10.35
CA THR C 2228 -38.00 17.62 9.86
C THR C 2228 -37.35 18.63 10.80
N PRO C 2229 -36.99 19.82 10.28
CA PRO C 2229 -36.39 20.84 11.13
C PRO C 2229 -37.26 21.27 12.30
N GLN C 2230 -38.57 21.01 12.23
CA GLN C 2230 -39.41 21.20 13.40
C GLN C 2230 -38.93 20.33 14.55
N ALA C 2231 -38.56 19.08 14.27
CA ALA C 2231 -38.00 18.23 15.30
C ALA C 2231 -36.61 18.67 15.72
N TYR C 2232 -35.88 19.38 14.84
CA TYR C 2232 -34.63 19.99 15.26
C TYR C 2232 -34.87 21.09 16.29
N GLU C 2233 -35.87 21.94 16.05
CA GLU C 2233 -36.22 22.94 17.05
C GLU C 2233 -36.75 22.30 18.32
N GLU C 2234 -37.46 21.18 18.20
CA GLU C 2234 -37.92 20.47 19.38
C GLU C 2234 -36.76 19.93 20.21
N LEU C 2235 -35.76 19.33 19.55
CA LEU C 2235 -34.59 18.84 20.25
C LEU C 2235 -33.76 19.98 20.81
N SER C 2236 -33.83 21.17 20.20
CA SER C 2236 -33.27 22.35 20.82
C SER C 2236 -34.04 22.72 22.09
N GLN C 2237 -35.36 22.53 22.06
CA GLN C 2237 -36.19 22.89 23.21
C GLN C 2237 -36.12 21.83 24.30
N GLN C 2238 -36.31 20.56 23.93
CA GLN C 2238 -36.68 19.52 24.88
C GLN C 2238 -35.52 19.13 25.79
N PHE C 2239 -34.32 19.65 25.57
CA PHE C 2239 -33.12 19.25 26.29
C PHE C 2239 -32.35 20.47 26.76
N ASP C 2240 -33.08 21.40 27.41
CA ASP C 2240 -32.54 22.73 27.66
C ASP C 2240 -31.31 22.71 28.55
N PRO C 2241 -31.41 22.28 29.81
CA PRO C 2241 -30.35 22.58 30.79
C PRO C 2241 -29.18 21.62 30.81
N TYR C 2242 -29.06 20.72 29.82
CA TYR C 2242 -27.95 19.78 29.78
C TYR C 2242 -26.99 20.18 28.68
N PRO C 2243 -25.78 20.64 29.00
CA PRO C 2243 -24.89 21.15 27.94
C PRO C 2243 -24.29 20.04 27.09
N LEU C 2244 -24.01 18.88 27.70
CA LEU C 2244 -23.56 17.74 26.90
C LEU C 2244 -24.66 17.27 25.95
N ALA C 2245 -25.91 17.30 26.41
CA ALA C 2245 -27.02 16.97 25.51
C ALA C 2245 -27.17 18.02 24.43
N MET C 2246 -26.97 19.30 24.78
CA MET C 2246 -27.04 20.36 23.80
C MET C 2246 -26.02 20.14 22.68
N GLN C 2247 -24.76 19.86 23.06
CA GLN C 2247 -23.73 19.62 22.06
C GLN C 2247 -23.97 18.32 21.28
N PHE C 2248 -24.54 17.30 21.94
CA PHE C 2248 -24.84 16.06 21.22
C PHE C 2248 -25.93 16.27 20.18
N ILE C 2249 -26.96 17.05 20.53
CA ILE C 2249 -28.05 17.29 19.60
C ILE C 2249 -27.59 18.21 18.47
N SER C 2250 -26.79 19.22 18.79
CA SER C 2250 -26.28 20.12 17.76
C SER C 2250 -25.16 19.50 16.95
N GLN C 2251 -24.62 18.35 17.36
CA GLN C 2251 -23.56 17.69 16.61
C GLN C 2251 -24.04 17.26 15.23
N TYR C 2252 -25.05 16.40 15.19
CA TYR C 2252 -25.41 15.74 13.95
C TYR C 2252 -26.07 16.72 12.98
N SER C 2253 -26.29 16.23 11.76
CA SER C 2253 -27.11 16.94 10.79
C SER C 2253 -28.58 16.90 11.19
N PRO C 2254 -29.40 17.77 10.60
CA PRO C 2254 -30.86 17.57 10.69
C PRO C 2254 -31.30 16.19 10.22
N GLU C 2255 -30.82 15.74 9.06
CA GLU C 2255 -31.20 14.44 8.52
C GLU C 2255 -30.17 13.38 8.92
N ASP C 2256 -30.05 13.18 10.24
CA ASP C 2256 -29.33 12.05 10.80
C ASP C 2256 -30.10 11.36 11.91
N ILE C 2257 -31.26 11.88 12.29
CA ILE C 2257 -32.11 11.30 13.33
C ILE C 2257 -33.47 11.01 12.70
N VAL C 2258 -34.02 9.85 13.04
CA VAL C 2258 -35.35 9.47 12.61
C VAL C 2258 -36.16 8.99 13.81
N THR C 2259 -37.47 8.87 13.58
CA THR C 2259 -38.42 8.43 14.60
C THR C 2259 -39.20 7.26 14.04
N ALA C 2260 -38.91 6.06 14.52
CA ALA C 2260 -39.68 4.88 14.15
C ALA C 2260 -40.97 4.84 14.94
N GLN C 2261 -42.04 4.44 14.26
CA GLN C 2261 -43.29 4.09 14.92
C GLN C 2261 -43.46 2.58 14.96
N ILE C 2262 -44.13 2.10 16.00
CA ILE C 2262 -44.37 0.67 16.19
C ILE C 2262 -45.83 0.47 16.55
N GLU C 2263 -46.45 -0.53 15.93
CA GLU C 2263 -47.84 -0.83 16.22
C GLU C 2263 -47.97 -1.37 17.63
N GLY C 2264 -48.94 -0.86 18.38
CA GLY C 2264 -49.08 -1.30 19.76
C GLY C 2264 -49.43 -2.77 19.87
N SER C 2265 -50.40 -3.22 19.07
CA SER C 2265 -50.77 -4.62 19.08
C SER C 2265 -49.71 -5.47 18.39
N SER C 2266 -49.82 -6.78 18.58
CA SER C 2266 -48.98 -7.72 17.86
C SER C 2266 -49.45 -7.87 16.42
N GLY C 2267 -48.52 -8.22 15.55
CA GLY C 2267 -48.87 -8.68 14.22
C GLY C 2267 -49.06 -10.18 14.11
N ALA C 2268 -49.11 -10.88 15.23
CA ALA C 2268 -49.20 -12.35 15.24
C ALA C 2268 -49.73 -12.78 16.60
N LEU C 2269 -49.59 -14.05 16.92
CA LEU C 2269 -49.91 -14.58 18.23
C LEU C 2269 -48.64 -14.94 18.97
N TRP C 2270 -48.79 -15.20 20.28
CA TRP C 2270 -47.71 -15.79 21.09
C TRP C 2270 -47.72 -17.31 20.90
N ARG C 2271 -47.24 -17.73 19.72
CA ARG C 2271 -47.20 -19.15 19.38
C ARG C 2271 -46.08 -19.83 20.18
N ILE C 2272 -46.46 -20.72 21.09
CA ILE C 2272 -45.53 -21.27 22.07
C ILE C 2272 -46.04 -22.65 22.47
N SER C 2273 -45.10 -23.53 22.81
CA SER C 2273 -45.47 -24.87 23.25
C SER C 2273 -46.19 -24.79 24.59
N PRO C 2274 -47.29 -25.51 24.76
CA PRO C 2274 -48.05 -25.43 26.02
C PRO C 2274 -47.25 -25.99 27.17
N PRO C 2275 -46.36 -26.95 26.92
CA PRO C 2275 -45.34 -27.25 27.94
C PRO C 2275 -44.50 -26.04 28.34
N SER C 2276 -43.98 -25.30 27.36
CA SER C 2276 -43.20 -24.12 27.68
C SER C 2276 -44.04 -23.00 28.26
N ARG C 2277 -45.30 -22.87 27.80
CA ARG C 2277 -46.20 -21.91 28.42
C ARG C 2277 -46.46 -22.25 29.88
N ALA C 2278 -46.60 -23.55 30.18
CA ALA C 2278 -46.81 -23.96 31.57
C ALA C 2278 -45.56 -23.72 32.41
N GLN C 2279 -44.39 -23.93 31.82
CA GLN C 2279 -43.16 -23.74 32.59
C GLN C 2279 -42.90 -22.27 32.88
N MET C 2280 -43.14 -21.40 31.89
CA MET C 2280 -43.02 -19.97 32.14
C MET C 2280 -44.09 -19.47 33.10
N LYS C 2281 -45.31 -20.04 33.01
CA LYS C 2281 -46.36 -19.69 33.96
C LYS C 2281 -45.96 -20.05 35.37
N GLN C 2282 -45.38 -21.23 35.58
CA GLN C 2282 -45.04 -21.66 36.92
C GLN C 2282 -43.80 -20.95 37.44
N GLU C 2283 -42.91 -20.52 36.54
CA GLU C 2283 -41.79 -19.68 36.95
C GLU C 2283 -42.28 -18.31 37.41
N LEU C 2284 -43.16 -17.68 36.63
CA LEU C 2284 -43.67 -16.36 37.00
C LEU C 2284 -44.59 -16.42 38.22
N TYR C 2285 -45.28 -17.54 38.43
CA TYR C 2285 -46.07 -17.72 39.64
C TYR C 2285 -45.18 -17.93 40.86
N ASN C 2286 -44.40 -19.02 40.86
CA ASN C 2286 -43.81 -19.50 42.10
C ASN C 2286 -42.36 -19.96 41.92
N GLY C 2287 -41.73 -19.67 40.80
CA GLY C 2287 -40.32 -19.92 40.65
C GLY C 2287 -39.50 -18.94 41.49
N THR C 2288 -38.92 -19.44 42.58
CA THR C 2288 -38.33 -18.57 43.61
C THR C 2288 -36.90 -18.21 43.23
N ALA C 2289 -36.80 -17.47 42.13
CA ALA C 2289 -35.52 -16.99 41.63
C ALA C 2289 -35.79 -15.78 40.74
N ASP C 2290 -34.73 -15.25 40.13
CA ASP C 2290 -34.85 -14.06 39.31
C ASP C 2290 -35.19 -14.45 37.88
N ILE C 2291 -35.58 -13.45 37.09
CA ILE C 2291 -35.93 -13.69 35.69
C ILE C 2291 -35.55 -12.47 34.88
N THR C 2292 -34.92 -12.70 33.74
CA THR C 2292 -34.45 -11.61 32.89
C THR C 2292 -35.44 -11.37 31.75
N LEU C 2293 -35.57 -10.11 31.35
CA LEU C 2293 -36.23 -9.72 30.12
C LEU C 2293 -35.22 -8.96 29.27
N ARG C 2294 -35.02 -9.42 28.04
CA ARG C 2294 -34.22 -8.71 27.04
C ARG C 2294 -35.14 -7.88 26.16
N PHE C 2295 -35.02 -6.56 26.29
CA PHE C 2295 -35.49 -5.65 25.24
C PHE C 2295 -34.39 -5.54 24.19
N THR C 2296 -34.70 -5.86 22.95
CA THR C 2296 -33.71 -5.88 21.87
C THR C 2296 -34.21 -4.99 20.74
N TRP C 2297 -33.72 -3.76 20.72
CA TRP C 2297 -33.77 -2.92 19.54
C TRP C 2297 -32.72 -3.35 18.51
N ASN C 2298 -32.97 -3.02 17.25
CA ASN C 2298 -32.07 -3.38 16.17
C ASN C 2298 -32.44 -2.55 14.95
N PHE C 2299 -31.43 -2.19 14.17
CA PHE C 2299 -31.64 -1.45 12.93
C PHE C 2299 -30.77 -2.07 11.85
N GLN C 2300 -31.17 -1.78 10.61
CA GLN C 2300 -30.36 -2.10 9.44
C GLN C 2300 -30.46 -0.97 8.44
N ARG C 2301 -29.30 -0.46 8.04
CA ARG C 2301 -29.19 0.61 7.06
C ARG C 2301 -29.22 0.01 5.66
N ASP C 2302 -28.85 0.80 4.66
CA ASP C 2302 -28.63 0.30 3.31
C ASP C 2302 -27.14 0.03 3.11
N LEU C 2303 -26.81 -0.56 1.97
CA LEU C 2303 -25.47 -1.06 1.72
C LEU C 2303 -24.73 -0.34 0.60
N ALA C 2304 -25.42 0.09 -0.44
CA ALA C 2304 -24.76 0.87 -1.49
C ALA C 2304 -24.38 2.27 -1.02
N LYS C 2305 -24.92 2.72 0.11
CA LYS C 2305 -24.41 3.91 0.78
C LYS C 2305 -23.03 3.70 1.38
N GLY C 2306 -22.56 2.47 1.45
CA GLY C 2306 -21.36 2.13 2.18
C GLY C 2306 -21.68 1.52 3.52
N GLY C 2307 -20.65 1.43 4.36
CA GLY C 2307 -20.83 0.82 5.66
C GLY C 2307 -20.56 -0.68 5.64
N THR C 2308 -19.55 -1.13 6.40
CA THR C 2308 -19.12 -2.51 6.35
C THR C 2308 -19.77 -3.36 7.43
N VAL C 2309 -20.80 -2.84 8.11
CA VAL C 2309 -21.66 -3.62 8.98
C VAL C 2309 -23.09 -3.15 8.77
N GLU C 2310 -24.03 -4.07 8.90
CA GLU C 2310 -25.37 -3.81 8.40
C GLU C 2310 -26.45 -4.02 9.45
N TYR C 2311 -26.33 -5.05 10.28
CA TYR C 2311 -27.34 -5.39 11.28
C TYR C 2311 -26.86 -4.92 12.65
N THR C 2312 -27.08 -3.64 12.92
CA THR C 2312 -26.61 -3.05 14.17
C THR C 2312 -27.68 -3.21 15.25
N ASN C 2313 -27.25 -3.43 16.48
CA ASN C 2313 -28.20 -3.68 17.56
C ASN C 2313 -27.47 -3.56 18.90
N GLU C 2314 -28.21 -3.80 19.97
CA GLU C 2314 -27.71 -4.12 21.30
C GLU C 2314 -28.91 -4.52 22.16
N LYS C 2315 -28.68 -5.44 23.10
CA LYS C 2315 -29.73 -5.84 24.00
C LYS C 2315 -29.85 -4.86 25.17
N HIS C 2316 -30.81 -5.12 26.05
CA HIS C 2316 -30.96 -4.41 27.31
C HIS C 2316 -31.69 -5.32 28.28
N THR C 2317 -31.18 -5.42 29.49
CA THR C 2317 -31.66 -6.41 30.46
C THR C 2317 -32.47 -5.73 31.56
N LEU C 2318 -33.58 -6.36 31.92
CA LEU C 2318 -34.28 -6.03 33.16
C LEU C 2318 -34.43 -7.29 34.01
N GLU C 2319 -34.30 -7.14 35.32
CA GLU C 2319 -34.30 -8.26 36.26
C GLU C 2319 -35.52 -8.18 37.14
N LEU C 2320 -36.21 -9.30 37.30
CA LEU C 2320 -37.41 -9.39 38.14
C LEU C 2320 -37.15 -10.40 39.24
N ALA C 2321 -37.57 -10.03 40.46
CA ALA C 2321 -37.28 -10.81 41.65
C ALA C 2321 -38.17 -12.05 41.72
N PRO C 2322 -37.85 -12.97 42.63
CA PRO C 2322 -38.83 -14.02 42.97
C PRO C 2322 -40.06 -13.45 43.64
N ASN C 2323 -41.21 -13.55 42.97
CA ASN C 2323 -42.49 -13.07 43.49
C ASN C 2323 -42.42 -11.58 43.85
N SER C 2324 -42.16 -10.77 42.84
CA SER C 2324 -42.13 -9.33 42.97
C SER C 2324 -43.45 -8.74 42.47
N THR C 2325 -43.50 -7.41 42.39
CA THR C 2325 -44.75 -6.75 41.99
C THR C 2325 -45.03 -6.96 40.51
N ALA C 2326 -44.04 -6.71 39.66
CA ALA C 2326 -44.18 -7.03 38.24
C ALA C 2326 -44.36 -8.53 38.01
N ARG C 2327 -43.73 -9.36 38.85
CA ARG C 2327 -44.01 -10.79 38.79
C ARG C 2327 -45.47 -11.09 39.08
N ARG C 2328 -46.08 -10.35 40.01
CA ARG C 2328 -47.50 -10.55 40.28
C ARG C 2328 -48.37 -10.01 39.16
N GLN C 2329 -47.92 -8.94 38.50
CA GLN C 2329 -48.64 -8.44 37.32
C GLN C 2329 -48.59 -9.46 36.19
N LEU C 2330 -47.44 -10.10 35.99
CA LEU C 2330 -47.34 -11.16 35.00
C LEU C 2330 -48.18 -12.37 35.41
N ALA C 2331 -48.27 -12.67 36.70
CA ALA C 2331 -49.10 -13.78 37.15
C ALA C 2331 -50.57 -13.51 36.89
N GLN C 2332 -51.01 -12.27 37.10
CA GLN C 2332 -52.39 -11.89 36.78
C GLN C 2332 -52.61 -11.85 35.27
N LEU C 2333 -51.57 -11.51 34.50
CA LEU C 2333 -51.64 -11.59 33.05
C LEU C 2333 -51.79 -13.04 32.59
N LEU C 2334 -50.94 -13.92 33.09
CA LEU C 2334 -50.90 -15.31 32.65
C LEU C 2334 -52.03 -16.16 33.22
N GLU C 2335 -52.94 -15.57 34.00
CA GLU C 2335 -54.09 -16.31 34.50
C GLU C 2335 -55.16 -16.49 33.42
N GLY C 2336 -55.10 -15.72 32.34
CA GLY C 2336 -56.05 -15.84 31.26
C GLY C 2336 -57.26 -14.94 31.42
N ARG C 2337 -57.04 -13.71 31.87
CA ARG C 2337 -58.11 -12.77 32.16
C ARG C 2337 -57.82 -11.45 31.47
N PRO C 2338 -58.80 -10.84 30.80
CA PRO C 2338 -58.55 -9.62 30.02
C PRO C 2338 -58.83 -8.36 30.83
N ASP C 2339 -58.12 -8.20 31.94
CA ASP C 2339 -58.26 -7.00 32.76
C ASP C 2339 -56.93 -6.36 33.13
N GLN C 2340 -55.90 -7.15 33.40
CA GLN C 2340 -54.78 -6.70 34.21
C GLN C 2340 -53.74 -6.03 33.32
N SER C 2341 -52.57 -5.73 33.89
CA SER C 2341 -51.52 -5.00 33.19
C SER C 2341 -50.20 -5.35 33.84
N VAL C 2342 -49.16 -4.56 33.53
CA VAL C 2342 -47.81 -4.80 34.04
C VAL C 2342 -47.20 -3.47 34.43
N VAL C 2343 -46.16 -3.54 35.26
CA VAL C 2343 -45.30 -2.40 35.57
C VAL C 2343 -43.88 -2.72 35.17
N ILE C 2344 -43.21 -1.76 34.54
CA ILE C 2344 -41.84 -1.90 34.06
C ILE C 2344 -40.99 -0.85 34.75
N PRO C 2345 -39.99 -1.25 35.54
CA PRO C 2345 -39.10 -0.24 36.15
C PRO C 2345 -38.12 0.33 35.13
N HIS C 2346 -38.65 1.01 34.12
CA HIS C 2346 -37.87 1.90 33.25
C HIS C 2346 -36.78 1.14 32.51
N LEU C 2347 -37.22 0.19 31.69
CA LEU C 2347 -36.32 -0.54 30.80
C LEU C 2347 -36.12 0.12 29.44
N PHE C 2348 -37.17 0.76 28.91
CA PHE C 2348 -37.23 1.08 27.49
C PHE C 2348 -36.69 2.49 27.27
N PRO C 2349 -35.54 2.65 26.62
CA PRO C 2349 -35.07 3.99 26.27
C PRO C 2349 -35.83 4.55 25.06
N LYS C 2350 -35.60 5.85 24.84
CA LYS C 2350 -36.34 6.60 23.83
C LYS C 2350 -35.45 7.23 22.76
N TYR C 2351 -34.16 7.40 23.01
CA TYR C 2351 -33.23 8.04 22.10
C TYR C 2351 -31.98 7.18 22.02
N ILE C 2352 -31.75 6.55 20.87
CA ILE C 2352 -30.70 5.55 20.72
C ILE C 2352 -29.76 5.97 19.59
N ARG C 2353 -28.48 6.10 19.91
CA ARG C 2353 -27.46 6.34 18.89
C ARG C 2353 -27.18 5.05 18.13
N ALA C 2354 -27.50 5.04 16.84
CA ALA C 2354 -27.15 3.95 15.94
C ALA C 2354 -25.87 4.36 15.22
N PRO C 2355 -24.72 3.84 15.60
CA PRO C 2355 -23.46 4.44 15.12
C PRO C 2355 -23.13 4.08 13.68
N ASN C 2356 -21.95 4.50 13.22
CA ASN C 2356 -21.34 3.95 12.02
C ASN C 2356 -20.43 2.78 12.34
N GLY C 2357 -20.73 2.03 13.40
CA GLY C 2357 -19.92 0.92 13.83
C GLY C 2357 -20.77 -0.32 14.00
N PRO C 2358 -20.24 -1.30 14.73
CA PRO C 2358 -20.93 -2.59 14.85
C PRO C 2358 -21.89 -2.71 16.03
N GLU C 2359 -22.01 -1.69 16.87
CA GLU C 2359 -22.77 -1.80 18.10
C GLU C 2359 -23.54 -0.50 18.33
N ALA C 2360 -24.87 -0.57 18.28
CA ALA C 2360 -25.69 0.58 18.59
C ALA C 2360 -25.76 0.75 20.11
N ASN C 2361 -25.85 2.01 20.55
CA ASN C 2361 -25.90 2.29 21.97
C ASN C 2361 -26.92 3.39 22.26
N PRO C 2362 -27.56 3.34 23.42
CA PRO C 2362 -28.49 4.42 23.79
C PRO C 2362 -27.74 5.69 24.12
N VAL C 2363 -28.35 6.82 23.76
CA VAL C 2363 -27.70 8.11 24.01
C VAL C 2363 -27.59 8.34 25.51
N LYS C 2364 -26.41 8.77 25.96
CA LYS C 2364 -26.15 9.05 27.36
C LYS C 2364 -26.16 10.53 27.68
N GLN C 2365 -26.63 11.37 26.76
CA GLN C 2365 -26.59 12.82 26.93
C GLN C 2365 -27.99 13.42 27.00
N LEU C 2366 -28.83 13.15 26.00
CA LEU C 2366 -30.24 13.52 26.12
C LEU C 2366 -30.92 12.69 27.20
N GLN C 2367 -30.46 11.47 27.42
CA GLN C 2367 -30.92 10.62 28.51
C GLN C 2367 -29.74 10.38 29.44
N PRO C 2368 -29.60 11.14 30.52
CA PRO C 2368 -28.36 11.11 31.32
C PRO C 2368 -28.36 10.17 32.51
N ASP C 2369 -29.38 9.34 32.71
CA ASP C 2369 -29.57 8.68 33.98
C ASP C 2369 -29.31 7.18 33.94
N GLU C 2370 -29.26 6.58 32.75
CA GLU C 2370 -28.68 5.27 32.51
C GLU C 2370 -29.46 4.14 33.18
N GLU C 2371 -30.45 4.47 34.00
CA GLU C 2371 -31.53 3.54 34.35
C GLU C 2371 -32.90 4.18 34.42
N GLU C 2372 -33.01 5.50 34.53
CA GLU C 2372 -34.28 6.16 34.81
C GLU C 2372 -34.73 7.09 33.68
N ASP C 2373 -33.78 7.76 33.02
CA ASP C 2373 -34.12 8.49 31.80
C ASP C 2373 -34.78 7.58 30.77
N TYR C 2374 -34.40 6.31 30.72
CA TYR C 2374 -35.08 5.35 29.86
C TYR C 2374 -36.48 5.10 30.39
N LEU C 2375 -37.47 5.20 29.51
CA LEU C 2375 -38.86 5.28 29.94
C LEU C 2375 -39.37 3.90 30.35
N GLY C 2376 -40.65 3.84 30.69
CA GLY C 2376 -41.28 2.63 31.18
C GLY C 2376 -42.23 2.04 30.16
N VAL C 2377 -42.42 0.72 30.22
CA VAL C 2377 -43.30 0.03 29.30
C VAL C 2377 -44.44 -0.62 30.09
N ARG C 2378 -45.44 -1.08 29.35
CA ARG C 2378 -46.49 -1.94 29.89
C ARG C 2378 -47.03 -2.80 28.76
N ILE C 2379 -47.65 -3.92 29.15
CA ILE C 2379 -48.10 -4.92 28.18
C ILE C 2379 -49.53 -5.31 28.51
N GLN C 2380 -50.22 -5.78 27.47
CA GLN C 2380 -51.59 -6.28 27.57
C GLN C 2380 -51.67 -7.61 26.84
N LEU C 2381 -52.18 -8.63 27.51
CA LEU C 2381 -52.37 -9.94 26.88
C LEU C 2381 -53.85 -10.08 26.55
N ARG C 2382 -54.15 -10.27 25.27
CA ARG C 2382 -55.53 -10.38 24.80
C ARG C 2382 -55.80 -11.78 24.29
N ARG C 2383 -56.85 -12.40 24.82
CA ARG C 2383 -57.31 -13.73 24.44
C ARG C 2383 -58.63 -13.64 23.68
N GLU C 2384 -58.67 -14.25 22.50
CA GLU C 2384 -59.83 -14.24 21.63
C GLU C 2384 -60.34 -15.67 21.52
N GLN C 2385 -61.56 -15.90 22.02
CA GLN C 2385 -62.10 -17.26 22.08
C GLN C 2385 -62.39 -17.79 20.68
N VAL C 2386 -61.94 -19.01 20.41
CA VAL C 2386 -62.15 -19.64 19.12
C VAL C 2386 -63.11 -20.82 19.25
N GLY C 2396 -53.17 -25.56 28.19
CA GLY C 2396 -54.55 -25.38 28.62
C GLY C 2396 -55.54 -25.56 27.49
N THR C 2397 -56.54 -26.42 27.72
CA THR C 2397 -57.53 -26.71 26.68
C THR C 2397 -58.37 -25.48 26.37
N LYS C 2398 -58.99 -24.90 27.38
CA LYS C 2398 -59.65 -23.60 27.20
C LYS C 2398 -58.64 -22.53 26.81
N ALA C 2399 -57.44 -22.59 27.38
CA ALA C 2399 -56.38 -21.65 26.99
C ALA C 2399 -55.87 -21.91 25.58
N SER C 2400 -56.17 -23.07 24.99
CA SER C 2400 -55.93 -23.28 23.57
C SER C 2400 -57.11 -22.84 22.71
N ASP C 2401 -58.33 -22.96 23.22
CA ASP C 2401 -59.49 -22.43 22.49
C ASP C 2401 -59.46 -20.91 22.46
N PHE C 2402 -59.01 -20.29 23.53
CA PHE C 2402 -58.59 -18.90 23.47
C PHE C 2402 -57.24 -18.78 22.76
N LEU C 2403 -57.11 -17.76 21.93
CA LEU C 2403 -55.87 -17.51 21.18
C LEU C 2403 -55.42 -16.10 21.50
N GLU C 2404 -54.18 -15.94 21.94
CA GLU C 2404 -53.77 -14.75 22.64
C GLU C 2404 -52.59 -14.08 21.93
N TRP C 2405 -52.47 -12.78 22.17
CA TRP C 2405 -51.30 -12.03 21.73
C TRP C 2405 -51.03 -10.91 22.73
N TRP C 2406 -50.12 -10.01 22.37
CA TRP C 2406 -49.66 -8.95 23.25
C TRP C 2406 -49.75 -7.59 22.56
N VAL C 2407 -50.05 -6.58 23.36
CA VAL C 2407 -50.13 -5.19 22.93
C VAL C 2407 -49.22 -4.38 23.83
N ILE C 2408 -48.33 -3.59 23.22
CA ILE C 2408 -47.34 -2.82 23.97
C ILE C 2408 -47.84 -1.39 24.17
N GLU C 2409 -47.34 -0.76 25.23
CA GLU C 2409 -47.69 0.62 25.55
C GLU C 2409 -46.64 1.13 26.53
N LEU C 2410 -46.80 2.39 26.95
CA LEU C 2410 -45.89 2.94 27.95
C LEU C 2410 -46.39 2.61 29.35
N GLN C 2411 -45.48 2.74 30.32
CA GLN C 2411 -45.87 2.68 31.73
C GLN C 2411 -47.01 3.65 32.03
N ASP C 2412 -46.98 4.83 31.41
CA ASP C 2412 -48.08 5.80 31.48
C ASP C 2412 -48.29 6.32 30.06
N CYS C 2413 -49.15 5.64 29.31
CA CYS C 2413 -49.32 5.93 27.90
C CYS C 2413 -50.19 7.16 27.70
N LYS C 2414 -49.85 7.97 26.70
CA LYS C 2414 -50.65 9.11 26.30
C LYS C 2414 -51.34 8.86 24.96
N ALA C 2415 -50.57 8.55 23.92
CA ALA C 2415 -51.13 8.06 22.67
C ALA C 2415 -50.33 6.90 22.08
N ASP C 2416 -49.24 6.48 22.72
CA ASP C 2416 -48.41 5.38 22.24
C ASP C 2416 -49.03 4.01 22.49
N CYS C 2417 -50.18 3.94 23.17
CA CYS C 2417 -50.97 2.71 23.18
C CYS C 2417 -51.57 2.39 21.82
N ASN C 2418 -51.64 3.38 20.92
CA ASN C 2418 -51.93 3.08 19.52
C ASN C 2418 -50.66 2.94 18.68
N LEU C 2419 -49.70 3.84 18.87
CA LEU C 2419 -48.51 3.94 18.01
C LEU C 2419 -47.33 4.32 18.89
N LEU C 2420 -46.59 3.32 19.35
CA LEU C 2420 -45.43 3.59 20.21
C LEU C 2420 -44.35 4.29 19.40
N PRO C 2421 -43.67 5.28 19.99
CA PRO C 2421 -42.54 5.92 19.30
C PRO C 2421 -41.19 5.35 19.71
N MET C 2422 -40.17 5.61 18.90
CA MET C 2422 -38.78 5.47 19.31
C MET C 2422 -37.95 6.37 18.42
N VAL C 2423 -36.88 6.92 18.99
CA VAL C 2423 -36.07 7.92 18.29
C VAL C 2423 -34.64 7.42 18.22
N ILE C 2424 -34.04 7.55 17.04
CA ILE C 2424 -32.68 7.10 16.81
C ILE C 2424 -31.90 8.19 16.09
N PHE C 2425 -30.61 8.26 16.35
CA PHE C 2425 -29.73 9.22 15.70
C PHE C 2425 -28.51 8.48 15.18
N SER C 2426 -28.09 8.78 13.96
CA SER C 2426 -26.97 8.06 13.36
C SER C 2426 -25.88 9.01 12.88
N ASP C 2427 -24.67 8.45 12.82
CA ASP C 2427 -23.47 9.15 12.37
C ASP C 2427 -23.15 8.73 10.95
N LYS C 2428 -22.96 9.71 10.06
CA LYS C 2428 -22.68 9.43 8.65
C LYS C 2428 -21.60 8.37 8.51
N VAL C 2429 -21.66 7.64 7.39
CA VAL C 2429 -20.75 6.53 7.10
C VAL C 2429 -19.83 6.93 5.95
N SER C 2430 -18.53 6.84 6.19
CA SER C 2430 -17.56 7.18 5.15
C SER C 2430 -17.75 6.20 3.99
N PRO C 2431 -17.78 6.66 2.75
CA PRO C 2431 -18.01 5.74 1.63
C PRO C 2431 -16.92 4.70 1.49
N PRO C 2432 -15.65 5.07 1.58
CA PRO C 2432 -14.61 4.04 1.43
C PRO C 2432 -13.70 3.84 2.64
N SER C 2433 -13.56 4.86 3.49
CA SER C 2433 -12.68 4.79 4.66
C SER C 2433 -11.29 4.34 4.25
N LEU C 2434 -10.78 4.93 3.17
CA LEU C 2434 -9.50 4.54 2.60
C LEU C 2434 -8.30 5.29 3.20
N GLY C 2435 -8.51 6.26 4.09
CA GLY C 2435 -7.44 7.03 4.70
C GLY C 2435 -6.11 6.31 4.90
N PHE C 2436 -6.18 5.09 5.42
CA PHE C 2436 -5.09 4.12 5.55
C PHE C 2436 -4.01 4.56 6.56
N LEU C 2437 -4.18 5.68 7.25
CA LEU C 2437 -3.17 6.07 8.22
C LEU C 2437 -3.75 7.09 9.18
N ALA C 2438 -3.08 7.22 10.33
CA ALA C 2438 -3.45 8.20 11.34
C ALA C 2438 -2.94 9.58 10.96
N GLY C 2439 -3.44 10.60 11.67
CA GLY C 2439 -3.02 11.96 11.39
C GLY C 2439 -1.54 12.18 11.57
N TYR C 2440 -0.96 11.58 12.62
CA TYR C 2440 0.46 11.71 12.91
C TYR C 2440 1.20 10.53 12.29
N GLY C 2441 2.20 10.83 11.46
CA GLY C 2441 2.98 9.81 10.80
C GLY C 2441 2.70 9.64 9.32
N ILE C 2442 2.12 10.64 8.65
CA ILE C 2442 1.99 10.64 7.21
C ILE C 2442 2.81 11.75 6.56
N VAL C 2443 2.94 12.91 7.20
CA VAL C 2443 3.78 13.98 6.70
C VAL C 2443 5.22 13.53 6.57
N GLY C 2444 5.64 12.55 7.38
CA GLY C 2444 6.97 11.97 7.22
C GLY C 2444 7.23 11.48 5.82
N LEU C 2445 6.23 10.84 5.19
CA LEU C 2445 6.42 10.36 3.83
C LEU C 2445 6.61 11.52 2.87
N TYR C 2446 5.84 12.58 3.02
CA TYR C 2446 5.96 13.73 2.14
C TYR C 2446 7.32 14.41 2.31
N VAL C 2447 7.80 14.52 3.56
CA VAL C 2447 9.07 15.20 3.75
C VAL C 2447 10.23 14.30 3.30
N SER C 2448 10.04 12.98 3.34
CA SER C 2448 11.04 12.10 2.76
C SER C 2448 11.08 12.26 1.25
N ILE C 2449 9.92 12.34 0.61
CA ILE C 2449 9.88 12.49 -0.85
C ILE C 2449 10.51 13.82 -1.26
N VAL C 2450 10.18 14.91 -0.58
CA VAL C 2450 10.76 16.19 -0.97
C VAL C 2450 12.27 16.16 -0.75
N LEU C 2451 12.73 15.58 0.37
CA LEU C 2451 14.16 15.56 0.63
C LEU C 2451 14.91 14.75 -0.43
N VAL C 2452 14.39 13.56 -0.78
CA VAL C 2452 15.10 12.76 -1.77
C VAL C 2452 15.11 13.45 -3.14
N VAL C 2453 13.97 14.03 -3.56
CA VAL C 2453 13.98 14.72 -4.84
C VAL C 2453 14.95 15.89 -4.79
N GLY C 2454 14.97 16.62 -3.67
CA GLY C 2454 15.91 17.73 -3.52
C GLY C 2454 17.36 17.30 -3.69
N LYS C 2455 17.79 16.31 -2.90
CA LYS C 2455 19.17 15.85 -3.05
C LYS C 2455 19.39 15.02 -4.30
N PHE C 2456 18.36 14.84 -5.12
CA PHE C 2456 18.58 14.52 -6.52
C PHE C 2456 18.88 15.77 -7.33
N VAL C 2457 18.05 16.80 -7.21
CA VAL C 2457 18.11 17.94 -8.11
C VAL C 2457 19.27 18.87 -7.78
N ARG C 2458 19.86 18.74 -6.60
CA ARG C 2458 21.17 19.34 -6.34
C ARG C 2458 22.30 18.41 -6.74
N GLY C 2459 21.99 17.32 -7.43
CA GLY C 2459 23.03 16.43 -7.93
C GLY C 2459 23.82 17.04 -9.07
N PHE C 2460 23.13 17.72 -10.00
CA PHE C 2460 23.76 18.24 -11.19
C PHE C 2460 23.48 19.71 -11.45
N PHE C 2461 22.71 20.38 -10.59
CA PHE C 2461 22.52 21.81 -10.72
C PHE C 2461 23.29 22.61 -9.68
N SER C 2462 23.92 21.97 -8.70
CA SER C 2462 24.83 22.67 -7.80
C SER C 2462 26.01 21.78 -7.44
N GLU C 2463 26.53 21.05 -8.43
CA GLU C 2463 27.80 20.36 -8.24
C GLU C 2463 28.68 20.42 -9.48
N ILE C 2464 28.35 21.25 -10.47
CA ILE C 2464 29.14 21.32 -11.70
C ILE C 2464 30.24 22.33 -11.43
N SER C 2465 31.24 21.88 -10.70
CA SER C 2465 32.51 22.58 -10.54
C SER C 2465 33.71 21.70 -10.84
N HIS C 2466 33.69 20.44 -10.39
CA HIS C 2466 34.84 19.58 -10.55
C HIS C 2466 35.07 19.22 -12.02
N SER C 2467 34.00 18.98 -12.77
CA SER C 2467 34.10 18.60 -14.17
C SER C 2467 33.99 19.79 -15.13
N ILE C 2468 34.49 20.97 -14.76
CA ILE C 2468 34.49 22.07 -15.71
C ILE C 2468 35.51 21.84 -16.82
N MET C 2469 36.68 21.29 -16.47
CA MET C 2469 37.75 21.13 -17.45
C MET C 2469 37.30 20.26 -18.62
N PHE C 2470 36.75 19.08 -18.33
CA PHE C 2470 36.27 18.22 -19.41
C PHE C 2470 35.09 18.87 -20.13
N GLU C 2471 34.21 19.53 -19.39
CA GLU C 2471 32.98 20.07 -19.98
C GLU C 2471 33.28 21.11 -21.05
N GLU C 2472 34.26 21.97 -20.83
CA GLU C 2472 34.51 23.09 -21.75
C GLU C 2472 35.86 22.97 -22.40
N LEU C 2473 35.87 22.93 -23.74
CA LEU C 2473 37.05 22.94 -24.58
C LEU C 2473 36.78 23.92 -25.71
N PRO C 2474 37.65 24.91 -25.94
CA PRO C 2474 37.39 25.87 -27.03
C PRO C 2474 37.35 25.22 -28.41
N CYS C 2475 38.26 24.29 -28.67
CA CYS C 2475 38.36 23.62 -29.96
C CYS C 2475 38.75 22.17 -29.70
N VAL C 2476 38.02 21.23 -30.30
CA VAL C 2476 38.16 19.82 -29.99
C VAL C 2476 38.64 19.01 -31.19
N ASP C 2477 39.06 19.67 -32.28
CA ASP C 2477 39.20 18.95 -33.53
C ASP C 2477 40.33 17.93 -33.48
N ARG C 2478 41.41 18.24 -32.76
CA ARG C 2478 42.52 17.31 -32.69
C ARG C 2478 42.26 16.12 -31.77
N ILE C 2479 41.21 16.17 -30.95
CA ILE C 2479 40.76 14.96 -30.27
C ILE C 2479 39.75 14.20 -31.14
N LEU C 2480 38.88 14.92 -31.83
CA LEU C 2480 37.83 14.26 -32.60
C LEU C 2480 38.42 13.52 -33.79
N LYS C 2481 39.50 14.06 -34.36
CA LYS C 2481 40.19 13.33 -35.40
C LYS C 2481 40.79 12.04 -34.84
N LEU C 2482 41.36 12.13 -33.64
CA LEU C 2482 41.94 10.94 -33.02
C LEU C 2482 40.87 9.89 -32.78
N CYS C 2483 39.67 10.31 -32.40
CA CYS C 2483 38.62 9.34 -32.13
C CYS C 2483 38.03 8.77 -33.42
N GLN C 2484 37.95 9.58 -34.49
CA GLN C 2484 37.51 9.03 -35.76
C GLN C 2484 38.54 8.05 -36.32
N ASP C 2485 39.83 8.28 -36.02
CA ASP C 2485 40.84 7.31 -36.43
C ASP C 2485 40.78 6.07 -35.56
N ILE C 2486 40.39 6.22 -34.30
CA ILE C 2486 40.22 5.04 -33.46
C ILE C 2486 39.09 4.18 -33.99
N PHE C 2487 38.02 4.82 -34.48
CA PHE C 2487 36.95 4.05 -35.11
C PHE C 2487 37.43 3.42 -36.41
N LEU C 2488 38.29 4.11 -37.15
CA LEU C 2488 38.73 3.59 -38.44
C LEU C 2488 39.59 2.36 -38.24
N VAL C 2489 40.62 2.47 -37.41
CA VAL C 2489 41.48 1.32 -37.15
C VAL C 2489 40.69 0.21 -36.46
N ARG C 2490 39.70 0.58 -35.64
CA ARG C 2490 38.76 -0.40 -35.09
C ARG C 2490 37.99 -1.13 -36.17
N GLU C 2491 37.84 -0.53 -37.34
CA GLU C 2491 37.14 -1.21 -38.43
C GLU C 2491 38.09 -1.93 -39.38
N THR C 2492 39.37 -1.55 -39.40
CA THR C 2492 40.34 -2.20 -40.27
C THR C 2492 41.03 -3.40 -39.63
N ARG C 2493 40.88 -3.59 -38.32
CA ARG C 2493 41.43 -4.72 -37.53
C ARG C 2493 42.92 -4.64 -37.26
N GLU C 2494 43.58 -3.51 -37.53
CA GLU C 2494 44.99 -3.33 -37.16
C GLU C 2494 45.05 -2.99 -35.68
N LEU C 2495 44.91 -4.03 -34.86
CA LEU C 2495 44.64 -3.88 -33.42
C LEU C 2495 45.69 -3.04 -32.70
N GLU C 2496 46.97 -3.17 -33.06
CA GLU C 2496 47.97 -2.46 -32.26
C GLU C 2496 47.88 -0.95 -32.42
N LEU C 2497 47.22 -0.45 -33.46
CA LEU C 2497 47.03 0.98 -33.53
C LEU C 2497 45.73 1.38 -32.88
N GLU C 2498 44.87 0.39 -32.62
CA GLU C 2498 43.74 0.61 -31.74
C GLU C 2498 44.23 0.85 -30.33
N GLU C 2499 45.05 -0.06 -29.82
CA GLU C 2499 45.49 0.15 -28.44
C GLU C 2499 46.64 1.14 -28.31
N GLU C 2500 47.16 1.68 -29.41
CA GLU C 2500 48.10 2.78 -29.18
C GLU C 2500 47.47 4.14 -29.47
N LEU C 2501 46.28 4.15 -30.05
CA LEU C 2501 45.55 5.40 -30.06
C LEU C 2501 44.72 5.49 -28.79
N TYR C 2502 44.26 4.35 -28.27
CA TYR C 2502 43.71 4.36 -26.92
C TYR C 2502 44.76 4.75 -25.89
N ALA C 2503 46.03 4.37 -26.13
CA ALA C 2503 47.09 4.83 -25.23
C ALA C 2503 47.26 6.34 -25.31
N LYS C 2504 47.22 6.90 -26.52
CA LYS C 2504 47.37 8.35 -26.63
C LYS C 2504 46.18 9.07 -26.02
N LEU C 2505 44.98 8.49 -26.13
CA LEU C 2505 43.79 9.12 -25.56
C LEU C 2505 43.84 9.13 -24.04
N ILE C 2506 44.16 7.98 -23.44
CA ILE C 2506 44.23 7.91 -21.98
C ILE C 2506 45.29 8.88 -21.46
N PHE C 2507 46.45 8.92 -22.12
CA PHE C 2507 47.46 9.87 -21.62
C PHE C 2507 46.97 11.31 -21.79
N LEU C 2508 46.31 11.63 -22.90
CA LEU C 2508 45.87 13.00 -23.10
C LEU C 2508 44.89 13.42 -22.01
N TYR C 2509 43.90 12.57 -21.73
CA TYR C 2509 42.93 12.92 -20.70
C TYR C 2509 43.54 12.95 -19.31
N ARG C 2510 44.46 12.03 -19.01
CA ARG C 2510 45.00 11.96 -17.65
C ARG C 2510 45.70 13.25 -17.25
N SER C 2511 46.46 13.87 -18.16
CA SER C 2511 47.15 15.08 -17.81
C SER C 2511 46.37 16.30 -18.30
N PRO C 2512 45.81 17.10 -17.39
CA PRO C 2512 45.06 18.29 -17.82
C PRO C 2512 45.91 19.32 -18.54
N GLU C 2513 47.16 19.49 -18.12
CA GLU C 2513 48.02 20.51 -18.70
C GLU C 2513 48.20 20.30 -20.20
N THR C 2514 48.39 19.06 -20.63
CA THR C 2514 48.58 18.82 -22.06
C THR C 2514 47.28 18.94 -22.84
N MET C 2515 46.14 19.16 -22.19
CA MET C 2515 44.93 19.51 -22.94
C MET C 2515 44.95 20.95 -23.42
N ILE C 2516 45.53 21.86 -22.64
CA ILE C 2516 45.57 23.26 -23.06
C ILE C 2516 46.63 23.46 -24.14
N LYS C 2517 47.69 22.65 -24.13
CA LYS C 2517 48.68 22.66 -25.18
C LYS C 2517 48.20 21.99 -26.46
N TRP C 2518 46.97 21.48 -26.46
CA TRP C 2518 46.48 20.65 -27.54
C TRP C 2518 45.07 21.00 -28.02
N THR C 2519 44.36 21.90 -27.35
CA THR C 2519 43.00 22.26 -27.75
C THR C 2519 42.87 23.74 -28.06
N ARG C 2520 43.87 24.31 -28.73
CA ARG C 2520 43.76 25.69 -29.19
C ARG C 2520 43.00 25.70 -30.52
N GLU C 2521 42.90 26.86 -31.14
CA GLU C 2521 42.44 26.96 -32.52
C GLU C 2521 43.56 27.50 -33.39
N ARG C 2522 43.31 27.51 -34.70
CA ARG C 2522 44.25 28.00 -35.68
C ARG C 2522 43.67 29.24 -36.36
N GLU C 2523 44.46 29.84 -37.25
CA GLU C 2523 44.10 31.11 -37.86
C GLU C 2523 44.36 31.09 -39.36
#